data_7FIE
#
_entry.id   7FIE
#
loop_
_entity.id
_entity.type
_entity.pdbx_description
1 polymer 'Lon protease'
2 polymer 'Unknown endogenous substrate'
3 non-polymer 'PHOSPHOTHIOPHOSPHORIC ACID-ADENYLATE ESTER'
4 non-polymer "ADENOSINE-5'-DIPHOSPHATE"
#
loop_
_entity_poly.entity_id
_entity_poly.type
_entity_poly.pdbx_seq_one_letter_code
_entity_poly.pdbx_strand_id
1 'polypeptide(L)'
;MRLELPVIPLRNTVILPHTTTPVDVGRAKSKRAVEEAMGADRLIFLVAQRDPEVDDPAPDDLYTWGVQAVVKQAMRLPDG
TLQVMVEARARAQVTDYIPGPYLRARGEVFSEIFPIDEAVVRVLVEELKEAFEKYVANHKSLRLDRYQLEAVKGTSDPAM
LADTIAYHATWTVAEKQEILELTDLEARLKKVLGLLSRDLERFELDKRVAQRVKEQMDTNQREYYLREQMKAIQKELGGE
DGLSDLEALRKKIEEVGMPEAVKTKALKELDRLERMQQGSPEATVARTYLDWLTEVPWSKADPEVLDINHTRQVLDEDHY
GLKDVKERILEYLAVRQLTQGLDVRNKAPILVLVGPPGVGKTSLGRSIARSMNRKFHRISLGGVRDEAEIRGHRRTYIGA
MPGKLIHAMKQVGVINPVILLDEIDKMSSDWRGDPASAMLEVLDPEQNNTFTDHYLDVPYDLSKVFFITTANTLQTIPRP
LLDRMEVIEIPGYTNMEKQAIARQYLWPKQVRESGMEGRIEVTDAAILRVISEYTREAGVRGLERELGKIARKGAKFWLE
GAWEGLRTIDASDIPTYLGIPRYRPDKAETEPQVGTAQGLAWTPVGGTLLTIEVAAVPGSGKLSLTGQLGEVMKESAQAA
LTYLRAHTQDYGLPEDFYNKVDLHVHVPDGATPKDGPSAGITMATAIASALSRRPARMDIAMTGEVSLRGKVMPIGGVKE
KLLAAHQAGIHKIVLPKDNEAQLEELPKEVLEGLEIKLVEDVGEVLEYLLLPEPTMPPVVQPSDNRQQPGAGAKLAAALE
HHHHHH
;
B,C,D,E,F,A
2 'polypeptide(L)'
;(UNK)(UNK)(UNK)(UNK)(UNK)(UNK)(UNK)(UNK)(UNK)(UNK)(UNK)(UNK)(UNK)(UNK)(UNK)(UNK)
(UNK)(UNK)(UNK)(UNK)(UNK)(UNK)
;
S
#
loop_
_chem_comp.id
_chem_comp.type
_chem_comp.name
_chem_comp.formula
ADP non-polymer ADENOSINE-5'-DIPHOSPHATE 'C10 H15 N5 O10 P2'
AGS non-polymer 'PHOSPHOTHIOPHOSPHORIC ACID-ADENYLATE ESTER' 'C10 H16 N5 O12 P3 S'
#
# COMPACT_ATOMS: atom_id res chain seq x y z
N ARG A 2 -38.45 -120.90 11.35
CA ARG A 2 -38.18 -119.47 11.31
C ARG A 2 -39.41 -118.68 10.88
N LEU A 3 -39.19 -117.45 10.41
CA LEU A 3 -40.29 -116.60 9.98
C LEU A 3 -39.84 -115.66 8.87
N GLU A 4 -40.42 -115.81 7.69
CA GLU A 4 -40.04 -115.00 6.54
C GLU A 4 -40.83 -113.69 6.54
N LEU A 5 -40.11 -112.57 6.63
CA LEU A 5 -40.73 -111.27 6.80
C LEU A 5 -40.15 -110.32 5.76
N PRO A 6 -40.96 -109.41 5.21
CA PRO A 6 -40.45 -108.45 4.23
C PRO A 6 -39.62 -107.35 4.88
N VAL A 7 -38.80 -106.71 4.04
CA VAL A 7 -37.97 -105.58 4.45
C VAL A 7 -38.31 -104.40 3.56
N ILE A 8 -38.65 -103.26 4.16
CA ILE A 8 -38.99 -102.04 3.45
C ILE A 8 -37.84 -101.05 3.63
N PRO A 9 -37.23 -100.56 2.55
CA PRO A 9 -36.10 -99.64 2.69
C PRO A 9 -36.55 -98.25 3.15
N LEU A 10 -35.61 -97.50 3.72
CA LEU A 10 -35.82 -96.11 4.11
C LEU A 10 -34.75 -95.25 3.47
N ARG A 11 -34.97 -93.92 3.44
CA ARG A 11 -34.04 -93.04 2.76
C ARG A 11 -32.76 -92.85 3.55
N ASN A 12 -32.83 -92.16 4.68
CA ASN A 12 -31.68 -92.00 5.57
C ASN A 12 -32.09 -92.04 7.03
N THR A 13 -33.22 -92.69 7.32
CA THR A 13 -33.86 -92.64 8.62
C THR A 13 -33.68 -93.96 9.35
N VAL A 14 -33.30 -93.89 10.61
CA VAL A 14 -33.17 -95.04 11.49
C VAL A 14 -34.30 -95.00 12.50
N ILE A 15 -35.10 -96.06 12.55
CA ILE A 15 -36.24 -96.14 13.47
C ILE A 15 -35.77 -96.79 14.77
N LEU A 16 -35.95 -96.09 15.88
CA LEU A 16 -35.57 -96.63 17.17
C LEU A 16 -36.57 -97.67 17.65
N PRO A 17 -36.15 -98.60 18.50
CA PRO A 17 -37.11 -99.45 19.21
C PRO A 17 -37.91 -98.63 20.21
N HIS A 18 -39.10 -99.14 20.56
CA HIS A 18 -40.09 -98.52 21.43
C HIS A 18 -40.46 -97.12 20.95
N THR A 19 -41.01 -97.02 19.74
CA THR A 19 -41.51 -95.76 19.21
C THR A 19 -42.96 -95.93 18.76
N THR A 20 -43.79 -94.97 19.13
CA THR A 20 -45.21 -94.98 18.78
C THR A 20 -45.52 -94.03 17.62
N THR A 21 -44.50 -93.50 16.95
CA THR A 21 -44.74 -92.53 15.90
C THR A 21 -45.00 -93.24 14.58
N PRO A 22 -45.89 -92.71 13.74
CA PRO A 22 -46.11 -93.34 12.42
C PRO A 22 -44.97 -93.00 11.46
N VAL A 23 -44.65 -93.95 10.59
CA VAL A 23 -43.61 -93.79 9.57
C VAL A 23 -44.29 -93.42 8.26
N ASP A 24 -43.94 -92.26 7.71
CA ASP A 24 -44.50 -91.83 6.43
C ASP A 24 -43.80 -92.54 5.29
N VAL A 25 -44.56 -93.30 4.51
CA VAL A 25 -44.02 -94.10 3.41
C VAL A 25 -44.68 -93.60 2.13
N GLY A 26 -43.94 -92.84 1.33
CA GLY A 26 -44.38 -92.43 0.01
C GLY A 26 -43.66 -93.22 -1.07
N ARG A 27 -43.21 -94.42 -0.72
CA ARG A 27 -42.39 -95.23 -1.60
C ARG A 27 -43.25 -95.89 -2.67
N ALA A 28 -42.82 -95.75 -3.93
CA ALA A 28 -43.59 -96.23 -5.07
C ALA A 28 -43.26 -97.67 -5.45
N LYS A 29 -42.41 -98.36 -4.67
CA LYS A 29 -42.05 -99.74 -4.95
C LYS A 29 -42.54 -100.71 -3.90
N SER A 30 -43.24 -100.25 -2.86
CA SER A 30 -43.72 -101.15 -1.82
C SER A 30 -45.19 -100.91 -1.46
N LYS A 31 -45.95 -100.25 -2.33
CA LYS A 31 -47.36 -100.03 -2.04
C LYS A 31 -48.21 -101.27 -2.27
N ARG A 32 -47.82 -102.14 -3.22
CA ARG A 32 -48.57 -103.38 -3.42
C ARG A 32 -48.29 -104.38 -2.30
N ALA A 33 -47.14 -104.26 -1.64
CA ALA A 33 -46.89 -105.06 -0.44
C ALA A 33 -47.81 -104.63 0.70
N VAL A 34 -48.11 -103.34 0.78
CA VAL A 34 -49.06 -102.85 1.79
C VAL A 34 -50.48 -103.28 1.42
N GLU A 35 -50.80 -103.28 0.12
CA GLU A 35 -52.13 -103.72 -0.32
C GLU A 35 -52.33 -105.22 -0.11
N GLU A 36 -51.28 -106.02 -0.28
CA GLU A 36 -51.36 -107.45 -0.01
C GLU A 36 -50.97 -107.82 1.41
N ALA A 37 -50.69 -106.83 2.26
CA ALA A 37 -50.23 -107.09 3.62
C ALA A 37 -51.34 -107.54 4.56
N MET A 38 -52.60 -107.50 4.11
CA MET A 38 -53.69 -108.00 4.96
C MET A 38 -53.62 -109.52 5.10
N GLY A 39 -53.17 -110.21 4.05
CA GLY A 39 -52.96 -111.64 4.12
C GLY A 39 -51.57 -112.06 4.53
N ALA A 40 -50.67 -111.11 4.76
CA ALA A 40 -49.28 -111.37 5.12
C ALA A 40 -49.15 -111.50 6.64
N ASP A 41 -47.91 -111.52 7.13
CA ASP A 41 -47.69 -111.73 8.56
C ASP A 41 -47.71 -110.42 9.33
N ARG A 42 -47.78 -109.28 8.61
CA ARG A 42 -47.91 -107.92 9.15
C ARG A 42 -46.75 -107.55 10.07
N LEU A 43 -45.55 -108.07 9.80
CA LEU A 43 -44.35 -107.77 10.56
C LEU A 43 -43.25 -107.37 9.58
N ILE A 44 -42.94 -106.09 9.52
CA ILE A 44 -41.99 -105.56 8.56
C ILE A 44 -40.68 -105.21 9.26
N PHE A 45 -39.60 -105.17 8.49
CA PHE A 45 -38.28 -104.77 8.96
C PHE A 45 -37.90 -103.47 8.27
N LEU A 46 -37.68 -102.41 9.07
CA LEU A 46 -37.37 -101.09 8.53
C LEU A 46 -35.86 -100.89 8.49
N VAL A 47 -35.23 -101.64 7.58
CA VAL A 47 -33.79 -101.52 7.35
C VAL A 47 -33.56 -100.52 6.22
N ALA A 48 -32.80 -99.47 6.51
CA ALA A 48 -32.64 -98.38 5.56
C ALA A 48 -31.63 -98.74 4.47
N GLN A 49 -31.81 -98.11 3.31
CA GLN A 49 -30.96 -98.30 2.15
C GLN A 49 -30.18 -97.02 1.90
N ARG A 50 -28.86 -97.13 1.83
CA ARG A 50 -27.99 -95.96 1.75
C ARG A 50 -28.02 -95.27 0.39
N ASP A 51 -28.49 -95.95 -0.65
CA ASP A 51 -28.47 -95.39 -2.00
C ASP A 51 -29.88 -95.32 -2.55
N PRO A 52 -30.16 -94.39 -3.49
CA PRO A 52 -31.52 -94.33 -4.08
C PRO A 52 -31.91 -95.56 -4.89
N GLU A 53 -33.19 -95.69 -5.14
CA GLU A 53 -33.74 -96.94 -5.66
C GLU A 53 -33.54 -97.06 -7.17
N VAL A 54 -33.13 -98.25 -7.60
CA VAL A 54 -33.08 -98.61 -9.01
C VAL A 54 -34.01 -99.79 -9.22
N ASP A 55 -34.06 -100.27 -10.47
CA ASP A 55 -34.94 -101.38 -10.81
C ASP A 55 -34.53 -102.68 -10.15
N ASP A 56 -33.22 -102.89 -9.96
CA ASP A 56 -32.70 -104.07 -9.28
C ASP A 56 -31.89 -103.64 -8.08
N PRO A 57 -32.49 -103.56 -6.89
CA PRO A 57 -31.73 -103.17 -5.70
C PRO A 57 -30.76 -104.26 -5.26
N ALA A 58 -29.54 -103.86 -4.96
CA ALA A 58 -28.53 -104.81 -4.52
C ALA A 58 -28.76 -105.17 -3.05
N PRO A 59 -28.48 -106.41 -2.65
CA PRO A 59 -28.65 -106.79 -1.24
C PRO A 59 -27.56 -106.26 -0.32
N ASP A 60 -26.49 -105.67 -0.87
CA ASP A 60 -25.38 -105.16 -0.07
C ASP A 60 -25.66 -103.78 0.52
N ASP A 61 -26.80 -103.17 0.22
CA ASP A 61 -27.16 -101.87 0.76
C ASP A 61 -28.03 -101.98 2.01
N LEU A 62 -28.31 -103.19 2.46
CA LEU A 62 -29.08 -103.39 3.69
C LEU A 62 -28.14 -103.69 4.84
N TYR A 63 -28.37 -103.01 5.96
CA TYR A 63 -27.54 -103.16 7.16
C TYR A 63 -27.82 -104.51 7.82
N THR A 64 -26.92 -104.88 8.74
CA THR A 64 -27.08 -106.06 9.58
C THR A 64 -27.83 -105.76 10.86
N TRP A 65 -28.47 -104.60 10.96
CA TRP A 65 -29.26 -104.22 12.12
C TRP A 65 -30.65 -103.80 11.64
N GLY A 66 -31.68 -104.24 12.37
CA GLY A 66 -33.05 -103.92 11.99
C GLY A 66 -33.97 -104.00 13.18
N VAL A 67 -35.14 -103.38 13.02
CA VAL A 67 -36.16 -103.34 14.06
C VAL A 67 -37.40 -104.06 13.57
N GLN A 68 -38.21 -104.53 14.51
CA GLN A 68 -39.43 -105.29 14.21
C GLN A 68 -40.64 -104.41 14.52
N ALA A 69 -41.31 -103.94 13.48
CA ALA A 69 -42.49 -103.10 13.61
C ALA A 69 -43.72 -103.87 13.16
N VAL A 70 -44.76 -103.84 13.99
CA VAL A 70 -46.03 -104.50 13.67
C VAL A 70 -46.98 -103.48 13.05
N VAL A 71 -47.79 -103.93 12.10
CA VAL A 71 -48.76 -103.07 11.43
C VAL A 71 -50.05 -103.07 12.25
N LYS A 72 -50.35 -101.94 12.87
CA LYS A 72 -51.59 -101.81 13.63
C LYS A 72 -52.78 -101.56 12.71
N GLN A 73 -52.74 -100.47 11.94
CA GLN A 73 -53.82 -100.12 11.04
C GLN A 73 -53.22 -99.52 9.78
N ALA A 74 -54.02 -99.51 8.71
CA ALA A 74 -53.58 -99.02 7.41
C ALA A 74 -54.68 -98.16 6.79
N MET A 75 -54.43 -96.86 6.68
CA MET A 75 -55.33 -95.95 6.01
C MET A 75 -55.05 -95.95 4.52
N ARG A 76 -56.09 -95.64 3.74
CA ARG A 76 -56.03 -95.69 2.28
C ARG A 76 -56.15 -94.29 1.72
N LEU A 77 -55.03 -93.72 1.26
CA LEU A 77 -55.10 -92.42 0.61
C LEU A 77 -54.92 -92.55 -0.89
N PRO A 78 -55.91 -92.14 -1.69
CA PRO A 78 -55.79 -92.28 -3.15
C PRO A 78 -54.98 -91.17 -3.79
N ASP A 79 -53.69 -91.08 -3.46
CA ASP A 79 -52.81 -90.08 -4.04
C ASP A 79 -51.44 -90.64 -4.37
N GLY A 80 -51.30 -91.97 -4.29
CA GLY A 80 -50.01 -92.60 -4.49
C GLY A 80 -49.15 -92.61 -3.25
N THR A 81 -49.77 -92.49 -2.07
CA THR A 81 -49.05 -92.47 -0.80
C THR A 81 -49.91 -93.16 0.24
N LEU A 82 -49.36 -94.20 0.87
CA LEU A 82 -50.09 -94.98 1.85
C LEU A 82 -49.57 -94.66 3.24
N GLN A 83 -50.43 -94.09 4.08
CA GLN A 83 -50.09 -93.76 5.46
C GLN A 83 -50.21 -95.03 6.30
N VAL A 84 -49.08 -95.61 6.67
CA VAL A 84 -49.04 -96.85 7.45
C VAL A 84 -48.77 -96.49 8.90
N MET A 85 -49.39 -97.24 9.82
CA MET A 85 -49.24 -97.04 11.25
C MET A 85 -48.47 -98.24 11.82
N VAL A 86 -47.17 -98.06 12.00
CA VAL A 86 -46.32 -99.12 12.53
C VAL A 86 -45.80 -98.69 13.89
N GLU A 87 -45.35 -99.67 14.67
CA GLU A 87 -44.89 -99.45 16.04
C GLU A 87 -43.86 -100.50 16.38
N ALA A 88 -42.66 -100.06 16.77
CA ALA A 88 -41.58 -100.98 17.07
C ALA A 88 -41.68 -101.48 18.51
N ARG A 89 -41.58 -102.79 18.69
CA ARG A 89 -41.61 -103.38 20.02
C ARG A 89 -40.47 -104.33 20.33
N ALA A 90 -39.68 -104.76 19.34
CA ALA A 90 -38.56 -105.66 19.57
C ALA A 90 -37.52 -105.45 18.49
N ARG A 91 -36.32 -105.98 18.74
CA ARG A 91 -35.22 -105.92 17.79
C ARG A 91 -35.09 -107.25 17.04
N ALA A 92 -34.35 -107.20 15.94
CA ALA A 92 -34.16 -108.39 15.11
C ALA A 92 -32.78 -108.32 14.47
N GLN A 93 -32.10 -109.46 14.47
CA GLN A 93 -30.79 -109.60 13.86
C GLN A 93 -30.90 -110.34 12.54
N VAL A 94 -30.36 -109.73 11.48
CA VAL A 94 -30.41 -110.28 10.14
C VAL A 94 -28.99 -110.53 9.65
N THR A 95 -28.71 -111.78 9.29
CA THR A 95 -27.40 -112.15 8.76
C THR A 95 -27.57 -112.95 7.47
N ASP A 96 -28.82 -113.23 7.10
CA ASP A 96 -29.14 -113.95 5.88
C ASP A 96 -30.01 -113.07 5.00
N TYR A 97 -29.75 -113.08 3.70
CA TYR A 97 -30.47 -112.24 2.76
C TYR A 97 -30.95 -113.09 1.60
N ILE A 98 -32.26 -113.09 1.36
CA ILE A 98 -32.86 -113.82 0.24
C ILE A 98 -33.29 -112.80 -0.81
N PRO A 99 -32.57 -112.70 -1.94
CA PRO A 99 -32.96 -111.72 -2.96
C PRO A 99 -34.23 -112.15 -3.69
N GLY A 100 -35.03 -111.16 -4.07
CA GLY A 100 -36.28 -111.40 -4.74
C GLY A 100 -36.21 -111.13 -6.23
N PRO A 101 -36.84 -110.03 -6.69
CA PRO A 101 -37.66 -109.05 -5.98
C PRO A 101 -39.06 -109.56 -5.61
N TYR A 102 -39.57 -109.21 -4.42
CA TYR A 102 -38.89 -108.32 -3.47
C TYR A 102 -38.18 -109.12 -2.38
N LEU A 103 -37.26 -108.46 -1.67
CA LEU A 103 -36.37 -109.14 -0.75
C LEU A 103 -37.09 -109.53 0.54
N ARG A 104 -36.71 -110.71 1.06
CA ARG A 104 -37.30 -111.26 2.26
C ARG A 104 -36.20 -111.68 3.22
N ALA A 105 -36.37 -111.36 4.50
CA ALA A 105 -35.41 -111.70 5.54
C ALA A 105 -36.11 -112.48 6.66
N ARG A 106 -35.29 -113.09 7.52
CA ARG A 106 -35.78 -113.90 8.62
C ARG A 106 -35.25 -113.37 9.94
N GLY A 107 -36.15 -113.16 10.90
CA GLY A 107 -35.74 -112.74 12.21
C GLY A 107 -35.28 -113.91 13.07
N GLU A 108 -34.36 -113.62 14.00
CA GLU A 108 -33.78 -114.66 14.83
C GLU A 108 -34.15 -114.41 16.28
N VAL A 109 -33.92 -113.20 16.80
CA VAL A 109 -34.12 -112.97 18.23
C VAL A 109 -35.53 -112.47 18.49
N PHE A 110 -36.03 -112.74 19.70
CA PHE A 110 -37.35 -112.30 20.14
C PHE A 110 -37.31 -111.85 21.60
N SER A 111 -36.16 -111.38 22.07
CA SER A 111 -35.99 -110.99 23.46
C SER A 111 -35.41 -109.58 23.52
N GLU A 112 -35.61 -108.93 24.67
CA GLU A 112 -35.14 -107.57 24.89
C GLU A 112 -34.90 -107.39 26.37
N ILE A 113 -33.96 -106.50 26.74
CA ILE A 113 -33.63 -106.28 28.14
C ILE A 113 -34.79 -105.57 28.82
N PHE A 114 -35.03 -105.93 30.10
CA PHE A 114 -36.13 -105.47 30.92
C PHE A 114 -35.71 -104.30 31.80
N PRO A 115 -36.65 -103.45 32.23
CA PRO A 115 -36.31 -102.37 33.19
C PRO A 115 -35.91 -102.91 34.55
N ILE A 116 -34.77 -102.45 35.05
CA ILE A 116 -34.20 -102.89 36.32
C ILE A 116 -34.22 -101.70 37.27
N ASP A 117 -34.57 -101.96 38.54
CA ASP A 117 -34.60 -100.99 39.65
C ASP A 117 -35.54 -99.83 39.36
N GLU A 118 -36.85 -100.11 39.34
CA GLU A 118 -37.90 -99.17 38.97
C GLU A 118 -37.96 -97.92 39.85
N ALA A 119 -37.42 -97.95 41.07
CA ALA A 119 -37.32 -96.72 41.86
C ALA A 119 -36.29 -95.78 41.27
N VAL A 120 -35.16 -96.31 40.81
CA VAL A 120 -34.16 -95.51 40.11
C VAL A 120 -34.72 -95.03 38.78
N VAL A 121 -35.57 -95.83 38.14
CA VAL A 121 -36.27 -95.42 36.92
C VAL A 121 -37.23 -94.28 37.21
N ARG A 122 -37.90 -94.31 38.37
CA ARG A 122 -38.79 -93.22 38.77
C ARG A 122 -38.01 -91.94 39.03
N VAL A 123 -36.83 -92.05 39.63
CA VAL A 123 -35.96 -90.88 39.82
C VAL A 123 -35.49 -90.34 38.47
N LEU A 124 -35.23 -91.24 37.51
CA LEU A 124 -34.87 -90.82 36.15
C LEU A 124 -36.01 -90.09 35.47
N VAL A 125 -37.25 -90.55 35.66
CA VAL A 125 -38.42 -89.87 35.10
C VAL A 125 -38.61 -88.51 35.74
N GLU A 126 -38.37 -88.40 37.06
CA GLU A 126 -38.50 -87.13 37.75
C GLU A 126 -37.45 -86.12 37.27
N GLU A 127 -36.20 -86.54 37.14
CA GLU A 127 -35.19 -85.60 36.67
C GLU A 127 -35.34 -85.31 35.18
N LEU A 128 -35.93 -86.24 34.42
CA LEU A 128 -36.22 -85.98 33.01
C LEU A 128 -37.33 -84.94 32.89
N LYS A 129 -38.33 -85.00 33.76
CA LYS A 129 -39.39 -83.99 33.77
C LYS A 129 -38.86 -82.63 34.21
N GLU A 130 -37.98 -82.62 35.22
CA GLU A 130 -37.40 -81.36 35.70
C GLU A 130 -36.45 -80.76 34.68
N ALA A 131 -35.81 -81.58 33.86
CA ALA A 131 -34.99 -81.04 32.77
C ALA A 131 -35.85 -80.61 31.59
N PHE A 132 -36.96 -81.29 31.35
CA PHE A 132 -37.82 -80.95 30.22
C PHE A 132 -38.61 -79.66 30.47
N GLU A 133 -38.86 -79.33 31.74
CA GLU A 133 -39.53 -78.06 32.04
C GLU A 133 -38.64 -76.86 31.71
N LYS A 134 -37.32 -77.01 31.86
CA LYS A 134 -36.40 -75.96 31.41
C LYS A 134 -36.09 -76.08 29.93
N TYR A 135 -36.18 -77.28 29.36
CA TYR A 135 -35.87 -77.48 27.95
C TYR A 135 -36.97 -76.93 27.04
N VAL A 136 -38.24 -77.08 27.45
CA VAL A 136 -39.34 -76.73 26.57
C VAL A 136 -39.56 -75.22 26.48
N ALA A 137 -39.00 -74.44 27.41
CA ALA A 137 -39.28 -73.02 27.48
C ALA A 137 -38.63 -72.20 26.37
N ASN A 138 -37.65 -72.76 25.66
CA ASN A 138 -36.89 -71.99 24.67
C ASN A 138 -37.29 -72.27 23.24
N HIS A 139 -38.41 -72.93 22.99
CA HIS A 139 -38.87 -73.24 21.64
C HIS A 139 -39.76 -72.11 21.13
N LYS A 140 -39.14 -71.08 20.57
CA LYS A 140 -39.85 -69.92 20.06
C LYS A 140 -39.82 -69.81 18.54
N SER A 141 -38.92 -70.51 17.86
CA SER A 141 -38.70 -70.31 16.43
C SER A 141 -38.78 -71.59 15.61
N LEU A 142 -39.08 -72.73 16.23
CA LEU A 142 -39.01 -73.99 15.51
C LEU A 142 -40.36 -74.41 14.93
N ARG A 143 -41.46 -74.00 15.58
CA ARG A 143 -42.85 -74.29 15.20
C ARG A 143 -43.12 -75.79 15.07
N LEU A 144 -42.82 -76.56 16.10
CA LEU A 144 -42.89 -78.01 16.04
C LEU A 144 -44.29 -78.46 16.45
N ASP A 145 -44.71 -79.61 15.94
CA ASP A 145 -46.00 -80.18 16.31
C ASP A 145 -46.02 -80.58 17.78
N ARG A 146 -47.17 -80.39 18.43
CA ARG A 146 -47.32 -80.60 19.86
C ARG A 146 -48.35 -81.66 20.21
N TYR A 147 -48.74 -82.52 19.28
CA TYR A 147 -49.78 -83.51 19.51
C TYR A 147 -49.29 -84.72 20.28
N GLN A 148 -47.98 -84.83 20.55
CA GLN A 148 -47.44 -85.94 21.31
C GLN A 148 -47.32 -85.64 22.81
N LEU A 149 -47.53 -84.39 23.22
CA LEU A 149 -47.43 -84.01 24.62
C LEU A 149 -48.61 -84.50 25.46
N GLU A 150 -49.75 -84.82 24.84
CA GLU A 150 -50.91 -85.31 25.54
C GLU A 150 -50.91 -86.83 25.64
N ALA A 151 -50.17 -87.51 24.77
CA ALA A 151 -50.07 -88.97 24.77
C ALA A 151 -48.98 -89.49 25.70
N VAL A 152 -48.59 -88.72 26.72
CA VAL A 152 -47.63 -89.21 27.71
C VAL A 152 -48.25 -90.19 28.70
N LYS A 153 -49.58 -90.31 28.70
CA LYS A 153 -50.27 -91.28 29.55
C LYS A 153 -50.68 -92.54 28.81
N GLY A 154 -50.55 -92.57 27.49
CA GLY A 154 -50.91 -93.75 26.72
C GLY A 154 -49.74 -94.67 26.46
N THR A 155 -48.54 -94.24 26.86
CA THR A 155 -47.32 -95.04 26.70
C THR A 155 -47.07 -95.85 27.96
N SER A 156 -46.54 -97.06 27.75
CA SER A 156 -46.31 -97.99 28.85
C SER A 156 -44.87 -98.00 29.36
N ASP A 157 -43.93 -97.44 28.61
CA ASP A 157 -42.53 -97.44 29.02
C ASP A 157 -41.99 -96.01 29.05
N PRO A 158 -41.12 -95.69 30.01
CA PRO A 158 -40.53 -94.34 30.03
C PRO A 158 -39.48 -94.14 28.94
N ALA A 159 -38.72 -95.18 28.61
CA ALA A 159 -37.76 -95.08 27.52
C ALA A 159 -38.47 -94.96 26.17
N MET A 160 -39.67 -95.54 26.07
CA MET A 160 -40.52 -95.33 24.90
C MET A 160 -40.89 -93.87 24.73
N LEU A 161 -41.25 -93.20 25.83
CA LEU A 161 -41.61 -91.79 25.76
C LEU A 161 -40.39 -90.91 25.49
N ALA A 162 -39.23 -91.30 26.04
CA ALA A 162 -38.00 -90.55 25.79
C ALA A 162 -37.56 -90.68 24.33
N ASP A 163 -37.67 -91.88 23.76
CA ASP A 163 -37.35 -92.04 22.34
C ASP A 163 -38.42 -91.43 21.44
N THR A 164 -39.66 -91.33 21.92
CA THR A 164 -40.69 -90.62 21.15
C THR A 164 -40.41 -89.13 21.11
N ILE A 165 -39.89 -88.56 22.20
CA ILE A 165 -39.42 -87.18 22.18
C ILE A 165 -38.21 -87.05 21.27
N ALA A 166 -37.28 -88.00 21.35
CA ALA A 166 -36.05 -87.96 20.56
C ALA A 166 -36.27 -88.29 19.08
N TYR A 167 -37.47 -88.75 18.71
CA TYR A 167 -37.78 -89.05 17.31
C TYR A 167 -37.71 -87.81 16.44
N HIS A 168 -38.24 -86.68 16.93
CA HIS A 168 -38.14 -85.43 16.20
C HIS A 168 -36.89 -84.63 16.55
N ALA A 169 -36.16 -85.05 17.57
CA ALA A 169 -34.90 -84.39 17.91
C ALA A 169 -33.83 -84.77 16.89
N THR A 170 -33.22 -83.76 16.28
CA THR A 170 -32.38 -83.97 15.11
C THR A 170 -30.90 -84.09 15.50
N TRP A 171 -30.30 -85.22 15.16
CA TRP A 171 -28.85 -85.36 15.18
C TRP A 171 -28.47 -86.32 14.06
N THR A 172 -27.23 -86.82 14.14
CA THR A 172 -26.65 -87.62 13.07
C THR A 172 -27.27 -89.01 12.95
N VAL A 173 -26.85 -89.77 11.95
CA VAL A 173 -27.44 -91.07 11.63
C VAL A 173 -26.82 -92.18 12.47
N ALA A 174 -25.50 -92.23 12.54
CA ALA A 174 -24.79 -93.33 13.19
C ALA A 174 -24.86 -93.30 14.71
N GLU A 175 -25.32 -92.19 15.30
CA GLU A 175 -25.39 -92.08 16.77
C GLU A 175 -26.46 -93.00 17.35
N LYS A 176 -27.61 -93.13 16.67
CA LYS A 176 -28.65 -94.06 17.12
C LYS A 176 -28.17 -95.50 17.09
N GLN A 177 -27.38 -95.86 16.07
CA GLN A 177 -26.87 -97.23 16.01
C GLN A 177 -25.72 -97.42 16.99
N GLU A 178 -25.01 -96.35 17.35
CA GLU A 178 -24.06 -96.45 18.46
C GLU A 178 -24.76 -96.66 19.79
N ILE A 179 -25.95 -96.06 19.96
CA ILE A 179 -26.73 -96.28 21.17
C ILE A 179 -27.27 -97.70 21.23
N LEU A 180 -27.79 -98.21 20.09
CA LEU A 180 -28.26 -99.59 20.05
C LEU A 180 -27.11 -100.59 20.09
N GLU A 181 -25.89 -100.16 19.75
CA GLU A 181 -24.72 -101.02 19.80
C GLU A 181 -24.23 -101.25 21.23
N LEU A 182 -24.25 -100.22 22.07
CA LEU A 182 -23.83 -100.33 23.46
C LEU A 182 -24.82 -101.18 24.24
N THR A 183 -24.29 -102.13 25.01
CA THR A 183 -25.09 -103.16 25.66
C THR A 183 -25.39 -102.81 27.11
N ASP A 184 -25.60 -101.53 27.40
CA ASP A 184 -25.97 -101.10 28.75
C ASP A 184 -27.19 -100.19 28.66
N LEU A 185 -28.07 -100.29 29.66
CA LEU A 185 -29.28 -99.49 29.69
C LEU A 185 -29.06 -98.15 30.38
N GLU A 186 -28.36 -98.17 31.52
CA GLU A 186 -28.12 -96.92 32.26
C GLU A 186 -27.16 -96.01 31.52
N ALA A 187 -26.21 -96.59 30.78
CA ALA A 187 -25.27 -95.79 30.00
C ALA A 187 -25.97 -95.07 28.85
N ARG A 188 -26.88 -95.76 28.14
CA ARG A 188 -27.57 -95.08 27.06
C ARG A 188 -28.63 -94.12 27.58
N LEU A 189 -29.18 -94.35 28.78
CA LEU A 189 -30.07 -93.34 29.36
C LEU A 189 -29.30 -92.10 29.80
N LYS A 190 -28.09 -92.26 30.33
CA LYS A 190 -27.25 -91.10 30.63
C LYS A 190 -26.80 -90.40 29.36
N LYS A 191 -26.63 -91.13 28.25
CA LYS A 191 -26.28 -90.47 27.00
C LYS A 191 -27.47 -89.71 26.42
N VAL A 192 -28.70 -90.24 26.61
CA VAL A 192 -29.90 -89.48 26.25
C VAL A 192 -30.01 -88.22 27.10
N LEU A 193 -29.64 -88.31 28.38
CA LEU A 193 -29.62 -87.12 29.24
C LEU A 193 -28.57 -86.12 28.79
N GLY A 194 -27.41 -86.61 28.32
CA GLY A 194 -26.40 -85.72 27.79
C GLY A 194 -26.82 -85.07 26.49
N LEU A 195 -27.57 -85.79 25.65
CA LEU A 195 -28.13 -85.20 24.43
C LEU A 195 -29.18 -84.15 24.77
N LEU A 196 -29.97 -84.39 25.82
CA LEU A 196 -30.92 -83.37 26.28
C LEU A 196 -30.20 -82.12 26.79
N SER A 197 -29.08 -82.30 27.50
CA SER A 197 -28.31 -81.15 27.97
C SER A 197 -27.63 -80.40 26.83
N ARG A 198 -27.16 -81.13 25.81
CA ARG A 198 -26.55 -80.48 24.66
C ARG A 198 -27.58 -79.73 23.83
N ASP A 199 -28.79 -80.30 23.69
CA ASP A 199 -29.87 -79.58 23.03
C ASP A 199 -30.32 -78.37 23.85
N LEU A 200 -30.27 -78.48 25.19
CA LEU A 200 -30.58 -77.34 26.04
C LEU A 200 -29.60 -76.19 25.86
N GLU A 201 -28.30 -76.49 25.85
CA GLU A 201 -27.31 -75.42 25.64
C GLU A 201 -27.35 -74.91 24.20
N ARG A 202 -27.78 -75.75 23.25
CA ARG A 202 -27.97 -75.29 21.88
C ARG A 202 -29.14 -74.31 21.78
N PHE A 203 -30.25 -74.59 22.46
CA PHE A 203 -31.34 -73.63 22.47
C PHE A 203 -31.03 -72.39 23.31
N GLU A 204 -30.12 -72.50 24.30
CA GLU A 204 -29.66 -71.29 24.99
C GLU A 204 -28.83 -70.40 24.07
N LEU A 205 -27.97 -71.01 23.25
CA LEU A 205 -27.27 -70.28 22.20
C LEU A 205 -28.24 -69.67 21.20
N ASP A 206 -29.31 -70.41 20.87
CA ASP A 206 -30.31 -69.91 19.93
C ASP A 206 -31.10 -68.75 20.52
N LYS A 207 -31.37 -68.77 21.82
CA LYS A 207 -32.02 -67.64 22.46
C LYS A 207 -31.10 -66.42 22.55
N ARG A 208 -29.79 -66.64 22.74
CA ARG A 208 -28.84 -65.53 22.69
C ARG A 208 -28.79 -64.91 21.30
N VAL A 209 -28.73 -65.74 20.26
CA VAL A 209 -28.77 -65.25 18.88
C VAL A 209 -30.08 -64.53 18.58
N ALA A 210 -31.20 -65.05 19.10
CA ALA A 210 -32.51 -64.45 18.83
C ALA A 210 -32.67 -63.09 19.51
N GLN A 211 -32.23 -62.98 20.77
CA GLN A 211 -32.34 -61.69 21.44
C GLN A 211 -31.37 -60.67 20.85
N ARG A 212 -30.20 -61.11 20.39
CA ARG A 212 -29.25 -60.19 19.76
C ARG A 212 -29.77 -59.69 18.41
N VAL A 213 -30.35 -60.60 17.60
CA VAL A 213 -30.90 -60.22 16.30
C VAL A 213 -32.12 -59.30 16.48
N LYS A 214 -32.99 -59.58 17.45
CA LYS A 214 -34.16 -58.73 17.64
C LYS A 214 -33.77 -57.36 18.18
N GLU A 215 -32.74 -57.31 19.04
CA GLU A 215 -32.25 -56.02 19.51
C GLU A 215 -31.61 -55.22 18.37
N GLN A 216 -30.87 -55.90 17.48
CA GLN A 216 -30.27 -55.22 16.34
C GLN A 216 -31.33 -54.70 15.36
N MET A 217 -32.37 -55.49 15.11
CA MET A 217 -33.43 -55.08 14.19
C MET A 217 -34.26 -53.93 14.75
N ASP A 218 -34.60 -53.98 16.04
CA ASP A 218 -35.34 -52.85 16.61
C ASP A 218 -34.43 -51.64 16.75
N THR A 219 -33.12 -51.84 16.86
CA THR A 219 -32.16 -50.73 16.82
C THR A 219 -32.17 -50.04 15.47
N ASN A 220 -32.11 -50.82 14.37
CA ASN A 220 -32.27 -50.28 13.02
C ASN A 220 -33.58 -49.50 12.89
N GLN A 221 -34.66 -50.07 13.45
CA GLN A 221 -35.97 -49.43 13.41
C GLN A 221 -35.98 -48.09 14.14
N ARG A 222 -35.39 -48.05 15.34
CA ARG A 222 -35.41 -46.84 16.14
C ARG A 222 -34.53 -45.74 15.54
N GLU A 223 -33.35 -46.12 15.04
CA GLU A 223 -32.45 -45.08 14.53
C GLU A 223 -32.92 -44.54 13.18
N TYR A 224 -33.52 -45.39 12.35
CA TYR A 224 -34.06 -44.81 11.11
C TYR A 224 -35.43 -44.18 11.31
N TYR A 225 -36.10 -44.47 12.43
CA TYR A 225 -37.26 -43.67 12.81
C TYR A 225 -36.84 -42.30 13.33
N LEU A 226 -35.69 -42.24 13.98
CA LEU A 226 -35.05 -40.96 14.28
C LEU A 226 -34.69 -40.20 13.00
N ARG A 227 -34.25 -40.94 11.98
CA ARG A 227 -34.02 -40.32 10.67
C ARG A 227 -35.31 -39.83 10.05
N GLU A 228 -36.41 -40.54 10.29
CA GLU A 228 -37.73 -40.07 9.85
C GLU A 228 -38.11 -38.75 10.52
N GLN A 229 -37.81 -38.59 11.82
CA GLN A 229 -38.12 -37.31 12.45
C GLN A 229 -37.23 -36.18 11.94
N MET A 230 -35.94 -36.46 11.74
CA MET A 230 -35.06 -35.39 11.28
C MET A 230 -35.35 -35.06 9.81
N LYS A 231 -35.88 -36.04 9.06
CA LYS A 231 -36.34 -35.79 7.69
C LYS A 231 -37.59 -34.92 7.70
N ALA A 232 -38.48 -35.14 8.69
CA ALA A 232 -39.68 -34.31 8.82
C ALA A 232 -39.31 -32.86 9.09
N ILE A 233 -38.41 -32.66 10.06
CA ILE A 233 -37.92 -31.32 10.40
C ILE A 233 -37.20 -30.69 9.21
N GLN A 234 -36.45 -31.49 8.46
CA GLN A 234 -35.72 -30.98 7.32
C GLN A 234 -36.63 -30.57 6.16
N LYS A 235 -37.65 -31.37 5.82
CA LYS A 235 -38.39 -31.01 4.63
C LYS A 235 -39.50 -30.02 4.93
N GLU A 236 -39.84 -29.80 6.21
CA GLU A 236 -40.80 -28.74 6.50
C GLU A 236 -40.16 -27.36 6.52
N LEU A 237 -38.83 -27.36 6.43
CA LEU A 237 -38.06 -26.10 6.36
C LEU A 237 -37.03 -26.32 5.24
N GLY A 238 -37.33 -27.24 4.30
CA GLY A 238 -36.35 -27.62 3.25
C GLY A 238 -35.98 -26.52 2.29
N GLY A 239 -34.70 -26.45 1.90
CA GLY A 239 -34.25 -25.46 0.90
C GLY A 239 -33.96 -26.12 -0.44
N GLU A 240 -34.36 -27.38 -0.62
CA GLU A 240 -34.04 -28.17 -1.86
C GLU A 240 -32.54 -28.43 -1.81
N ASP A 241 -31.97 -28.36 -0.61
CA ASP A 241 -30.52 -28.55 -0.42
C ASP A 241 -30.36 -28.83 1.06
N GLY A 242 -29.15 -29.03 1.55
CA GLY A 242 -29.05 -29.23 3.01
C GLY A 242 -29.29 -30.69 3.32
N LEU A 243 -29.55 -31.46 2.27
CA LEU A 243 -29.75 -32.91 2.41
C LEU A 243 -29.96 -33.37 0.97
N SER A 244 -30.10 -32.38 0.09
CA SER A 244 -30.37 -32.72 -1.31
C SER A 244 -29.06 -32.69 -2.08
N ASP A 245 -28.08 -31.94 -1.56
CA ASP A 245 -26.90 -31.87 -2.39
C ASP A 245 -25.62 -31.91 -1.57
N LEU A 246 -25.73 -31.86 -0.24
CA LEU A 246 -24.58 -32.16 0.61
C LEU A 246 -24.15 -33.61 0.41
N GLU A 247 -25.11 -34.51 0.28
CA GLU A 247 -24.75 -35.90 0.03
C GLU A 247 -24.37 -36.11 -1.43
N ALA A 248 -24.73 -35.18 -2.32
CA ALA A 248 -24.14 -35.18 -3.65
C ALA A 248 -22.66 -34.83 -3.61
N LEU A 249 -22.27 -33.87 -2.74
CA LEU A 249 -20.85 -33.62 -2.51
C LEU A 249 -20.18 -34.82 -1.84
N ARG A 250 -20.89 -35.51 -0.94
CA ARG A 250 -20.39 -36.74 -0.33
C ARG A 250 -20.11 -37.81 -1.37
N LYS A 251 -20.98 -37.94 -2.37
CA LYS A 251 -20.76 -38.90 -3.44
C LYS A 251 -19.65 -38.42 -4.38
N LYS A 252 -19.56 -37.12 -4.60
CA LYS A 252 -18.63 -36.60 -5.60
C LYS A 252 -17.19 -36.59 -5.11
N ILE A 253 -16.98 -36.44 -3.80
CA ILE A 253 -15.62 -36.52 -3.26
C ILE A 253 -15.06 -37.93 -3.40
N GLU A 254 -15.87 -38.93 -3.06
CA GLU A 254 -15.41 -40.31 -3.02
C GLU A 254 -15.19 -40.91 -4.41
N GLU A 255 -15.87 -40.41 -5.43
CA GLU A 255 -15.82 -41.02 -6.76
C GLU A 255 -14.74 -40.47 -7.66
N VAL A 256 -14.10 -39.37 -7.29
CA VAL A 256 -13.09 -38.73 -8.12
C VAL A 256 -11.77 -38.65 -7.37
N GLY A 257 -10.75 -39.34 -7.89
CA GLY A 257 -9.33 -39.18 -7.55
C GLY A 257 -8.94 -39.03 -6.09
N MET A 258 -8.35 -37.88 -5.75
CA MET A 258 -8.20 -37.35 -4.39
C MET A 258 -7.42 -38.26 -3.45
N PRO A 259 -6.07 -38.20 -3.47
CA PRO A 259 -5.25 -38.94 -2.49
C PRO A 259 -5.65 -38.76 -1.04
N GLU A 260 -5.19 -39.68 -0.18
CA GLU A 260 -5.87 -40.00 1.08
C GLU A 260 -5.89 -38.85 2.07
N ALA A 261 -4.80 -38.07 2.18
CA ALA A 261 -4.79 -36.93 3.09
C ALA A 261 -5.79 -35.86 2.64
N VAL A 262 -5.89 -35.66 1.32
CA VAL A 262 -6.81 -34.68 0.76
C VAL A 262 -8.26 -35.10 1.01
N LYS A 263 -8.58 -36.39 0.83
CA LYS A 263 -9.96 -36.81 1.04
C LYS A 263 -10.31 -36.88 2.52
N THR A 264 -9.32 -37.12 3.40
CA THR A 264 -9.61 -37.08 4.83
C THR A 264 -9.93 -35.67 5.30
N LYS A 265 -9.13 -34.67 4.89
CA LYS A 265 -9.45 -33.31 5.32
C LYS A 265 -10.69 -32.78 4.60
N ALA A 266 -10.97 -33.30 3.39
CA ALA A 266 -12.16 -32.88 2.67
C ALA A 266 -13.43 -33.41 3.33
N LEU A 267 -13.44 -34.67 3.74
CA LEU A 267 -14.60 -35.18 4.46
C LEU A 267 -14.71 -34.60 5.86
N LYS A 268 -13.57 -34.26 6.49
CA LYS A 268 -13.57 -33.55 7.75
C LYS A 268 -14.28 -32.20 7.65
N GLU A 269 -13.96 -31.41 6.64
CA GLU A 269 -14.64 -30.12 6.49
C GLU A 269 -15.99 -30.27 5.81
N LEU A 270 -16.30 -31.43 5.25
CA LEU A 270 -17.65 -31.68 4.76
C LEU A 270 -18.62 -31.93 5.91
N ASP A 271 -18.22 -32.68 6.92
CA ASP A 271 -19.10 -32.93 8.06
C ASP A 271 -19.19 -31.72 9.00
N ARG A 272 -18.37 -30.70 8.79
CA ARG A 272 -18.57 -29.42 9.46
C ARG A 272 -18.96 -28.32 8.49
N LEU A 273 -19.88 -28.64 7.59
CA LEU A 273 -20.75 -27.70 6.92
C LEU A 273 -22.21 -27.94 7.29
N GLU A 274 -22.59 -29.20 7.39
CA GLU A 274 -23.90 -29.69 7.74
C GLU A 274 -24.49 -29.08 8.99
N ARG A 275 -23.70 -28.70 9.96
CA ARG A 275 -24.31 -27.95 11.03
C ARG A 275 -24.09 -26.46 10.90
N MET A 276 -23.77 -25.99 9.71
CA MET A 276 -24.13 -24.61 9.45
C MET A 276 -25.52 -24.58 8.76
N GLN A 277 -26.16 -23.42 8.66
CA GLN A 277 -27.57 -23.49 8.25
C GLN A 277 -27.93 -22.59 7.07
N GLN A 278 -26.96 -21.97 6.41
CA GLN A 278 -27.08 -21.03 5.29
C GLN A 278 -27.99 -19.88 5.62
N GLY A 279 -27.43 -18.92 6.31
CA GLY A 279 -27.97 -18.31 7.50
C GLY A 279 -26.78 -18.51 8.40
N SER A 280 -25.71 -19.05 7.76
CA SER A 280 -24.33 -19.11 8.14
C SER A 280 -23.47 -18.52 7.03
N PRO A 281 -22.87 -17.34 7.27
CA PRO A 281 -21.99 -16.73 6.25
C PRO A 281 -20.66 -17.42 6.12
N GLU A 282 -20.30 -18.29 7.06
CA GLU A 282 -19.18 -19.21 6.91
C GLU A 282 -19.60 -20.52 6.24
N ALA A 283 -20.89 -20.71 5.95
CA ALA A 283 -21.27 -21.86 5.13
C ALA A 283 -20.91 -21.64 3.66
N THR A 284 -20.97 -20.39 3.22
CA THR A 284 -20.54 -20.05 1.85
C THR A 284 -19.05 -20.28 1.66
N VAL A 285 -18.23 -19.91 2.65
CA VAL A 285 -16.78 -20.03 2.54
C VAL A 285 -16.37 -21.50 2.44
N ALA A 286 -16.98 -22.34 3.29
CA ALA A 286 -16.67 -23.77 3.27
C ALA A 286 -17.20 -24.44 2.00
N ARG A 287 -18.39 -24.06 1.51
CA ARG A 287 -18.89 -24.72 0.32
C ARG A 287 -18.12 -24.28 -0.92
N THR A 288 -17.68 -23.02 -0.98
CA THR A 288 -16.85 -22.62 -2.12
C THR A 288 -15.46 -23.22 -2.04
N TYR A 289 -14.94 -23.47 -0.84
CA TYR A 289 -13.70 -24.22 -0.74
C TYR A 289 -13.87 -25.66 -1.23
N LEU A 290 -14.98 -26.30 -0.88
CA LEU A 290 -15.23 -27.66 -1.37
C LEU A 290 -15.48 -27.70 -2.88
N ASP A 291 -16.07 -26.66 -3.44
CA ASP A 291 -16.31 -26.66 -4.88
C ASP A 291 -15.10 -26.19 -5.68
N TRP A 292 -14.15 -25.51 -5.06
CA TRP A 292 -12.84 -25.43 -5.69
C TRP A 292 -12.09 -26.74 -5.55
N LEU A 293 -12.35 -27.49 -4.49
CA LEU A 293 -11.57 -28.68 -4.21
C LEU A 293 -12.01 -29.89 -5.02
N THR A 294 -13.28 -29.97 -5.41
CA THR A 294 -13.77 -31.13 -6.15
C THR A 294 -13.71 -30.98 -7.66
N GLU A 295 -13.70 -29.76 -8.19
CA GLU A 295 -13.71 -29.53 -9.63
C GLU A 295 -12.34 -29.35 -10.25
N VAL A 296 -11.30 -29.15 -9.44
CA VAL A 296 -9.92 -29.27 -9.90
C VAL A 296 -9.64 -30.75 -10.11
N PRO A 297 -9.12 -31.17 -11.27
CA PRO A 297 -9.05 -32.60 -11.58
C PRO A 297 -7.96 -33.31 -10.80
N TRP A 298 -8.26 -34.54 -10.40
CA TRP A 298 -7.35 -35.42 -9.70
C TRP A 298 -7.33 -36.72 -10.49
N SER A 299 -6.20 -37.01 -11.15
CA SER A 299 -5.96 -38.26 -11.88
C SER A 299 -6.98 -38.52 -12.98
N LYS A 300 -7.15 -37.53 -13.86
CA LYS A 300 -7.92 -37.70 -15.10
C LYS A 300 -7.06 -37.17 -16.23
N ALA A 301 -6.85 -37.99 -17.26
CA ALA A 301 -5.78 -37.69 -18.21
C ALA A 301 -6.20 -38.08 -19.62
N ASP A 302 -5.54 -37.45 -20.58
CA ASP A 302 -5.65 -37.77 -21.99
C ASP A 302 -4.59 -38.80 -22.37
N PRO A 303 -4.89 -39.71 -23.29
CA PRO A 303 -3.90 -40.71 -23.69
C PRO A 303 -2.81 -40.12 -24.55
N GLU A 304 -1.66 -40.79 -24.56
CA GLU A 304 -0.61 -40.43 -25.49
C GLU A 304 -0.90 -40.99 -26.87
N VAL A 305 -0.64 -40.17 -27.89
CA VAL A 305 -0.84 -40.57 -29.28
C VAL A 305 0.34 -41.44 -29.70
N LEU A 306 0.05 -42.54 -30.39
CA LEU A 306 1.08 -43.47 -30.82
C LEU A 306 1.49 -43.27 -32.26
N ASP A 307 0.64 -42.68 -33.09
CA ASP A 307 0.98 -42.43 -34.49
C ASP A 307 1.95 -41.27 -34.52
N ILE A 308 3.23 -41.59 -34.60
CA ILE A 308 4.25 -40.55 -34.69
C ILE A 308 4.25 -39.93 -36.08
N ASN A 309 3.81 -40.68 -37.09
CA ASN A 309 3.74 -40.15 -38.44
C ASN A 309 2.61 -39.13 -38.57
N HIS A 310 1.48 -39.40 -37.93
CA HIS A 310 0.35 -38.47 -37.96
C HIS A 310 0.70 -37.18 -37.22
N THR A 311 1.47 -37.28 -36.15
CA THR A 311 1.92 -36.09 -35.44
C THR A 311 2.90 -35.29 -36.29
N ARG A 312 3.76 -35.98 -37.06
CA ARG A 312 4.64 -35.28 -37.99
C ARG A 312 3.85 -34.55 -39.08
N GLN A 313 2.79 -35.18 -39.59
CA GLN A 313 1.95 -34.56 -40.60
C GLN A 313 1.28 -33.30 -40.06
N VAL A 314 0.70 -33.39 -38.86
CA VAL A 314 -0.03 -32.25 -38.31
C VAL A 314 0.93 -31.12 -37.94
N LEU A 315 2.15 -31.45 -37.50
CA LEU A 315 3.12 -30.38 -37.26
C LEU A 315 3.59 -29.73 -38.55
N ASP A 316 3.68 -30.47 -39.63
CA ASP A 316 4.05 -29.84 -40.90
C ASP A 316 2.91 -29.09 -41.56
N GLU A 317 1.66 -29.31 -41.14
CA GLU A 317 0.57 -28.53 -41.71
C GLU A 317 0.55 -27.07 -41.28
N ASP A 318 1.16 -26.74 -40.14
CA ASP A 318 1.01 -25.42 -39.56
C ASP A 318 2.18 -24.48 -39.79
N HIS A 319 3.40 -24.96 -39.76
CA HIS A 319 4.55 -24.09 -39.84
C HIS A 319 5.56 -24.67 -40.81
N TYR A 320 6.34 -23.78 -41.41
CA TYR A 320 7.43 -24.16 -42.28
C TYR A 320 8.72 -24.12 -41.48
N GLY A 321 9.61 -25.07 -41.76
CA GLY A 321 10.87 -25.08 -41.06
C GLY A 321 10.73 -25.55 -39.63
N LEU A 322 11.51 -24.93 -38.74
CA LEU A 322 11.54 -25.15 -37.30
C LEU A 322 11.78 -26.61 -36.94
N LYS A 323 12.88 -27.19 -37.41
CA LYS A 323 13.12 -28.62 -37.22
C LYS A 323 13.44 -28.98 -35.77
N ASP A 324 13.98 -28.05 -34.99
CA ASP A 324 14.43 -28.40 -33.64
C ASP A 324 13.25 -28.64 -32.70
N VAL A 325 12.24 -27.78 -32.77
CA VAL A 325 11.07 -27.93 -31.90
C VAL A 325 10.27 -29.17 -32.29
N LYS A 326 10.17 -29.44 -33.59
CA LYS A 326 9.42 -30.59 -34.06
C LYS A 326 10.14 -31.88 -33.69
N GLU A 327 11.47 -31.89 -33.76
CA GLU A 327 12.20 -33.07 -33.32
C GLU A 327 12.12 -33.26 -31.81
N ARG A 328 12.05 -32.17 -31.04
CA ARG A 328 11.84 -32.30 -29.60
C ARG A 328 10.51 -32.98 -29.28
N ILE A 329 9.45 -32.59 -30.00
CA ILE A 329 8.14 -33.19 -29.77
C ILE A 329 8.13 -34.65 -30.18
N LEU A 330 8.76 -34.98 -31.31
CA LEU A 330 8.75 -36.37 -31.76
C LEU A 330 9.60 -37.26 -30.87
N GLU A 331 10.64 -36.73 -30.24
CA GLU A 331 11.41 -37.52 -29.29
C GLU A 331 10.66 -37.74 -27.98
N TYR A 332 9.87 -36.74 -27.56
CA TYR A 332 8.98 -36.95 -26.42
C TYR A 332 7.98 -38.08 -26.70
N LEU A 333 7.41 -38.11 -27.90
CA LEU A 333 6.50 -39.19 -28.23
C LEU A 333 7.21 -40.54 -28.35
N ALA A 334 8.45 -40.55 -28.83
CA ALA A 334 9.21 -41.79 -28.90
C ALA A 334 9.54 -42.35 -27.53
N VAL A 335 9.80 -41.46 -26.57
CA VAL A 335 10.02 -41.92 -25.19
C VAL A 335 8.73 -42.44 -24.60
N ARG A 336 7.60 -41.78 -24.89
CA ARG A 336 6.33 -42.26 -24.33
C ARG A 336 5.87 -43.56 -24.97
N GLN A 337 6.36 -43.91 -26.16
CA GLN A 337 5.98 -45.20 -26.73
C GLN A 337 6.73 -46.35 -26.06
N LEU A 338 8.01 -46.18 -25.78
CA LEU A 338 8.81 -47.24 -25.16
C LEU A 338 8.53 -47.43 -23.68
N THR A 339 7.65 -46.65 -23.09
CA THR A 339 7.21 -46.85 -21.72
C THR A 339 5.70 -47.08 -21.73
N GLN A 340 5.32 -48.35 -21.76
CA GLN A 340 3.91 -48.75 -21.78
C GLN A 340 3.57 -49.43 -20.47
N GLY A 341 4.05 -48.85 -19.38
CA GLY A 341 3.88 -49.41 -18.06
C GLY A 341 5.18 -50.08 -17.67
N LEU A 342 6.00 -49.34 -16.93
CA LEU A 342 7.25 -49.86 -16.40
C LEU A 342 7.50 -49.38 -14.99
N ASP A 343 6.60 -48.57 -14.43
CA ASP A 343 6.74 -47.89 -13.14
C ASP A 343 8.03 -47.06 -13.10
N VAL A 344 8.08 -46.06 -13.96
CA VAL A 344 9.17 -45.08 -13.95
C VAL A 344 8.55 -43.70 -13.82
N ARG A 345 9.37 -42.68 -13.61
CA ARG A 345 8.86 -41.32 -13.55
C ARG A 345 8.42 -40.84 -14.93
N ASN A 346 7.25 -40.22 -14.95
CA ASN A 346 6.76 -39.51 -16.12
C ASN A 346 6.86 -38.03 -15.83
N LYS A 347 7.84 -37.38 -16.45
CA LYS A 347 8.08 -35.97 -16.21
C LYS A 347 7.99 -35.22 -17.54
N ALA A 348 7.10 -34.29 -17.61
CA ALA A 348 6.85 -33.51 -18.79
C ALA A 348 7.91 -32.43 -18.96
N PRO A 349 8.23 -32.07 -20.20
CA PRO A 349 9.26 -31.06 -20.44
C PRO A 349 8.84 -29.66 -20.00
N ILE A 350 9.85 -28.82 -19.78
CA ILE A 350 9.69 -27.40 -19.50
C ILE A 350 10.61 -26.66 -20.45
N LEU A 351 10.04 -25.90 -21.36
CA LEU A 351 10.78 -25.32 -22.47
C LEU A 351 10.76 -23.80 -22.38
N VAL A 352 11.77 -23.17 -22.97
CA VAL A 352 11.73 -21.74 -23.23
C VAL A 352 12.18 -21.52 -24.68
N LEU A 353 11.39 -20.76 -25.43
CA LEU A 353 11.67 -20.49 -26.83
C LEU A 353 12.13 -19.05 -26.96
N VAL A 354 13.33 -18.87 -27.48
CA VAL A 354 13.99 -17.57 -27.50
C VAL A 354 14.25 -17.15 -28.94
N GLY A 355 13.89 -15.92 -29.28
CA GLY A 355 14.11 -15.44 -30.62
C GLY A 355 13.77 -13.99 -30.89
N PRO A 356 13.98 -13.57 -32.13
CA PRO A 356 13.60 -12.22 -32.56
C PRO A 356 12.10 -12.03 -32.56
N PRO A 357 11.59 -10.77 -32.59
CA PRO A 357 10.17 -10.54 -32.31
C PRO A 357 9.15 -11.06 -33.30
N GLY A 358 9.54 -11.42 -34.52
CA GLY A 358 8.54 -11.76 -35.51
C GLY A 358 8.34 -13.23 -35.75
N VAL A 359 9.27 -14.05 -35.27
CA VAL A 359 9.28 -15.48 -35.58
C VAL A 359 8.18 -16.15 -34.77
N GLY A 360 7.42 -17.03 -35.41
CA GLY A 360 6.26 -17.58 -34.74
C GLY A 360 6.59 -18.55 -33.63
N LYS A 361 6.48 -18.09 -32.40
CA LYS A 361 6.76 -18.94 -31.26
C LYS A 361 5.66 -18.80 -30.21
N THR A 362 4.58 -18.10 -30.56
CA THR A 362 3.35 -18.15 -29.79
C THR A 362 2.30 -19.01 -30.47
N SER A 363 2.24 -19.00 -31.80
CA SER A 363 1.32 -19.88 -32.52
C SER A 363 1.78 -21.32 -32.49
N LEU A 364 3.08 -21.51 -32.29
CA LEU A 364 3.66 -22.85 -32.25
C LEU A 364 3.18 -23.64 -31.04
N GLY A 365 2.81 -22.94 -29.95
CA GLY A 365 2.33 -23.63 -28.77
C GLY A 365 1.03 -24.36 -28.99
N ARG A 366 0.04 -23.69 -29.58
CA ARG A 366 -1.20 -24.39 -29.83
C ARG A 366 -1.13 -25.27 -31.07
N SER A 367 -0.16 -25.06 -31.97
CA SER A 367 0.09 -26.07 -32.99
C SER A 367 0.57 -27.37 -32.38
N ILE A 368 1.47 -27.30 -31.39
CA ILE A 368 1.92 -28.48 -30.66
C ILE A 368 0.77 -29.14 -29.92
N ALA A 369 -0.06 -28.32 -29.26
CA ALA A 369 -1.18 -28.85 -28.48
C ALA A 369 -2.21 -29.54 -29.37
N ARG A 370 -2.41 -29.05 -30.59
CA ARG A 370 -3.34 -29.75 -31.47
C ARG A 370 -2.71 -31.01 -32.06
N SER A 371 -1.41 -30.97 -32.33
CA SER A 371 -0.75 -32.14 -32.91
C SER A 371 -0.64 -33.31 -31.94
N MET A 372 -0.59 -33.03 -30.64
CA MET A 372 -0.49 -34.11 -29.66
C MET A 372 -1.84 -34.54 -29.10
N ASN A 373 -2.94 -33.97 -29.60
CA ASN A 373 -4.31 -34.22 -29.11
C ASN A 373 -4.46 -33.92 -27.63
N ARG A 374 -3.91 -32.79 -27.19
CA ARG A 374 -4.01 -32.37 -25.80
C ARG A 374 -4.84 -31.10 -25.69
N LYS A 375 -5.06 -30.69 -24.45
CA LYS A 375 -5.79 -29.45 -24.19
C LYS A 375 -4.81 -28.30 -24.05
N PHE A 376 -5.27 -27.11 -24.43
CA PHE A 376 -4.43 -25.93 -24.49
C PHE A 376 -5.01 -24.83 -23.63
N HIS A 377 -4.13 -24.05 -23.00
CA HIS A 377 -4.53 -22.86 -22.27
C HIS A 377 -3.34 -21.92 -22.19
N ARG A 378 -3.59 -20.62 -22.38
CA ARG A 378 -2.54 -19.62 -22.48
C ARG A 378 -2.64 -18.63 -21.34
N ILE A 379 -1.51 -18.32 -20.73
CA ILE A 379 -1.41 -17.33 -19.65
C ILE A 379 -0.40 -16.28 -20.08
N SER A 380 -0.77 -15.02 -20.01
CA SER A 380 0.13 -13.92 -20.32
C SER A 380 0.72 -13.35 -19.04
N LEU A 381 2.05 -13.36 -18.96
CA LEU A 381 2.76 -12.86 -17.79
C LEU A 381 3.49 -11.57 -18.10
N GLY A 382 2.95 -10.73 -18.98
CA GLY A 382 3.69 -9.62 -19.53
C GLY A 382 3.90 -8.46 -18.58
N GLY A 383 2.90 -8.12 -17.79
CA GLY A 383 3.06 -7.00 -16.90
C GLY A 383 2.76 -7.34 -15.46
N VAL A 384 2.71 -8.64 -15.14
CA VAL A 384 2.24 -9.09 -13.84
C VAL A 384 3.27 -8.71 -12.79
N ARG A 385 2.80 -8.09 -11.71
CA ARG A 385 3.70 -7.53 -10.72
C ARG A 385 3.43 -8.01 -9.31
N ASP A 386 2.28 -8.64 -9.04
CA ASP A 386 1.98 -9.09 -7.69
C ASP A 386 2.03 -10.61 -7.59
N GLU A 387 2.40 -11.10 -6.41
CA GLU A 387 2.52 -12.51 -6.14
C GLU A 387 1.18 -13.18 -5.90
N ALA A 388 0.13 -12.41 -5.68
CA ALA A 388 -1.21 -12.94 -5.49
C ALA A 388 -1.88 -13.34 -6.79
N GLU A 389 -1.15 -13.30 -7.90
CA GLU A 389 -1.67 -13.77 -9.18
C GLU A 389 -1.14 -15.15 -9.52
N ILE A 390 -0.02 -15.56 -8.93
CA ILE A 390 0.50 -16.90 -9.06
C ILE A 390 -0.09 -17.83 -8.03
N ARG A 391 0.13 -17.53 -6.75
CA ARG A 391 -0.57 -18.16 -5.64
C ARG A 391 -1.84 -17.36 -5.38
N GLY A 392 -2.71 -17.89 -4.55
CA GLY A 392 -3.94 -17.18 -4.26
C GLY A 392 -3.83 -16.29 -3.04
N HIS A 393 -5.00 -15.95 -2.51
CA HIS A 393 -5.14 -15.43 -1.16
C HIS A 393 -5.68 -16.53 -0.27
N ARG A 394 -5.62 -16.30 1.04
CA ARG A 394 -6.09 -17.30 1.98
C ARG A 394 -7.62 -17.36 1.98
N ARG A 395 -8.15 -18.44 2.53
CA ARG A 395 -9.59 -18.67 2.58
C ARG A 395 -10.30 -17.72 3.55
N THR A 396 -9.54 -17.06 4.44
CA THR A 396 -10.10 -16.12 5.41
C THR A 396 -10.77 -14.93 4.73
N TYR A 397 -10.15 -14.42 3.67
CA TYR A 397 -10.56 -13.16 3.05
C TYR A 397 -11.90 -13.29 2.34
N ILE A 398 -12.50 -12.14 2.02
CA ILE A 398 -13.88 -12.07 1.55
C ILE A 398 -14.06 -12.64 0.14
N GLY A 399 -13.26 -12.19 -0.82
CA GLY A 399 -13.54 -12.56 -2.19
C GLY A 399 -12.47 -13.43 -2.82
N ALA A 400 -11.70 -14.13 -2.00
CA ALA A 400 -10.50 -14.83 -2.42
C ALA A 400 -10.83 -16.04 -3.29
N MET A 401 -9.86 -16.37 -4.15
CA MET A 401 -9.91 -17.50 -5.07
C MET A 401 -8.46 -17.80 -5.46
N PRO A 402 -8.13 -19.00 -6.03
CA PRO A 402 -6.71 -19.31 -6.28
C PRO A 402 -6.05 -18.49 -7.38
N GLY A 403 -4.78 -18.76 -7.62
CA GLY A 403 -4.02 -18.09 -8.66
C GLY A 403 -4.40 -18.55 -10.06
N LYS A 404 -3.65 -18.11 -11.06
CA LYS A 404 -4.01 -18.43 -12.43
C LYS A 404 -3.70 -19.88 -12.80
N LEU A 405 -2.81 -20.53 -12.05
CA LEU A 405 -2.45 -21.91 -12.36
C LEU A 405 -3.55 -22.89 -12.01
N ILE A 406 -4.11 -22.78 -10.80
CA ILE A 406 -5.19 -23.68 -10.40
C ILE A 406 -6.44 -23.39 -11.21
N HIS A 407 -6.68 -22.12 -11.54
CA HIS A 407 -7.82 -21.76 -12.39
C HIS A 407 -7.63 -22.29 -13.80
N ALA A 408 -6.39 -22.27 -14.30
CA ALA A 408 -6.10 -22.85 -15.61
C ALA A 408 -6.24 -24.36 -15.60
N MET A 409 -5.88 -25.00 -14.49
CA MET A 409 -6.10 -26.44 -14.37
C MET A 409 -7.57 -26.78 -14.18
N LYS A 410 -8.40 -25.83 -13.78
CA LYS A 410 -9.83 -26.11 -13.70
C LYS A 410 -10.52 -25.89 -15.04
N GLN A 411 -10.08 -24.90 -15.82
CA GLN A 411 -10.63 -24.68 -17.16
C GLN A 411 -10.34 -25.87 -18.08
N VAL A 412 -9.06 -26.26 -18.15
CA VAL A 412 -8.70 -27.54 -18.74
C VAL A 412 -9.29 -28.66 -17.89
N GLY A 413 -9.72 -29.74 -18.54
CA GLY A 413 -10.35 -30.80 -17.78
C GLY A 413 -9.42 -31.88 -17.28
N VAL A 414 -8.15 -31.87 -17.70
CA VAL A 414 -7.26 -33.00 -17.47
C VAL A 414 -6.04 -32.60 -16.67
N ILE A 415 -5.19 -33.56 -16.35
CA ILE A 415 -3.91 -33.31 -15.70
C ILE A 415 -2.77 -33.27 -16.71
N ASN A 416 -3.08 -33.38 -18.00
CA ASN A 416 -2.10 -33.19 -19.07
C ASN A 416 -2.51 -32.05 -19.98
N PRO A 417 -2.32 -30.80 -19.57
CA PRO A 417 -2.49 -29.70 -20.53
C PRO A 417 -1.16 -29.34 -21.16
N VAL A 418 -1.24 -28.50 -22.18
CA VAL A 418 -0.11 -27.74 -22.67
C VAL A 418 -0.37 -26.29 -22.28
N ILE A 419 0.39 -25.79 -21.30
CA ILE A 419 0.20 -24.44 -20.78
C ILE A 419 1.26 -23.54 -21.40
N LEU A 420 0.82 -22.56 -22.17
CA LEU A 420 1.72 -21.56 -22.71
C LEU A 420 1.79 -20.39 -21.74
N LEU A 421 2.97 -20.13 -21.20
CA LEU A 421 3.23 -18.96 -20.37
C LEU A 421 3.86 -17.93 -21.29
N ASP A 422 3.08 -16.90 -21.65
CA ASP A 422 3.30 -16.19 -22.90
C ASP A 422 4.59 -15.40 -22.95
N GLU A 423 4.94 -14.63 -21.92
CA GLU A 423 6.26 -14.04 -21.91
C GLU A 423 6.81 -13.98 -20.49
N ILE A 424 7.93 -14.69 -20.31
CA ILE A 424 8.44 -15.01 -18.99
C ILE A 424 9.53 -14.02 -18.63
N ASP A 425 10.01 -13.26 -19.62
CA ASP A 425 11.08 -12.31 -19.37
C ASP A 425 10.59 -10.89 -19.14
N LYS A 426 9.29 -10.69 -18.96
CA LYS A 426 8.74 -9.35 -18.80
C LYS A 426 8.07 -9.13 -17.45
N MET A 427 8.13 -10.10 -16.54
CA MET A 427 7.55 -9.93 -15.22
C MET A 427 8.30 -8.87 -14.42
N SER A 428 7.54 -8.06 -13.69
CA SER A 428 8.14 -7.04 -12.85
C SER A 428 8.81 -7.67 -11.64
N SER A 429 9.85 -7.02 -11.13
CA SER A 429 10.65 -7.59 -10.05
C SER A 429 11.28 -6.47 -9.25
N ASP A 430 10.76 -6.23 -8.04
CA ASP A 430 11.41 -5.34 -7.08
C ASP A 430 11.13 -5.78 -5.65
N TRP A 431 11.36 -4.88 -4.69
CA TRP A 431 11.11 -5.16 -3.29
C TRP A 431 9.64 -4.99 -2.90
N ARG A 432 8.81 -4.56 -3.84
CA ARG A 432 7.36 -4.41 -3.63
C ARG A 432 6.60 -5.17 -4.71
N GLY A 433 6.92 -6.46 -4.86
CA GLY A 433 6.26 -7.30 -5.82
C GLY A 433 7.22 -8.00 -6.76
N ASP A 434 7.35 -9.32 -6.60
CA ASP A 434 8.26 -10.12 -7.40
C ASP A 434 7.61 -11.48 -7.63
N PRO A 435 6.83 -11.65 -8.71
CA PRO A 435 6.27 -12.97 -9.02
C PRO A 435 7.27 -13.95 -9.60
N ALA A 436 8.41 -13.47 -10.09
CA ALA A 436 9.43 -14.31 -10.69
C ALA A 436 10.10 -15.24 -9.69
N SER A 437 10.04 -14.93 -8.41
CA SER A 437 10.53 -15.82 -7.38
C SER A 437 9.43 -16.69 -6.80
N ALA A 438 8.18 -16.48 -7.20
CA ALA A 438 7.11 -17.41 -6.92
C ALA A 438 6.88 -18.39 -8.07
N MET A 439 7.43 -18.11 -9.25
CA MET A 439 7.45 -19.06 -10.34
C MET A 439 8.46 -20.18 -10.11
N LEU A 440 9.40 -19.98 -9.20
CA LEU A 440 10.15 -21.07 -8.60
C LEU A 440 9.12 -21.90 -7.83
N GLU A 441 9.28 -23.23 -7.88
CA GLU A 441 8.43 -24.34 -7.43
C GLU A 441 7.21 -24.55 -8.31
N VAL A 442 6.96 -23.63 -9.24
CA VAL A 442 6.06 -23.96 -10.34
C VAL A 442 6.83 -24.69 -11.42
N LEU A 443 7.99 -24.16 -11.78
CA LEU A 443 8.81 -24.71 -12.84
C LEU A 443 9.98 -25.52 -12.32
N ASP A 444 9.95 -25.91 -11.06
CA ASP A 444 11.03 -26.72 -10.51
C ASP A 444 10.91 -28.15 -11.02
N PRO A 445 11.90 -28.69 -11.71
CA PRO A 445 11.75 -30.02 -12.30
C PRO A 445 11.76 -31.16 -11.30
N GLU A 446 12.09 -30.91 -10.04
CA GLU A 446 12.13 -31.95 -9.04
C GLU A 446 11.08 -31.82 -7.95
N GLN A 447 10.50 -30.63 -7.75
CA GLN A 447 9.69 -30.39 -6.57
C GLN A 447 8.28 -29.91 -6.89
N ASN A 448 7.90 -29.80 -8.16
CA ASN A 448 6.58 -29.27 -8.46
C ASN A 448 5.48 -30.32 -8.42
N ASN A 449 5.77 -31.51 -7.91
CA ASN A 449 4.73 -32.46 -7.58
C ASN A 449 4.09 -32.18 -6.22
N THR A 450 4.64 -31.23 -5.47
CA THR A 450 4.05 -30.77 -4.22
C THR A 450 3.92 -29.25 -4.25
N PHE A 451 3.41 -28.73 -5.36
CA PHE A 451 3.11 -27.30 -5.44
C PHE A 451 1.92 -26.96 -4.54
N THR A 452 2.10 -26.01 -3.64
CA THR A 452 1.08 -25.64 -2.68
C THR A 452 0.57 -24.23 -2.99
N ASP A 453 -0.74 -24.09 -3.07
CA ASP A 453 -1.39 -22.82 -3.29
C ASP A 453 -1.64 -22.16 -1.92
N HIS A 454 -2.11 -20.92 -1.94
CA HIS A 454 -2.54 -20.28 -0.70
C HIS A 454 -4.03 -20.37 -0.46
N TYR A 455 -4.84 -20.57 -1.50
CA TYR A 455 -6.26 -20.82 -1.30
C TYR A 455 -6.49 -22.28 -0.95
N LEU A 456 -6.15 -23.18 -1.86
CA LEU A 456 -6.05 -24.59 -1.53
C LEU A 456 -4.79 -24.82 -0.70
N ASP A 457 -4.93 -25.52 0.41
CA ASP A 457 -3.75 -25.84 1.19
C ASP A 457 -3.36 -27.31 1.12
N VAL A 458 -3.69 -28.00 0.05
CA VAL A 458 -3.20 -29.35 -0.21
C VAL A 458 -2.05 -29.24 -1.22
N PRO A 459 -1.08 -30.16 -1.20
CA PRO A 459 -0.09 -30.17 -2.28
C PRO A 459 -0.69 -30.74 -3.55
N TYR A 460 -0.46 -30.03 -4.66
CA TYR A 460 -1.06 -30.36 -5.93
C TYR A 460 0.04 -30.54 -6.97
N ASP A 461 0.02 -31.66 -7.69
CA ASP A 461 1.12 -31.98 -8.57
C ASP A 461 0.96 -31.34 -9.96
N LEU A 462 2.02 -30.69 -10.41
CA LEU A 462 2.07 -30.11 -11.74
C LEU A 462 3.13 -30.78 -12.60
N SER A 463 3.55 -31.99 -12.23
CA SER A 463 4.64 -32.67 -12.90
C SER A 463 4.25 -33.29 -14.22
N LYS A 464 2.96 -33.33 -14.54
CA LYS A 464 2.48 -33.85 -15.82
C LYS A 464 2.14 -32.75 -16.81
N VAL A 465 2.38 -31.50 -16.46
CA VAL A 465 1.97 -30.38 -17.28
C VAL A 465 3.10 -30.02 -18.23
N PHE A 466 2.79 -29.91 -19.52
CA PHE A 466 3.76 -29.61 -20.56
C PHE A 466 3.88 -28.09 -20.66
N PHE A 467 4.84 -27.49 -19.99
CA PHE A 467 4.93 -26.01 -19.96
C PHE A 467 5.83 -25.50 -21.07
N ILE A 468 5.35 -24.58 -21.88
CA ILE A 468 6.16 -23.95 -22.95
C ILE A 468 6.16 -22.47 -22.62
N THR A 469 7.31 -21.84 -22.55
CA THR A 469 7.42 -20.42 -22.16
C THR A 469 8.10 -19.68 -23.30
N THR A 470 7.93 -18.38 -23.44
CA THR A 470 8.49 -17.65 -24.59
C THR A 470 9.23 -16.41 -24.13
N ALA A 471 10.28 -16.01 -24.82
CA ALA A 471 11.09 -14.84 -24.44
C ALA A 471 11.77 -14.25 -25.65
N ASN A 472 12.19 -12.99 -25.61
CA ASN A 472 12.96 -12.39 -26.72
C ASN A 472 14.43 -12.35 -26.36
N THR A 473 14.77 -12.37 -25.08
CA THR A 473 16.17 -12.34 -24.60
C THR A 473 16.30 -13.13 -23.30
N LEU A 474 17.51 -13.54 -22.92
CA LEU A 474 17.73 -14.30 -21.72
C LEU A 474 18.27 -13.48 -20.56
N GLN A 475 18.65 -12.22 -20.80
CA GLN A 475 19.30 -11.41 -19.79
C GLN A 475 18.35 -10.90 -18.71
N THR A 476 17.06 -10.81 -18.99
CA THR A 476 16.11 -10.25 -18.05
C THR A 476 15.35 -11.32 -17.30
N ILE A 477 15.79 -12.58 -17.42
CA ILE A 477 15.23 -13.68 -16.65
C ILE A 477 16.15 -13.89 -15.46
N PRO A 478 15.63 -14.05 -14.25
CA PRO A 478 16.51 -14.34 -13.11
C PRO A 478 17.18 -15.70 -13.24
N ARG A 479 18.43 -15.73 -12.86
CA ARG A 479 19.30 -16.89 -13.04
C ARG A 479 18.92 -18.19 -12.34
N PRO A 480 18.33 -18.21 -11.14
CA PRO A 480 17.77 -19.49 -10.66
C PRO A 480 16.55 -19.95 -11.42
N LEU A 481 15.87 -19.08 -12.16
CA LEU A 481 14.72 -19.48 -12.96
C LEU A 481 15.12 -19.92 -14.36
N LEU A 482 16.27 -19.46 -14.85
CA LEU A 482 16.67 -19.78 -16.21
C LEU A 482 17.11 -21.23 -16.34
N ASP A 483 17.83 -21.77 -15.35
CA ASP A 483 18.33 -23.13 -15.49
C ASP A 483 17.31 -24.18 -15.09
N ARG A 484 16.10 -23.78 -14.73
CA ARG A 484 15.00 -24.72 -14.62
C ARG A 484 14.48 -25.16 -15.97
N MET A 485 14.78 -24.42 -17.02
CA MET A 485 14.12 -24.54 -18.31
C MET A 485 15.11 -24.99 -19.37
N GLU A 486 14.64 -25.83 -20.28
CA GLU A 486 15.42 -26.20 -21.46
C GLU A 486 15.27 -25.11 -22.52
N VAL A 487 16.38 -24.62 -23.04
CA VAL A 487 16.38 -23.48 -23.94
C VAL A 487 16.55 -23.94 -25.38
N ILE A 488 15.62 -23.54 -26.24
CA ILE A 488 15.66 -23.83 -27.65
C ILE A 488 15.76 -22.50 -28.39
N GLU A 489 16.86 -22.31 -29.11
CA GLU A 489 17.08 -21.10 -29.89
C GLU A 489 16.28 -21.16 -31.18
N ILE A 490 15.64 -20.06 -31.53
CA ILE A 490 14.98 -19.91 -32.82
C ILE A 490 15.59 -18.70 -33.51
N PRO A 491 16.37 -18.88 -34.57
CA PRO A 491 17.33 -17.85 -34.96
C PRO A 491 16.81 -16.74 -35.86
N GLY A 492 15.76 -16.97 -36.62
CA GLY A 492 15.36 -16.04 -37.66
C GLY A 492 15.61 -16.63 -39.03
N TYR A 493 14.86 -16.14 -40.01
CA TYR A 493 14.70 -16.85 -41.27
C TYR A 493 15.58 -16.26 -42.35
N THR A 494 15.95 -17.10 -43.31
CA THR A 494 16.70 -16.69 -44.49
C THR A 494 15.72 -16.25 -45.57
N ASN A 495 16.23 -15.91 -46.75
CA ASN A 495 15.32 -15.43 -47.78
C ASN A 495 14.60 -16.57 -48.48
N MET A 496 15.21 -17.77 -48.55
CA MET A 496 14.50 -18.90 -49.12
C MET A 496 13.38 -19.36 -48.21
N GLU A 497 13.63 -19.34 -46.90
CA GLU A 497 12.60 -19.72 -45.95
C GLU A 497 11.47 -18.70 -45.93
N LYS A 498 11.79 -17.42 -46.02
CA LYS A 498 10.75 -16.41 -46.06
C LYS A 498 9.99 -16.46 -47.37
N GLN A 499 10.63 -16.86 -48.46
CA GLN A 499 9.91 -17.02 -49.72
C GLN A 499 8.95 -18.20 -49.65
N ALA A 500 9.35 -19.29 -49.00
CA ALA A 500 8.45 -20.43 -48.85
C ALA A 500 7.27 -20.11 -47.92
N ILE A 501 7.53 -19.42 -46.82
CA ILE A 501 6.47 -18.99 -45.90
C ILE A 501 5.52 -18.04 -46.60
N ALA A 502 6.04 -17.13 -47.42
CA ALA A 502 5.18 -16.20 -48.13
C ALA A 502 4.36 -16.89 -49.20
N ARG A 503 4.91 -17.92 -49.85
CA ARG A 503 4.16 -18.60 -50.89
C ARG A 503 3.04 -19.44 -50.33
N GLN A 504 3.29 -20.21 -49.26
CA GLN A 504 2.27 -21.16 -48.86
C GLN A 504 1.64 -20.87 -47.50
N TYR A 505 1.91 -19.74 -46.89
CA TYR A 505 1.10 -19.43 -45.71
C TYR A 505 0.52 -18.03 -45.70
N LEU A 506 1.27 -17.02 -46.15
CA LEU A 506 0.87 -15.64 -45.90
C LEU A 506 0.00 -15.07 -47.01
N TRP A 507 0.42 -15.26 -48.25
CA TRP A 507 -0.30 -14.74 -49.40
C TRP A 507 -1.68 -15.35 -49.62
N PRO A 508 -1.93 -16.67 -49.46
CA PRO A 508 -3.33 -17.13 -49.51
C PRO A 508 -4.19 -16.59 -48.38
N LYS A 509 -3.61 -16.36 -47.21
CA LYS A 509 -4.36 -15.76 -46.10
C LYS A 509 -4.79 -14.34 -46.42
N GLN A 510 -3.85 -13.52 -46.91
CA GLN A 510 -4.19 -12.15 -47.26
C GLN A 510 -5.15 -12.06 -48.44
N VAL A 511 -5.02 -12.97 -49.40
CA VAL A 511 -5.91 -12.98 -50.55
C VAL A 511 -7.33 -13.38 -50.14
N ARG A 512 -7.47 -14.36 -49.24
CA ARG A 512 -8.80 -14.68 -48.74
C ARG A 512 -9.40 -13.51 -47.96
N GLU A 513 -8.62 -12.93 -47.04
CA GLU A 513 -9.19 -11.90 -46.19
C GLU A 513 -9.41 -10.57 -46.88
N SER A 514 -8.88 -10.37 -48.09
CA SER A 514 -9.23 -9.19 -48.87
C SER A 514 -10.39 -9.44 -49.81
N GLY A 515 -10.86 -10.66 -49.93
CA GLY A 515 -11.97 -10.95 -50.84
C GLY A 515 -11.59 -11.05 -52.29
N MET A 516 -10.30 -11.08 -52.60
CA MET A 516 -9.82 -11.06 -53.97
C MET A 516 -9.34 -12.43 -54.42
N GLU A 517 -10.05 -13.48 -54.02
CA GLU A 517 -9.55 -14.83 -54.28
C GLU A 517 -9.84 -15.28 -55.70
N GLY A 518 -8.81 -15.68 -56.40
CA GLY A 518 -8.96 -16.19 -57.75
C GLY A 518 -8.96 -15.12 -58.81
N ARG A 519 -8.54 -13.91 -58.44
CA ARG A 519 -8.53 -12.84 -59.43
C ARG A 519 -7.29 -11.96 -59.31
N ILE A 520 -6.31 -12.37 -58.51
CA ILE A 520 -5.03 -11.69 -58.43
C ILE A 520 -3.98 -12.68 -57.95
N GLU A 521 -2.78 -12.60 -58.53
CA GLU A 521 -1.68 -13.47 -58.16
C GLU A 521 -0.39 -12.68 -58.18
N VAL A 522 0.67 -13.35 -57.72
CA VAL A 522 1.99 -12.76 -57.61
C VAL A 522 3.00 -13.82 -58.02
N THR A 523 4.12 -13.40 -58.58
CA THR A 523 5.13 -14.35 -59.01
C THR A 523 6.19 -14.53 -57.93
N ASP A 524 7.15 -15.41 -58.19
CA ASP A 524 8.21 -15.66 -57.22
C ASP A 524 9.26 -14.56 -57.21
N ALA A 525 9.58 -14.01 -58.38
CA ALA A 525 10.51 -12.89 -58.46
C ALA A 525 9.95 -11.66 -57.77
N ALA A 526 8.64 -11.48 -57.81
CA ALA A 526 8.02 -10.37 -57.11
C ALA A 526 8.10 -10.54 -55.59
N ILE A 527 7.95 -11.78 -55.10
CA ILE A 527 8.09 -12.03 -53.67
C ILE A 527 9.54 -11.80 -53.24
N LEU A 528 10.50 -12.20 -54.07
CA LEU A 528 11.91 -11.89 -53.78
C LEU A 528 12.18 -10.40 -53.75
N ARG A 529 11.53 -9.63 -54.63
CA ARG A 529 11.74 -8.19 -54.61
C ARG A 529 11.11 -7.54 -53.39
N VAL A 530 9.94 -8.03 -52.96
CA VAL A 530 9.30 -7.51 -51.76
C VAL A 530 10.14 -7.82 -50.53
N ILE A 531 10.74 -9.01 -50.49
CA ILE A 531 11.59 -9.37 -49.35
C ILE A 531 12.87 -8.54 -49.34
N SER A 532 13.52 -8.39 -50.50
CA SER A 532 14.84 -7.79 -50.51
C SER A 532 14.84 -6.27 -50.53
N GLU A 533 13.79 -5.62 -51.03
CA GLU A 533 13.82 -4.17 -51.17
C GLU A 533 12.85 -3.42 -50.28
N TYR A 534 11.94 -4.10 -49.59
CA TYR A 534 10.95 -3.40 -48.80
C TYR A 534 10.91 -3.82 -47.34
N THR A 535 11.63 -4.86 -46.95
CA THR A 535 11.65 -5.32 -45.57
C THR A 535 13.08 -5.39 -45.09
N ARG A 536 13.26 -5.17 -43.79
CA ARG A 536 14.55 -5.33 -43.15
C ARG A 536 14.28 -5.80 -41.73
N GLU A 537 14.25 -7.11 -41.53
CA GLU A 537 13.75 -7.69 -40.28
C GLU A 537 14.19 -9.15 -40.22
N ALA A 538 13.90 -9.78 -39.09
CA ALA A 538 14.17 -11.19 -38.90
C ALA A 538 12.92 -12.06 -38.96
N GLY A 539 11.76 -11.53 -38.54
CA GLY A 539 10.52 -12.27 -38.58
C GLY A 539 9.77 -12.09 -39.87
N VAL A 540 8.46 -12.32 -39.81
CA VAL A 540 7.62 -12.29 -41.00
C VAL A 540 6.41 -11.40 -40.83
N ARG A 541 6.45 -10.47 -39.88
CA ARG A 541 5.35 -9.52 -39.69
C ARG A 541 5.28 -8.51 -40.82
N GLY A 542 6.40 -7.86 -41.13
CA GLY A 542 6.40 -6.82 -42.15
C GLY A 542 6.17 -7.35 -43.54
N LEU A 543 6.62 -8.58 -43.81
CA LEU A 543 6.33 -9.22 -45.09
C LEU A 543 4.83 -9.45 -45.25
N GLU A 544 4.17 -9.86 -44.17
CA GLU A 544 2.73 -10.03 -44.17
C GLU A 544 2.00 -8.71 -44.37
N ARG A 545 2.50 -7.62 -43.80
CA ARG A 545 1.85 -6.33 -44.00
C ARG A 545 2.03 -5.81 -45.43
N GLU A 546 3.17 -6.07 -46.05
CA GLU A 546 3.36 -5.64 -47.44
C GLU A 546 2.47 -6.43 -48.39
N LEU A 547 2.34 -7.74 -48.17
CA LEU A 547 1.43 -8.53 -49.00
C LEU A 547 -0.03 -8.13 -48.77
N GLY A 548 -0.37 -7.77 -47.53
CA GLY A 548 -1.69 -7.25 -47.27
C GLY A 548 -1.97 -5.93 -47.96
N LYS A 549 -0.95 -5.09 -48.09
CA LYS A 549 -1.15 -3.83 -48.82
C LYS A 549 -1.35 -4.08 -50.31
N ILE A 550 -0.66 -5.07 -50.87
CA ILE A 550 -0.89 -5.44 -52.27
C ILE A 550 -2.32 -5.95 -52.47
N ALA A 551 -2.82 -6.72 -51.51
CA ALA A 551 -4.20 -7.22 -51.62
C ALA A 551 -5.23 -6.12 -51.48
N ARG A 552 -5.01 -5.17 -50.55
CA ARG A 552 -5.94 -4.05 -50.39
C ARG A 552 -6.01 -3.20 -51.63
N LYS A 553 -4.85 -2.89 -52.22
CA LYS A 553 -4.89 -2.02 -53.39
C LYS A 553 -5.38 -2.75 -54.63
N GLY A 554 -5.24 -4.07 -54.68
CA GLY A 554 -5.93 -4.83 -55.71
C GLY A 554 -7.45 -4.76 -55.57
N ALA A 555 -7.93 -4.83 -54.33
CA ALA A 555 -9.38 -4.72 -54.10
C ALA A 555 -9.88 -3.32 -54.41
N LYS A 556 -9.04 -2.31 -54.18
CA LYS A 556 -9.40 -0.94 -54.54
C LYS A 556 -9.46 -0.77 -56.05
N PHE A 557 -8.53 -1.39 -56.77
CA PHE A 557 -8.56 -1.31 -58.23
C PHE A 557 -9.70 -2.12 -58.83
N TRP A 558 -10.21 -3.13 -58.12
CA TRP A 558 -11.32 -3.90 -58.66
C TRP A 558 -12.60 -3.10 -58.73
N LEU A 559 -12.86 -2.26 -57.73
CA LEU A 559 -14.10 -1.51 -57.69
C LEU A 559 -14.13 -0.35 -58.67
N GLU A 560 -12.97 0.14 -59.10
CA GLU A 560 -12.93 1.21 -60.09
C GLU A 560 -13.29 0.67 -61.47
N GLY A 561 -12.52 -0.28 -61.96
CA GLY A 561 -12.89 -1.00 -63.17
C GLY A 561 -12.44 -2.43 -63.12
N ALA A 562 -13.37 -3.36 -63.27
CA ALA A 562 -13.09 -4.78 -63.16
C ALA A 562 -12.34 -5.28 -64.39
N TRP A 563 -11.82 -6.50 -64.28
CA TRP A 563 -11.10 -7.12 -65.38
C TRP A 563 -11.54 -8.57 -65.50
N GLU A 564 -11.08 -9.22 -66.56
CA GLU A 564 -11.44 -10.60 -66.86
C GLU A 564 -10.23 -11.49 -66.64
N GLY A 565 -10.44 -12.64 -66.02
CA GLY A 565 -9.36 -13.55 -65.73
C GLY A 565 -8.75 -13.20 -64.41
N LEU A 566 -7.43 -13.28 -64.35
CA LEU A 566 -6.67 -12.92 -63.15
C LEU A 566 -5.43 -12.15 -63.55
N ARG A 567 -5.09 -11.13 -62.75
CA ARG A 567 -3.92 -10.32 -62.98
C ARG A 567 -2.75 -10.87 -62.19
N THR A 568 -1.63 -11.10 -62.87
CA THR A 568 -0.40 -11.51 -62.21
C THR A 568 0.50 -10.29 -62.03
N ILE A 569 1.11 -10.19 -60.85
CA ILE A 569 1.96 -9.06 -60.50
C ILE A 569 3.40 -9.53 -60.66
N ASP A 570 4.08 -9.03 -61.67
CA ASP A 570 5.47 -9.39 -61.88
C ASP A 570 6.35 -8.44 -61.04
N ALA A 571 7.66 -8.65 -61.11
CA ALA A 571 8.59 -7.91 -60.26
C ALA A 571 8.69 -6.45 -60.68
N SER A 572 8.37 -6.14 -61.93
CA SER A 572 8.37 -4.77 -62.39
C SER A 572 7.10 -4.03 -62.02
N ASP A 573 6.05 -4.72 -61.60
CA ASP A 573 4.80 -4.10 -61.21
C ASP A 573 4.73 -3.83 -59.72
N ILE A 574 5.78 -4.14 -58.98
CA ILE A 574 5.76 -3.93 -57.53
C ILE A 574 5.71 -2.45 -57.12
N PRO A 575 6.49 -1.52 -57.69
CA PRO A 575 6.40 -0.13 -57.21
C PRO A 575 5.09 0.58 -57.52
N THR A 576 4.24 0.03 -58.37
CA THR A 576 2.89 0.57 -58.53
C THR A 576 2.08 0.39 -57.26
N TYR A 577 2.27 -0.75 -56.59
CA TYR A 577 1.50 -1.10 -55.41
C TYR A 577 2.14 -0.66 -54.11
N LEU A 578 3.46 -0.65 -54.04
CA LEU A 578 4.15 -0.39 -52.78
C LEU A 578 4.92 0.91 -52.74
N GLY A 579 5.20 1.53 -53.88
CA GLY A 579 5.90 2.80 -53.87
C GLY A 579 7.38 2.71 -54.15
N ILE A 580 8.13 3.70 -53.69
CA ILE A 580 9.57 3.79 -53.89
C ILE A 580 10.25 2.78 -52.97
N PRO A 581 11.24 2.00 -53.47
CA PRO A 581 11.92 1.02 -52.61
C PRO A 581 12.69 1.63 -51.46
N ARG A 582 12.56 1.03 -50.28
CA ARG A 582 13.11 1.60 -49.06
C ARG A 582 14.54 1.16 -48.76
N TYR A 583 15.01 0.11 -49.40
CA TYR A 583 16.33 -0.40 -49.05
C TYR A 583 17.06 -0.76 -50.33
N ARG A 584 18.39 -0.62 -50.30
CA ARG A 584 19.22 -0.89 -51.46
C ARG A 584 19.98 -2.17 -51.23
N PRO A 585 19.93 -3.13 -52.17
CA PRO A 585 20.62 -4.41 -51.96
C PRO A 585 22.12 -4.25 -52.10
N ASP A 586 22.85 -5.12 -51.41
CA ASP A 586 24.29 -5.19 -51.58
C ASP A 586 24.62 -5.79 -52.93
N LYS A 587 25.63 -5.23 -53.59
CA LYS A 587 26.06 -5.76 -54.87
C LYS A 587 27.57 -5.92 -54.86
N ALA A 588 28.07 -6.87 -55.64
CA ALA A 588 29.47 -7.25 -55.62
C ALA A 588 30.24 -6.49 -56.67
N GLU A 589 31.36 -5.90 -56.27
CA GLU A 589 32.22 -5.22 -57.21
C GLU A 589 32.99 -6.24 -58.05
N THR A 590 33.26 -5.89 -59.30
CA THR A 590 33.72 -6.86 -60.28
C THR A 590 35.15 -6.69 -60.75
N GLU A 591 35.87 -5.71 -60.27
CA GLU A 591 37.19 -5.44 -60.83
C GLU A 591 38.22 -5.44 -59.72
N PRO A 592 39.46 -5.87 -59.97
CA PRO A 592 40.51 -5.76 -58.94
C PRO A 592 40.84 -4.31 -58.62
N GLN A 593 41.07 -4.04 -57.34
CA GLN A 593 41.28 -2.69 -56.84
C GLN A 593 42.53 -2.67 -55.96
N VAL A 594 43.22 -1.53 -55.95
CA VAL A 594 44.36 -1.37 -55.06
C VAL A 594 43.89 -0.85 -53.72
N GLY A 595 44.17 -1.59 -52.66
CA GLY A 595 43.85 -1.14 -51.32
C GLY A 595 42.42 -1.35 -50.92
N THR A 596 41.77 -2.39 -51.43
CA THR A 596 40.37 -2.64 -51.12
C THR A 596 40.13 -4.13 -51.08
N ALA A 597 39.53 -4.61 -50.00
CA ALA A 597 39.20 -6.02 -49.88
C ALA A 597 37.75 -6.15 -49.43
N GLN A 598 37.15 -7.29 -49.77
CA GLN A 598 35.74 -7.56 -49.56
C GLN A 598 35.57 -8.41 -48.31
N GLY A 599 34.80 -7.90 -47.34
CA GLY A 599 34.59 -8.61 -46.10
C GLY A 599 33.12 -8.89 -45.87
N LEU A 600 32.83 -9.49 -44.73
CA LEU A 600 31.49 -9.92 -44.37
C LEU A 600 31.17 -9.48 -42.95
N ALA A 601 29.89 -9.27 -42.67
CA ALA A 601 29.46 -8.79 -41.37
C ALA A 601 28.18 -9.49 -40.97
N TRP A 602 28.03 -9.68 -39.67
CA TRP A 602 26.86 -10.33 -39.10
C TRP A 602 26.05 -9.31 -38.33
N THR A 603 24.76 -9.23 -38.63
CA THR A 603 23.80 -8.41 -37.92
C THR A 603 22.67 -9.32 -37.48
N PRO A 604 21.87 -8.94 -36.49
CA PRO A 604 20.75 -9.80 -36.09
C PRO A 604 19.60 -9.86 -37.09
N VAL A 605 19.61 -9.07 -38.16
CA VAL A 605 18.61 -9.17 -39.20
C VAL A 605 19.16 -9.86 -40.45
N GLY A 606 20.36 -10.40 -40.37
CA GLY A 606 20.96 -11.10 -41.49
C GLY A 606 22.40 -10.67 -41.66
N GLY A 607 23.03 -11.17 -42.72
CA GLY A 607 24.39 -10.82 -43.03
C GLY A 607 24.45 -9.74 -44.09
N THR A 608 25.54 -8.97 -44.07
CA THR A 608 25.78 -7.92 -45.04
C THR A 608 27.20 -8.01 -45.55
N LEU A 609 27.50 -7.21 -46.57
CA LEU A 609 28.86 -7.04 -47.03
C LEU A 609 29.48 -5.82 -46.36
N LEU A 610 30.81 -5.81 -46.29
CA LEU A 610 31.51 -4.56 -45.97
C LEU A 610 32.83 -4.54 -46.70
N THR A 611 33.17 -3.38 -47.26
CA THR A 611 34.46 -3.19 -47.90
C THR A 611 35.35 -2.38 -46.99
N ILE A 612 36.64 -2.71 -47.01
CA ILE A 612 37.66 -1.95 -46.32
C ILE A 612 38.37 -1.12 -47.38
N GLU A 613 38.63 0.14 -47.09
CA GLU A 613 39.37 1.01 -47.98
C GLU A 613 40.56 1.58 -47.24
N VAL A 614 41.73 1.49 -47.84
CA VAL A 614 42.94 2.06 -47.26
C VAL A 614 43.66 2.88 -48.32
N ALA A 615 44.35 3.92 -47.86
CA ALA A 615 45.16 4.77 -48.71
C ALA A 615 46.51 4.97 -48.07
N ALA A 616 47.57 4.82 -48.84
CA ALA A 616 48.93 5.00 -48.35
C ALA A 616 49.49 6.27 -48.98
N VAL A 617 49.61 7.32 -48.18
CA VAL A 617 50.07 8.62 -48.65
C VAL A 617 51.39 8.91 -47.96
N PRO A 618 52.26 9.73 -48.55
CA PRO A 618 53.52 10.04 -47.88
C PRO A 618 53.30 10.92 -46.66
N GLY A 619 53.94 10.55 -45.57
CA GLY A 619 53.72 11.19 -44.28
C GLY A 619 54.85 10.89 -43.34
N SER A 620 54.52 10.65 -42.08
CA SER A 620 55.50 10.46 -41.02
C SER A 620 55.24 9.21 -40.19
N GLY A 621 54.18 8.50 -40.50
CA GLY A 621 53.85 7.27 -39.81
C GLY A 621 52.76 7.52 -38.80
N LYS A 622 51.52 7.29 -39.21
CA LYS A 622 50.34 7.51 -38.40
C LYS A 622 49.31 6.48 -38.82
N LEU A 623 48.17 6.50 -38.14
CA LEU A 623 47.13 5.53 -38.45
C LEU A 623 45.79 6.14 -38.05
N SER A 624 45.01 6.54 -39.05
CA SER A 624 43.67 7.05 -38.83
C SER A 624 42.67 5.96 -39.13
N LEU A 625 41.64 5.87 -38.29
CA LEU A 625 40.68 4.76 -38.35
C LEU A 625 39.28 5.38 -38.28
N THR A 626 38.63 5.54 -39.42
CA THR A 626 37.35 6.22 -39.47
C THR A 626 36.26 5.27 -39.94
N GLY A 627 35.02 5.68 -39.74
CA GLY A 627 33.87 4.89 -40.07
C GLY A 627 33.08 4.39 -38.89
N GLN A 628 33.21 5.01 -37.72
CA GLN A 628 32.55 4.65 -36.47
C GLN A 628 32.89 3.22 -36.06
N LEU A 629 34.19 3.00 -35.87
CA LEU A 629 34.72 1.69 -35.55
C LEU A 629 34.81 1.52 -34.04
N GLY A 630 34.49 0.30 -33.58
CA GLY A 630 34.65 -0.03 -32.19
C GLY A 630 36.10 -0.25 -31.82
N GLU A 631 36.34 -0.50 -30.53
CA GLU A 631 37.71 -0.64 -30.06
C GLU A 631 38.34 -1.94 -30.51
N VAL A 632 37.53 -2.99 -30.66
CA VAL A 632 38.07 -4.29 -31.04
C VAL A 632 38.51 -4.29 -32.50
N MET A 633 37.78 -3.58 -33.37
CA MET A 633 38.21 -3.47 -34.77
C MET A 633 39.48 -2.64 -34.90
N LYS A 634 39.60 -1.58 -34.09
CA LYS A 634 40.81 -0.79 -34.10
C LYS A 634 42.02 -1.61 -33.66
N GLU A 635 41.84 -2.43 -32.62
CA GLU A 635 42.93 -3.27 -32.16
C GLU A 635 43.28 -4.37 -33.15
N SER A 636 42.30 -4.88 -33.90
CA SER A 636 42.60 -5.86 -34.92
C SER A 636 43.35 -5.24 -36.09
N ALA A 637 43.04 -3.98 -36.41
CA ALA A 637 43.81 -3.26 -37.42
C ALA A 637 45.25 -3.05 -36.98
N GLN A 638 45.45 -2.74 -35.70
CA GLN A 638 46.81 -2.56 -35.19
C GLN A 638 47.58 -3.87 -35.18
N ALA A 639 46.90 -4.98 -34.92
CA ALA A 639 47.57 -6.28 -34.94
C ALA A 639 47.98 -6.67 -36.35
N ALA A 640 47.12 -6.41 -37.35
CA ALA A 640 47.47 -6.71 -38.72
C ALA A 640 48.63 -5.84 -39.20
N LEU A 641 48.64 -4.57 -38.80
CA LEU A 641 49.74 -3.69 -39.19
C LEU A 641 51.05 -4.09 -38.53
N THR A 642 50.99 -4.56 -37.28
CA THR A 642 52.21 -5.01 -36.61
C THR A 642 52.73 -6.30 -37.21
N TYR A 643 51.82 -7.18 -37.66
CA TYR A 643 52.26 -8.36 -38.39
C TYR A 643 52.95 -8.00 -39.70
N LEU A 644 52.44 -7.02 -40.42
CA LEU A 644 53.06 -6.67 -41.69
C LEU A 644 54.38 -5.92 -41.52
N ARG A 645 54.62 -5.29 -40.37
CA ARG A 645 55.89 -4.58 -40.17
C ARG A 645 57.05 -5.54 -39.91
N ALA A 646 56.77 -6.78 -39.55
CA ALA A 646 57.81 -7.73 -39.22
C ALA A 646 58.13 -8.69 -40.36
N HIS A 647 57.42 -8.59 -41.47
CA HIS A 647 57.64 -9.47 -42.62
C HIS A 647 57.68 -8.63 -43.88
N THR A 648 58.43 -7.54 -43.85
CA THR A 648 58.38 -6.51 -44.88
C THR A 648 59.09 -6.91 -46.16
N GLN A 649 59.77 -8.04 -46.19
CA GLN A 649 60.38 -8.49 -47.43
C GLN A 649 59.79 -9.78 -47.96
N ASP A 650 58.91 -10.44 -47.20
CA ASP A 650 58.18 -11.57 -47.74
C ASP A 650 57.15 -11.17 -48.76
N TYR A 651 56.67 -9.93 -48.72
CA TYR A 651 55.55 -9.51 -49.54
C TYR A 651 55.88 -8.35 -50.45
N GLY A 652 57.13 -7.89 -50.47
CA GLY A 652 57.49 -6.78 -51.33
C GLY A 652 57.08 -5.43 -50.81
N LEU A 653 56.98 -5.29 -49.50
CA LEU A 653 56.62 -4.00 -48.92
C LEU A 653 57.85 -3.11 -48.87
N PRO A 654 57.70 -1.78 -48.79
CA PRO A 654 58.87 -0.92 -48.62
C PRO A 654 59.56 -1.16 -47.28
N GLU A 655 60.86 -0.89 -47.25
CA GLU A 655 61.66 -1.29 -46.10
C GLU A 655 61.40 -0.40 -44.88
N ASP A 656 60.98 0.83 -45.10
CA ASP A 656 60.64 1.73 -44.02
C ASP A 656 59.37 2.51 -44.34
N PHE A 657 58.24 1.98 -43.90
CA PHE A 657 57.00 2.70 -44.07
C PHE A 657 56.47 3.12 -42.71
N TYR A 658 57.13 2.67 -41.65
CA TYR A 658 56.70 3.00 -40.30
C TYR A 658 56.98 4.44 -39.94
N ASN A 659 57.80 5.15 -40.71
CA ASN A 659 58.06 6.56 -40.45
C ASN A 659 58.07 7.38 -41.73
N LYS A 660 57.57 6.81 -42.82
CA LYS A 660 57.50 7.53 -44.08
C LYS A 660 56.10 7.60 -44.68
N VAL A 661 55.17 6.76 -44.21
CA VAL A 661 53.87 6.61 -44.82
C VAL A 661 52.80 6.75 -43.75
N ASP A 662 51.83 7.62 -43.98
CA ASP A 662 50.61 7.65 -43.19
C ASP A 662 49.59 6.71 -43.80
N LEU A 663 48.85 6.02 -42.96
CA LEU A 663 47.80 5.11 -43.40
C LEU A 663 46.45 5.60 -42.91
N HIS A 664 45.40 5.28 -43.67
CA HIS A 664 44.05 5.70 -43.34
C HIS A 664 43.10 4.58 -43.68
N VAL A 665 42.49 3.98 -42.67
CA VAL A 665 41.56 2.87 -42.85
C VAL A 665 40.15 3.43 -42.72
N HIS A 666 39.37 3.30 -43.78
CA HIS A 666 38.00 3.78 -43.79
C HIS A 666 37.07 2.64 -44.12
N VAL A 667 36.00 2.50 -43.33
CA VAL A 667 35.00 1.46 -43.54
C VAL A 667 33.67 2.13 -43.85
N PRO A 668 33.31 2.28 -45.12
CA PRO A 668 32.06 2.93 -45.48
C PRO A 668 30.87 2.05 -45.15
N ASP A 669 29.74 2.68 -44.80
CA ASP A 669 29.55 4.13 -44.70
C ASP A 669 29.86 4.65 -43.30
N GLY A 670 29.94 5.98 -43.17
CA GLY A 670 30.34 6.54 -41.91
C GLY A 670 29.20 6.74 -40.94
N ALA A 671 27.99 6.39 -41.35
CA ALA A 671 26.81 6.64 -40.52
C ALA A 671 26.57 5.57 -39.48
N THR A 672 26.84 4.30 -39.78
CA THR A 672 26.45 3.22 -38.88
C THR A 672 27.66 2.69 -38.11
N PRO A 673 27.50 2.26 -36.82
CA PRO A 673 28.61 1.71 -36.05
C PRO A 673 29.04 0.27 -36.39
N LYS A 674 30.34 -0.03 -36.31
CA LYS A 674 30.87 -1.37 -36.67
C LYS A 674 31.81 -1.92 -35.58
N ASP A 675 31.67 -3.19 -35.17
CA ASP A 675 32.59 -3.84 -34.19
C ASP A 675 32.58 -5.34 -34.41
N GLY A 676 33.75 -5.72 -33.75
CA GLY A 676 34.09 -7.13 -33.47
C GLY A 676 35.42 -7.55 -34.05
N PRO A 677 35.92 -8.76 -33.77
CA PRO A 677 37.24 -9.13 -34.25
C PRO A 677 37.30 -9.85 -35.58
N SER A 678 36.22 -9.99 -36.34
CA SER A 678 36.18 -10.86 -37.54
C SER A 678 36.69 -10.25 -38.83
N ALA A 679 37.27 -9.07 -38.80
CA ALA A 679 37.66 -8.44 -40.06
C ALA A 679 39.17 -8.32 -40.17
N GLY A 680 39.93 -9.04 -39.37
CA GLY A 680 41.38 -8.95 -39.40
C GLY A 680 42.01 -9.42 -40.67
N ILE A 681 41.53 -10.49 -41.26
CA ILE A 681 42.15 -11.05 -42.47
C ILE A 681 41.83 -10.10 -43.62
N THR A 682 40.80 -9.28 -43.51
CA THR A 682 40.41 -8.34 -44.56
C THR A 682 41.25 -7.08 -44.48
N MET A 683 41.50 -6.61 -43.26
CA MET A 683 42.33 -5.43 -43.07
C MET A 683 43.77 -5.69 -43.42
N ALA A 684 44.26 -6.90 -43.14
CA ALA A 684 45.63 -7.26 -43.54
C ALA A 684 45.75 -7.30 -45.05
N THR A 685 44.75 -7.84 -45.74
CA THR A 685 44.78 -7.88 -47.20
C THR A 685 44.73 -6.48 -47.79
N ALA A 686 43.90 -5.61 -47.23
CA ALA A 686 43.80 -4.24 -47.72
C ALA A 686 45.08 -3.46 -47.50
N ILE A 687 45.67 -3.55 -46.30
CA ILE A 687 46.88 -2.79 -45.98
C ILE A 687 48.06 -3.29 -46.81
N ALA A 688 48.15 -4.60 -47.03
CA ALA A 688 49.21 -5.13 -47.87
C ALA A 688 49.03 -4.74 -49.33
N SER A 689 47.79 -4.65 -49.80
CA SER A 689 47.55 -4.20 -51.17
C SER A 689 47.90 -2.73 -51.33
N ALA A 690 47.63 -1.91 -50.32
CA ALA A 690 47.93 -0.49 -50.43
C ALA A 690 49.43 -0.24 -50.35
N LEU A 691 50.14 -0.99 -49.52
CA LEU A 691 51.56 -0.75 -49.40
C LEU A 691 52.35 -1.33 -50.56
N SER A 692 51.94 -2.49 -51.08
CA SER A 692 52.71 -3.12 -52.13
C SER A 692 52.28 -2.69 -53.52
N ARG A 693 51.26 -1.84 -53.63
CA ARG A 693 50.72 -1.30 -54.89
C ARG A 693 50.20 -2.41 -55.82
N ARG A 694 49.82 -3.54 -55.25
CA ARG A 694 49.32 -4.65 -56.03
C ARG A 694 47.81 -4.79 -55.84
N PRO A 695 47.06 -5.01 -56.91
CA PRO A 695 45.60 -5.03 -56.79
C PRO A 695 45.11 -6.27 -56.06
N ALA A 696 44.00 -6.12 -55.37
CA ALA A 696 43.37 -7.24 -54.67
C ALA A 696 42.10 -7.64 -55.39
N ARG A 697 41.88 -8.95 -55.46
CA ARG A 697 40.72 -9.50 -56.14
C ARG A 697 39.46 -9.23 -55.33
N MET A 698 38.44 -8.73 -56.00
CA MET A 698 37.21 -8.36 -55.32
C MET A 698 36.09 -9.36 -55.49
N ASP A 699 36.31 -10.46 -56.21
CA ASP A 699 35.31 -11.51 -56.34
C ASP A 699 35.46 -12.60 -55.28
N ILE A 700 36.24 -12.33 -54.24
CA ILE A 700 36.46 -13.28 -53.16
C ILE A 700 36.13 -12.56 -51.86
N ALA A 701 35.17 -13.09 -51.11
CA ALA A 701 34.85 -12.55 -49.79
C ALA A 701 35.61 -13.35 -48.74
N MET A 702 35.90 -12.71 -47.62
CA MET A 702 36.73 -13.37 -46.62
C MET A 702 36.31 -12.93 -45.23
N THR A 703 36.67 -13.74 -44.25
CA THR A 703 36.40 -13.48 -42.86
C THR A 703 37.36 -14.31 -42.03
N GLY A 704 37.66 -13.84 -40.84
CA GLY A 704 38.63 -14.50 -39.97
C GLY A 704 39.32 -13.53 -39.04
N GLU A 705 39.88 -14.07 -37.97
CA GLU A 705 40.45 -13.27 -36.90
C GLU A 705 41.95 -13.50 -36.85
N VAL A 706 42.71 -12.42 -36.94
CA VAL A 706 44.16 -12.50 -37.09
C VAL A 706 44.79 -12.33 -35.71
N SER A 707 45.94 -12.97 -35.53
CA SER A 707 46.74 -12.77 -34.33
C SER A 707 48.05 -12.11 -34.72
N LEU A 708 48.91 -11.95 -33.73
CA LEU A 708 50.15 -11.22 -33.96
C LEU A 708 51.20 -12.09 -34.64
N ARG A 709 51.11 -13.40 -34.50
CA ARG A 709 52.02 -14.32 -35.18
C ARG A 709 51.53 -14.68 -36.56
N GLY A 710 50.45 -14.07 -37.02
CA GLY A 710 49.90 -14.36 -38.33
C GLY A 710 49.18 -15.69 -38.39
N LYS A 711 48.27 -15.93 -37.46
CA LYS A 711 47.49 -17.16 -37.44
C LYS A 711 46.01 -16.80 -37.45
N VAL A 712 45.26 -17.47 -38.29
CA VAL A 712 43.84 -17.19 -38.46
C VAL A 712 43.08 -18.02 -37.44
N MET A 713 42.20 -17.36 -36.70
CA MET A 713 41.47 -17.95 -35.60
C MET A 713 39.97 -17.91 -35.89
N PRO A 714 39.19 -18.87 -35.39
CA PRO A 714 37.80 -18.99 -35.84
C PRO A 714 36.86 -17.90 -35.36
N ILE A 715 35.82 -17.69 -36.15
CA ILE A 715 34.87 -16.59 -35.96
C ILE A 715 33.47 -17.14 -35.84
N GLY A 716 32.51 -16.26 -35.59
CA GLY A 716 31.14 -16.66 -35.38
C GLY A 716 30.17 -16.11 -36.41
N GLY A 717 29.10 -16.84 -36.64
CA GLY A 717 28.08 -16.44 -37.58
C GLY A 717 28.34 -16.82 -39.01
N VAL A 718 28.76 -18.06 -39.27
CA VAL A 718 29.26 -18.41 -40.61
C VAL A 718 28.11 -18.54 -41.60
N LYS A 719 26.95 -19.01 -41.13
CA LYS A 719 25.83 -19.30 -42.02
C LYS A 719 25.25 -18.03 -42.64
N GLU A 720 25.02 -17.01 -41.82
CA GLU A 720 24.46 -15.76 -42.30
C GLU A 720 25.41 -15.04 -43.26
N LYS A 721 26.70 -15.05 -42.93
CA LYS A 721 27.72 -14.45 -43.78
C LYS A 721 27.80 -15.14 -45.14
N LEU A 722 27.76 -16.47 -45.16
CA LEU A 722 27.90 -17.15 -46.44
C LEU A 722 26.64 -17.05 -47.27
N LEU A 723 25.46 -16.98 -46.65
CA LEU A 723 24.26 -16.75 -47.43
C LEU A 723 24.23 -15.34 -48.01
N ALA A 724 24.70 -14.36 -47.24
CA ALA A 724 24.77 -13.00 -47.76
C ALA A 724 25.78 -12.86 -48.88
N ALA A 725 26.88 -13.61 -48.81
CA ALA A 725 27.83 -13.58 -49.91
C ALA A 725 27.30 -14.32 -51.13
N HIS A 726 26.48 -15.35 -50.93
CA HIS A 726 25.90 -16.05 -52.07
C HIS A 726 24.82 -15.23 -52.76
N GLN A 727 24.08 -14.41 -52.02
CA GLN A 727 23.02 -13.62 -52.64
C GLN A 727 23.60 -12.48 -53.48
N ALA A 728 24.73 -11.91 -53.05
CA ALA A 728 25.33 -10.82 -53.79
C ALA A 728 26.03 -11.30 -55.06
N GLY A 729 26.32 -12.59 -55.16
CA GLY A 729 26.91 -13.12 -56.37
C GLY A 729 28.36 -13.48 -56.26
N ILE A 730 28.86 -13.75 -55.06
CA ILE A 730 30.25 -14.11 -54.83
C ILE A 730 30.32 -15.61 -54.62
N HIS A 731 31.19 -16.28 -55.35
CA HIS A 731 31.26 -17.73 -55.31
C HIS A 731 32.59 -18.26 -54.80
N LYS A 732 33.42 -17.41 -54.20
CA LYS A 732 34.70 -17.82 -53.65
C LYS A 732 34.81 -17.24 -52.26
N ILE A 733 35.21 -18.08 -51.29
CA ILE A 733 35.23 -17.72 -49.88
C ILE A 733 36.57 -18.15 -49.30
N VAL A 734 37.17 -17.27 -48.49
CA VAL A 734 38.28 -17.64 -47.61
C VAL A 734 37.72 -17.74 -46.20
N LEU A 735 38.04 -18.82 -45.50
CA LEU A 735 37.42 -19.13 -44.22
C LEU A 735 38.44 -19.83 -43.34
N PRO A 736 38.39 -19.65 -42.02
CA PRO A 736 39.32 -20.36 -41.14
C PRO A 736 39.12 -21.87 -41.17
N LYS A 737 40.19 -22.57 -40.80
CA LYS A 737 40.16 -24.03 -40.77
C LYS A 737 39.24 -24.55 -39.69
N ASP A 738 39.17 -23.86 -38.57
CA ASP A 738 38.39 -24.33 -37.43
C ASP A 738 36.90 -24.08 -37.56
N ASN A 739 36.45 -23.35 -38.57
CA ASN A 739 35.02 -23.15 -38.79
C ASN A 739 34.41 -24.17 -39.72
N GLU A 740 35.17 -25.21 -40.08
CA GLU A 740 34.70 -26.22 -41.03
C GLU A 740 33.47 -26.95 -40.51
N ALA A 741 33.40 -27.19 -39.20
CA ALA A 741 32.24 -27.84 -38.60
C ALA A 741 30.97 -27.01 -38.70
N GLN A 742 31.08 -25.70 -38.92
CA GLN A 742 29.87 -24.92 -39.13
C GLN A 742 29.40 -24.93 -40.58
N LEU A 743 30.06 -25.66 -41.47
CA LEU A 743 29.60 -25.73 -42.85
C LEU A 743 28.42 -26.67 -43.05
N GLU A 744 28.03 -27.42 -42.03
CA GLU A 744 26.91 -28.35 -42.16
C GLU A 744 25.56 -27.68 -41.94
N GLU A 745 25.55 -26.41 -41.55
CA GLU A 745 24.31 -25.67 -41.37
C GLU A 745 23.77 -25.12 -42.68
N LEU A 746 24.57 -25.06 -43.71
CA LEU A 746 24.13 -24.45 -44.95
C LEU A 746 23.27 -25.42 -45.74
N PRO A 747 22.35 -24.91 -46.57
CA PRO A 747 21.60 -25.79 -47.48
C PRO A 747 22.49 -26.44 -48.54
N LYS A 748 22.01 -27.50 -49.15
CA LYS A 748 22.85 -28.29 -50.05
C LYS A 748 23.08 -27.61 -51.39
N GLU A 749 22.18 -26.76 -51.84
CA GLU A 749 22.38 -26.06 -53.11
C GLU A 749 23.30 -24.85 -52.98
N VAL A 750 23.55 -24.38 -51.77
CA VAL A 750 24.47 -23.26 -51.59
C VAL A 750 25.91 -23.74 -51.53
N LEU A 751 26.16 -24.87 -50.84
CA LEU A 751 27.51 -25.44 -50.78
C LEU A 751 27.99 -25.92 -52.13
N GLU A 752 27.09 -26.31 -53.03
CA GLU A 752 27.54 -26.70 -54.36
C GLU A 752 27.91 -25.49 -55.21
N GLY A 753 27.41 -24.31 -54.87
CA GLY A 753 27.75 -23.13 -55.63
C GLY A 753 29.01 -22.43 -55.18
N LEU A 754 29.31 -22.49 -53.89
CA LEU A 754 30.48 -21.86 -53.31
C LEU A 754 31.65 -22.83 -53.34
N GLU A 755 32.85 -22.28 -53.53
CA GLU A 755 34.07 -23.05 -53.31
C GLU A 755 34.81 -22.41 -52.14
N ILE A 756 35.07 -23.20 -51.11
CA ILE A 756 35.61 -22.70 -49.86
C ILE A 756 37.10 -23.00 -49.85
N LYS A 757 37.89 -22.06 -49.35
CA LYS A 757 39.32 -22.29 -49.14
C LYS A 757 39.61 -22.12 -47.66
N LEU A 758 40.12 -23.17 -47.04
CA LEU A 758 40.30 -23.23 -45.60
C LEU A 758 41.76 -22.94 -45.28
N VAL A 759 42.01 -21.87 -44.53
CA VAL A 759 43.36 -21.37 -44.30
C VAL A 759 43.70 -21.48 -42.83
N GLU A 760 45.01 -21.40 -42.54
CA GLU A 760 45.50 -21.39 -41.18
C GLU A 760 46.41 -20.21 -40.87
N ASP A 761 46.96 -19.53 -41.87
CA ASP A 761 47.84 -18.40 -41.66
C ASP A 761 47.62 -17.36 -42.74
N VAL A 762 48.18 -16.17 -42.50
CA VAL A 762 47.91 -15.02 -43.35
C VAL A 762 48.66 -15.12 -44.68
N GLY A 763 49.75 -15.89 -44.71
CA GLY A 763 50.55 -15.97 -45.92
C GLY A 763 49.84 -16.64 -47.07
N GLU A 764 49.04 -17.67 -46.77
CA GLU A 764 48.22 -18.32 -47.78
C GLU A 764 47.16 -17.36 -48.33
N VAL A 765 46.59 -16.54 -47.46
CA VAL A 765 45.55 -15.61 -47.87
C VAL A 765 46.13 -14.51 -48.77
N LEU A 766 47.29 -13.97 -48.40
CA LEU A 766 47.90 -12.96 -49.25
C LEU A 766 48.45 -13.55 -50.54
N GLU A 767 48.85 -14.82 -50.53
CA GLU A 767 49.25 -15.47 -51.77
C GLU A 767 48.07 -15.73 -52.68
N TYR A 768 46.88 -15.90 -52.13
CA TYR A 768 45.70 -16.19 -52.94
C TYR A 768 44.94 -14.95 -53.38
N LEU A 769 45.03 -13.84 -52.65
CA LEU A 769 44.24 -12.65 -52.95
C LEU A 769 44.91 -11.66 -53.87
N LEU A 770 46.21 -11.45 -53.73
CA LEU A 770 46.87 -10.34 -54.41
C LEU A 770 47.31 -10.75 -55.81
N LEU A 771 47.12 -9.85 -56.78
CA LEU A 771 47.63 -10.11 -58.11
C LEU A 771 49.14 -9.90 -58.15
N PRO A 772 49.87 -10.75 -58.84
CA PRO A 772 51.33 -10.72 -58.70
C PRO A 772 52.05 -9.71 -59.59
N GLU A 773 51.57 -8.47 -59.64
CA GLU A 773 52.24 -7.42 -60.40
C GLU A 773 51.91 -6.06 -59.79
N PRO A 774 52.88 -5.15 -59.68
CA PRO A 774 52.57 -3.78 -59.27
C PRO A 774 52.07 -2.98 -60.47
N THR A 775 50.98 -2.25 -60.25
CA THR A 775 50.43 -1.42 -61.32
C THR A 775 50.66 0.07 -61.10
N MET A 776 50.78 0.50 -59.85
CA MET A 776 50.95 1.91 -59.52
C MET A 776 52.40 2.17 -59.11
N PRO A 777 52.88 3.40 -59.29
CA PRO A 777 54.21 3.75 -58.78
C PRO A 777 54.23 3.74 -57.26
N PRO A 778 55.40 3.56 -56.64
CA PRO A 778 55.47 3.47 -55.18
C PRO A 778 55.11 4.79 -54.50
N VAL A 779 54.71 4.70 -53.23
CA VAL A 779 54.30 5.87 -52.48
C VAL A 779 55.50 6.76 -52.16
N VAL A 780 56.65 6.17 -51.85
CA VAL A 780 57.83 6.94 -51.51
C VAL A 780 58.94 6.68 -52.52
N ARG B 2 -18.54 -18.05 92.33
CA ARG B 2 -19.60 -19.05 92.34
C ARG B 2 -19.01 -20.44 92.11
N LEU B 3 -19.42 -21.11 91.04
CA LEU B 3 -18.87 -22.42 90.72
C LEU B 3 -18.64 -22.52 89.21
N GLU B 4 -18.24 -23.72 88.78
CA GLU B 4 -17.82 -24.01 87.40
C GLU B 4 -19.02 -23.89 86.47
N LEU B 5 -18.94 -22.92 85.55
CA LEU B 5 -20.03 -22.66 84.62
C LEU B 5 -19.66 -23.11 83.21
N PRO B 6 -20.39 -24.06 82.64
CA PRO B 6 -20.02 -24.59 81.32
C PRO B 6 -20.46 -23.69 80.18
N VAL B 7 -20.02 -24.06 78.99
CA VAL B 7 -20.31 -23.33 77.75
C VAL B 7 -21.05 -24.27 76.81
N ILE B 8 -22.22 -23.84 76.33
CA ILE B 8 -22.99 -24.61 75.36
C ILE B 8 -23.04 -23.83 74.05
N PRO B 9 -22.65 -24.42 72.93
CA PRO B 9 -22.62 -23.69 71.66
C PRO B 9 -24.01 -23.50 71.06
N LEU B 10 -24.05 -22.66 70.03
CA LEU B 10 -25.31 -22.35 69.35
C LEU B 10 -25.34 -22.81 67.90
N ARG B 11 -26.54 -22.75 67.33
CA ARG B 11 -26.81 -22.95 65.91
C ARG B 11 -26.64 -21.62 65.18
N ASN B 12 -27.18 -21.50 63.97
CA ASN B 12 -27.27 -20.21 63.29
C ASN B 12 -28.41 -19.34 63.82
N THR B 13 -29.19 -19.85 64.77
CA THR B 13 -30.37 -19.16 65.28
C THR B 13 -30.11 -18.76 66.72
N VAL B 14 -30.15 -17.46 66.99
CA VAL B 14 -29.88 -16.92 68.31
C VAL B 14 -31.16 -16.99 69.12
N ILE B 15 -31.01 -17.07 70.44
CA ILE B 15 -32.12 -16.97 71.37
C ILE B 15 -31.94 -15.68 72.16
N LEU B 16 -32.99 -14.87 72.19
CA LEU B 16 -33.08 -13.56 72.77
C LEU B 16 -34.08 -13.60 73.93
N PRO B 17 -34.27 -12.50 74.71
CA PRO B 17 -35.38 -12.49 75.67
C PRO B 17 -36.77 -12.73 75.05
N HIS B 18 -37.63 -13.36 75.86
CA HIS B 18 -39.01 -13.80 75.52
C HIS B 18 -39.08 -14.67 74.25
N THR B 19 -38.01 -15.36 73.89
CA THR B 19 -38.01 -16.24 72.73
C THR B 19 -38.28 -17.67 73.18
N THR B 20 -39.47 -18.18 72.89
CA THR B 20 -39.83 -19.55 73.21
C THR B 20 -39.56 -20.43 72.00
N THR B 21 -38.45 -21.16 72.04
CA THR B 21 -38.04 -22.03 70.94
C THR B 21 -37.32 -23.25 71.52
N PRO B 22 -37.71 -24.46 71.13
CA PRO B 22 -37.02 -25.65 71.62
C PRO B 22 -35.62 -25.78 71.04
N VAL B 23 -34.67 -26.12 71.92
CA VAL B 23 -33.25 -26.18 71.58
C VAL B 23 -32.95 -27.60 71.13
N ASP B 24 -32.02 -27.74 70.19
CA ASP B 24 -31.64 -29.03 69.63
C ASP B 24 -30.23 -29.35 70.13
N VAL B 25 -30.14 -29.93 71.32
CA VAL B 25 -28.87 -30.44 71.83
C VAL B 25 -28.90 -31.95 71.66
N GLY B 26 -28.45 -32.42 70.51
CA GLY B 26 -28.21 -33.83 70.28
C GLY B 26 -26.71 -34.01 70.14
N ARG B 27 -25.98 -32.96 70.46
CA ARG B 27 -24.53 -32.94 70.29
C ARG B 27 -23.87 -33.73 71.41
N ALA B 28 -22.87 -34.54 71.02
CA ALA B 28 -22.34 -35.55 71.92
C ALA B 28 -21.40 -34.97 72.97
N LYS B 29 -20.90 -33.74 72.78
CA LYS B 29 -20.08 -33.09 73.80
C LYS B 29 -20.81 -31.97 74.50
N SER B 30 -22.06 -31.68 74.10
CA SER B 30 -22.84 -30.60 74.68
C SER B 30 -23.85 -31.06 75.72
N LYS B 31 -24.20 -32.35 75.74
CA LYS B 31 -25.13 -32.84 76.75
C LYS B 31 -24.49 -32.89 78.13
N ARG B 32 -23.19 -33.19 78.19
CA ARG B 32 -22.46 -33.11 79.46
C ARG B 32 -22.36 -31.66 79.93
N ALA B 33 -22.30 -30.72 78.99
CA ALA B 33 -22.34 -29.30 79.35
C ALA B 33 -23.72 -28.91 79.88
N VAL B 34 -24.80 -29.52 79.36
CA VAL B 34 -26.13 -29.28 79.90
C VAL B 34 -26.25 -29.85 81.31
N GLU B 35 -25.67 -31.04 81.53
CA GLU B 35 -25.65 -31.64 82.86
C GLU B 35 -24.81 -30.84 83.86
N GLU B 36 -23.70 -30.25 83.41
CA GLU B 36 -22.91 -29.37 84.26
C GLU B 36 -23.65 -28.05 84.51
N ALA B 37 -24.42 -27.58 83.53
CA ALA B 37 -25.19 -26.35 83.71
C ALA B 37 -26.35 -26.53 84.68
N MET B 38 -26.98 -27.70 84.67
CA MET B 38 -28.03 -27.99 85.65
C MET B 38 -27.46 -28.16 87.05
N GLY B 39 -26.18 -28.52 87.17
CA GLY B 39 -25.50 -28.54 88.45
C GLY B 39 -24.66 -27.30 88.67
N ALA B 40 -24.90 -26.29 87.83
CA ALA B 40 -24.17 -25.03 87.84
C ALA B 40 -25.09 -23.82 87.95
N ASP B 41 -25.97 -23.80 88.96
CA ASP B 41 -26.94 -22.76 89.30
C ASP B 41 -28.08 -22.70 88.29
N ARG B 42 -28.23 -23.78 87.50
CA ARG B 42 -29.37 -24.06 86.62
C ARG B 42 -29.62 -22.94 85.62
N LEU B 43 -28.68 -22.73 84.70
CA LEU B 43 -28.84 -21.80 83.58
C LEU B 43 -27.96 -22.28 82.44
N ILE B 44 -28.47 -22.15 81.21
CA ILE B 44 -27.73 -22.57 80.02
C ILE B 44 -26.99 -21.36 79.47
N PHE B 45 -25.69 -21.50 79.28
CA PHE B 45 -24.84 -20.45 78.71
C PHE B 45 -24.73 -20.71 77.21
N LEU B 46 -25.24 -19.76 76.43
CA LEU B 46 -25.26 -19.88 74.98
C LEU B 46 -24.48 -18.71 74.40
N VAL B 47 -23.35 -19.01 73.75
CA VAL B 47 -22.58 -18.01 73.03
C VAL B 47 -22.77 -18.29 71.55
N ALA B 48 -22.71 -17.25 70.74
CA ALA B 48 -23.12 -17.36 69.34
C ALA B 48 -22.10 -18.10 68.50
N GLN B 49 -22.55 -19.16 67.82
CA GLN B 49 -21.73 -19.94 66.92
C GLN B 49 -22.41 -19.94 65.56
N ARG B 50 -21.75 -20.53 64.58
CA ARG B 50 -22.42 -20.86 63.33
C ARG B 50 -22.93 -22.31 63.39
N ASP B 51 -23.23 -22.87 62.21
CA ASP B 51 -24.10 -24.04 62.05
C ASP B 51 -23.56 -25.27 62.80
N PRO B 52 -24.44 -26.25 63.15
CA PRO B 52 -23.96 -27.44 63.91
C PRO B 52 -22.92 -28.29 63.19
N GLU B 53 -21.73 -28.31 63.77
CA GLU B 53 -20.66 -29.17 63.28
C GLU B 53 -20.29 -30.21 64.34
N VAL B 54 -19.33 -31.05 63.99
CA VAL B 54 -18.94 -32.21 64.78
C VAL B 54 -18.16 -31.70 66.00
N ASP B 55 -17.87 -32.59 66.96
CA ASP B 55 -17.33 -32.23 68.27
C ASP B 55 -15.88 -31.76 68.21
N ASP B 56 -15.62 -30.61 67.59
CA ASP B 56 -14.29 -30.00 67.59
C ASP B 56 -14.48 -28.49 67.56
N PRO B 57 -14.49 -27.83 68.72
CA PRO B 57 -14.77 -26.39 68.75
C PRO B 57 -13.64 -25.54 68.18
N ALA B 58 -13.93 -24.92 67.03
CA ALA B 58 -13.03 -23.95 66.45
C ALA B 58 -13.12 -22.64 67.22
N PRO B 59 -11.99 -22.01 67.52
CA PRO B 59 -11.96 -20.87 68.45
C PRO B 59 -12.39 -19.53 67.87
N ASP B 60 -12.54 -19.41 66.55
CA ASP B 60 -12.83 -18.11 65.95
C ASP B 60 -14.32 -17.83 65.77
N ASP B 61 -15.17 -18.86 65.78
CA ASP B 61 -16.60 -18.65 65.90
C ASP B 61 -17.01 -18.19 67.29
N LEU B 62 -16.16 -18.40 68.29
CA LEU B 62 -16.38 -17.85 69.61
C LEU B 62 -15.95 -16.39 69.63
N TYR B 63 -16.91 -15.48 69.68
CA TYR B 63 -16.56 -14.08 69.90
C TYR B 63 -17.04 -13.62 71.28
N THR B 64 -16.89 -12.33 71.54
CA THR B 64 -16.92 -11.79 72.90
C THR B 64 -18.30 -11.71 73.53
N TRP B 65 -19.37 -12.13 72.87
CA TRP B 65 -20.70 -11.89 73.41
C TRP B 65 -21.53 -13.16 73.38
N GLY B 66 -22.37 -13.35 74.41
CA GLY B 66 -23.29 -14.45 74.49
C GLY B 66 -24.65 -14.02 75.02
N VAL B 67 -25.52 -15.02 75.20
CA VAL B 67 -26.84 -14.81 75.78
C VAL B 67 -27.03 -15.78 76.93
N GLN B 68 -28.05 -15.50 77.75
CA GLN B 68 -28.41 -16.34 78.89
C GLN B 68 -29.68 -17.10 78.57
N ALA B 69 -29.73 -18.36 78.99
CA ALA B 69 -30.93 -19.16 78.95
C ALA B 69 -31.12 -19.85 80.30
N VAL B 70 -32.37 -19.94 80.73
CA VAL B 70 -32.71 -20.57 81.99
C VAL B 70 -33.44 -21.87 81.69
N VAL B 71 -33.46 -22.76 82.68
CA VAL B 71 -34.10 -24.06 82.52
C VAL B 71 -35.41 -24.04 83.30
N LYS B 72 -36.53 -24.10 82.57
CA LYS B 72 -37.85 -24.05 83.18
C LYS B 72 -38.61 -25.37 83.07
N GLN B 73 -38.44 -26.09 81.96
CA GLN B 73 -39.15 -27.35 81.75
C GLN B 73 -38.14 -28.44 81.42
N ALA B 74 -37.93 -29.37 82.36
CA ALA B 74 -37.01 -30.49 82.17
C ALA B 74 -37.82 -31.74 81.83
N MET B 75 -38.27 -31.81 80.59
CA MET B 75 -39.05 -32.95 80.11
C MET B 75 -38.19 -33.84 79.21
N ARG B 76 -37.91 -35.05 79.69
CA ARG B 76 -36.99 -35.98 79.01
C ARG B 76 -37.64 -36.45 77.71
N LEU B 77 -37.32 -35.78 76.61
CA LEU B 77 -37.80 -36.22 75.31
C LEU B 77 -36.70 -36.99 74.57
N PRO B 78 -36.98 -38.19 74.08
CA PRO B 78 -35.93 -39.02 73.48
C PRO B 78 -35.57 -38.65 72.04
N ASP B 79 -36.15 -37.60 71.47
CA ASP B 79 -35.83 -37.26 70.09
C ASP B 79 -34.58 -36.39 69.99
N GLY B 80 -34.06 -35.91 71.11
CA GLY B 80 -32.95 -34.99 71.11
C GLY B 80 -33.33 -33.53 71.13
N THR B 81 -34.63 -33.22 71.05
CA THR B 81 -35.14 -31.87 71.12
C THR B 81 -35.96 -31.72 72.40
N LEU B 82 -35.54 -30.82 73.28
CA LEU B 82 -36.16 -30.64 74.59
C LEU B 82 -36.69 -29.21 74.63
N GLN B 83 -38.01 -29.08 74.73
CA GLN B 83 -38.65 -27.76 74.76
C GLN B 83 -38.34 -27.08 76.09
N VAL B 84 -37.57 -25.99 76.02
CA VAL B 84 -37.18 -25.24 77.21
C VAL B 84 -37.76 -23.84 77.05
N MET B 85 -38.66 -23.47 77.96
CA MET B 85 -39.00 -22.07 78.13
C MET B 85 -37.80 -21.36 78.74
N VAL B 86 -37.34 -20.29 78.10
CA VAL B 86 -36.16 -19.58 78.56
C VAL B 86 -36.55 -18.14 78.88
N GLU B 87 -35.63 -17.44 79.53
CA GLU B 87 -35.82 -16.03 79.88
C GLU B 87 -34.44 -15.44 80.11
N ALA B 88 -34.07 -14.45 79.30
CA ALA B 88 -32.88 -13.66 79.57
C ALA B 88 -33.29 -12.33 80.19
N ARG B 89 -32.77 -12.06 81.39
CA ARG B 89 -33.00 -10.76 82.03
C ARG B 89 -32.34 -9.65 81.22
N ALA B 90 -31.09 -9.86 80.82
CA ALA B 90 -30.42 -9.04 79.82
C ALA B 90 -29.37 -9.93 79.14
N ARG B 91 -28.49 -9.32 78.35
CA ARG B 91 -27.45 -10.04 77.64
C ARG B 91 -26.10 -9.77 78.26
N ALA B 92 -25.36 -10.86 78.50
CA ALA B 92 -23.99 -10.78 78.99
C ALA B 92 -23.29 -12.07 78.58
N GLN B 93 -22.03 -12.19 78.97
CA GLN B 93 -21.17 -13.26 78.49
C GLN B 93 -20.28 -13.76 79.62
N VAL B 94 -19.54 -14.82 79.30
CA VAL B 94 -18.34 -15.21 80.03
C VAL B 94 -17.20 -14.38 79.48
N THR B 95 -16.57 -13.60 80.34
CA THR B 95 -15.65 -12.57 79.88
C THR B 95 -14.24 -13.08 79.66
N ASP B 96 -13.57 -13.58 80.69
CA ASP B 96 -12.17 -13.96 80.62
C ASP B 96 -12.07 -15.41 80.16
N TYR B 97 -11.04 -15.70 79.36
CA TYR B 97 -10.92 -16.96 78.63
C TYR B 97 -9.63 -17.67 79.01
N ILE B 98 -9.77 -18.80 79.69
CA ILE B 98 -8.68 -19.69 80.06
C ILE B 98 -8.61 -20.78 79.00
N PRO B 99 -7.43 -21.07 78.43
CA PRO B 99 -7.37 -22.02 77.32
C PRO B 99 -7.57 -23.46 77.75
N GLY B 100 -8.25 -24.22 76.89
CA GLY B 100 -8.48 -25.63 77.10
C GLY B 100 -7.32 -26.47 76.60
N PRO B 101 -7.61 -27.70 76.12
CA PRO B 101 -8.89 -28.39 76.01
C PRO B 101 -9.37 -29.03 77.33
N TYR B 102 -10.67 -29.16 77.57
CA TYR B 102 -11.73 -28.75 76.65
C TYR B 102 -12.28 -27.36 76.98
N LEU B 103 -13.38 -27.01 76.33
CA LEU B 103 -13.86 -25.64 76.34
C LEU B 103 -14.46 -25.26 77.70
N ARG B 104 -13.66 -24.57 78.50
CA ARG B 104 -14.07 -24.08 79.81
C ARG B 104 -13.18 -22.90 80.19
N ALA B 105 -13.83 -21.84 80.66
CA ALA B 105 -13.16 -20.57 80.92
C ALA B 105 -13.86 -19.88 82.08
N ARG B 106 -13.12 -19.03 82.78
CA ARG B 106 -13.66 -18.36 83.95
C ARG B 106 -13.89 -16.88 83.69
N GLY B 107 -15.15 -16.51 83.47
CA GLY B 107 -15.57 -15.13 83.42
C GLY B 107 -16.31 -14.72 84.67
N GLU B 108 -16.81 -13.48 84.66
CA GLU B 108 -17.34 -12.85 85.85
C GLU B 108 -18.38 -11.79 85.48
N VAL B 109 -18.59 -10.90 86.44
CA VAL B 109 -19.83 -10.18 86.74
C VAL B 109 -20.33 -9.37 85.55
N PHE B 110 -21.65 -9.21 85.50
CA PHE B 110 -22.52 -8.66 84.47
C PHE B 110 -22.01 -7.41 83.75
N SER B 111 -22.26 -7.34 82.43
CA SER B 111 -21.81 -6.25 81.56
C SER B 111 -22.99 -5.75 80.74
N GLU B 112 -23.32 -4.47 80.89
CA GLU B 112 -24.59 -3.97 80.36
C GLU B 112 -24.47 -2.51 79.96
N ILE B 113 -25.61 -1.96 79.50
CA ILE B 113 -25.80 -0.53 79.31
C ILE B 113 -27.07 -0.12 80.05
N PHE B 114 -27.08 1.11 80.59
CA PHE B 114 -28.22 1.65 81.32
C PHE B 114 -28.99 2.66 80.47
N PRO B 115 -30.32 2.61 80.48
CA PRO B 115 -31.13 3.47 79.59
C PRO B 115 -31.08 4.93 80.01
N ILE B 116 -30.49 5.76 79.16
CA ILE B 116 -30.39 7.20 79.36
C ILE B 116 -31.06 7.85 78.14
N ASP B 117 -31.50 9.11 78.28
CA ASP B 117 -31.98 9.98 77.20
C ASP B 117 -33.21 9.41 76.49
N GLU B 118 -34.34 9.37 77.20
CA GLU B 118 -35.57 8.75 76.70
C GLU B 118 -36.18 9.48 75.51
N ALA B 119 -35.80 10.73 75.24
CA ALA B 119 -36.39 11.48 74.12
C ALA B 119 -35.94 10.93 72.78
N VAL B 120 -34.64 10.62 72.66
CA VAL B 120 -34.14 10.00 71.45
C VAL B 120 -34.65 8.56 71.35
N VAL B 121 -34.94 7.93 72.50
CA VAL B 121 -35.59 6.62 72.50
C VAL B 121 -37.00 6.72 71.92
N ARG B 122 -37.71 7.80 72.24
CA ARG B 122 -39.05 8.02 71.69
C ARG B 122 -39.00 8.29 70.18
N VAL B 123 -38.03 9.09 69.74
CA VAL B 123 -37.89 9.37 68.30
C VAL B 123 -37.48 8.10 67.54
N LEU B 124 -36.54 7.33 68.11
CA LEU B 124 -36.13 6.06 67.54
C LEU B 124 -37.26 5.04 67.51
N VAL B 125 -38.11 5.00 68.54
CA VAL B 125 -39.16 3.99 68.56
C VAL B 125 -40.28 4.37 67.60
N GLU B 126 -40.50 5.67 67.38
CA GLU B 126 -41.42 6.09 66.32
C GLU B 126 -40.88 5.71 64.95
N GLU B 127 -39.58 5.94 64.72
CA GLU B 127 -38.96 5.59 63.43
C GLU B 127 -39.02 4.09 63.18
N LEU B 128 -38.63 3.28 64.15
CA LEU B 128 -38.68 1.82 63.96
C LEU B 128 -40.10 1.31 63.96
N LYS B 129 -41.03 2.06 64.58
CA LYS B 129 -42.45 1.71 64.56
C LYS B 129 -42.99 1.74 63.13
N GLU B 130 -42.85 2.90 62.48
CA GLU B 130 -43.25 3.01 61.08
C GLU B 130 -42.38 2.13 60.19
N ALA B 131 -41.15 1.86 60.61
CA ALA B 131 -40.22 1.10 59.81
C ALA B 131 -40.55 -0.40 59.80
N PHE B 132 -41.07 -0.94 60.91
CA PHE B 132 -41.50 -2.34 60.82
C PHE B 132 -42.86 -2.43 60.17
N GLU B 133 -43.75 -1.46 60.39
CA GLU B 133 -45.09 -1.62 59.83
C GLU B 133 -45.11 -1.29 58.33
N LYS B 134 -44.06 -0.65 57.81
CA LYS B 134 -43.96 -0.56 56.35
C LYS B 134 -43.41 -1.84 55.73
N TYR B 135 -42.59 -2.60 56.46
CA TYR B 135 -41.96 -3.77 55.85
C TYR B 135 -42.78 -5.03 56.11
N VAL B 136 -43.74 -4.96 57.03
CA VAL B 136 -44.70 -6.06 57.14
C VAL B 136 -45.66 -6.06 55.95
N ALA B 137 -45.77 -4.92 55.25
CA ALA B 137 -46.57 -4.85 54.04
C ALA B 137 -45.82 -5.40 52.83
N ASN B 138 -44.53 -5.71 52.98
CA ASN B 138 -43.72 -6.16 51.86
C ASN B 138 -43.80 -7.66 51.62
N HIS B 139 -43.57 -8.47 52.65
CA HIS B 139 -43.42 -9.92 52.48
C HIS B 139 -44.33 -10.69 53.44
N LYS B 140 -44.18 -12.02 53.42
CA LYS B 140 -45.05 -12.97 54.08
C LYS B 140 -44.76 -13.20 55.55
N SER B 141 -43.71 -12.57 56.09
CA SER B 141 -43.23 -12.94 57.43
C SER B 141 -44.09 -12.38 58.54
N LEU B 142 -45.33 -12.86 58.69
CA LEU B 142 -46.10 -12.52 59.89
C LEU B 142 -45.51 -13.20 61.12
N ARG B 143 -45.31 -14.52 61.05
CA ARG B 143 -44.56 -15.35 61.99
C ARG B 143 -45.07 -15.30 63.43
N LEU B 144 -46.34 -14.97 63.64
CA LEU B 144 -46.91 -14.84 64.98
C LEU B 144 -48.19 -15.67 65.05
N ASP B 145 -48.25 -16.56 66.05
CA ASP B 145 -49.44 -17.37 66.27
C ASP B 145 -50.55 -16.52 66.87
N ARG B 146 -51.79 -16.98 66.70
CA ARG B 146 -52.98 -16.23 67.06
C ARG B 146 -53.16 -16.25 68.57
N TYR B 147 -52.49 -15.34 69.26
CA TYR B 147 -52.84 -14.98 70.63
C TYR B 147 -52.65 -13.48 70.83
N GLN B 148 -52.18 -12.80 69.77
CA GLN B 148 -51.95 -11.36 69.78
C GLN B 148 -52.71 -10.76 68.61
N LEU B 149 -53.96 -10.34 68.84
CA LEU B 149 -54.74 -9.75 67.76
C LEU B 149 -55.27 -8.37 68.10
N GLU B 150 -55.00 -7.88 69.30
CA GLU B 150 -55.25 -6.47 69.59
C GLU B 150 -54.14 -5.86 70.44
N ALA B 151 -53.10 -6.63 70.73
CA ALA B 151 -52.02 -6.19 71.62
C ALA B 151 -50.67 -6.12 70.92
N VAL B 152 -50.66 -5.99 69.59
CA VAL B 152 -49.42 -5.92 68.84
C VAL B 152 -48.77 -4.53 68.88
N LYS B 153 -49.49 -3.52 69.38
CA LYS B 153 -49.01 -2.15 69.36
C LYS B 153 -48.66 -1.61 70.74
N GLY B 154 -48.82 -2.42 71.80
CA GLY B 154 -48.89 -1.92 73.15
C GLY B 154 -47.68 -2.09 74.06
N THR B 155 -46.46 -2.11 73.54
CA THR B 155 -45.26 -2.09 74.37
C THR B 155 -44.16 -1.29 73.68
N SER B 156 -43.55 -0.36 74.42
CA SER B 156 -42.56 0.56 73.85
C SER B 156 -41.31 0.63 74.71
N ASP B 157 -40.74 -0.53 75.03
CA ASP B 157 -39.48 -0.62 75.78
C ASP B 157 -38.32 -0.86 74.81
N PRO B 158 -37.12 -0.35 75.09
CA PRO B 158 -36.06 -0.36 74.06
C PRO B 158 -35.45 -1.72 73.77
N ALA B 159 -35.11 -2.49 74.80
CA ALA B 159 -34.37 -3.74 74.60
C ALA B 159 -35.25 -4.80 73.94
N MET B 160 -36.52 -4.85 74.32
CA MET B 160 -37.44 -5.84 73.75
C MET B 160 -37.73 -5.53 72.29
N LEU B 161 -37.88 -4.25 71.95
CA LEU B 161 -38.14 -3.91 70.56
C LEU B 161 -36.90 -4.07 69.70
N ALA B 162 -35.72 -3.82 70.28
CA ALA B 162 -34.46 -4.13 69.59
C ALA B 162 -34.33 -5.62 69.33
N ASP B 163 -34.72 -6.45 70.30
CA ASP B 163 -34.72 -7.89 70.10
C ASP B 163 -36.04 -8.44 69.57
N THR B 164 -36.89 -7.61 68.97
CA THR B 164 -37.94 -8.13 68.09
C THR B 164 -37.82 -7.67 66.65
N ILE B 165 -37.49 -6.39 66.41
CA ILE B 165 -37.41 -5.89 65.04
C ILE B 165 -36.22 -6.50 64.31
N ALA B 166 -35.08 -6.61 64.97
CA ALA B 166 -33.97 -7.38 64.41
C ALA B 166 -34.23 -8.88 64.41
N TYR B 167 -35.03 -9.37 65.36
CA TYR B 167 -35.27 -10.79 65.56
C TYR B 167 -36.16 -11.43 64.51
N HIS B 168 -37.39 -10.92 64.31
CA HIS B 168 -38.28 -11.53 63.33
C HIS B 168 -37.83 -11.23 61.90
N ALA B 169 -37.00 -10.22 61.72
CA ALA B 169 -36.43 -9.94 60.42
C ALA B 169 -35.38 -10.99 60.08
N THR B 170 -35.53 -11.59 58.89
CA THR B 170 -34.61 -12.58 58.38
C THR B 170 -33.49 -11.86 57.65
N TRP B 171 -32.28 -12.00 58.16
CA TRP B 171 -31.12 -11.30 57.62
C TRP B 171 -30.15 -12.35 57.12
N THR B 172 -28.98 -11.90 56.68
CA THR B 172 -27.81 -12.76 56.72
C THR B 172 -27.36 -12.85 58.16
N VAL B 173 -26.88 -14.02 58.58
CA VAL B 173 -26.62 -14.29 60.00
C VAL B 173 -25.40 -13.53 60.50
N ALA B 174 -24.46 -13.20 59.60
CA ALA B 174 -23.27 -12.44 60.00
C ALA B 174 -23.64 -11.07 60.55
N GLU B 175 -24.61 -10.41 59.92
CA GLU B 175 -25.18 -9.18 60.47
C GLU B 175 -25.88 -9.45 61.80
N LYS B 176 -26.65 -10.55 61.85
CA LYS B 176 -27.45 -10.90 63.02
C LYS B 176 -26.60 -11.18 64.26
N GLN B 177 -25.33 -11.56 64.09
CA GLN B 177 -24.52 -11.69 65.29
C GLN B 177 -23.41 -10.63 65.38
N GLU B 178 -23.20 -9.80 64.35
CA GLU B 178 -22.33 -8.66 64.55
C GLU B 178 -23.07 -7.48 65.17
N ILE B 179 -24.40 -7.59 65.33
CA ILE B 179 -25.08 -6.54 66.10
C ILE B 179 -24.80 -6.70 67.61
N LEU B 180 -24.39 -7.89 68.05
CA LEU B 180 -24.40 -8.20 69.49
C LEU B 180 -23.29 -7.53 70.30
N GLU B 181 -22.08 -7.37 69.76
CA GLU B 181 -20.91 -7.13 70.61
C GLU B 181 -20.86 -5.73 71.22
N LEU B 182 -21.55 -4.75 70.64
CA LEU B 182 -21.53 -3.40 71.20
C LEU B 182 -22.54 -3.28 72.33
N THR B 183 -22.19 -2.47 73.34
CA THR B 183 -23.02 -2.40 74.54
C THR B 183 -23.27 -0.93 74.92
N ASP B 184 -23.67 -0.12 73.95
CA ASP B 184 -24.09 1.25 74.22
C ASP B 184 -25.58 1.34 73.87
N LEU B 185 -26.15 2.52 74.11
CA LEU B 185 -27.60 2.69 73.99
C LEU B 185 -28.08 2.61 72.54
N GLU B 186 -27.65 3.56 71.72
CA GLU B 186 -28.35 3.89 70.50
C GLU B 186 -27.61 3.49 69.24
N ALA B 187 -26.35 3.04 69.38
CA ALA B 187 -25.56 2.59 68.25
C ALA B 187 -26.17 1.37 67.57
N ARG B 188 -26.65 0.41 68.37
CA ARG B 188 -27.32 -0.77 67.84
C ARG B 188 -28.58 -0.39 67.06
N LEU B 189 -29.32 0.60 67.55
CA LEU B 189 -30.55 1.01 66.87
C LEU B 189 -30.27 1.80 65.61
N LYS B 190 -29.19 2.60 65.58
CA LYS B 190 -28.76 3.22 64.33
C LYS B 190 -28.25 2.18 63.32
N LYS B 191 -27.64 1.09 63.80
CA LYS B 191 -27.29 0.00 62.89
C LYS B 191 -28.53 -0.63 62.28
N VAL B 192 -29.56 -0.85 63.09
CA VAL B 192 -30.83 -1.40 62.59
C VAL B 192 -31.47 -0.46 61.56
N LEU B 193 -31.40 0.85 61.84
CA LEU B 193 -31.91 1.86 60.91
C LEU B 193 -31.17 1.82 59.58
N GLY B 194 -29.84 1.80 59.63
CA GLY B 194 -29.04 1.74 58.41
C GLY B 194 -29.26 0.47 57.61
N LEU B 195 -29.45 -0.65 58.33
CA LEU B 195 -29.64 -1.93 57.64
C LEU B 195 -31.02 -2.03 56.99
N LEU B 196 -32.08 -1.52 57.62
CA LEU B 196 -33.33 -1.62 56.88
C LEU B 196 -33.49 -0.45 55.92
N SER B 197 -32.65 0.58 56.04
CA SER B 197 -32.54 1.55 54.96
C SER B 197 -31.88 0.93 53.74
N ARG B 198 -30.84 0.13 53.95
CA ARG B 198 -30.31 -0.74 52.90
C ARG B 198 -31.40 -1.65 52.32
N ASP B 199 -32.28 -2.18 53.18
CA ASP B 199 -33.36 -3.05 52.73
C ASP B 199 -34.36 -2.33 51.84
N LEU B 200 -34.79 -1.13 52.24
CA LEU B 200 -35.72 -0.38 51.40
C LEU B 200 -35.04 0.10 50.14
N GLU B 201 -33.72 0.29 50.18
CA GLU B 201 -33.01 0.59 48.95
C GLU B 201 -32.96 -0.63 48.04
N ARG B 202 -32.91 -1.83 48.62
CA ARG B 202 -33.03 -3.05 47.81
C ARG B 202 -34.39 -3.13 47.15
N PHE B 203 -35.43 -2.79 47.91
CA PHE B 203 -36.79 -2.72 47.40
C PHE B 203 -36.95 -1.73 46.25
N GLU B 204 -36.44 -0.51 46.40
CA GLU B 204 -36.55 0.45 45.31
C GLU B 204 -35.65 0.04 44.14
N LEU B 205 -34.53 -0.62 44.43
CA LEU B 205 -33.60 -1.01 43.37
C LEU B 205 -34.19 -2.11 42.52
N ASP B 206 -34.74 -3.15 43.14
CA ASP B 206 -35.22 -4.26 42.33
C ASP B 206 -36.56 -3.92 41.68
N LYS B 207 -37.36 -3.02 42.28
CA LYS B 207 -38.56 -2.60 41.56
C LYS B 207 -38.22 -1.65 40.41
N ARG B 208 -37.15 -0.86 40.54
CA ARG B 208 -36.76 0.02 39.45
C ARG B 208 -36.16 -0.77 38.30
N VAL B 209 -35.38 -1.80 38.60
CA VAL B 209 -34.86 -2.59 37.49
C VAL B 209 -35.93 -3.53 36.94
N ALA B 210 -36.97 -3.85 37.73
CA ALA B 210 -38.12 -4.56 37.17
C ALA B 210 -38.88 -3.70 36.17
N GLN B 211 -39.07 -2.42 36.51
CA GLN B 211 -39.66 -1.46 35.58
C GLN B 211 -38.86 -1.38 34.28
N ARG B 212 -37.55 -1.20 34.41
CA ARG B 212 -36.73 -1.08 33.21
C ARG B 212 -36.65 -2.38 32.42
N VAL B 213 -36.75 -3.55 33.05
CA VAL B 213 -36.67 -4.78 32.27
C VAL B 213 -38.00 -5.03 31.55
N LYS B 214 -39.13 -4.58 32.12
CA LYS B 214 -40.37 -4.82 31.40
C LYS B 214 -40.55 -3.82 30.25
N GLU B 215 -40.00 -2.61 30.41
CA GLU B 215 -39.92 -1.74 29.24
C GLU B 215 -38.90 -2.25 28.23
N GLN B 216 -37.85 -2.93 28.68
CA GLN B 216 -36.94 -3.58 27.74
C GLN B 216 -37.64 -4.68 26.95
N MET B 217 -38.50 -5.46 27.62
CA MET B 217 -39.20 -6.56 26.97
C MET B 217 -40.17 -6.04 25.92
N ASP B 218 -41.04 -5.09 26.29
CA ASP B 218 -42.00 -4.66 25.28
C ASP B 218 -41.34 -3.77 24.21
N THR B 219 -40.24 -3.08 24.56
CA THR B 219 -39.49 -2.33 23.56
C THR B 219 -38.80 -3.26 22.56
N ASN B 220 -38.28 -4.39 23.05
CA ASN B 220 -37.60 -5.32 22.15
C ASN B 220 -38.60 -6.00 21.24
N GLN B 221 -39.79 -6.34 21.76
CA GLN B 221 -40.86 -6.86 20.92
C GLN B 221 -41.35 -5.79 19.93
N ARG B 222 -41.32 -4.53 20.35
CA ARG B 222 -41.71 -3.43 19.48
C ARG B 222 -40.76 -3.28 18.29
N GLU B 223 -39.44 -3.25 18.54
CA GLU B 223 -38.52 -3.16 17.41
C GLU B 223 -38.44 -4.44 16.60
N TYR B 224 -38.76 -5.58 17.21
CA TYR B 224 -38.96 -6.82 16.46
C TYR B 224 -40.11 -6.66 15.47
N TYR B 225 -41.18 -6.03 15.92
CA TYR B 225 -42.31 -5.77 15.03
C TYR B 225 -41.97 -4.72 14.00
N LEU B 226 -41.08 -3.77 14.34
CA LEU B 226 -40.63 -2.75 13.39
C LEU B 226 -39.82 -3.36 12.26
N ARG B 227 -38.79 -4.14 12.59
CA ARG B 227 -37.98 -4.82 11.58
C ARG B 227 -38.80 -5.83 10.79
N GLU B 228 -39.81 -6.45 11.40
CA GLU B 228 -40.67 -7.37 10.67
C GLU B 228 -41.59 -6.61 9.72
N GLN B 229 -42.05 -5.42 10.12
CA GLN B 229 -42.80 -4.54 9.23
C GLN B 229 -41.96 -4.09 8.05
N MET B 230 -40.70 -3.68 8.26
CA MET B 230 -39.92 -3.21 7.12
C MET B 230 -39.50 -4.36 6.23
N LYS B 231 -39.39 -5.57 6.78
CA LYS B 231 -39.10 -6.71 5.94
C LYS B 231 -40.31 -7.07 5.10
N ALA B 232 -41.52 -6.88 5.65
CA ALA B 232 -42.73 -7.02 4.86
C ALA B 232 -42.85 -5.91 3.81
N ILE B 233 -42.33 -4.72 4.11
CA ILE B 233 -42.32 -3.64 3.12
C ILE B 233 -41.39 -3.97 1.98
N GLN B 234 -40.19 -4.47 2.29
CA GLN B 234 -39.22 -4.69 1.22
C GLN B 234 -39.53 -5.95 0.43
N LYS B 235 -40.30 -6.89 0.99
CA LYS B 235 -40.62 -8.06 0.19
C LYS B 235 -41.75 -7.81 -0.80
N GLU B 236 -42.58 -6.79 -0.58
CA GLU B 236 -43.45 -6.26 -1.64
C GLU B 236 -43.47 -4.74 -1.55
N LEU B 237 -42.77 -4.09 -2.49
CA LEU B 237 -42.87 -2.61 -2.58
C LEU B 237 -44.19 -2.28 -3.28
N GLY B 238 -44.23 -2.32 -4.61
CA GLY B 238 -45.51 -2.12 -5.33
C GLY B 238 -46.02 -3.40 -5.94
N GLY B 239 -47.04 -4.02 -5.34
CA GLY B 239 -47.55 -5.32 -5.81
C GLY B 239 -46.52 -6.40 -5.57
N GLU B 240 -45.35 -6.29 -6.21
CA GLU B 240 -44.21 -7.22 -5.96
C GLU B 240 -42.98 -6.31 -5.78
N ASP B 241 -41.97 -6.44 -6.64
CA ASP B 241 -40.76 -5.56 -6.62
C ASP B 241 -39.80 -6.11 -5.55
N GLY B 242 -40.21 -7.13 -4.81
CA GLY B 242 -39.29 -7.76 -3.84
C GLY B 242 -38.16 -8.45 -4.56
N LEU B 243 -38.47 -9.08 -5.71
CA LEU B 243 -37.44 -9.86 -6.44
C LEU B 243 -37.17 -9.27 -7.83
N SER B 244 -37.24 -7.94 -8.00
CA SER B 244 -36.90 -7.40 -9.29
C SER B 244 -35.41 -7.38 -9.51
N ASP B 245 -34.65 -7.48 -8.44
CA ASP B 245 -33.21 -7.44 -8.53
C ASP B 245 -32.63 -8.66 -9.25
N LEU B 246 -32.79 -9.85 -8.66
CA LEU B 246 -32.10 -11.05 -9.14
C LEU B 246 -32.85 -11.68 -10.30
N GLU B 247 -34.17 -11.56 -10.34
CA GLU B 247 -34.92 -12.00 -11.49
C GLU B 247 -34.68 -11.09 -12.69
N ALA B 248 -34.52 -9.77 -12.49
CA ALA B 248 -34.12 -8.93 -13.60
C ALA B 248 -32.69 -9.24 -14.06
N LEU B 249 -31.81 -9.61 -13.13
CA LEU B 249 -30.46 -10.00 -13.54
C LEU B 249 -30.49 -11.36 -14.25
N ARG B 250 -31.39 -12.25 -13.85
CA ARG B 250 -31.56 -13.54 -14.51
C ARG B 250 -32.10 -13.37 -15.92
N LYS B 251 -32.97 -12.38 -16.12
CA LYS B 251 -33.42 -12.06 -17.47
C LYS B 251 -32.30 -11.45 -18.30
N LYS B 252 -31.56 -10.50 -17.72
CA LYS B 252 -30.52 -9.78 -18.44
C LYS B 252 -29.32 -10.68 -18.76
N ILE B 253 -29.13 -11.75 -17.98
CA ILE B 253 -27.97 -12.62 -18.19
C ILE B 253 -28.18 -13.50 -19.41
N GLU B 254 -29.41 -13.59 -19.90
CA GLU B 254 -29.70 -14.36 -21.10
C GLU B 254 -30.20 -13.51 -22.25
N GLU B 255 -30.60 -12.26 -22.01
CA GLU B 255 -30.96 -11.40 -23.13
C GLU B 255 -29.75 -10.95 -23.92
N VAL B 256 -28.60 -10.80 -23.26
CA VAL B 256 -27.37 -10.44 -23.96
C VAL B 256 -26.78 -11.68 -24.62
N GLY B 257 -25.95 -11.46 -25.64
CA GLY B 257 -25.37 -12.57 -26.38
C GLY B 257 -24.02 -13.02 -25.88
N MET B 258 -23.97 -13.54 -24.65
CA MET B 258 -22.71 -14.03 -24.11
C MET B 258 -22.33 -15.36 -24.74
N PRO B 259 -21.03 -15.66 -24.81
CA PRO B 259 -20.61 -17.04 -25.11
C PRO B 259 -20.98 -17.99 -24.00
N GLU B 260 -21.05 -19.29 -24.30
CA GLU B 260 -21.53 -20.26 -23.32
C GLU B 260 -20.55 -20.45 -22.18
N ALA B 261 -19.24 -20.34 -22.46
CA ALA B 261 -18.23 -20.47 -21.41
C ALA B 261 -18.27 -19.32 -20.42
N VAL B 262 -18.84 -18.19 -20.80
CA VAL B 262 -19.07 -17.09 -19.86
C VAL B 262 -20.43 -17.24 -19.18
N LYS B 263 -21.42 -17.79 -19.89
CA LYS B 263 -22.75 -18.01 -19.32
C LYS B 263 -22.72 -19.00 -18.17
N THR B 264 -21.88 -20.05 -18.28
CA THR B 264 -21.77 -21.03 -17.20
C THR B 264 -21.19 -20.39 -15.94
N LYS B 265 -20.14 -19.58 -16.10
CA LYS B 265 -19.55 -18.86 -14.96
C LYS B 265 -20.55 -17.90 -14.35
N ALA B 266 -21.30 -17.18 -15.18
CA ALA B 266 -22.25 -16.20 -14.68
C ALA B 266 -23.40 -16.85 -13.93
N LEU B 267 -23.92 -17.96 -14.46
CA LEU B 267 -25.03 -18.64 -13.77
C LEU B 267 -24.56 -19.34 -12.50
N LYS B 268 -23.32 -19.85 -12.47
CA LYS B 268 -22.82 -20.41 -11.22
C LYS B 268 -22.57 -19.34 -10.17
N GLU B 269 -22.06 -18.16 -10.58
CA GLU B 269 -21.90 -17.06 -9.64
C GLU B 269 -23.25 -16.57 -9.12
N LEU B 270 -24.28 -16.56 -9.98
CA LEU B 270 -25.59 -16.11 -9.52
C LEU B 270 -26.25 -17.12 -8.59
N ASP B 271 -26.07 -18.42 -8.87
CA ASP B 271 -26.60 -19.44 -7.96
C ASP B 271 -25.86 -19.45 -6.64
N ARG B 272 -24.57 -19.11 -6.65
CA ARG B 272 -23.84 -18.93 -5.40
C ARG B 272 -24.24 -17.64 -4.69
N LEU B 273 -24.73 -16.65 -5.45
CA LEU B 273 -25.18 -15.39 -4.86
C LEU B 273 -26.53 -15.53 -4.16
N GLU B 274 -27.46 -16.29 -4.76
CA GLU B 274 -28.84 -16.28 -4.28
C GLU B 274 -29.04 -16.95 -2.93
N ARG B 275 -28.02 -17.63 -2.39
CA ARG B 275 -28.09 -18.17 -1.04
C ARG B 275 -27.55 -17.23 0.02
N MET B 276 -26.91 -16.14 -0.38
CA MET B 276 -26.18 -15.30 0.55
C MET B 276 -27.11 -14.39 1.34
N GLN B 277 -26.49 -13.40 1.99
CA GLN B 277 -27.19 -12.37 2.73
C GLN B 277 -27.30 -11.14 1.85
N GLN B 278 -28.51 -10.59 1.75
CA GLN B 278 -28.72 -9.36 0.98
C GLN B 278 -28.07 -8.19 1.72
N GLY B 279 -26.91 -7.76 1.25
CA GLY B 279 -26.23 -6.65 1.88
C GLY B 279 -24.94 -7.04 2.58
N SER B 280 -24.49 -8.27 2.38
CA SER B 280 -23.25 -8.76 2.95
C SER B 280 -22.06 -8.08 2.30
N PRO B 281 -20.92 -7.97 3.01
CA PRO B 281 -19.68 -7.53 2.35
C PRO B 281 -19.15 -8.52 1.33
N GLU B 282 -19.69 -9.74 1.30
CA GLU B 282 -19.31 -10.76 0.35
C GLU B 282 -20.35 -10.90 -0.76
N ALA B 283 -21.51 -10.26 -0.63
CA ALA B 283 -22.52 -10.25 -1.68
C ALA B 283 -22.35 -9.13 -2.68
N THR B 284 -21.87 -7.97 -2.25
CA THR B 284 -21.71 -6.84 -3.13
C THR B 284 -20.60 -7.05 -4.14
N VAL B 285 -19.58 -7.83 -3.79
CA VAL B 285 -18.52 -8.18 -4.75
C VAL B 285 -19.10 -9.01 -5.89
N ALA B 286 -19.91 -10.01 -5.55
CA ALA B 286 -20.50 -10.88 -6.56
C ALA B 286 -21.53 -10.13 -7.41
N ARG B 287 -22.30 -9.24 -6.80
CA ARG B 287 -23.27 -8.47 -7.57
C ARG B 287 -22.61 -7.43 -8.48
N THR B 288 -21.53 -6.80 -8.02
CA THR B 288 -20.77 -5.88 -8.88
C THR B 288 -20.12 -6.64 -10.03
N TYR B 289 -19.63 -7.86 -9.77
CA TYR B 289 -19.03 -8.67 -10.83
C TYR B 289 -20.06 -9.08 -11.87
N LEU B 290 -21.27 -9.45 -11.43
CA LEU B 290 -22.33 -9.78 -12.38
C LEU B 290 -22.80 -8.56 -13.16
N ASP B 291 -22.79 -7.37 -12.53
CA ASP B 291 -23.14 -6.15 -13.25
C ASP B 291 -22.11 -5.81 -14.31
N TRP B 292 -20.82 -5.98 -14.00
CA TRP B 292 -19.78 -5.77 -15.00
C TRP B 292 -19.85 -6.80 -16.12
N LEU B 293 -20.30 -8.01 -15.82
CA LEU B 293 -20.52 -8.97 -16.92
C LEU B 293 -21.71 -8.58 -17.78
N THR B 294 -22.79 -8.08 -17.18
CA THR B 294 -23.97 -7.74 -17.98
C THR B 294 -23.86 -6.43 -18.74
N GLU B 295 -22.98 -5.51 -18.33
CA GLU B 295 -22.96 -4.20 -18.97
C GLU B 295 -21.97 -4.06 -20.11
N VAL B 296 -21.04 -4.99 -20.27
CA VAL B 296 -20.10 -4.93 -21.39
C VAL B 296 -20.80 -5.45 -22.64
N PRO B 297 -20.44 -4.98 -23.83
CA PRO B 297 -21.14 -5.43 -25.04
C PRO B 297 -20.64 -6.80 -25.50
N TRP B 298 -21.60 -7.62 -25.90
CA TRP B 298 -21.30 -8.93 -26.48
C TRP B 298 -22.03 -9.04 -27.79
N SER B 299 -21.28 -8.94 -28.89
CA SER B 299 -21.74 -9.11 -30.27
C SER B 299 -22.88 -8.17 -30.66
N LYS B 300 -22.64 -6.87 -30.63
CA LYS B 300 -23.48 -5.93 -31.37
C LYS B 300 -22.61 -4.80 -31.90
N ALA B 301 -22.84 -4.41 -33.15
CA ALA B 301 -21.89 -3.59 -33.88
C ALA B 301 -22.59 -2.57 -34.75
N ASP B 302 -21.79 -1.71 -35.35
CA ASP B 302 -22.23 -0.72 -36.31
C ASP B 302 -22.11 -1.27 -37.73
N PRO B 303 -22.86 -0.71 -38.68
CA PRO B 303 -22.67 -1.13 -40.08
C PRO B 303 -21.31 -0.70 -40.61
N GLU B 304 -20.66 -1.60 -41.34
CA GLU B 304 -19.31 -1.37 -41.83
C GLU B 304 -19.22 -1.13 -43.32
N VAL B 305 -20.24 -1.46 -44.09
CA VAL B 305 -20.25 -1.20 -45.51
C VAL B 305 -20.92 0.15 -45.77
N LEU B 306 -20.21 1.02 -46.49
CA LEU B 306 -20.62 2.41 -46.62
C LEU B 306 -20.47 2.84 -48.07
N ASP B 307 -20.83 4.10 -48.32
CA ASP B 307 -20.58 4.73 -49.61
C ASP B 307 -19.16 5.29 -49.59
N ILE B 308 -18.35 4.90 -50.57
CA ILE B 308 -16.96 5.35 -50.58
C ILE B 308 -16.86 6.81 -51.00
N ASN B 309 -17.71 7.24 -51.93
CA ASN B 309 -17.66 8.63 -52.37
C ASN B 309 -18.14 9.59 -51.29
N HIS B 310 -18.98 9.12 -50.37
CA HIS B 310 -19.42 9.98 -49.28
C HIS B 310 -18.32 10.15 -48.24
N THR B 311 -17.64 9.08 -47.88
CA THR B 311 -16.64 9.20 -46.83
C THR B 311 -15.36 9.87 -47.30
N ARG B 312 -15.10 9.90 -48.60
CA ARG B 312 -13.90 10.59 -49.05
C ARG B 312 -14.09 12.09 -49.10
N GLN B 313 -15.32 12.58 -49.08
CA GLN B 313 -15.55 14.01 -49.02
C GLN B 313 -15.92 14.49 -47.63
N VAL B 314 -16.05 13.59 -46.66
CA VAL B 314 -16.09 14.01 -45.27
C VAL B 314 -14.67 14.13 -44.74
N LEU B 315 -13.76 13.27 -45.20
CA LEU B 315 -12.35 13.41 -44.86
C LEU B 315 -11.72 14.64 -45.48
N ASP B 316 -12.27 15.15 -46.58
CA ASP B 316 -11.67 16.32 -47.22
C ASP B 316 -12.15 17.64 -46.63
N GLU B 317 -13.18 17.64 -45.79
CA GLU B 317 -13.66 18.88 -45.23
C GLU B 317 -13.12 19.12 -43.83
N ASP B 318 -12.17 18.32 -43.38
CA ASP B 318 -11.52 18.52 -42.11
C ASP B 318 -10.04 18.74 -42.20
N HIS B 319 -9.38 18.19 -43.21
CA HIS B 319 -7.94 18.27 -43.33
C HIS B 319 -7.57 18.46 -44.78
N TYR B 320 -6.46 19.16 -45.00
CA TYR B 320 -5.86 19.34 -46.31
C TYR B 320 -4.72 18.36 -46.46
N GLY B 321 -4.57 17.80 -47.65
CA GLY B 321 -3.50 16.86 -47.89
C GLY B 321 -3.76 15.55 -47.20
N LEU B 322 -2.71 15.03 -46.56
CA LEU B 322 -2.72 13.78 -45.78
C LEU B 322 -3.20 12.60 -46.61
N LYS B 323 -2.60 12.40 -47.77
CA LYS B 323 -3.13 11.48 -48.76
C LYS B 323 -2.98 10.02 -48.36
N ASP B 324 -1.92 9.67 -47.63
CA ASP B 324 -1.65 8.27 -47.31
C ASP B 324 -2.68 7.71 -46.32
N VAL B 325 -3.02 8.49 -45.30
CA VAL B 325 -3.97 8.04 -44.30
C VAL B 325 -5.37 7.90 -44.92
N LYS B 326 -5.74 8.86 -45.76
CA LYS B 326 -7.05 8.84 -46.40
C LYS B 326 -7.16 7.68 -47.37
N GLU B 327 -6.09 7.36 -48.09
CA GLU B 327 -6.14 6.20 -48.97
C GLU B 327 -6.18 4.91 -48.18
N ARG B 328 -5.55 4.87 -47.01
CA ARG B 328 -5.63 3.67 -46.15
C ARG B 328 -7.07 3.43 -45.69
N ILE B 329 -7.78 4.48 -45.30
CA ILE B 329 -9.18 4.34 -44.92
C ILE B 329 -10.03 3.92 -46.12
N LEU B 330 -9.71 4.44 -47.31
CA LEU B 330 -10.54 4.11 -48.46
C LEU B 330 -10.34 2.68 -48.94
N GLU B 331 -9.12 2.14 -48.90
CA GLU B 331 -9.04 0.73 -49.25
C GLU B 331 -9.45 -0.19 -48.11
N TYR B 332 -9.51 0.28 -46.86
CA TYR B 332 -10.22 -0.47 -45.83
C TYR B 332 -11.69 -0.62 -46.17
N LEU B 333 -12.32 0.48 -46.61
CA LEU B 333 -13.73 0.39 -47.00
C LEU B 333 -13.91 -0.43 -48.27
N ALA B 334 -12.93 -0.41 -49.16
CA ALA B 334 -13.03 -1.24 -50.36
C ALA B 334 -12.94 -2.73 -50.03
N VAL B 335 -12.13 -3.08 -49.03
CA VAL B 335 -12.08 -4.47 -48.59
C VAL B 335 -13.38 -4.87 -47.90
N ARG B 336 -13.97 -3.95 -47.12
CA ARG B 336 -15.26 -4.25 -46.49
C ARG B 336 -16.38 -4.39 -47.50
N GLN B 337 -16.25 -3.72 -48.65
CA GLN B 337 -17.25 -3.84 -49.72
C GLN B 337 -17.30 -5.25 -50.31
N LEU B 338 -16.14 -5.85 -50.57
CA LEU B 338 -16.10 -7.08 -51.35
C LEU B 338 -16.34 -8.32 -50.50
N THR B 339 -15.99 -8.31 -49.22
CA THR B 339 -16.21 -9.46 -48.36
C THR B 339 -17.57 -9.45 -47.70
N GLN B 340 -18.54 -8.75 -48.29
CA GLN B 340 -19.88 -8.67 -47.74
C GLN B 340 -20.59 -9.98 -47.98
N GLY B 341 -20.95 -10.68 -46.91
CA GLY B 341 -21.63 -11.95 -47.02
C GLY B 341 -20.71 -13.11 -47.29
N LEU B 342 -19.52 -13.07 -46.72
CA LEU B 342 -18.59 -14.20 -46.77
C LEU B 342 -18.20 -14.57 -45.37
N ASP B 343 -17.71 -15.79 -45.20
CA ASP B 343 -17.33 -16.32 -43.88
C ASP B 343 -15.86 -16.11 -43.57
N VAL B 344 -15.26 -15.07 -44.11
CA VAL B 344 -13.83 -14.87 -43.96
C VAL B 344 -13.56 -14.08 -42.68
N ARG B 345 -12.32 -14.11 -42.20
CA ARG B 345 -11.94 -13.43 -40.97
C ARG B 345 -11.98 -11.91 -41.14
N ASN B 346 -12.52 -11.23 -40.13
CA ASN B 346 -12.59 -9.78 -40.09
C ASN B 346 -11.63 -9.31 -39.00
N LYS B 347 -10.59 -8.57 -39.38
CA LYS B 347 -9.61 -8.04 -38.45
C LYS B 347 -9.39 -6.56 -38.71
N ALA B 348 -9.49 -5.75 -37.67
CA ALA B 348 -9.37 -4.31 -37.77
C ALA B 348 -7.89 -3.91 -37.81
N PRO B 349 -7.56 -2.80 -38.46
CA PRO B 349 -6.16 -2.36 -38.53
C PRO B 349 -5.66 -1.84 -37.18
N ILE B 350 -4.35 -1.83 -37.03
CA ILE B 350 -3.68 -1.25 -35.87
C ILE B 350 -2.61 -0.30 -36.41
N LEU B 351 -2.85 1.00 -36.31
CA LEU B 351 -2.03 2.00 -36.94
C LEU B 351 -1.22 2.77 -35.91
N VAL B 352 -0.07 3.26 -36.32
CA VAL B 352 0.65 4.29 -35.57
C VAL B 352 0.99 5.42 -36.53
N LEU B 353 0.77 6.64 -36.09
CA LEU B 353 0.97 7.84 -36.89
C LEU B 353 2.14 8.59 -36.28
N VAL B 354 3.20 8.78 -37.06
CA VAL B 354 4.46 9.34 -36.56
C VAL B 354 4.73 10.66 -37.25
N GLY B 355 5.07 11.70 -36.48
CA GLY B 355 5.34 12.99 -37.08
C GLY B 355 5.86 14.05 -36.13
N PRO B 356 6.13 15.25 -36.67
CA PRO B 356 6.60 16.38 -35.85
C PRO B 356 5.52 16.90 -34.92
N PRO B 357 5.87 17.75 -33.92
CA PRO B 357 4.91 18.08 -32.85
C PRO B 357 3.66 18.89 -33.20
N GLY B 358 3.46 19.33 -34.43
CA GLY B 358 2.31 20.18 -34.68
C GLY B 358 1.39 19.72 -35.79
N VAL B 359 1.74 18.65 -36.43
CA VAL B 359 1.00 18.13 -37.58
C VAL B 359 -0.27 17.47 -37.06
N GLY B 360 -1.30 17.34 -37.89
CA GLY B 360 -2.60 16.93 -37.41
C GLY B 360 -2.78 15.47 -37.03
N LYS B 361 -2.06 14.97 -36.04
CA LYS B 361 -2.15 13.55 -35.71
C LYS B 361 -3.38 13.24 -34.87
N THR B 362 -3.61 13.99 -33.79
CA THR B 362 -4.72 13.64 -32.91
C THR B 362 -6.07 14.12 -33.44
N SER B 363 -6.09 15.02 -34.40
CA SER B 363 -7.35 15.46 -34.98
C SER B 363 -7.90 14.43 -35.97
N LEU B 364 -7.01 13.62 -36.53
CA LEU B 364 -7.44 12.57 -37.46
C LEU B 364 -8.26 11.49 -36.77
N GLY B 365 -8.11 11.33 -35.46
CA GLY B 365 -8.91 10.37 -34.72
C GLY B 365 -10.40 10.64 -34.81
N ARG B 366 -10.82 11.84 -34.39
CA ARG B 366 -12.21 12.23 -34.54
C ARG B 366 -12.64 12.37 -35.98
N SER B 367 -11.76 12.82 -36.88
CA SER B 367 -12.17 12.95 -38.27
C SER B 367 -12.44 11.59 -38.92
N ILE B 368 -11.59 10.60 -38.67
CA ILE B 368 -11.78 9.27 -39.22
C ILE B 368 -12.98 8.58 -38.59
N ALA B 369 -13.17 8.74 -37.28
CA ALA B 369 -14.32 8.11 -36.64
C ALA B 369 -15.64 8.75 -37.07
N ARG B 370 -15.64 10.05 -37.35
CA ARG B 370 -16.85 10.69 -37.85
C ARG B 370 -17.09 10.34 -39.30
N SER B 371 -16.04 10.08 -40.06
CA SER B 371 -16.19 9.77 -41.48
C SER B 371 -16.84 8.41 -41.70
N MET B 372 -16.52 7.41 -40.87
CA MET B 372 -17.02 6.07 -41.06
C MET B 372 -18.26 5.76 -40.21
N ASN B 373 -18.81 6.77 -39.53
CA ASN B 373 -19.98 6.65 -38.65
C ASN B 373 -19.76 5.64 -37.53
N ARG B 374 -18.54 5.62 -37.00
CA ARG B 374 -18.18 4.75 -35.89
C ARG B 374 -18.29 5.53 -34.59
N LYS B 375 -18.13 4.81 -33.49
CA LYS B 375 -17.99 5.46 -32.20
C LYS B 375 -16.53 5.77 -31.95
N PHE B 376 -16.28 6.77 -31.11
CA PHE B 376 -14.92 7.23 -30.86
C PHE B 376 -14.63 7.24 -29.37
N HIS B 377 -13.43 6.83 -28.99
CA HIS B 377 -12.98 7.03 -27.62
C HIS B 377 -11.48 7.32 -27.65
N ARG B 378 -11.03 8.08 -26.64
CA ARG B 378 -9.66 8.55 -26.58
C ARG B 378 -9.07 8.19 -25.23
N ILE B 379 -7.99 7.41 -25.24
CA ILE B 379 -7.26 7.06 -24.03
C ILE B 379 -5.91 7.77 -24.09
N SER B 380 -5.69 8.67 -23.14
CA SER B 380 -4.47 9.45 -23.10
C SER B 380 -3.45 8.71 -22.27
N LEU B 381 -2.46 8.12 -22.93
CA LEU B 381 -1.32 7.56 -22.24
C LEU B 381 -0.28 8.66 -22.07
N GLY B 382 0.93 8.27 -21.71
CA GLY B 382 1.94 9.28 -21.54
C GLY B 382 2.02 9.72 -20.10
N GLY B 383 3.13 9.37 -19.46
CA GLY B 383 3.27 9.54 -18.04
C GLY B 383 2.72 8.39 -17.23
N VAL B 384 1.93 7.50 -17.84
CA VAL B 384 1.32 6.37 -17.15
C VAL B 384 2.40 5.39 -16.76
N ARG B 385 2.50 5.12 -15.45
CA ARG B 385 3.57 4.29 -14.93
C ARG B 385 3.03 3.04 -14.26
N ASP B 386 1.70 2.90 -14.26
CA ASP B 386 1.04 1.88 -13.46
C ASP B 386 0.35 0.87 -14.37
N GLU B 387 0.73 -0.40 -14.20
CA GLU B 387 0.24 -1.49 -15.03
C GLU B 387 -1.22 -1.82 -14.77
N ALA B 388 -1.77 -1.40 -13.64
CA ALA B 388 -3.17 -1.64 -13.33
C ALA B 388 -4.10 -0.65 -13.99
N GLU B 389 -3.62 0.15 -14.93
CA GLU B 389 -4.48 0.91 -15.82
C GLU B 389 -4.83 0.13 -17.07
N ILE B 390 -3.95 -0.72 -17.53
CA ILE B 390 -4.17 -1.56 -18.71
C ILE B 390 -5.01 -2.78 -18.36
N ARG B 391 -4.50 -3.62 -17.47
CA ARG B 391 -5.30 -4.63 -16.80
C ARG B 391 -5.99 -3.96 -15.61
N GLY B 392 -6.71 -4.73 -14.81
CA GLY B 392 -7.35 -4.20 -13.63
C GLY B 392 -6.68 -4.66 -12.35
N HIS B 393 -7.49 -4.74 -11.30
CA HIS B 393 -7.14 -5.43 -10.07
C HIS B 393 -8.07 -6.63 -9.92
N ARG B 394 -7.55 -7.69 -9.30
CA ARG B 394 -8.34 -8.83 -8.90
C ARG B 394 -9.44 -8.39 -7.94
N ARG B 395 -10.64 -8.97 -8.03
CA ARG B 395 -11.80 -8.48 -7.29
C ARG B 395 -11.78 -8.84 -5.80
N THR B 396 -10.68 -9.37 -5.28
CA THR B 396 -10.54 -9.57 -3.85
C THR B 396 -10.25 -8.28 -3.10
N TYR B 397 -9.78 -7.24 -3.80
CA TYR B 397 -9.42 -5.98 -3.17
C TYR B 397 -10.67 -5.13 -2.98
N ILE B 398 -10.52 -4.03 -2.25
CA ILE B 398 -11.65 -3.21 -1.84
C ILE B 398 -12.21 -2.40 -3.00
N GLY B 399 -11.35 -1.64 -3.70
CA GLY B 399 -11.83 -0.87 -4.83
C GLY B 399 -12.24 -1.73 -6.00
N ALA B 400 -11.26 -2.41 -6.62
CA ALA B 400 -11.46 -3.53 -7.54
C ALA B 400 -12.32 -3.19 -8.75
N MET B 401 -11.80 -2.37 -9.65
CA MET B 401 -12.48 -2.06 -10.90
C MET B 401 -11.51 -2.33 -12.04
N PRO B 402 -12.02 -2.75 -13.21
CA PRO B 402 -11.13 -3.18 -14.30
C PRO B 402 -10.38 -2.04 -14.96
N GLY B 403 -9.55 -2.40 -15.94
CA GLY B 403 -8.67 -1.45 -16.61
C GLY B 403 -9.36 -0.50 -17.55
N LYS B 404 -8.59 0.38 -18.20
CA LYS B 404 -9.19 1.47 -18.96
C LYS B 404 -9.81 1.00 -20.26
N LEU B 405 -9.38 -0.15 -20.78
CA LEU B 405 -9.97 -0.68 -22.00
C LEU B 405 -11.38 -1.23 -21.77
N ILE B 406 -11.64 -1.83 -20.60
CA ILE B 406 -12.99 -2.30 -20.32
C ILE B 406 -13.92 -1.13 -20.03
N HIS B 407 -13.43 -0.06 -19.39
CA HIS B 407 -14.20 1.17 -19.26
C HIS B 407 -14.52 1.77 -20.62
N ALA B 408 -13.53 1.78 -21.52
CA ALA B 408 -13.72 2.34 -22.85
C ALA B 408 -14.73 1.52 -23.65
N MET B 409 -14.67 0.19 -23.52
CA MET B 409 -15.64 -0.65 -24.20
C MET B 409 -17.00 -0.63 -23.53
N LYS B 410 -17.09 -0.18 -22.28
CA LYS B 410 -18.40 -0.08 -21.65
C LYS B 410 -19.10 1.23 -21.99
N GLN B 411 -18.36 2.34 -22.06
CA GLN B 411 -18.95 3.62 -22.41
C GLN B 411 -19.45 3.63 -23.84
N VAL B 412 -18.61 3.15 -24.78
CA VAL B 412 -19.06 2.86 -26.12
C VAL B 412 -20.03 1.67 -26.06
N GLY B 413 -21.12 1.76 -26.82
CA GLY B 413 -22.10 0.69 -26.75
C GLY B 413 -21.83 -0.51 -27.64
N VAL B 414 -20.87 -0.40 -28.56
CA VAL B 414 -20.70 -1.42 -29.60
C VAL B 414 -19.35 -2.12 -29.46
N ILE B 415 -19.10 -3.13 -30.31
CA ILE B 415 -17.90 -3.94 -30.24
C ILE B 415 -16.84 -3.50 -31.23
N ASN B 416 -17.16 -2.55 -32.10
CA ASN B 416 -16.18 -2.03 -33.06
C ASN B 416 -16.11 -0.50 -33.03
N PRO B 417 -15.47 0.08 -32.01
CA PRO B 417 -15.28 1.52 -32.02
C PRO B 417 -13.99 1.90 -32.71
N VAL B 418 -13.64 3.18 -32.68
CA VAL B 418 -12.30 3.64 -33.01
C VAL B 418 -11.70 4.20 -31.72
N ILE B 419 -10.57 3.62 -31.30
CA ILE B 419 -9.94 4.03 -30.05
C ILE B 419 -8.59 4.63 -30.36
N LEU B 420 -8.40 5.86 -29.90
CA LEU B 420 -7.16 6.61 -30.10
C LEU B 420 -6.31 6.48 -28.84
N LEU B 421 -5.19 5.80 -28.95
CA LEU B 421 -4.23 5.67 -27.87
C LEU B 421 -3.17 6.72 -28.09
N ASP B 422 -3.18 7.75 -27.24
CA ASP B 422 -2.46 8.98 -27.54
C ASP B 422 -1.16 9.01 -26.75
N GLU B 423 -0.08 9.43 -27.41
CA GLU B 423 1.29 9.44 -26.89
C GLU B 423 1.71 8.08 -26.35
N ILE B 424 1.77 7.09 -27.25
CA ILE B 424 2.17 5.75 -26.85
C ILE B 424 3.67 5.64 -26.62
N ASP B 425 4.46 6.60 -27.10
CA ASP B 425 5.90 6.59 -26.87
C ASP B 425 6.30 7.34 -25.61
N LYS B 426 5.35 7.89 -24.87
CA LYS B 426 5.64 8.57 -23.62
C LYS B 426 5.26 7.75 -22.41
N MET B 427 4.96 6.47 -22.58
CA MET B 427 4.75 5.58 -21.44
C MET B 427 6.08 5.29 -20.78
N SER B 428 6.05 4.90 -19.51
CA SER B 428 7.27 4.54 -18.82
C SER B 428 7.55 3.05 -19.00
N SER B 429 8.83 2.73 -19.10
CA SER B 429 9.27 1.34 -19.19
C SER B 429 10.66 1.23 -18.60
N ASP B 430 10.73 0.88 -17.31
CA ASP B 430 11.98 0.87 -16.57
C ASP B 430 11.89 -0.21 -15.50
N TRP B 431 12.76 -0.09 -14.49
CA TRP B 431 12.71 -1.00 -13.35
C TRP B 431 11.46 -0.76 -12.52
N ARG B 432 10.94 0.46 -12.53
CA ARG B 432 9.60 0.73 -12.03
C ARG B 432 8.60 0.13 -13.00
N GLY B 433 7.38 -0.18 -12.51
CA GLY B 433 6.31 -0.87 -13.21
C GLY B 433 6.10 -0.58 -14.68
N ASP B 434 5.81 -1.60 -15.45
CA ASP B 434 5.93 -1.51 -16.90
C ASP B 434 4.59 -1.72 -17.57
N PRO B 435 3.87 -0.66 -17.95
CA PRO B 435 2.61 -0.85 -18.69
C PRO B 435 2.81 -1.06 -20.16
N ALA B 436 4.01 -0.80 -20.69
CA ALA B 436 4.27 -1.05 -22.09
C ALA B 436 4.38 -2.54 -22.40
N SER B 437 4.67 -3.36 -21.41
CA SER B 437 4.70 -4.80 -21.60
C SER B 437 3.34 -5.43 -21.44
N ALA B 438 2.39 -4.73 -20.84
CA ALA B 438 1.02 -5.21 -20.81
C ALA B 438 0.25 -4.82 -22.07
N MET B 439 0.78 -3.89 -22.85
CA MET B 439 0.19 -3.52 -24.13
C MET B 439 0.47 -4.55 -25.21
N LEU B 440 1.39 -5.48 -24.98
CA LEU B 440 1.68 -6.52 -25.96
C LEU B 440 0.53 -7.49 -26.14
N GLU B 441 -0.36 -7.59 -25.16
CA GLU B 441 -1.51 -8.46 -25.25
C GLU B 441 -2.71 -7.80 -25.92
N VAL B 442 -2.82 -6.46 -25.84
CA VAL B 442 -3.97 -5.79 -26.42
C VAL B 442 -3.76 -5.44 -27.88
N LEU B 443 -2.51 -5.44 -28.35
CA LEU B 443 -2.21 -5.05 -29.72
C LEU B 443 -1.64 -6.20 -30.53
N ASP B 444 -1.76 -7.42 -30.05
CA ASP B 444 -1.30 -8.57 -30.79
C ASP B 444 -2.33 -8.91 -31.85
N PRO B 445 -2.00 -8.85 -33.13
CA PRO B 445 -3.03 -9.00 -34.16
C PRO B 445 -3.46 -10.43 -34.42
N GLU B 446 -3.00 -11.38 -33.61
CA GLU B 446 -3.41 -12.76 -33.75
C GLU B 446 -4.08 -13.26 -32.48
N GLN B 447 -3.68 -12.70 -31.34
CA GLN B 447 -4.04 -13.27 -30.05
C GLN B 447 -4.92 -12.35 -29.21
N ASN B 448 -5.40 -11.23 -29.75
CA ASN B 448 -6.30 -10.40 -28.98
C ASN B 448 -7.76 -10.78 -29.16
N ASN B 449 -8.01 -11.96 -29.75
CA ASN B 449 -9.31 -12.61 -29.59
C ASN B 449 -9.60 -12.89 -28.13
N THR B 450 -8.57 -13.25 -27.38
CA THR B 450 -8.68 -13.61 -25.97
C THR B 450 -7.79 -12.67 -25.16
N PHE B 451 -8.31 -11.49 -24.85
CA PHE B 451 -7.66 -10.59 -23.92
C PHE B 451 -8.26 -10.76 -22.53
N THR B 452 -7.40 -10.89 -21.53
CA THR B 452 -7.83 -11.20 -20.16
C THR B 452 -7.20 -10.20 -19.20
N ASP B 453 -8.03 -9.34 -18.62
CA ASP B 453 -7.56 -8.51 -17.53
C ASP B 453 -7.72 -9.25 -16.20
N HIS B 454 -7.45 -8.57 -15.10
CA HIS B 454 -7.46 -9.23 -13.81
C HIS B 454 -8.79 -9.13 -13.09
N TYR B 455 -9.66 -8.19 -13.45
CA TYR B 455 -10.97 -8.12 -12.83
C TYR B 455 -11.93 -9.12 -13.45
N LEU B 456 -12.15 -9.02 -14.77
CA LEU B 456 -12.89 -10.04 -15.47
C LEU B 456 -11.97 -11.23 -15.72
N ASP B 457 -12.38 -12.40 -15.24
CA ASP B 457 -11.59 -13.62 -15.42
C ASP B 457 -12.00 -14.37 -16.68
N VAL B 458 -12.53 -13.67 -17.68
CA VAL B 458 -12.96 -14.29 -18.92
C VAL B 458 -12.15 -13.71 -20.07
N PRO B 459 -11.99 -14.44 -21.18
CA PRO B 459 -11.38 -13.82 -22.37
C PRO B 459 -12.37 -12.90 -23.06
N TYR B 460 -11.91 -11.70 -23.41
CA TYR B 460 -12.73 -10.71 -24.09
C TYR B 460 -12.15 -10.43 -25.47
N ASP B 461 -13.03 -10.21 -26.44
CA ASP B 461 -12.63 -10.10 -27.83
C ASP B 461 -12.36 -8.65 -28.22
N LEU B 462 -11.11 -8.34 -28.57
CA LEU B 462 -10.74 -7.02 -29.05
C LEU B 462 -10.23 -7.05 -30.48
N SER B 463 -10.84 -7.85 -31.35
CA SER B 463 -10.29 -7.98 -32.70
C SER B 463 -11.03 -7.09 -33.69
N LYS B 464 -12.17 -6.54 -33.30
CA LYS B 464 -12.97 -5.71 -34.19
C LYS B 464 -12.73 -4.22 -33.97
N VAL B 465 -11.94 -3.85 -32.98
CA VAL B 465 -11.78 -2.46 -32.60
C VAL B 465 -10.64 -1.83 -33.40
N PHE B 466 -10.92 -0.65 -33.97
CA PHE B 466 -10.00 0.07 -34.84
C PHE B 466 -9.07 0.89 -33.94
N PHE B 467 -7.83 0.43 -33.76
CA PHE B 467 -6.87 1.16 -32.93
C PHE B 467 -6.10 2.17 -33.77
N ILE B 468 -5.97 3.39 -33.26
CA ILE B 468 -5.09 4.39 -33.84
C ILE B 468 -4.20 4.90 -32.71
N THR B 469 -2.90 4.65 -32.81
CA THR B 469 -1.99 5.14 -31.79
C THR B 469 -1.18 6.30 -32.36
N THR B 470 -0.77 7.18 -31.46
CA THR B 470 -0.11 8.43 -31.86
C THR B 470 1.27 8.51 -31.21
N ALA B 471 2.28 8.85 -31.99
CA ALA B 471 3.62 9.08 -31.44
C ALA B 471 4.29 10.19 -32.23
N ASN B 472 5.42 10.66 -31.73
CA ASN B 472 6.23 11.62 -32.48
C ASN B 472 7.68 11.20 -32.69
N THR B 473 8.11 10.08 -32.14
CA THR B 473 9.36 9.42 -32.52
C THR B 473 9.20 7.93 -32.27
N LEU B 474 9.97 7.12 -32.98
CA LEU B 474 9.89 5.67 -32.84
C LEU B 474 10.94 5.09 -31.92
N GLN B 475 11.87 5.91 -31.44
CA GLN B 475 13.03 5.42 -30.72
C GLN B 475 12.71 4.99 -29.30
N THR B 476 11.62 5.48 -28.72
CA THR B 476 11.30 5.15 -27.33
C THR B 476 10.18 4.14 -27.22
N ILE B 477 9.75 3.57 -28.34
CA ILE B 477 8.80 2.47 -28.34
C ILE B 477 9.63 1.18 -28.32
N PRO B 478 9.37 0.24 -27.41
CA PRO B 478 10.12 -1.00 -27.40
C PRO B 478 9.81 -1.86 -28.62
N ARG B 479 10.82 -2.58 -29.08
CA ARG B 479 10.82 -3.30 -30.34
C ARG B 479 9.74 -4.39 -30.50
N PRO B 480 9.35 -5.17 -29.49
CA PRO B 480 8.20 -6.06 -29.72
C PRO B 480 6.88 -5.33 -29.86
N LEU B 481 6.75 -4.14 -29.27
CA LEU B 481 5.51 -3.39 -29.42
C LEU B 481 5.43 -2.69 -30.75
N LEU B 482 6.57 -2.27 -31.30
CA LEU B 482 6.57 -1.60 -32.59
C LEU B 482 6.31 -2.57 -33.72
N ASP B 483 6.61 -3.85 -33.54
CA ASP B 483 6.44 -4.80 -34.62
C ASP B 483 4.98 -5.14 -34.87
N ARG B 484 4.10 -4.90 -33.91
CA ARG B 484 2.69 -5.23 -34.04
C ARG B 484 1.89 -4.17 -34.77
N MET B 485 2.46 -3.00 -35.00
CA MET B 485 1.73 -1.85 -35.50
C MET B 485 2.20 -1.50 -36.90
N GLU B 486 1.27 -1.01 -37.72
CA GLU B 486 1.62 -0.51 -39.03
C GLU B 486 1.99 0.96 -38.97
N VAL B 487 3.18 1.31 -39.45
CA VAL B 487 3.68 2.68 -39.35
C VAL B 487 3.17 3.50 -40.51
N ILE B 488 2.76 4.73 -40.22
CA ILE B 488 2.45 5.73 -41.24
C ILE B 488 3.14 7.01 -40.81
N GLU B 489 4.06 7.49 -41.63
CA GLU B 489 4.83 8.67 -41.29
C GLU B 489 4.21 9.89 -41.95
N ILE B 490 3.97 10.92 -41.14
CA ILE B 490 3.42 12.18 -41.60
C ILE B 490 4.53 13.22 -41.48
N PRO B 491 5.09 13.71 -42.59
CA PRO B 491 6.42 14.31 -42.53
C PRO B 491 6.53 15.75 -42.06
N GLY B 492 5.53 16.60 -42.28
CA GLY B 492 5.70 18.02 -42.10
C GLY B 492 5.52 18.78 -43.39
N TYR B 493 4.96 19.98 -43.29
CA TYR B 493 4.40 20.63 -44.45
C TYR B 493 5.40 21.54 -45.13
N THR B 494 5.24 21.69 -46.45
CA THR B 494 5.99 22.64 -47.23
C THR B 494 5.30 23.99 -47.17
N ASN B 495 5.87 25.00 -47.82
CA ASN B 495 5.33 26.35 -47.65
C ASN B 495 4.03 26.57 -48.42
N MET B 496 3.90 25.99 -49.61
CA MET B 496 2.68 26.24 -50.37
C MET B 496 1.50 25.46 -49.83
N GLU B 497 1.73 24.31 -49.19
CA GLU B 497 0.60 23.63 -48.57
C GLU B 497 0.30 24.23 -47.20
N LYS B 498 1.28 24.88 -46.56
CA LYS B 498 0.96 25.76 -45.45
C LYS B 498 0.09 26.94 -45.88
N GLN B 499 0.32 27.47 -47.09
CA GLN B 499 -0.55 28.53 -47.61
C GLN B 499 -1.96 28.01 -47.84
N ALA B 500 -2.08 26.80 -48.36
CA ALA B 500 -3.41 26.23 -48.61
C ALA B 500 -4.16 25.95 -47.32
N ILE B 501 -3.44 25.46 -46.30
CA ILE B 501 -4.05 25.27 -44.98
C ILE B 501 -4.48 26.60 -44.38
N ALA B 502 -3.64 27.62 -44.48
CA ALA B 502 -3.97 28.92 -43.91
C ALA B 502 -5.11 29.60 -44.64
N ARG B 503 -5.22 29.43 -45.95
CA ARG B 503 -6.33 30.04 -46.67
C ARG B 503 -7.64 29.31 -46.42
N GLN B 504 -7.61 27.98 -46.43
CA GLN B 504 -8.86 27.25 -46.43
C GLN B 504 -9.35 26.85 -45.04
N TYR B 505 -8.47 26.71 -44.05
CA TYR B 505 -8.91 26.16 -42.78
C TYR B 505 -8.65 27.10 -41.60
N LEU B 506 -7.44 27.64 -41.50
CA LEU B 506 -7.06 28.35 -40.28
C LEU B 506 -7.67 29.75 -40.22
N TRP B 507 -7.58 30.50 -41.30
CA TRP B 507 -8.06 31.88 -41.29
C TRP B 507 -9.56 32.08 -41.17
N PRO B 508 -10.45 31.30 -41.84
CA PRO B 508 -11.87 31.47 -41.53
C PRO B 508 -12.25 31.09 -40.11
N LYS B 509 -11.55 30.09 -39.55
CA LYS B 509 -11.78 29.71 -38.16
C LYS B 509 -11.36 30.81 -37.20
N GLN B 510 -10.22 31.46 -37.47
CA GLN B 510 -9.78 32.53 -36.59
C GLN B 510 -10.61 33.79 -36.78
N VAL B 511 -11.24 33.95 -37.95
CA VAL B 511 -12.11 35.10 -38.14
C VAL B 511 -13.45 34.90 -37.43
N ARG B 512 -14.02 33.68 -37.49
CA ARG B 512 -15.31 33.45 -36.84
C ARG B 512 -15.21 33.55 -35.32
N GLU B 513 -14.12 33.10 -34.74
CA GLU B 513 -14.00 33.11 -33.29
C GLU B 513 -13.60 34.46 -32.73
N SER B 514 -13.48 35.49 -33.57
CA SER B 514 -13.23 36.84 -33.10
C SER B 514 -14.36 37.81 -33.39
N GLY B 515 -15.41 37.37 -34.07
CA GLY B 515 -16.54 38.24 -34.34
C GLY B 515 -16.30 39.23 -35.46
N MET B 516 -15.20 39.07 -36.20
CA MET B 516 -14.83 40.00 -37.25
C MET B 516 -15.13 39.47 -38.64
N GLU B 517 -16.25 38.79 -38.82
CA GLU B 517 -16.52 38.16 -40.11
C GLU B 517 -17.09 39.18 -41.08
N GLY B 518 -16.53 39.21 -42.28
CA GLY B 518 -16.95 40.18 -43.27
C GLY B 518 -16.40 41.58 -43.04
N ARG B 519 -15.35 41.71 -42.25
CA ARG B 519 -14.80 43.00 -41.91
C ARG B 519 -13.31 43.13 -42.15
N ILE B 520 -12.60 42.03 -42.38
CA ILE B 520 -11.16 42.04 -42.51
C ILE B 520 -10.75 40.77 -43.26
N GLU B 521 -9.69 40.87 -44.08
CA GLU B 521 -9.07 39.69 -44.64
C GLU B 521 -7.63 40.01 -44.99
N VAL B 522 -6.86 38.96 -45.29
CA VAL B 522 -5.47 39.09 -45.65
C VAL B 522 -5.31 38.65 -47.10
N THR B 523 -4.17 38.99 -47.69
CA THR B 523 -3.84 38.57 -49.04
C THR B 523 -2.85 37.42 -48.99
N ASP B 524 -2.51 36.90 -50.17
CA ASP B 524 -1.65 35.73 -50.24
C ASP B 524 -0.20 36.07 -49.95
N ALA B 525 0.24 37.24 -50.40
CA ALA B 525 1.58 37.72 -50.08
C ALA B 525 1.74 37.95 -48.58
N ALA B 526 0.68 38.39 -47.92
CA ALA B 526 0.71 38.56 -46.47
C ALA B 526 0.84 37.23 -45.75
N ILE B 527 0.13 36.20 -46.22
CA ILE B 527 0.22 34.89 -45.62
C ILE B 527 1.61 34.30 -45.84
N LEU B 528 2.18 34.52 -47.02
CA LEU B 528 3.53 34.01 -47.29
C LEU B 528 4.58 34.73 -46.44
N ARG B 529 4.38 36.02 -46.18
CA ARG B 529 5.31 36.73 -45.32
C ARG B 529 5.19 36.28 -43.86
N VAL B 530 3.97 36.00 -43.41
CA VAL B 530 3.78 35.49 -42.05
C VAL B 530 4.42 34.11 -41.89
N ILE B 531 4.30 33.26 -42.91
CA ILE B 531 4.93 31.95 -42.85
C ILE B 531 6.45 32.06 -42.86
N SER B 532 7.00 32.92 -43.70
CA SER B 532 8.45 32.95 -43.86
C SER B 532 9.15 33.66 -42.71
N GLU B 533 8.65 34.81 -42.26
CA GLU B 533 9.42 35.65 -41.36
C GLU B 533 9.01 35.57 -39.90
N TYR B 534 7.85 35.02 -39.58
CA TYR B 534 7.35 35.02 -38.20
C TYR B 534 7.14 33.62 -37.65
N THR B 535 7.56 32.59 -38.38
CA THR B 535 7.25 31.21 -38.03
C THR B 535 8.41 30.32 -38.45
N ARG B 536 8.86 29.47 -37.53
CA ARG B 536 9.86 28.47 -37.87
C ARG B 536 9.51 27.19 -37.12
N GLU B 537 8.86 26.27 -37.82
CA GLU B 537 8.31 25.06 -37.22
C GLU B 537 7.89 24.14 -38.36
N ALA B 538 7.52 22.92 -38.01
CA ALA B 538 7.03 21.95 -38.98
C ALA B 538 5.52 21.81 -38.97
N GLY B 539 4.86 22.15 -37.86
CA GLY B 539 3.42 22.12 -37.78
C GLY B 539 2.80 23.44 -38.15
N VAL B 540 1.55 23.62 -37.72
CA VAL B 540 0.78 24.82 -38.04
C VAL B 540 0.19 25.49 -36.81
N ARG B 541 0.73 25.27 -35.62
CA ARG B 541 0.19 25.96 -34.45
C ARG B 541 0.67 27.40 -34.37
N GLY B 542 1.93 27.65 -34.72
CA GLY B 542 2.44 29.01 -34.69
C GLY B 542 1.77 29.92 -35.70
N LEU B 543 1.51 29.40 -36.89
CA LEU B 543 0.78 30.13 -37.92
C LEU B 543 -0.62 30.47 -37.46
N GLU B 544 -1.26 29.54 -36.75
CA GLU B 544 -2.59 29.78 -36.21
C GLU B 544 -2.55 30.86 -35.14
N ARG B 545 -1.49 30.91 -34.34
CA ARG B 545 -1.40 31.97 -33.33
C ARG B 545 -1.13 33.34 -33.93
N GLU B 546 -0.35 33.43 -35.02
CA GLU B 546 -0.17 34.76 -35.62
C GLU B 546 -1.43 35.24 -36.34
N LEU B 547 -2.18 34.32 -36.95
CA LEU B 547 -3.46 34.73 -37.53
C LEU B 547 -4.45 35.13 -36.44
N GLY B 548 -4.37 34.49 -35.28
CA GLY B 548 -5.16 34.93 -34.14
C GLY B 548 -4.79 36.30 -33.64
N LYS B 549 -3.50 36.64 -33.65
CA LYS B 549 -3.07 38.00 -33.28
C LYS B 549 -3.64 39.04 -34.24
N ILE B 550 -3.63 38.73 -35.53
CA ILE B 550 -4.17 39.67 -36.52
C ILE B 550 -5.66 39.87 -36.32
N ALA B 551 -6.39 38.79 -36.05
CA ALA B 551 -7.83 38.92 -35.81
C ALA B 551 -8.16 39.65 -34.51
N ARG B 552 -7.37 39.44 -33.45
CA ARG B 552 -7.60 40.16 -32.21
C ARG B 552 -7.34 41.65 -32.37
N LYS B 553 -6.24 42.02 -33.03
CA LYS B 553 -5.92 43.44 -33.15
C LYS B 553 -6.90 44.13 -34.10
N GLY B 554 -7.43 43.41 -35.09
CA GLY B 554 -8.53 43.96 -35.86
C GLY B 554 -9.78 44.15 -35.04
N ALA B 555 -10.06 43.24 -34.11
CA ALA B 555 -11.23 43.38 -33.25
C ALA B 555 -11.09 44.57 -32.31
N LYS B 556 -9.88 44.82 -31.82
CA LYS B 556 -9.68 45.98 -30.95
C LYS B 556 -9.72 47.28 -31.74
N PHE B 557 -9.23 47.28 -32.98
CA PHE B 557 -9.33 48.47 -33.81
C PHE B 557 -10.77 48.77 -34.22
N TRP B 558 -11.62 47.74 -34.28
CA TRP B 558 -13.02 47.98 -34.63
C TRP B 558 -13.75 48.78 -33.56
N LEU B 559 -13.42 48.56 -32.28
CA LEU B 559 -14.16 49.23 -31.22
C LEU B 559 -13.73 50.67 -31.04
N GLU B 560 -12.50 51.02 -31.42
CA GLU B 560 -12.07 52.40 -31.31
C GLU B 560 -12.71 53.27 -32.38
N GLY B 561 -13.10 52.68 -33.50
CA GLY B 561 -13.92 53.35 -34.48
C GLY B 561 -14.16 52.45 -35.67
N ALA B 562 -15.41 52.33 -36.10
CA ALA B 562 -15.78 51.40 -37.15
C ALA B 562 -15.45 51.98 -38.52
N TRP B 563 -15.12 51.09 -39.45
CA TRP B 563 -14.85 51.46 -40.83
C TRP B 563 -15.94 50.86 -41.70
N GLU B 564 -16.07 51.38 -42.91
CA GLU B 564 -17.06 50.89 -43.85
C GLU B 564 -16.42 49.87 -44.79
N GLY B 565 -17.10 48.75 -44.98
CA GLY B 565 -16.60 47.71 -45.86
C GLY B 565 -15.67 46.76 -45.15
N LEU B 566 -14.49 46.52 -45.72
CA LEU B 566 -13.52 45.62 -45.14
C LEU B 566 -12.11 46.13 -45.36
N ARG B 567 -11.29 46.04 -44.31
CA ARG B 567 -9.87 46.32 -44.45
C ARG B 567 -9.20 45.11 -45.09
N THR B 568 -8.22 45.37 -45.94
CA THR B 568 -7.45 44.31 -46.57
C THR B 568 -6.00 44.46 -46.16
N ILE B 569 -5.46 43.45 -45.49
CA ILE B 569 -4.09 43.50 -45.01
C ILE B 569 -3.18 43.06 -46.15
N ASP B 570 -2.22 43.89 -46.50
CA ASP B 570 -1.22 43.54 -47.48
C ASP B 570 0.05 43.07 -46.78
N ALA B 571 1.11 42.84 -47.55
CA ALA B 571 2.34 42.35 -46.98
C ALA B 571 3.08 43.44 -46.23
N SER B 572 2.85 44.70 -46.60
CA SER B 572 3.54 45.80 -45.95
C SER B 572 2.90 46.15 -44.61
N ASP B 573 1.64 45.76 -44.43
CA ASP B 573 0.91 46.06 -43.20
C ASP B 573 1.18 45.06 -42.09
N ILE B 574 1.94 44.01 -42.37
CA ILE B 574 2.15 42.95 -41.37
C ILE B 574 2.92 43.42 -40.14
N PRO B 575 4.04 44.16 -40.21
CA PRO B 575 4.71 44.56 -38.96
C PRO B 575 3.94 45.59 -38.13
N THR B 576 2.85 46.16 -38.65
CA THR B 576 1.94 46.93 -37.81
C THR B 576 1.27 46.04 -36.78
N TYR B 577 0.90 44.83 -37.18
CA TYR B 577 0.17 43.90 -36.34
C TYR B 577 1.07 42.95 -35.57
N LEU B 578 2.12 42.44 -36.19
CA LEU B 578 2.92 41.41 -35.57
C LEU B 578 4.25 41.91 -35.01
N GLY B 579 4.70 43.09 -35.40
CA GLY B 579 5.92 43.64 -34.85
C GLY B 579 7.13 43.40 -35.72
N ILE B 580 8.29 43.42 -35.07
CA ILE B 580 9.56 43.25 -35.78
C ILE B 580 9.70 41.79 -36.18
N PRO B 581 10.09 41.49 -37.45
CA PRO B 581 10.26 40.09 -37.88
C PRO B 581 11.30 39.33 -37.10
N ARG B 582 11.03 38.05 -36.82
CA ARG B 582 11.84 37.29 -35.89
C ARG B 582 12.85 36.38 -36.54
N TYR B 583 12.72 36.09 -37.84
CA TYR B 583 13.59 35.13 -38.48
C TYR B 583 14.09 35.70 -39.79
N ARG B 584 15.33 35.37 -40.14
CA ARG B 584 15.93 35.81 -41.38
C ARG B 584 15.91 34.67 -42.38
N PRO B 585 15.45 34.92 -43.61
CA PRO B 585 15.47 33.87 -44.62
C PRO B 585 16.88 33.60 -45.12
N ASP B 586 17.04 32.46 -45.79
CA ASP B 586 18.33 32.13 -46.37
C ASP B 586 18.53 32.87 -47.69
N LYS B 587 19.79 33.19 -47.98
CA LYS B 587 20.12 33.87 -49.22
C LYS B 587 21.23 33.11 -49.92
N ALA B 588 21.19 33.13 -51.24
CA ALA B 588 22.22 32.51 -52.06
C ALA B 588 23.23 33.58 -52.44
N GLU B 589 24.51 33.22 -52.40
CA GLU B 589 25.53 34.14 -52.86
C GLU B 589 25.58 34.13 -54.39
N THR B 590 26.23 35.15 -54.95
CA THR B 590 26.22 35.34 -56.38
C THR B 590 27.58 35.16 -57.06
N GLU B 591 28.66 35.51 -56.42
CA GLU B 591 29.93 35.51 -57.11
C GLU B 591 30.77 34.32 -56.64
N PRO B 592 31.73 33.84 -57.45
CA PRO B 592 32.58 32.74 -57.00
C PRO B 592 33.51 33.17 -55.88
N GLN B 593 33.82 32.24 -55.00
CA GLN B 593 34.61 32.50 -53.80
C GLN B 593 35.71 31.45 -53.69
N VAL B 594 36.90 31.88 -53.31
CA VAL B 594 38.00 30.95 -53.06
C VAL B 594 37.82 30.32 -51.69
N GLY B 595 37.70 29.00 -51.65
CA GLY B 595 37.65 28.29 -50.39
C GLY B 595 36.29 28.20 -49.75
N THR B 596 35.21 28.28 -50.53
CA THR B 596 33.88 28.33 -49.98
C THR B 596 32.97 27.46 -50.84
N ALA B 597 32.10 26.68 -50.21
CA ALA B 597 31.18 25.86 -50.98
C ALA B 597 29.79 25.90 -50.35
N GLN B 598 28.79 25.63 -51.17
CA GLN B 598 27.38 25.77 -50.82
C GLN B 598 26.75 24.39 -50.77
N GLY B 599 26.39 23.94 -49.56
CA GLY B 599 25.77 22.66 -49.36
C GLY B 599 24.38 22.79 -48.76
N LEU B 600 23.76 21.64 -48.52
CA LEU B 600 22.40 21.57 -48.04
C LEU B 600 22.36 20.78 -46.75
N ALA B 601 21.42 21.10 -45.87
CA ALA B 601 21.28 20.38 -44.62
C ALA B 601 19.81 20.13 -44.33
N TRP B 602 19.57 19.10 -43.53
CA TRP B 602 18.23 18.70 -43.13
C TRP B 602 18.09 18.85 -41.63
N THR B 603 17.05 19.56 -41.20
CA THR B 603 16.72 19.79 -39.80
C THR B 603 15.28 19.32 -39.63
N PRO B 604 14.81 19.05 -38.39
CA PRO B 604 13.40 18.66 -38.22
C PRO B 604 12.40 19.73 -38.63
N VAL B 605 12.79 21.00 -38.62
CA VAL B 605 11.94 22.04 -39.18
C VAL B 605 11.90 21.95 -40.69
N GLY B 606 13.01 21.60 -41.34
CA GLY B 606 13.05 21.57 -42.77
C GLY B 606 14.48 21.68 -43.28
N GLY B 607 14.59 21.96 -44.57
CA GLY B 607 15.90 22.09 -45.17
C GLY B 607 16.47 23.48 -45.00
N THR B 608 17.78 23.54 -44.86
CA THR B 608 18.50 24.81 -44.77
C THR B 608 19.74 24.74 -45.65
N LEU B 609 20.39 25.88 -45.79
CA LEU B 609 21.65 25.98 -46.52
C LEU B 609 22.82 25.93 -45.57
N LEU B 610 23.80 25.10 -45.87
CA LEU B 610 25.09 25.15 -45.22
C LEU B 610 26.10 25.86 -46.11
N THR B 611 27.02 26.56 -45.48
CA THR B 611 28.16 27.14 -46.17
C THR B 611 29.41 26.62 -45.50
N ILE B 612 30.27 25.98 -46.28
CA ILE B 612 31.53 25.46 -45.77
C ILE B 612 32.62 26.45 -46.14
N GLU B 613 33.42 26.86 -45.16
CA GLU B 613 34.53 27.77 -45.40
C GLU B 613 35.83 27.10 -45.00
N VAL B 614 36.85 27.19 -45.84
CA VAL B 614 38.13 26.57 -45.57
C VAL B 614 39.22 27.62 -45.77
N ALA B 615 40.09 27.76 -44.78
CA ALA B 615 41.27 28.59 -44.91
C ALA B 615 42.52 27.71 -44.91
N ALA B 616 43.45 28.02 -45.79
CA ALA B 616 44.72 27.30 -45.89
C ALA B 616 45.85 28.29 -45.69
N VAL B 617 46.47 28.25 -44.51
CA VAL B 617 47.49 29.23 -44.14
C VAL B 617 48.81 28.49 -44.06
N PRO B 618 49.96 29.16 -44.16
CA PRO B 618 51.23 28.44 -44.01
C PRO B 618 51.44 28.00 -42.57
N GLY B 619 51.94 26.78 -42.41
CA GLY B 619 52.08 26.18 -41.11
C GLY B 619 52.86 24.89 -41.14
N SER B 620 52.50 23.93 -40.30
CA SER B 620 53.29 22.71 -40.20
C SER B 620 52.52 21.46 -40.60
N GLY B 621 51.26 21.56 -40.95
CA GLY B 621 50.45 20.45 -41.37
C GLY B 621 49.56 20.00 -40.25
N LYS B 622 48.33 20.52 -40.22
CA LYS B 622 47.38 20.29 -39.15
C LYS B 622 45.99 20.38 -39.75
N LEU B 623 44.99 20.11 -38.92
CA LEU B 623 43.61 20.16 -39.38
C LEU B 623 42.74 20.46 -38.16
N SER B 624 42.26 21.69 -38.08
CA SER B 624 41.36 22.08 -37.01
C SER B 624 39.96 22.30 -37.58
N LEU B 625 38.96 21.87 -36.83
CA LEU B 625 37.59 21.73 -37.34
C LEU B 625 36.66 22.37 -36.34
N THR B 626 36.19 23.59 -36.62
CA THR B 626 35.34 24.31 -35.69
C THR B 626 33.93 24.43 -36.24
N GLY B 627 33.04 24.94 -35.38
CA GLY B 627 31.66 25.15 -35.75
C GLY B 627 30.67 24.20 -35.12
N GLN B 628 31.02 23.59 -33.98
CA GLN B 628 30.20 22.60 -33.26
C GLN B 628 29.82 21.44 -34.17
N LEU B 629 30.83 20.74 -34.66
CA LEU B 629 30.57 19.65 -35.58
C LEU B 629 30.42 18.33 -34.81
N GLY B 630 29.68 17.41 -35.40
CA GLY B 630 29.60 16.08 -34.86
C GLY B 630 30.84 15.26 -35.20
N GLU B 631 30.80 14.00 -34.83
CA GLU B 631 31.98 13.17 -35.05
C GLU B 631 32.01 12.59 -36.46
N VAL B 632 30.84 12.24 -37.00
CA VAL B 632 30.78 11.69 -38.35
C VAL B 632 31.10 12.76 -39.39
N MET B 633 30.83 14.03 -39.08
CA MET B 633 31.17 15.08 -40.03
C MET B 633 32.67 15.36 -40.04
N LYS B 634 33.32 15.23 -38.87
CA LYS B 634 34.77 15.32 -38.82
C LYS B 634 35.44 14.17 -39.55
N GLU B 635 34.88 12.97 -39.43
CA GLU B 635 35.43 11.84 -40.16
C GLU B 635 35.23 11.99 -41.66
N SER B 636 34.12 12.61 -42.07
CA SER B 636 33.91 12.89 -43.50
C SER B 636 34.92 13.89 -44.04
N ALA B 637 35.25 14.91 -43.23
CA ALA B 637 36.27 15.87 -43.62
C ALA B 637 37.65 15.22 -43.74
N GLN B 638 37.98 14.31 -42.82
CA GLN B 638 39.26 13.63 -42.90
C GLN B 638 39.33 12.68 -44.08
N ALA B 639 38.21 12.04 -44.45
CA ALA B 639 38.21 11.19 -45.62
C ALA B 639 38.39 11.97 -46.91
N ALA B 640 37.77 13.15 -47.00
CA ALA B 640 37.95 13.99 -48.18
C ALA B 640 39.39 14.51 -48.29
N LEU B 641 39.98 14.89 -47.16
CA LEU B 641 41.36 15.36 -47.18
C LEU B 641 42.32 14.25 -47.53
N THR B 642 42.06 13.03 -47.06
CA THR B 642 42.92 11.91 -47.42
C THR B 642 42.77 11.54 -48.89
N TYR B 643 41.58 11.74 -49.46
CA TYR B 643 41.45 11.57 -50.90
C TYR B 643 42.29 12.57 -51.66
N LEU B 644 42.31 13.83 -51.22
CA LEU B 644 43.06 14.83 -51.98
C LEU B 644 44.57 14.69 -51.84
N ARG B 645 45.06 14.04 -50.79
CA ARG B 645 46.51 13.85 -50.65
C ARG B 645 47.06 12.81 -51.60
N ALA B 646 46.22 11.93 -52.13
CA ALA B 646 46.67 10.90 -53.04
C ALA B 646 46.49 11.25 -54.50
N HIS B 647 45.95 12.44 -54.80
CA HIS B 647 45.71 12.84 -56.17
C HIS B 647 46.13 14.27 -56.40
N THR B 648 47.30 14.65 -55.90
CA THR B 648 47.77 16.02 -56.05
C THR B 648 48.12 16.39 -57.48
N GLN B 649 48.48 15.41 -58.31
CA GLN B 649 48.76 15.67 -59.71
C GLN B 649 47.53 16.02 -60.52
N ASP B 650 46.37 15.47 -60.18
CA ASP B 650 45.17 15.61 -60.98
C ASP B 650 44.56 17.00 -60.91
N TYR B 651 44.72 17.72 -59.81
CA TYR B 651 43.96 18.94 -59.64
C TYR B 651 44.81 20.17 -59.47
N GLY B 652 46.12 20.08 -59.67
CA GLY B 652 46.97 21.26 -59.56
C GLY B 652 47.19 21.73 -58.15
N LEU B 653 47.15 20.81 -57.20
CA LEU B 653 47.42 21.15 -55.82
C LEU B 653 48.93 21.32 -55.62
N PRO B 654 49.35 21.99 -54.54
CA PRO B 654 50.78 22.00 -54.21
C PRO B 654 51.26 20.61 -53.87
N GLU B 655 52.56 20.37 -54.09
CA GLU B 655 53.08 19.01 -54.03
C GLU B 655 53.15 18.50 -52.59
N ASP B 656 53.50 19.36 -51.65
CA ASP B 656 53.57 18.92 -50.27
C ASP B 656 52.84 19.90 -49.36
N PHE B 657 51.53 19.69 -49.22
CA PHE B 657 50.77 20.54 -48.32
C PHE B 657 50.50 19.77 -47.04
N TYR B 658 50.97 18.53 -46.96
CA TYR B 658 50.73 17.72 -45.78
C TYR B 658 51.63 18.09 -44.61
N ASN B 659 52.68 18.88 -44.85
CA ASN B 659 53.55 19.30 -43.76
C ASN B 659 53.94 20.76 -43.86
N LYS B 660 53.35 21.48 -44.83
CA LYS B 660 53.64 22.89 -45.00
C LYS B 660 52.44 23.80 -44.81
N VAL B 661 51.22 23.29 -44.77
CA VAL B 661 50.02 24.09 -44.78
C VAL B 661 49.12 23.65 -43.64
N ASP B 662 48.64 24.59 -42.84
CA ASP B 662 47.60 24.31 -41.87
C ASP B 662 46.24 24.66 -42.46
N LEU B 663 45.26 23.79 -42.24
CA LEU B 663 43.92 24.01 -42.74
C LEU B 663 42.95 24.24 -41.58
N HIS B 664 41.94 25.05 -41.85
CA HIS B 664 40.89 25.34 -40.88
C HIS B 664 39.57 25.25 -41.60
N VAL B 665 38.69 24.36 -41.15
CA VAL B 665 37.38 24.16 -41.74
C VAL B 665 36.34 24.70 -40.78
N HIS B 666 35.53 25.63 -41.24
CA HIS B 666 34.54 26.30 -40.41
C HIS B 666 33.17 26.17 -41.05
N VAL B 667 32.18 25.91 -40.22
CA VAL B 667 30.79 25.83 -40.65
C VAL B 667 29.97 26.82 -39.84
N PRO B 668 29.67 27.99 -40.40
CA PRO B 668 28.81 28.94 -39.69
C PRO B 668 27.37 28.44 -39.61
N ASP B 669 26.69 28.75 -38.51
CA ASP B 669 27.19 29.54 -37.39
C ASP B 669 27.71 28.69 -36.25
N GLY B 670 28.42 29.33 -35.32
CA GLY B 670 29.10 28.60 -34.26
C GLY B 670 28.21 28.15 -33.12
N ALA B 671 26.96 28.61 -33.10
CA ALA B 671 26.07 28.29 -32.01
C ALA B 671 25.15 27.11 -32.29
N THR B 672 25.21 26.54 -33.49
CA THR B 672 24.32 25.45 -33.87
C THR B 672 25.11 24.16 -34.01
N PRO B 673 24.67 23.01 -33.45
CA PRO B 673 25.36 21.75 -33.67
C PRO B 673 25.04 21.11 -35.02
N LYS B 674 26.04 20.53 -35.70
CA LYS B 674 25.86 19.92 -37.04
C LYS B 674 26.43 18.50 -37.12
N ASP B 675 25.74 17.54 -37.76
CA ASP B 675 26.21 16.14 -37.95
C ASP B 675 25.44 15.50 -39.10
N GLY B 676 26.25 14.42 -39.42
CA GLY B 676 25.93 13.40 -40.43
C GLY B 676 26.94 13.32 -41.54
N PRO B 677 26.88 12.33 -42.44
CA PRO B 677 27.89 12.19 -43.46
C PRO B 677 27.51 12.79 -44.81
N SER B 678 26.51 13.66 -44.89
CA SER B 678 26.01 14.14 -46.20
C SER B 678 26.73 15.36 -46.75
N ALA B 679 27.82 15.79 -46.15
CA ALA B 679 28.49 17.01 -46.60
C ALA B 679 29.88 16.69 -47.09
N GLY B 680 30.14 15.47 -47.47
CA GLY B 680 31.46 15.08 -47.94
C GLY B 680 31.85 15.72 -49.23
N ILE B 681 30.94 15.86 -50.17
CA ILE B 681 31.38 16.37 -51.50
C ILE B 681 31.54 17.88 -51.44
N THR B 682 30.95 18.56 -50.50
CA THR B 682 31.11 20.00 -50.32
C THR B 682 32.36 20.31 -49.51
N MET B 683 32.73 19.42 -48.57
CA MET B 683 34.03 19.51 -47.90
C MET B 683 35.17 19.41 -48.90
N ALA B 684 35.10 18.43 -49.80
CA ALA B 684 36.18 18.22 -50.75
C ALA B 684 36.27 19.35 -51.75
N THR B 685 35.13 19.92 -52.15
CA THR B 685 35.13 21.06 -53.05
C THR B 685 35.76 22.28 -52.39
N ALA B 686 35.40 22.55 -51.13
CA ALA B 686 35.94 23.71 -50.44
C ALA B 686 37.43 23.56 -50.16
N ILE B 687 37.88 22.34 -49.82
CA ILE B 687 39.30 22.13 -49.55
C ILE B 687 40.12 22.21 -50.82
N ALA B 688 39.62 21.66 -51.93
CA ALA B 688 40.34 21.76 -53.19
C ALA B 688 40.36 23.20 -53.71
N SER B 689 39.30 23.96 -53.46
CA SER B 689 39.31 25.36 -53.85
C SER B 689 40.27 26.17 -53.00
N ALA B 690 40.40 25.85 -51.72
CA ALA B 690 41.31 26.59 -50.87
C ALA B 690 42.76 26.25 -51.16
N LEU B 691 43.05 25.01 -51.53
CA LEU B 691 44.43 24.63 -51.80
C LEU B 691 44.89 25.00 -53.21
N SER B 692 44.02 24.89 -54.20
CA SER B 692 44.43 25.15 -55.57
C SER B 692 44.27 26.60 -55.98
N ARG B 693 43.73 27.46 -55.10
CA ARG B 693 43.47 28.88 -55.35
C ARG B 693 42.55 29.10 -56.54
N ARG B 694 41.60 28.20 -56.75
CA ARG B 694 40.66 28.32 -57.84
C ARG B 694 39.28 28.57 -57.24
N PRO B 695 38.58 29.64 -57.62
CA PRO B 695 37.32 29.95 -56.95
C PRO B 695 36.21 29.00 -57.37
N ALA B 696 35.36 28.65 -56.41
CA ALA B 696 34.29 27.71 -56.66
C ALA B 696 32.98 28.47 -56.88
N ARG B 697 32.14 27.93 -57.76
CA ARG B 697 30.87 28.57 -58.08
C ARG B 697 29.91 28.44 -56.91
N MET B 698 29.20 29.51 -56.61
CA MET B 698 28.30 29.54 -55.47
C MET B 698 26.84 29.47 -55.85
N ASP B 699 26.53 29.41 -57.14
CA ASP B 699 25.16 29.23 -57.60
C ASP B 699 24.82 27.76 -57.82
N ILE B 700 25.58 26.85 -57.23
CA ILE B 700 25.35 25.41 -57.36
C ILE B 700 25.36 24.82 -55.95
N ALA B 701 24.24 24.25 -55.54
CA ALA B 701 24.19 23.54 -54.29
C ALA B 701 24.46 22.06 -54.54
N MET B 702 25.07 21.40 -53.55
CA MET B 702 25.47 20.01 -53.74
C MET B 702 25.27 19.26 -52.44
N THR B 703 25.22 17.93 -52.55
CA THR B 703 25.11 17.06 -51.39
C THR B 703 25.57 15.66 -51.79
N GLY B 704 26.08 14.92 -50.81
CA GLY B 704 26.54 13.57 -51.07
C GLY B 704 27.65 13.10 -50.13
N GLU B 705 27.77 11.78 -49.95
CA GLU B 705 28.78 11.19 -49.11
C GLU B 705 29.95 10.71 -49.96
N VAL B 706 31.17 11.00 -49.53
CA VAL B 706 32.37 10.63 -50.27
C VAL B 706 33.04 9.47 -49.55
N SER B 707 33.65 8.57 -50.31
CA SER B 707 34.45 7.48 -49.77
C SER B 707 35.92 7.80 -49.94
N LEU B 708 36.77 6.85 -49.56
CA LEU B 708 38.20 7.10 -49.61
C LEU B 708 38.75 6.88 -51.02
N ARG B 709 38.03 6.14 -51.85
CA ARG B 709 38.37 5.98 -53.26
C ARG B 709 37.81 7.09 -54.12
N GLY B 710 37.01 7.98 -53.55
CA GLY B 710 36.40 9.01 -54.35
C GLY B 710 35.08 8.63 -54.97
N LYS B 711 34.37 7.67 -54.38
CA LYS B 711 33.05 7.31 -54.86
C LYS B 711 32.01 8.14 -54.11
N VAL B 712 30.96 8.54 -54.82
CA VAL B 712 29.87 9.30 -54.22
C VAL B 712 28.76 8.34 -53.86
N MET B 713 28.36 8.34 -52.61
CA MET B 713 27.41 7.41 -52.05
C MET B 713 26.10 8.11 -51.73
N PRO B 714 24.96 7.41 -51.80
CA PRO B 714 23.67 8.10 -51.67
C PRO B 714 23.38 8.56 -50.25
N ILE B 715 22.51 9.56 -50.16
CA ILE B 715 22.17 10.23 -48.90
C ILE B 715 20.66 10.18 -48.71
N GLY B 716 20.21 10.72 -47.57
CA GLY B 716 18.82 10.77 -47.23
C GLY B 716 18.30 12.19 -47.05
N GLY B 717 16.98 12.30 -47.18
CA GLY B 717 16.31 13.58 -47.01
C GLY B 717 16.39 14.49 -48.21
N VAL B 718 16.05 13.97 -49.39
CA VAL B 718 16.34 14.69 -50.62
C VAL B 718 15.36 15.83 -50.86
N LYS B 719 14.06 15.59 -50.62
CA LYS B 719 13.07 16.55 -51.06
C LYS B 719 13.06 17.81 -50.19
N GLU B 720 13.39 17.68 -48.90
CA GLU B 720 13.49 18.86 -48.06
C GLU B 720 14.66 19.75 -48.48
N LYS B 721 15.79 19.12 -48.78
CA LYS B 721 16.97 19.86 -49.21
C LYS B 721 16.74 20.54 -50.55
N LEU B 722 16.08 19.86 -51.48
CA LEU B 722 15.86 20.47 -52.79
C LEU B 722 14.78 21.53 -52.74
N LEU B 723 13.78 21.40 -51.85
CA LEU B 723 12.83 22.49 -51.68
C LEU B 723 13.49 23.70 -51.05
N ALA B 724 14.44 23.49 -50.13
CA ALA B 724 15.15 24.63 -49.55
C ALA B 724 16.02 25.32 -50.57
N ALA B 725 16.70 24.56 -51.42
CA ALA B 725 17.50 25.15 -52.49
C ALA B 725 16.64 25.86 -53.51
N HIS B 726 15.41 25.42 -53.72
CA HIS B 726 14.51 26.13 -54.61
C HIS B 726 13.94 27.39 -53.98
N GLN B 727 13.69 27.38 -52.66
CA GLN B 727 13.25 28.58 -51.97
C GLN B 727 14.33 29.66 -51.96
N ALA B 728 15.59 29.27 -51.82
CA ALA B 728 16.66 30.25 -51.74
C ALA B 728 17.05 30.83 -53.09
N GLY B 729 16.56 30.27 -54.20
CA GLY B 729 16.88 30.84 -55.50
C GLY B 729 18.00 30.17 -56.24
N ILE B 730 18.34 28.94 -55.90
CA ILE B 730 19.39 28.18 -56.56
C ILE B 730 18.73 27.21 -57.52
N HIS B 731 19.23 27.13 -58.75
CA HIS B 731 18.62 26.30 -59.78
C HIS B 731 19.59 25.30 -60.39
N LYS B 732 20.69 25.00 -59.71
CA LYS B 732 21.63 23.98 -60.14
C LYS B 732 21.89 23.07 -58.95
N ILE B 733 21.70 21.77 -59.12
CA ILE B 733 21.84 20.81 -58.04
C ILE B 733 22.81 19.72 -58.50
N VAL B 734 23.73 19.33 -57.61
CA VAL B 734 24.58 18.17 -57.81
C VAL B 734 24.17 17.12 -56.80
N LEU B 735 23.88 15.91 -57.28
CA LEU B 735 23.24 14.88 -56.49
C LEU B 735 23.85 13.54 -56.89
N PRO B 736 23.92 12.58 -55.97
CA PRO B 736 24.46 11.27 -56.32
C PRO B 736 23.56 10.52 -57.29
N LYS B 737 24.18 9.57 -58.01
CA LYS B 737 23.47 8.82 -59.05
C LYS B 737 22.41 7.92 -58.46
N ASP B 738 22.63 7.42 -57.25
CA ASP B 738 21.70 6.48 -56.64
C ASP B 738 20.46 7.15 -56.06
N ASN B 739 20.34 8.47 -56.13
CA ASN B 739 19.14 9.14 -55.69
C ASN B 739 18.26 9.59 -56.85
N GLU B 740 18.24 8.85 -57.96
CA GLU B 740 17.26 9.11 -59.01
C GLU B 740 15.86 8.79 -58.54
N ALA B 741 15.72 7.72 -57.74
CA ALA B 741 14.41 7.26 -57.31
C ALA B 741 13.78 8.17 -56.28
N GLN B 742 14.53 9.08 -55.68
CA GLN B 742 13.95 10.00 -54.71
C GLN B 742 13.30 11.20 -55.37
N LEU B 743 13.47 11.37 -56.69
CA LEU B 743 13.05 12.58 -57.37
C LEU B 743 11.56 12.59 -57.68
N GLU B 744 10.85 11.46 -57.52
CA GLU B 744 9.42 11.48 -57.78
C GLU B 744 8.64 12.04 -56.60
N GLU B 745 9.32 12.22 -55.47
CA GLU B 745 8.65 12.78 -54.29
C GLU B 745 8.41 14.27 -54.46
N LEU B 746 9.18 14.92 -55.32
CA LEU B 746 9.07 16.36 -55.52
C LEU B 746 7.83 16.71 -56.32
N PRO B 747 7.26 17.90 -56.11
CA PRO B 747 6.20 18.37 -57.00
C PRO B 747 6.73 18.63 -58.40
N LYS B 748 5.83 18.55 -59.38
CA LYS B 748 6.25 18.70 -60.77
C LYS B 748 6.59 20.13 -61.13
N GLU B 749 6.17 21.10 -60.32
CA GLU B 749 6.55 22.48 -60.57
C GLU B 749 7.98 22.78 -60.17
N VAL B 750 8.50 22.10 -59.16
CA VAL B 750 9.86 22.30 -58.71
C VAL B 750 10.86 21.65 -59.66
N LEU B 751 10.56 20.45 -60.15
CA LEU B 751 11.47 19.75 -61.06
C LEU B 751 11.64 20.45 -62.40
N GLU B 752 10.67 21.27 -62.82
CA GLU B 752 10.86 22.01 -64.05
C GLU B 752 11.84 23.16 -63.88
N GLY B 753 11.94 23.71 -62.68
CA GLY B 753 12.85 24.81 -62.43
C GLY B 753 14.28 24.35 -62.19
N LEU B 754 14.44 23.24 -61.50
CA LEU B 754 15.76 22.77 -61.13
C LEU B 754 16.46 22.11 -62.32
N GLU B 755 17.76 21.92 -62.17
CA GLU B 755 18.59 21.28 -63.19
C GLU B 755 19.58 20.39 -62.46
N ILE B 756 19.28 19.09 -62.41
CA ILE B 756 20.00 18.15 -61.56
C ILE B 756 21.08 17.47 -62.39
N LYS B 757 22.32 17.52 -61.92
CA LYS B 757 23.41 16.75 -62.48
C LYS B 757 23.69 15.58 -61.55
N LEU B 758 23.75 14.38 -62.12
CA LEU B 758 23.91 13.15 -61.35
C LEU B 758 25.33 12.64 -61.51
N VAL B 759 26.00 12.41 -60.39
CA VAL B 759 27.42 12.07 -60.40
C VAL B 759 27.65 10.72 -59.75
N GLU B 760 28.80 10.13 -60.06
CA GLU B 760 29.24 8.90 -59.41
C GLU B 760 30.58 9.03 -58.70
N ASP B 761 31.49 9.88 -59.16
CA ASP B 761 32.77 10.08 -58.49
C ASP B 761 33.06 11.55 -58.38
N VAL B 762 33.93 11.92 -57.44
CA VAL B 762 34.09 13.31 -57.06
C VAL B 762 34.97 14.08 -58.03
N GLY B 763 35.62 13.39 -58.97
CA GLY B 763 36.32 14.08 -60.03
C GLY B 763 35.40 14.86 -60.94
N GLU B 764 34.20 14.34 -61.17
CA GLU B 764 33.19 15.06 -61.94
C GLU B 764 32.74 16.32 -61.22
N VAL B 765 32.59 16.24 -59.91
CA VAL B 765 32.17 17.39 -59.11
C VAL B 765 33.26 18.47 -59.13
N LEU B 766 34.52 18.08 -58.98
CA LEU B 766 35.59 19.07 -59.00
C LEU B 766 35.79 19.64 -60.39
N GLU B 767 35.47 18.88 -61.44
CA GLU B 767 35.55 19.45 -62.78
C GLU B 767 34.39 20.40 -63.05
N TYR B 768 33.26 20.18 -62.39
CA TYR B 768 32.09 21.00 -62.67
C TYR B 768 31.99 22.25 -61.81
N LEU B 769 32.58 22.24 -60.61
CA LEU B 769 32.45 23.37 -59.69
C LEU B 769 33.55 24.41 -59.82
N LEU B 770 34.79 23.99 -60.02
CA LEU B 770 35.92 24.90 -59.93
C LEU B 770 36.11 25.64 -61.24
N LEU B 771 36.34 26.95 -61.15
CA LEU B 771 36.67 27.73 -62.33
C LEU B 771 38.07 27.39 -62.80
N PRO B 772 38.36 27.48 -64.11
CA PRO B 772 39.65 26.96 -64.60
C PRO B 772 40.87 27.80 -64.22
N GLU B 773 40.73 29.11 -64.11
CA GLU B 773 41.96 29.86 -63.87
C GLU B 773 42.14 30.15 -62.38
N PRO B 774 43.37 30.10 -61.87
CA PRO B 774 43.61 30.52 -60.48
C PRO B 774 43.74 32.03 -60.36
N THR B 775 43.22 32.60 -59.26
CA THR B 775 43.21 34.05 -59.11
C THR B 775 44.18 34.55 -58.05
N MET B 776 44.39 33.79 -56.98
CA MET B 776 45.21 34.25 -55.88
C MET B 776 46.64 33.73 -56.01
N PRO B 777 47.62 34.37 -55.35
CA PRO B 777 48.95 33.78 -55.29
C PRO B 777 48.94 32.52 -54.46
N PRO B 778 49.85 31.58 -54.76
CA PRO B 778 49.84 30.31 -54.04
C PRO B 778 50.33 30.44 -52.61
N VAL B 779 49.62 29.78 -51.70
CA VAL B 779 50.10 29.59 -50.34
C VAL B 779 51.25 28.58 -50.40
N VAL B 780 52.40 28.98 -49.89
CA VAL B 780 53.59 28.14 -50.02
C VAL B 780 54.01 27.66 -48.63
N ARG C 2 -99.15 44.56 -49.16
CA ARG C 2 -98.76 45.78 -49.86
C ARG C 2 -97.27 46.05 -49.70
N LEU C 3 -96.77 45.93 -48.48
CA LEU C 3 -95.36 46.16 -48.19
C LEU C 3 -94.83 44.99 -47.37
N GLU C 4 -93.79 44.34 -47.88
CA GLU C 4 -93.17 43.23 -47.16
C GLU C 4 -92.20 43.76 -46.11
N LEU C 5 -91.81 42.88 -45.20
CA LEU C 5 -90.89 43.20 -44.11
C LEU C 5 -89.72 42.23 -44.16
N PRO C 6 -88.51 42.71 -43.88
CA PRO C 6 -87.33 41.83 -43.96
C PRO C 6 -87.25 40.84 -42.80
N VAL C 7 -86.35 39.88 -42.98
CA VAL C 7 -86.18 38.82 -41.99
C VAL C 7 -85.39 39.35 -40.78
N ILE C 8 -85.90 39.06 -39.58
CA ILE C 8 -85.23 39.44 -38.34
C ILE C 8 -83.95 38.64 -38.19
N PRO C 9 -82.80 39.28 -38.01
CA PRO C 9 -81.54 38.54 -37.87
C PRO C 9 -81.36 37.87 -36.50
N LEU C 10 -81.97 36.70 -36.33
CA LEU C 10 -81.73 35.89 -35.14
C LEU C 10 -80.33 35.29 -35.20
N ARG C 11 -79.75 35.03 -34.02
CA ARG C 11 -78.33 34.75 -33.94
C ARG C 11 -77.97 33.35 -34.44
N ASN C 12 -78.36 32.31 -33.69
CA ASN C 12 -78.02 30.95 -34.09
C ASN C 12 -79.07 29.90 -33.72
N THR C 13 -80.20 30.34 -33.16
CA THR C 13 -81.14 29.39 -32.57
C THR C 13 -81.95 28.67 -33.65
N VAL C 14 -82.01 27.35 -33.55
CA VAL C 14 -82.75 26.54 -34.51
C VAL C 14 -84.24 26.71 -34.28
N ILE C 15 -84.96 27.08 -35.35
CA ILE C 15 -86.39 27.31 -35.29
C ILE C 15 -87.08 25.99 -35.63
N LEU C 16 -87.70 25.36 -34.63
CA LEU C 16 -88.37 24.08 -34.74
C LEU C 16 -89.87 24.28 -34.67
N PRO C 17 -90.67 23.40 -35.27
CA PRO C 17 -92.13 23.54 -35.17
C PRO C 17 -92.63 23.20 -33.77
N HIS C 18 -93.81 23.74 -33.45
CA HIS C 18 -94.58 23.48 -32.22
C HIS C 18 -93.81 23.81 -30.95
N THR C 19 -93.04 24.90 -30.97
CA THR C 19 -92.34 25.35 -29.78
C THR C 19 -92.27 26.87 -29.81
N THR C 20 -91.99 27.45 -28.64
CA THR C 20 -91.92 28.89 -28.49
C THR C 20 -90.47 29.35 -28.60
N THR C 21 -90.20 30.20 -29.59
CA THR C 21 -88.87 30.74 -29.82
C THR C 21 -88.93 32.26 -29.68
N PRO C 22 -88.10 32.87 -28.84
CA PRO C 22 -88.10 34.33 -28.71
C PRO C 22 -87.42 34.98 -29.92
N VAL C 23 -88.05 36.02 -30.45
CA VAL C 23 -87.51 36.78 -31.57
C VAL C 23 -86.49 37.77 -31.03
N ASP C 24 -85.25 37.64 -31.47
CA ASP C 24 -84.16 38.48 -30.99
C ASP C 24 -84.28 39.89 -31.55
N VAL C 25 -84.74 40.82 -30.71
CA VAL C 25 -84.96 42.20 -31.10
C VAL C 25 -84.05 43.07 -30.23
N GLY C 26 -82.97 43.55 -30.82
CA GLY C 26 -82.07 44.46 -30.14
C GLY C 26 -81.50 45.51 -31.07
N ARG C 27 -81.92 45.49 -32.32
CA ARG C 27 -81.37 46.35 -33.36
C ARG C 27 -82.41 47.37 -33.82
N ALA C 28 -81.92 48.41 -34.49
CA ALA C 28 -82.81 49.41 -35.10
C ALA C 28 -83.49 48.87 -36.35
N LYS C 29 -82.89 47.86 -36.99
CA LYS C 29 -83.54 47.20 -38.12
C LYS C 29 -84.78 46.44 -37.67
N SER C 30 -84.72 45.79 -36.51
CA SER C 30 -85.90 45.14 -35.97
C SER C 30 -86.94 46.16 -35.51
N LYS C 31 -86.49 47.33 -35.06
CA LYS C 31 -87.40 48.41 -34.71
C LYS C 31 -88.14 48.92 -35.95
N ARG C 32 -87.43 49.06 -37.07
CA ARG C 32 -88.09 49.44 -38.32
C ARG C 32 -88.97 48.33 -38.87
N ALA C 33 -88.64 47.08 -38.56
CA ALA C 33 -89.50 45.97 -38.96
C ALA C 33 -90.80 45.95 -38.14
N VAL C 34 -90.72 46.31 -36.85
CA VAL C 34 -91.91 46.48 -36.04
C VAL C 34 -92.72 47.68 -36.54
N GLU C 35 -92.02 48.74 -36.98
CA GLU C 35 -92.69 49.89 -37.60
C GLU C 35 -93.40 49.50 -38.89
N GLU C 36 -92.85 48.56 -39.66
CA GLU C 36 -93.49 48.05 -40.85
C GLU C 36 -94.50 46.95 -40.58
N ALA C 37 -94.63 46.50 -39.32
CA ALA C 37 -95.51 45.40 -38.98
C ALA C 37 -96.93 45.84 -38.63
N MET C 38 -97.22 47.14 -38.68
CA MET C 38 -98.56 47.62 -38.31
C MET C 38 -99.62 47.28 -39.35
N GLY C 39 -99.23 47.09 -40.61
CA GLY C 39 -100.16 46.80 -41.67
C GLY C 39 -100.06 45.41 -42.28
N ALA C 40 -99.24 44.53 -41.71
CA ALA C 40 -99.03 43.19 -42.25
C ALA C 40 -99.90 42.15 -41.56
N ASP C 41 -100.84 42.62 -40.73
CA ASP C 41 -101.83 41.80 -40.02
C ASP C 41 -101.15 40.76 -39.12
N ARG C 42 -100.16 41.22 -38.36
CA ARG C 42 -99.43 40.44 -37.35
C ARG C 42 -98.75 39.21 -37.95
N LEU C 43 -98.01 39.41 -39.03
CA LEU C 43 -97.29 38.35 -39.71
C LEU C 43 -95.82 38.68 -39.77
N ILE C 44 -95.00 37.87 -39.10
CA ILE C 44 -93.56 38.07 -39.04
C ILE C 44 -92.89 36.79 -39.52
N PHE C 45 -92.10 36.89 -40.59
CA PHE C 45 -91.44 35.74 -41.19
C PHE C 45 -90.01 35.64 -40.70
N LEU C 46 -89.59 34.42 -40.34
CA LEU C 46 -88.29 34.17 -39.74
C LEU C 46 -87.56 33.09 -40.54
N VAL C 47 -86.41 33.44 -41.09
CA VAL C 47 -85.50 32.51 -41.75
C VAL C 47 -84.22 32.50 -40.93
N ALA C 48 -83.68 31.31 -40.65
CA ALA C 48 -82.61 31.11 -39.70
C ALA C 48 -81.27 31.55 -40.27
N GLN C 49 -80.40 32.07 -39.40
CA GLN C 49 -79.07 32.51 -39.76
C GLN C 49 -78.03 31.85 -38.86
N ARG C 50 -76.85 31.61 -39.45
CA ARG C 50 -75.68 31.18 -38.70
C ARG C 50 -74.58 32.22 -38.82
N ASP C 51 -73.59 32.14 -37.91
CA ASP C 51 -72.45 33.04 -37.78
C ASP C 51 -72.87 34.49 -37.67
N PRO C 52 -73.34 34.95 -36.50
CA PRO C 52 -73.93 36.29 -36.39
C PRO C 52 -72.93 37.42 -36.59
N GLU C 53 -73.45 38.65 -36.55
CA GLU C 53 -72.75 39.91 -36.79
C GLU C 53 -72.08 39.94 -38.16
N VAL C 54 -72.86 39.71 -39.22
CA VAL C 54 -72.41 39.88 -40.59
C VAL C 54 -72.98 41.20 -41.10
N ASP C 55 -72.09 42.06 -41.61
CA ASP C 55 -72.50 43.36 -42.13
C ASP C 55 -73.36 43.27 -43.39
N ASP C 56 -73.18 42.22 -44.19
CA ASP C 56 -73.97 42.04 -45.40
C ASP C 56 -74.61 40.65 -45.40
N PRO C 57 -75.81 40.50 -44.84
CA PRO C 57 -76.51 39.21 -44.93
C PRO C 57 -76.96 38.89 -46.35
N ALA C 58 -76.59 37.72 -46.85
CA ALA C 58 -76.89 37.33 -48.22
C ALA C 58 -77.42 35.91 -48.22
N PRO C 59 -78.43 35.60 -49.04
CA PRO C 59 -79.00 34.25 -49.04
C PRO C 59 -78.15 33.20 -49.73
N ASP C 60 -76.99 33.57 -50.29
CA ASP C 60 -76.13 32.64 -50.99
C ASP C 60 -75.33 31.75 -50.04
N ASP C 61 -75.25 32.10 -48.75
CA ASP C 61 -74.54 31.28 -47.76
C ASP C 61 -75.42 30.89 -46.59
N LEU C 62 -76.74 30.96 -46.74
CA LEU C 62 -77.67 30.67 -45.65
C LEU C 62 -78.61 29.56 -46.06
N TYR C 63 -79.23 28.94 -45.05
CA TYR C 63 -80.25 27.93 -45.28
C TYR C 63 -81.58 28.58 -45.60
N THR C 64 -82.19 28.13 -46.70
CA THR C 64 -83.45 28.68 -47.18
C THR C 64 -84.67 27.92 -46.65
N TRP C 65 -84.55 27.32 -45.47
CA TRP C 65 -85.62 26.53 -44.86
C TRP C 65 -86.34 27.42 -43.86
N GLY C 66 -87.59 27.76 -44.15
CA GLY C 66 -88.36 28.61 -43.26
C GLY C 66 -89.46 27.86 -42.51
N VAL C 67 -89.78 28.34 -41.31
CA VAL C 67 -90.81 27.75 -40.47
C VAL C 67 -91.90 28.80 -40.23
N GLN C 68 -93.15 28.43 -40.50
CA GLN C 68 -94.26 29.36 -40.36
C GLN C 68 -94.55 29.62 -38.89
N ALA C 69 -94.74 30.90 -38.56
CA ALA C 69 -95.03 31.32 -37.20
C ALA C 69 -96.10 32.40 -37.21
N VAL C 70 -96.68 32.65 -36.03
CA VAL C 70 -97.76 33.62 -35.88
C VAL C 70 -97.58 34.33 -34.55
N VAL C 71 -97.92 35.62 -34.52
CA VAL C 71 -97.81 36.44 -33.32
C VAL C 71 -98.92 36.05 -32.34
N LYS C 72 -98.53 35.68 -31.12
CA LYS C 72 -99.47 35.29 -30.08
C LYS C 72 -99.64 36.38 -29.02
N GLN C 73 -98.55 37.00 -28.59
CA GLN C 73 -98.60 38.05 -27.58
C GLN C 73 -97.82 39.25 -28.07
N ALA C 74 -97.96 40.37 -27.35
CA ALA C 74 -97.28 41.61 -27.70
C ALA C 74 -96.92 42.37 -26.43
N MET C 75 -95.67 42.83 -26.35
CA MET C 75 -95.20 43.59 -25.22
C MET C 75 -94.67 44.94 -25.69
N ARG C 76 -94.82 45.96 -24.84
CA ARG C 76 -94.31 47.29 -25.11
C ARG C 76 -93.43 47.74 -23.95
N LEU C 77 -92.14 47.92 -24.21
CA LEU C 77 -91.18 48.24 -23.17
C LEU C 77 -90.47 49.55 -23.49
N PRO C 78 -90.37 50.47 -22.53
CA PRO C 78 -89.75 51.78 -22.78
C PRO C 78 -88.23 51.79 -22.68
N ASP C 79 -87.59 50.65 -22.45
CA ASP C 79 -86.14 50.62 -22.30
C ASP C 79 -85.40 50.54 -23.63
N GLY C 80 -86.07 50.17 -24.70
CA GLY C 80 -85.44 50.02 -25.99
C GLY C 80 -85.62 48.63 -26.58
N THR C 81 -86.55 47.87 -26.02
CA THR C 81 -86.83 46.51 -26.45
C THR C 81 -88.21 46.44 -27.08
N LEU C 82 -88.27 45.98 -28.33
CA LEU C 82 -89.51 45.77 -29.05
C LEU C 82 -89.70 44.31 -29.46
N GLN C 83 -89.46 43.39 -28.52
CA GLN C 83 -89.52 41.97 -28.81
C GLN C 83 -90.97 41.51 -29.00
N VAL C 84 -91.12 40.32 -29.59
CA VAL C 84 -92.43 39.74 -29.86
C VAL C 84 -92.35 38.25 -29.55
N MET C 85 -93.45 37.72 -29.00
CA MET C 85 -93.54 36.30 -28.63
C MET C 85 -94.38 35.59 -29.68
N VAL C 86 -93.74 34.72 -30.46
CA VAL C 86 -94.41 33.97 -31.51
C VAL C 86 -94.34 32.48 -31.19
N GLU C 87 -95.20 31.71 -31.85
CA GLU C 87 -95.21 30.27 -31.75
C GLU C 87 -95.25 29.67 -33.16
N ALA C 88 -94.34 28.75 -33.43
CA ALA C 88 -94.19 28.16 -34.75
C ALA C 88 -95.35 27.21 -35.05
N ARG C 89 -95.65 27.06 -36.34
CA ARG C 89 -96.72 26.19 -36.80
C ARG C 89 -96.20 24.96 -37.53
N ALA C 90 -95.43 25.16 -38.60
CA ALA C 90 -94.85 24.08 -39.37
C ALA C 90 -93.72 24.65 -40.22
N ARG C 91 -92.81 23.77 -40.63
CA ARG C 91 -91.74 24.17 -41.54
C ARG C 91 -92.27 24.23 -42.96
N ALA C 92 -91.66 25.08 -43.78
CA ALA C 92 -92.12 25.35 -45.13
C ALA C 92 -90.94 25.46 -46.08
N GLN C 93 -91.26 25.40 -47.37
CA GLN C 93 -90.27 25.57 -48.43
C GLN C 93 -90.52 26.90 -49.14
N VAL C 94 -89.49 27.73 -49.19
CA VAL C 94 -89.59 29.05 -49.81
C VAL C 94 -89.52 28.89 -51.33
N THR C 95 -90.56 29.33 -52.02
CA THR C 95 -90.65 29.20 -53.47
C THR C 95 -90.24 30.49 -54.19
N ASP C 96 -89.64 31.43 -53.48
CA ASP C 96 -89.19 32.69 -54.05
C ASP C 96 -87.73 32.92 -53.70
N TYR C 97 -86.87 32.88 -54.73
CA TYR C 97 -85.43 33.03 -54.53
C TYR C 97 -84.96 34.26 -55.28
N ILE C 98 -84.66 35.32 -54.54
CA ILE C 98 -84.08 36.54 -55.11
C ILE C 98 -82.78 36.82 -54.37
N PRO C 99 -81.65 37.00 -55.09
CA PRO C 99 -80.38 37.29 -54.41
C PRO C 99 -80.36 38.65 -53.74
N GLY C 100 -79.74 38.73 -52.56
CA GLY C 100 -79.67 39.96 -51.82
C GLY C 100 -78.51 40.83 -52.26
N PRO C 101 -78.36 42.02 -51.64
CA PRO C 101 -79.24 42.60 -50.62
C PRO C 101 -80.48 43.30 -51.20
N TYR C 102 -81.66 43.09 -50.61
CA TYR C 102 -81.82 42.21 -49.43
C TYR C 102 -82.92 41.18 -49.68
N LEU C 103 -82.93 40.15 -48.84
CA LEU C 103 -83.77 38.97 -49.09
C LEU C 103 -85.21 39.19 -48.67
N ARG C 104 -86.15 38.81 -49.53
CA ARG C 104 -87.56 38.70 -49.20
C ARG C 104 -87.92 37.22 -49.11
N ALA C 105 -88.54 36.82 -48.00
CA ALA C 105 -88.78 35.41 -47.77
C ALA C 105 -90.09 35.19 -47.03
N ARG C 106 -90.86 34.19 -47.47
CA ARG C 106 -92.09 33.78 -46.82
C ARG C 106 -92.30 32.30 -47.08
N GLY C 107 -93.30 31.73 -46.42
CA GLY C 107 -93.63 30.31 -46.55
C GLY C 107 -94.99 30.12 -47.18
N GLU C 108 -95.07 29.20 -48.14
CA GLU C 108 -96.33 28.96 -48.83
C GLU C 108 -96.70 27.48 -48.87
N VAL C 109 -95.72 26.59 -49.04
CA VAL C 109 -95.98 25.19 -49.31
C VAL C 109 -95.42 24.33 -48.19
N PHE C 110 -95.98 23.13 -48.05
CA PHE C 110 -95.54 22.15 -47.08
C PHE C 110 -94.72 21.07 -47.78
N SER C 111 -93.48 20.88 -47.34
CA SER C 111 -92.58 19.90 -47.93
C SER C 111 -92.14 18.84 -46.92
N GLU C 112 -92.85 18.71 -45.80
CA GLU C 112 -92.48 17.74 -44.79
C GLU C 112 -93.00 16.36 -45.16
N ILE C 113 -92.15 15.34 -44.94
CA ILE C 113 -92.50 13.95 -45.22
C ILE C 113 -93.47 13.48 -44.14
N PHE C 114 -94.29 12.47 -44.47
CA PHE C 114 -95.22 11.92 -43.52
C PHE C 114 -94.71 10.58 -43.01
N PRO C 115 -94.88 10.27 -41.73
CA PRO C 115 -94.43 8.98 -41.20
C PRO C 115 -95.28 7.83 -41.73
N ILE C 116 -94.63 6.70 -41.98
CA ILE C 116 -95.30 5.52 -42.52
C ILE C 116 -94.74 4.32 -41.77
N ASP C 117 -95.54 3.23 -41.71
CA ASP C 117 -95.27 2.02 -40.93
C ASP C 117 -95.04 2.38 -39.45
N GLU C 118 -96.10 2.89 -38.80
CA GLU C 118 -95.96 3.59 -37.54
C GLU C 118 -95.76 2.68 -36.34
N ALA C 119 -95.93 1.37 -36.48
CA ALA C 119 -95.74 0.47 -35.35
C ALA C 119 -94.26 0.38 -34.95
N VAL C 120 -93.39 0.16 -35.95
CA VAL C 120 -91.95 0.16 -35.72
C VAL C 120 -91.47 1.55 -35.31
N VAL C 121 -92.16 2.59 -35.80
CA VAL C 121 -91.85 3.96 -35.39
C VAL C 121 -92.13 4.17 -33.90
N ARG C 122 -93.26 3.66 -33.40
CA ARG C 122 -93.57 3.81 -31.98
C ARG C 122 -92.65 2.94 -31.12
N VAL C 123 -92.25 1.77 -31.63
CA VAL C 123 -91.27 0.94 -30.92
C VAL C 123 -89.93 1.67 -30.82
N LEU C 124 -89.52 2.35 -31.89
CA LEU C 124 -88.25 3.07 -31.86
C LEU C 124 -88.34 4.35 -31.04
N VAL C 125 -89.54 4.93 -30.93
CA VAL C 125 -89.75 6.06 -30.02
C VAL C 125 -89.66 5.60 -28.56
N GLU C 126 -90.19 4.41 -28.25
CA GLU C 126 -90.02 3.86 -26.90
C GLU C 126 -88.55 3.51 -26.61
N GLU C 127 -87.82 3.05 -27.63
CA GLU C 127 -86.39 2.81 -27.44
C GLU C 127 -85.62 4.12 -27.27
N LEU C 128 -86.08 5.18 -27.93
CA LEU C 128 -85.49 6.50 -27.72
C LEU C 128 -85.82 7.04 -26.33
N LYS C 129 -86.98 6.66 -25.80
CA LYS C 129 -87.32 7.00 -24.42
C LYS C 129 -86.43 6.25 -23.43
N GLU C 130 -86.11 4.99 -23.74
CA GLU C 130 -85.15 4.24 -22.93
C GLU C 130 -83.75 4.86 -23.00
N ALA C 131 -83.37 5.36 -24.19
CA ALA C 131 -82.11 6.09 -24.32
C ALA C 131 -82.15 7.41 -23.56
N PHE C 132 -83.32 8.05 -23.47
CA PHE C 132 -83.47 9.25 -22.65
C PHE C 132 -83.35 8.92 -21.17
N GLU C 133 -83.80 7.74 -20.76
CA GLU C 133 -83.59 7.29 -19.38
C GLU C 133 -82.12 7.02 -19.11
N LYS C 134 -81.41 6.47 -20.10
CA LYS C 134 -79.96 6.32 -19.97
C LYS C 134 -79.25 7.66 -19.94
N TYR C 135 -79.81 8.67 -20.60
CA TYR C 135 -79.27 10.03 -20.53
C TYR C 135 -79.44 10.61 -19.13
N VAL C 136 -80.53 10.26 -18.45
CA VAL C 136 -80.68 10.64 -17.04
C VAL C 136 -79.71 9.86 -16.18
N ALA C 137 -79.46 8.58 -16.53
CA ALA C 137 -78.52 7.76 -15.80
C ALA C 137 -77.07 8.22 -15.94
N ASN C 138 -76.73 8.91 -17.04
CA ASN C 138 -75.40 9.51 -17.21
C ASN C 138 -75.59 11.01 -17.41
N HIS C 139 -75.76 11.73 -16.30
CA HIS C 139 -75.95 13.17 -16.34
C HIS C 139 -75.23 13.80 -15.16
N LYS C 140 -74.17 13.13 -14.68
CA LYS C 140 -73.61 13.47 -13.37
C LYS C 140 -72.81 14.78 -13.42
N SER C 141 -72.26 15.13 -14.58
CA SER C 141 -71.44 16.32 -14.70
C SER C 141 -72.01 17.35 -15.67
N LEU C 142 -73.26 17.16 -16.12
CA LEU C 142 -73.86 18.06 -17.09
C LEU C 142 -74.79 19.09 -16.46
N ARG C 143 -75.47 18.73 -15.36
CA ARG C 143 -76.17 19.65 -14.47
C ARG C 143 -77.26 20.48 -15.12
N LEU C 144 -78.32 19.82 -15.60
CA LEU C 144 -79.49 20.51 -16.14
C LEU C 144 -80.64 20.39 -15.16
N ASP C 145 -81.46 21.43 -15.10
CA ASP C 145 -82.63 21.43 -14.22
C ASP C 145 -83.66 20.40 -14.69
N ARG C 146 -84.41 19.85 -13.74
CA ARG C 146 -85.41 18.83 -14.01
C ARG C 146 -86.84 19.35 -13.92
N TYR C 147 -87.06 20.56 -13.40
CA TYR C 147 -88.41 21.08 -13.21
C TYR C 147 -88.95 21.74 -14.47
N GLN C 148 -88.12 22.00 -15.47
CA GLN C 148 -88.56 22.50 -16.76
C GLN C 148 -88.53 21.41 -17.84
N LEU C 149 -88.41 20.15 -17.43
CA LEU C 149 -88.41 19.02 -18.36
C LEU C 149 -89.59 18.10 -18.12
N GLU C 150 -90.78 18.64 -17.79
CA GLU C 150 -91.95 17.85 -17.46
C GLU C 150 -92.80 17.50 -18.67
N ALA C 151 -92.23 17.58 -19.88
CA ALA C 151 -92.93 17.22 -21.10
C ALA C 151 -92.50 15.86 -21.64
N VAL C 152 -92.00 14.97 -20.78
CA VAL C 152 -91.52 13.66 -21.21
C VAL C 152 -92.46 12.53 -20.82
N LYS C 153 -93.37 12.75 -19.88
CA LYS C 153 -94.32 11.73 -19.46
C LYS C 153 -95.75 12.06 -19.88
N GLY C 154 -95.98 13.22 -20.50
CA GLY C 154 -97.28 13.59 -21.00
C GLY C 154 -97.23 13.87 -22.48
N THR C 155 -96.49 13.04 -23.21
CA THR C 155 -96.16 13.33 -24.59
C THR C 155 -97.35 13.11 -25.52
N SER C 156 -97.84 14.20 -26.10
CA SER C 156 -98.81 14.19 -27.18
C SER C 156 -98.20 14.95 -28.34
N ASP C 157 -98.57 14.57 -29.58
CA ASP C 157 -97.95 15.02 -30.83
C ASP C 157 -96.44 14.80 -30.77
N PRO C 158 -95.97 13.53 -30.96
CA PRO C 158 -94.57 13.18 -30.66
C PRO C 158 -93.50 13.84 -31.51
N ALA C 159 -93.88 14.65 -32.51
CA ALA C 159 -92.90 15.49 -33.19
C ALA C 159 -92.33 16.54 -32.25
N MET C 160 -93.15 17.03 -31.31
CA MET C 160 -92.64 17.95 -30.27
C MET C 160 -91.66 17.24 -29.35
N LEU C 161 -91.91 15.97 -29.04
CA LEU C 161 -90.97 15.18 -28.24
C LEU C 161 -89.67 14.92 -29.01
N ALA C 162 -89.76 14.68 -30.31
CA ALA C 162 -88.57 14.49 -31.13
C ALA C 162 -87.75 15.77 -31.22
N ASP C 163 -88.41 16.92 -31.35
CA ASP C 163 -87.71 18.19 -31.38
C ASP C 163 -87.11 18.52 -30.01
N THR C 164 -87.79 18.11 -28.93
CA THR C 164 -87.28 18.26 -27.57
C THR C 164 -86.00 17.46 -27.34
N ILE C 165 -86.01 16.18 -27.75
CA ILE C 165 -84.82 15.33 -27.60
C ILE C 165 -83.70 15.81 -28.52
N ALA C 166 -84.05 16.29 -29.72
CA ALA C 166 -83.04 16.75 -30.66
C ALA C 166 -82.40 18.08 -30.24
N TYR C 167 -83.15 18.98 -29.60
CA TYR C 167 -82.62 20.30 -29.30
C TYR C 167 -82.06 20.42 -27.89
N HIS C 168 -82.74 19.84 -26.89
CA HIS C 168 -82.33 20.07 -25.51
C HIS C 168 -81.15 19.21 -25.08
N ALA C 169 -80.70 18.27 -25.92
CA ALA C 169 -79.46 17.55 -25.70
C ALA C 169 -78.32 18.33 -26.35
N THR C 170 -77.18 18.39 -25.67
CA THR C 170 -76.13 19.33 -26.07
C THR C 170 -75.20 18.71 -27.10
N TRP C 171 -75.29 19.20 -28.34
CA TRP C 171 -74.23 19.03 -29.34
C TRP C 171 -74.23 20.29 -30.20
N THR C 172 -73.47 20.23 -31.29
CA THR C 172 -73.23 21.42 -32.09
C THR C 172 -74.46 21.81 -32.91
N VAL C 173 -74.54 23.11 -33.23
CA VAL C 173 -75.71 23.63 -33.92
C VAL C 173 -75.69 23.21 -35.39
N ALA C 174 -74.50 22.97 -35.96
CA ALA C 174 -74.40 22.58 -37.36
C ALA C 174 -74.94 21.17 -37.61
N GLU C 175 -74.81 20.28 -36.62
CA GLU C 175 -75.44 18.98 -36.72
C GLU C 175 -76.96 19.09 -36.66
N LYS C 176 -77.48 20.04 -35.87
CA LYS C 176 -78.92 20.29 -35.85
C LYS C 176 -79.41 20.88 -37.17
N GLN C 177 -78.59 21.71 -37.82
CA GLN C 177 -78.90 22.20 -39.15
C GLN C 177 -78.88 21.08 -40.19
N GLU C 178 -77.97 20.12 -40.04
CA GLU C 178 -77.94 18.96 -40.94
C GLU C 178 -79.15 18.05 -40.71
N ILE C 179 -79.61 17.95 -39.47
CA ILE C 179 -80.85 17.23 -39.17
C ILE C 179 -82.04 17.95 -39.80
N LEU C 180 -82.07 19.29 -39.72
CA LEU C 180 -83.17 20.03 -40.30
C LEU C 180 -83.06 20.09 -41.83
N GLU C 181 -81.86 19.93 -42.38
CA GLU C 181 -81.70 19.90 -43.84
C GLU C 181 -82.14 18.56 -44.42
N LEU C 182 -81.78 17.45 -43.79
CA LEU C 182 -82.20 16.14 -44.26
C LEU C 182 -83.68 15.91 -43.96
N THR C 183 -84.45 15.61 -45.00
CA THR C 183 -85.88 15.43 -44.89
C THR C 183 -86.30 13.98 -44.76
N ASP C 184 -85.35 13.05 -44.64
CA ASP C 184 -85.68 11.65 -44.48
C ASP C 184 -86.14 11.35 -43.06
N LEU C 185 -86.76 10.19 -42.89
CA LEU C 185 -87.28 9.74 -41.60
C LEU C 185 -86.40 8.71 -40.93
N GLU C 186 -85.89 7.73 -41.69
CA GLU C 186 -85.01 6.71 -41.14
C GLU C 186 -83.62 7.27 -40.86
N ALA C 187 -83.18 8.22 -41.69
CA ALA C 187 -81.83 8.75 -41.59
C ALA C 187 -81.66 9.59 -40.33
N ARG C 188 -82.73 10.28 -39.90
CA ARG C 188 -82.68 11.08 -38.69
C ARG C 188 -82.49 10.21 -37.47
N LEU C 189 -83.27 9.14 -37.34
CA LEU C 189 -83.19 8.29 -36.16
C LEU C 189 -81.92 7.45 -36.16
N LYS C 190 -81.47 7.01 -37.33
CA LYS C 190 -80.18 6.32 -37.38
C LYS C 190 -79.02 7.27 -37.11
N LYS C 191 -79.14 8.54 -37.48
CA LYS C 191 -78.11 9.52 -37.14
C LYS C 191 -78.10 9.81 -35.65
N VAL C 192 -79.28 9.83 -35.02
CA VAL C 192 -79.38 10.02 -33.57
C VAL C 192 -78.74 8.85 -32.83
N LEU C 193 -79.02 7.62 -33.27
CA LEU C 193 -78.42 6.45 -32.61
C LEU C 193 -76.92 6.36 -32.88
N GLY C 194 -76.47 6.80 -34.06
CA GLY C 194 -75.05 6.87 -34.33
C GLY C 194 -74.33 7.91 -33.49
N LEU C 195 -74.95 9.07 -33.28
CA LEU C 195 -74.36 10.08 -32.40
C LEU C 195 -74.37 9.62 -30.95
N LEU C 196 -75.39 8.85 -30.55
CA LEU C 196 -75.41 8.28 -29.20
C LEU C 196 -74.27 7.27 -29.02
N SER C 197 -74.04 6.40 -30.00
CA SER C 197 -72.95 5.45 -29.92
C SER C 197 -71.59 6.14 -29.95
N ARG C 198 -71.46 7.19 -30.77
CA ARG C 198 -70.19 7.91 -30.88
C ARG C 198 -69.89 8.69 -29.61
N ASP C 199 -70.91 9.32 -29.02
CA ASP C 199 -70.71 10.05 -27.78
C ASP C 199 -70.45 9.10 -26.62
N LEU C 200 -71.08 7.92 -26.62
CA LEU C 200 -70.80 6.92 -25.58
C LEU C 200 -69.38 6.40 -25.68
N GLU C 201 -68.90 6.15 -26.91
CA GLU C 201 -67.50 5.76 -27.08
C GLU C 201 -66.55 6.89 -26.72
N ARG C 202 -66.94 8.15 -26.94
CA ARG C 202 -66.08 9.27 -26.59
C ARG C 202 -65.98 9.45 -25.07
N PHE C 203 -67.12 9.33 -24.36
CA PHE C 203 -67.08 9.42 -22.90
C PHE C 203 -66.36 8.23 -22.29
N GLU C 204 -66.50 7.03 -22.88
CA GLU C 204 -65.78 5.88 -22.34
C GLU C 204 -64.28 5.96 -22.64
N LEU C 205 -63.90 6.56 -23.76
CA LEU C 205 -62.48 6.78 -24.04
C LEU C 205 -61.89 7.82 -23.11
N ASP C 206 -62.68 8.85 -22.78
CA ASP C 206 -62.24 9.84 -21.80
C ASP C 206 -62.15 9.23 -20.41
N LYS C 207 -63.04 8.29 -20.09
CA LYS C 207 -62.93 7.54 -18.83
C LYS C 207 -61.70 6.64 -18.83
N ARG C 208 -61.30 6.10 -19.97
CA ARG C 208 -60.08 5.30 -20.03
C ARG C 208 -58.84 6.16 -19.84
N VAL C 209 -58.81 7.36 -20.42
CA VAL C 209 -57.70 8.29 -20.20
C VAL C 209 -57.68 8.76 -18.74
N ALA C 210 -58.87 8.95 -18.16
CA ALA C 210 -58.97 9.27 -16.74
C ALA C 210 -58.48 8.13 -15.87
N GLN C 211 -58.73 6.88 -16.28
CA GLN C 211 -58.21 5.75 -15.51
C GLN C 211 -56.70 5.61 -15.69
N ARG C 212 -56.17 6.03 -16.84
CA ARG C 212 -54.72 6.09 -17.00
C ARG C 212 -54.09 7.10 -16.03
N VAL C 213 -54.65 8.30 -15.94
CA VAL C 213 -54.06 9.29 -15.04
C VAL C 213 -54.39 8.96 -13.58
N LYS C 214 -55.48 8.23 -13.33
CA LYS C 214 -55.75 7.72 -11.99
C LYS C 214 -54.78 6.62 -11.60
N GLU C 215 -54.40 5.77 -12.56
CA GLU C 215 -53.31 4.82 -12.36
C GLU C 215 -52.02 5.53 -12.01
N GLN C 216 -51.74 6.63 -12.71
CA GLN C 216 -50.55 7.45 -12.43
C GLN C 216 -50.56 8.00 -11.03
N MET C 217 -51.58 8.80 -10.68
CA MET C 217 -51.60 9.47 -9.38
C MET C 217 -51.79 8.47 -8.24
N ASP C 218 -52.53 7.39 -8.47
CA ASP C 218 -52.79 6.42 -7.41
C ASP C 218 -51.54 5.60 -7.11
N THR C 219 -50.86 5.10 -8.15
CA THR C 219 -49.65 4.32 -7.90
C THR C 219 -48.51 5.19 -7.37
N ASN C 220 -48.36 6.42 -7.88
CA ASN C 220 -47.26 7.26 -7.39
C ASN C 220 -47.52 7.75 -5.97
N GLN C 221 -48.75 8.15 -5.64
CA GLN C 221 -49.02 8.56 -4.27
C GLN C 221 -49.13 7.37 -3.33
N ARG C 222 -49.42 6.18 -3.84
CA ARG C 222 -49.41 4.99 -3.00
C ARG C 222 -47.98 4.58 -2.69
N GLU C 223 -47.08 4.72 -3.65
CA GLU C 223 -45.65 4.53 -3.37
C GLU C 223 -45.11 5.62 -2.47
N TYR C 224 -45.65 6.84 -2.56
CA TYR C 224 -45.26 7.90 -1.64
C TYR C 224 -45.74 7.61 -0.22
N TYR C 225 -46.96 7.08 -0.08
CA TYR C 225 -47.47 6.63 1.21
C TYR C 225 -46.66 5.45 1.72
N LEU C 226 -46.14 4.63 0.81
CA LEU C 226 -45.26 3.55 1.19
C LEU C 226 -43.93 4.08 1.70
N ARG C 227 -43.43 5.16 1.09
CA ARG C 227 -42.25 5.86 1.62
C ARG C 227 -42.55 6.43 3.00
N GLU C 228 -43.78 6.92 3.21
CA GLU C 228 -44.18 7.41 4.53
C GLU C 228 -44.12 6.30 5.57
N GLN C 229 -44.63 5.11 5.23
CA GLN C 229 -44.51 3.97 6.13
C GLN C 229 -43.05 3.60 6.38
N MET C 230 -42.22 3.57 5.33
CA MET C 230 -40.87 3.04 5.51
C MET C 230 -39.99 4.00 6.29
N LYS C 231 -40.22 5.31 6.11
CA LYS C 231 -39.50 6.28 6.92
C LYS C 231 -40.06 6.38 8.33
N ALA C 232 -41.37 6.17 8.50
CA ALA C 232 -41.94 6.10 9.83
C ALA C 232 -41.52 4.82 10.55
N ILE C 233 -41.07 3.81 9.80
CA ILE C 233 -40.48 2.63 10.41
C ILE C 233 -39.04 2.90 10.83
N GLN C 234 -38.22 3.41 9.90
CA GLN C 234 -36.80 3.56 10.17
C GLN C 234 -36.51 4.66 11.19
N LYS C 235 -37.40 5.65 11.33
CA LYS C 235 -37.20 6.75 12.26
C LYS C 235 -37.04 6.26 13.70
N GLU C 236 -37.81 5.25 14.08
CA GLU C 236 -37.76 4.68 15.42
C GLU C 236 -36.59 3.72 15.63
N LEU C 237 -35.67 3.76 14.68
CA LEU C 237 -34.41 2.99 14.89
C LEU C 237 -33.40 4.02 15.40
N GLY C 238 -33.83 4.88 16.33
CA GLY C 238 -32.94 5.91 16.91
C GLY C 238 -33.13 7.31 16.34
N GLY C 239 -33.84 7.44 15.22
CA GLY C 239 -34.15 8.77 14.64
C GLY C 239 -33.14 9.21 13.60
N GLU C 240 -33.56 10.02 12.62
CA GLU C 240 -32.59 10.58 11.64
C GLU C 240 -31.82 9.45 10.95
N ASP C 241 -30.50 9.39 11.15
CA ASP C 241 -29.62 8.34 10.58
C ASP C 241 -29.05 8.77 9.22
N GLY C 242 -28.16 7.97 8.64
CA GLY C 242 -27.50 8.32 7.37
C GLY C 242 -28.49 8.41 6.23
N LEU C 243 -29.66 7.79 6.40
CA LEU C 243 -30.64 7.73 5.30
C LEU C 243 -31.05 9.16 4.92
N SER C 244 -30.88 10.12 5.82
CA SER C 244 -31.12 11.51 5.39
C SER C 244 -30.13 11.80 4.25
N ASP C 245 -28.83 11.70 4.51
CA ASP C 245 -27.83 11.97 3.48
C ASP C 245 -28.12 11.20 2.20
N LEU C 246 -28.99 10.19 2.25
CA LEU C 246 -29.32 9.50 1.01
C LEU C 246 -30.19 10.36 0.12
N GLU C 247 -31.31 10.87 0.64
CA GLU C 247 -32.17 11.72 -0.17
C GLU C 247 -31.56 13.10 -0.37
N ALA C 248 -30.76 13.59 0.59
CA ALA C 248 -30.09 14.86 0.40
C ALA C 248 -28.96 14.74 -0.62
N LEU C 249 -28.28 13.60 -0.64
CA LEU C 249 -27.26 13.37 -1.65
C LEU C 249 -27.88 13.19 -3.03
N ARG C 250 -29.06 12.55 -3.09
CA ARG C 250 -29.80 12.47 -4.35
C ARG C 250 -30.24 13.83 -4.84
N LYS C 251 -30.71 14.68 -3.93
CA LYS C 251 -31.09 16.05 -4.30
C LYS C 251 -29.89 16.86 -4.77
N LYS C 252 -28.74 16.69 -4.12
CA LYS C 252 -27.56 17.44 -4.52
C LYS C 252 -27.00 16.94 -5.84
N ILE C 253 -27.14 15.64 -6.13
CA ILE C 253 -26.78 15.13 -7.45
C ILE C 253 -27.71 15.69 -8.51
N GLU C 254 -29.01 15.74 -8.21
CA GLU C 254 -29.95 16.25 -9.21
C GLU C 254 -29.95 17.77 -9.31
N GLU C 255 -29.27 18.49 -8.43
CA GLU C 255 -29.33 19.95 -8.45
C GLU C 255 -28.16 20.57 -9.21
N VAL C 256 -26.93 20.26 -8.82
CA VAL C 256 -25.78 20.96 -9.40
C VAL C 256 -25.36 20.28 -10.70
N GLY C 257 -25.20 21.08 -11.75
CA GLY C 257 -24.90 20.55 -13.07
C GLY C 257 -26.03 19.69 -13.58
N MET C 258 -25.70 18.54 -14.17
CA MET C 258 -24.35 18.13 -14.57
C MET C 258 -24.60 17.47 -15.94
N PRO C 259 -23.54 17.09 -16.71
CA PRO C 259 -23.79 16.31 -17.94
C PRO C 259 -24.50 14.98 -17.71
N GLU C 260 -25.09 14.41 -18.77
CA GLU C 260 -26.01 13.30 -18.59
C GLU C 260 -25.31 12.00 -18.26
N ALA C 261 -24.14 11.75 -18.87
CA ALA C 261 -23.45 10.49 -18.64
C ALA C 261 -22.92 10.39 -17.21
N VAL C 262 -22.32 11.47 -16.72
CA VAL C 262 -21.83 11.49 -15.35
C VAL C 262 -22.99 11.49 -14.36
N LYS C 263 -24.16 12.02 -14.76
CA LYS C 263 -25.32 11.97 -13.88
C LYS C 263 -25.87 10.56 -13.74
N THR C 264 -25.96 9.82 -14.86
CA THR C 264 -26.41 8.44 -14.79
C THR C 264 -25.41 7.57 -14.06
N LYS C 265 -24.12 7.85 -14.24
CA LYS C 265 -23.07 7.13 -13.51
C LYS C 265 -23.18 7.37 -12.01
N ALA C 266 -23.40 8.62 -11.59
CA ALA C 266 -23.52 8.94 -10.18
C ALA C 266 -24.79 8.35 -9.58
N LEU C 267 -25.88 8.30 -10.36
CA LEU C 267 -27.12 7.73 -9.82
C LEU C 267 -27.03 6.21 -9.66
N LYS C 268 -26.37 5.52 -10.59
CA LYS C 268 -26.24 4.08 -10.40
C LYS C 268 -25.20 3.74 -9.33
N GLU C 269 -24.21 4.60 -9.14
CA GLU C 269 -23.34 4.43 -7.96
C GLU C 269 -24.07 4.70 -6.66
N LEU C 270 -25.03 5.63 -6.66
CA LEU C 270 -25.86 5.85 -5.48
C LEU C 270 -26.73 4.65 -5.18
N ASP C 271 -27.32 4.03 -6.21
CA ASP C 271 -28.10 2.82 -5.99
C ASP C 271 -27.22 1.64 -5.56
N ARG C 272 -25.98 1.59 -6.03
CA ARG C 272 -25.04 0.59 -5.55
C ARG C 272 -24.70 0.80 -4.07
N LEU C 273 -24.55 2.06 -3.66
CA LEU C 273 -24.36 2.35 -2.24
C LEU C 273 -25.62 2.08 -1.42
N GLU C 274 -26.79 2.10 -2.08
CA GLU C 274 -28.05 1.92 -1.37
C GLU C 274 -28.36 0.45 -1.11
N ARG C 275 -27.94 -0.44 -2.01
CA ARG C 275 -28.23 -1.86 -1.81
C ARG C 275 -27.36 -2.47 -0.72
N MET C 276 -26.20 -1.89 -0.42
CA MET C 276 -25.29 -2.40 0.60
C MET C 276 -25.52 -1.65 1.92
N GLN C 277 -24.95 -2.21 2.98
CA GLN C 277 -25.04 -1.61 4.30
C GLN C 277 -23.77 -0.82 4.62
N GLN C 278 -23.97 0.33 5.25
CA GLN C 278 -22.93 1.30 5.53
C GLN C 278 -21.99 0.80 6.62
N GLY C 279 -20.84 1.45 6.72
CA GLY C 279 -19.80 1.05 7.64
C GLY C 279 -18.81 0.07 7.08
N SER C 280 -19.11 -0.57 5.95
CA SER C 280 -18.20 -1.43 5.24
C SER C 280 -17.07 -0.60 4.62
N PRO C 281 -15.89 -1.18 4.40
CA PRO C 281 -14.84 -0.46 3.66
C PRO C 281 -15.15 -0.26 2.18
N GLU C 282 -16.16 -0.95 1.65
CA GLU C 282 -16.67 -0.64 0.32
C GLU C 282 -17.51 0.63 0.31
N ALA C 283 -18.37 0.78 1.32
CA ALA C 283 -19.27 1.93 1.39
C ALA C 283 -18.51 3.22 1.67
N THR C 284 -17.37 3.13 2.37
CA THR C 284 -16.54 4.31 2.60
C THR C 284 -15.98 4.86 1.28
N VAL C 285 -15.48 3.98 0.42
CA VAL C 285 -14.96 4.39 -0.88
C VAL C 285 -16.09 4.91 -1.76
N ALA C 286 -17.23 4.23 -1.75
CA ALA C 286 -18.34 4.65 -2.61
C ALA C 286 -18.96 5.96 -2.13
N ARG C 287 -18.85 6.27 -0.84
CA ARG C 287 -19.40 7.53 -0.34
C ARG C 287 -18.42 8.67 -0.51
N THR C 288 -17.12 8.40 -0.39
CA THR C 288 -16.11 9.42 -0.62
C THR C 288 -16.03 9.80 -2.10
N TYR C 289 -16.32 8.85 -3.00
CA TYR C 289 -16.30 9.17 -4.42
C TYR C 289 -17.46 10.09 -4.81
N LEU C 290 -18.59 9.98 -4.12
CA LEU C 290 -19.73 10.82 -4.48
C LEU C 290 -19.61 12.23 -3.90
N ASP C 291 -18.65 12.46 -3.02
CA ASP C 291 -18.41 13.80 -2.49
C ASP C 291 -17.45 14.61 -3.35
N TRP C 292 -16.91 14.02 -4.40
CA TRP C 292 -16.12 14.82 -5.33
C TRP C 292 -16.91 15.15 -6.58
N LEU C 293 -17.89 14.32 -6.93
CA LEU C 293 -18.71 14.62 -8.09
C LEU C 293 -19.71 15.73 -7.81
N THR C 294 -19.99 15.99 -6.54
CA THR C 294 -20.94 17.02 -6.16
C THR C 294 -20.27 18.29 -5.63
N GLU C 295 -18.95 18.34 -5.58
CA GLU C 295 -18.26 19.49 -5.02
C GLU C 295 -17.31 20.15 -6.01
N VAL C 296 -17.23 19.62 -7.23
CA VAL C 296 -16.55 20.29 -8.33
C VAL C 296 -17.61 21.07 -9.10
N PRO C 297 -17.28 22.22 -9.69
CA PRO C 297 -18.32 23.01 -10.34
C PRO C 297 -18.66 22.47 -11.72
N TRP C 298 -19.95 22.44 -12.02
CA TRP C 298 -20.45 22.06 -13.32
C TRP C 298 -21.35 23.19 -13.81
N SER C 299 -20.86 23.95 -14.78
CA SER C 299 -21.59 25.07 -15.43
C SER C 299 -22.02 26.13 -14.43
N LYS C 300 -21.04 26.79 -13.81
CA LYS C 300 -21.27 27.98 -13.01
C LYS C 300 -20.11 28.94 -13.22
N ALA C 301 -20.39 30.12 -13.78
CA ALA C 301 -19.34 31.03 -14.20
C ALA C 301 -19.62 32.43 -13.69
N ASP C 302 -18.62 33.29 -13.84
CA ASP C 302 -18.46 34.72 -13.59
C ASP C 302 -18.78 35.51 -14.86
N PRO C 303 -19.18 36.77 -14.76
CA PRO C 303 -19.40 37.57 -15.97
C PRO C 303 -18.08 37.87 -16.68
N GLU C 304 -18.09 37.67 -17.99
CA GLU C 304 -16.87 37.82 -18.78
C GLU C 304 -16.82 39.09 -19.62
N VAL C 305 -17.93 39.76 -19.86
CA VAL C 305 -17.94 41.02 -20.60
C VAL C 305 -17.80 42.18 -19.61
N LEU C 306 -16.85 43.07 -19.88
CA LEU C 306 -16.48 44.11 -18.93
C LEU C 306 -16.25 45.42 -19.66
N ASP C 307 -16.12 46.51 -18.91
CA ASP C 307 -15.72 47.78 -19.47
C ASP C 307 -14.22 47.81 -19.71
N ILE C 308 -13.82 48.26 -20.90
CA ILE C 308 -12.40 48.25 -21.25
C ILE C 308 -11.65 49.37 -20.55
N ASN C 309 -12.25 50.56 -20.44
CA ASN C 309 -11.60 51.70 -19.81
C ASN C 309 -11.37 51.48 -18.32
N HIS C 310 -12.35 50.90 -17.64
CA HIS C 310 -12.19 50.63 -16.21
C HIS C 310 -11.13 49.57 -15.96
N THR C 311 -11.03 48.57 -16.83
CA THR C 311 -10.00 47.56 -16.69
C THR C 311 -8.62 48.13 -16.97
N ARG C 312 -8.53 49.05 -17.94
CA ARG C 312 -7.27 49.73 -18.22
C ARG C 312 -6.83 50.58 -17.04
N GLN C 313 -7.78 51.22 -16.36
CA GLN C 313 -7.43 51.98 -15.17
C GLN C 313 -7.09 51.10 -13.99
N VAL C 314 -7.63 49.88 -13.90
CA VAL C 314 -7.28 49.03 -12.78
C VAL C 314 -5.92 48.35 -13.00
N LEU C 315 -5.58 48.03 -14.25
CA LEU C 315 -4.35 47.29 -14.51
C LEU C 315 -3.09 48.08 -14.21
N ASP C 316 -3.13 49.41 -14.29
CA ASP C 316 -1.96 50.23 -13.97
C ASP C 316 -2.07 50.88 -12.61
N GLU C 317 -2.57 50.14 -11.64
CA GLU C 317 -2.61 50.67 -10.27
C GLU C 317 -1.66 49.80 -9.48
N ASP C 318 -1.22 48.72 -10.09
CA ASP C 318 -0.35 47.78 -9.36
C ASP C 318 0.98 47.59 -10.06
N HIS C 319 1.06 47.92 -11.34
CA HIS C 319 2.29 47.68 -12.09
C HIS C 319 2.50 48.85 -13.04
N TYR C 320 3.74 49.19 -13.33
CA TYR C 320 4.08 50.32 -14.20
C TYR C 320 4.65 49.73 -15.47
N GLY C 321 4.28 50.31 -16.61
CA GLY C 321 4.74 49.79 -17.89
C GLY C 321 4.10 48.50 -18.27
N LEU C 322 4.82 47.64 -18.96
CA LEU C 322 4.33 46.32 -19.39
C LEU C 322 3.17 46.42 -20.36
N LYS C 323 3.41 47.02 -21.54
CA LYS C 323 2.33 47.25 -22.48
C LYS C 323 1.86 45.97 -23.15
N ASP C 324 2.74 44.97 -23.25
CA ASP C 324 2.42 43.76 -24.01
C ASP C 324 1.34 42.94 -23.32
N VAL C 325 1.53 42.67 -22.03
CA VAL C 325 0.59 41.84 -21.29
C VAL C 325 -0.75 42.56 -21.11
N LYS C 326 -0.70 43.85 -20.80
CA LYS C 326 -1.90 44.63 -20.59
C LYS C 326 -2.70 44.75 -21.87
N GLU C 327 -2.04 44.96 -23.01
CA GLU C 327 -2.80 45.02 -24.25
C GLU C 327 -3.25 43.65 -24.71
N ARG C 328 -2.58 42.57 -24.28
CA ARG C 328 -3.12 41.24 -24.52
C ARG C 328 -4.44 41.04 -23.80
N ILE C 329 -4.53 41.49 -22.55
CA ILE C 329 -5.79 41.39 -21.80
C ILE C 329 -6.87 42.27 -22.41
N LEU C 330 -6.48 43.45 -22.90
CA LEU C 330 -7.49 44.34 -23.49
C LEU C 330 -7.98 43.82 -24.84
N GLU C 331 -7.11 43.18 -25.62
CA GLU C 331 -7.55 42.53 -26.85
C GLU C 331 -8.49 41.37 -26.55
N TYR C 332 -8.21 40.63 -25.47
CA TYR C 332 -9.12 39.58 -25.03
C TYR C 332 -10.49 40.12 -24.66
N LEU C 333 -10.55 41.24 -23.95
CA LEU C 333 -11.84 41.81 -23.58
C LEU C 333 -12.58 42.39 -24.77
N ALA C 334 -11.85 42.95 -25.74
CA ALA C 334 -12.49 43.43 -26.96
C ALA C 334 -13.11 42.30 -27.75
N VAL C 335 -12.41 41.18 -27.84
CA VAL C 335 -12.97 39.99 -28.48
C VAL C 335 -14.20 39.50 -27.74
N ARG C 336 -14.15 39.51 -26.40
CA ARG C 336 -15.28 38.99 -25.62
C ARG C 336 -16.52 39.86 -25.74
N GLN C 337 -16.39 41.18 -25.76
CA GLN C 337 -17.61 41.97 -25.87
C GLN C 337 -18.05 42.09 -27.32
N LEU C 338 -17.17 41.80 -28.26
CA LEU C 338 -17.57 41.88 -29.65
C LEU C 338 -18.32 40.64 -30.10
N THR C 339 -18.13 39.52 -29.44
CA THR C 339 -18.68 38.24 -29.90
C THR C 339 -19.86 37.75 -29.08
N GLN C 340 -20.32 38.53 -28.09
CA GLN C 340 -21.42 38.10 -27.24
C GLN C 340 -22.72 38.02 -28.04
N GLY C 341 -23.62 37.16 -27.61
CA GLY C 341 -24.82 36.87 -28.35
C GLY C 341 -24.63 35.95 -29.53
N LEU C 342 -23.45 35.40 -29.73
CA LEU C 342 -23.16 34.49 -30.83
C LEU C 342 -22.80 33.12 -30.27
N ASP C 343 -22.84 32.12 -31.15
CA ASP C 343 -22.58 30.74 -30.77
C ASP C 343 -21.22 30.23 -31.25
N VAL C 344 -20.19 31.06 -31.22
CA VAL C 344 -18.87 30.63 -31.62
C VAL C 344 -18.18 29.94 -30.44
N ARG C 345 -17.07 29.27 -30.73
CA ARG C 345 -16.34 28.56 -29.69
C ARG C 345 -15.58 29.53 -28.81
N ASN C 346 -15.87 29.51 -27.51
CA ASN C 346 -15.19 30.34 -26.53
C ASN C 346 -14.00 29.57 -25.98
N LYS C 347 -12.80 30.07 -26.24
CA LYS C 347 -11.59 29.41 -25.78
C LYS C 347 -10.68 30.43 -25.11
N ALA C 348 -10.30 30.14 -23.89
CA ALA C 348 -9.50 31.03 -23.08
C ALA C 348 -8.01 30.88 -23.42
N PRO C 349 -7.22 31.95 -23.31
CA PRO C 349 -5.80 31.89 -23.65
C PRO C 349 -4.96 31.00 -22.76
N ILE C 350 -3.83 30.54 -23.27
CA ILE C 350 -2.84 29.79 -22.51
C ILE C 350 -1.51 30.47 -22.75
N LEU C 351 -1.02 31.21 -21.76
CA LEU C 351 0.12 32.10 -21.91
C LEU C 351 1.33 31.56 -21.18
N VAL C 352 2.51 31.96 -21.64
CA VAL C 352 3.73 31.80 -20.85
C VAL C 352 4.43 33.16 -20.80
N LEU C 353 4.89 33.54 -19.61
CA LEU C 353 5.58 34.80 -19.40
C LEU C 353 7.03 34.48 -19.09
N VAL C 354 7.93 34.85 -19.99
CA VAL C 354 9.34 34.54 -19.86
C VAL C 354 10.11 35.84 -19.66
N GLY C 355 11.05 35.82 -18.72
CA GLY C 355 11.81 37.00 -18.40
C GLY C 355 12.79 36.77 -17.26
N PRO C 356 13.64 37.80 -16.97
CA PRO C 356 14.69 37.67 -15.99
C PRO C 356 14.08 37.56 -14.62
N PRO C 357 14.77 37.11 -13.57
CA PRO C 357 14.14 37.10 -12.26
C PRO C 357 13.91 38.49 -11.66
N GLY C 358 12.81 38.70 -10.98
CA GLY C 358 12.51 39.98 -10.32
C GLY C 358 11.61 40.92 -11.06
N VAL C 359 11.36 40.70 -12.33
CA VAL C 359 10.35 41.50 -13.08
C VAL C 359 9.04 40.95 -12.57
N GLY C 360 7.91 41.60 -12.74
CA GLY C 360 6.72 41.08 -12.05
C GLY C 360 5.92 39.99 -12.71
N LYS C 361 6.50 38.83 -12.96
CA LYS C 361 5.77 37.72 -13.58
C LYS C 361 4.76 37.13 -12.61
N THR C 362 5.14 36.80 -11.39
CA THR C 362 4.20 36.16 -10.43
C THR C 362 3.12 37.12 -9.99
N SER C 363 3.45 38.35 -9.72
CA SER C 363 2.47 39.34 -9.23
C SER C 363 1.46 39.64 -10.30
N LEU C 364 1.87 39.66 -11.55
CA LEU C 364 0.94 40.08 -12.60
C LEU C 364 -0.22 39.11 -12.72
N GLY C 365 -0.09 37.88 -12.26
CA GLY C 365 -1.26 37.03 -12.42
C GLY C 365 -2.39 37.39 -11.48
N ARG C 366 -2.05 37.75 -10.24
CA ARG C 366 -3.08 38.14 -9.28
C ARG C 366 -3.71 39.47 -9.66
N SER C 367 -2.92 40.37 -10.24
CA SER C 367 -3.47 41.65 -10.68
C SER C 367 -4.34 41.50 -11.92
N ILE C 368 -3.97 40.59 -12.82
CA ILE C 368 -4.82 40.29 -13.97
C ILE C 368 -6.14 39.68 -13.51
N ALA C 369 -6.08 38.77 -12.53
CA ALA C 369 -7.30 38.14 -12.05
C ALA C 369 -8.19 39.11 -11.29
N ARG C 370 -7.60 40.07 -10.58
CA ARG C 370 -8.42 41.03 -9.85
C ARG C 370 -9.01 42.07 -10.79
N SER C 371 -8.26 42.47 -11.81
CA SER C 371 -8.74 43.48 -12.75
C SER C 371 -9.89 42.96 -13.60
N MET C 372 -9.95 41.66 -13.83
CA MET C 372 -11.00 41.05 -14.62
C MET C 372 -12.15 40.53 -13.78
N ASN C 373 -12.10 40.72 -12.47
CA ASN C 373 -13.10 40.25 -11.50
C ASN C 373 -13.30 38.74 -11.58
N ARG C 374 -12.21 37.99 -11.55
CA ARG C 374 -12.29 36.53 -11.53
C ARG C 374 -11.56 35.97 -10.32
N LYS C 375 -11.78 34.69 -10.09
CA LYS C 375 -11.14 33.98 -8.99
C LYS C 375 -9.72 33.61 -9.37
N PHE C 376 -8.86 33.51 -8.36
CA PHE C 376 -7.45 33.25 -8.56
C PHE C 376 -7.00 32.08 -7.70
N HIS C 377 -6.08 31.29 -8.24
CA HIS C 377 -5.44 30.21 -7.51
C HIS C 377 -4.12 29.92 -8.18
N ARG C 378 -3.07 29.71 -7.39
CA ARG C 378 -1.77 29.41 -7.95
C ARG C 378 -1.30 28.02 -7.54
N ILE C 379 -0.56 27.39 -8.46
CA ILE C 379 0.00 26.07 -8.28
C ILE C 379 1.48 26.17 -8.58
N SER C 380 2.31 25.77 -7.63
CA SER C 380 3.76 25.86 -7.78
C SER C 380 4.29 24.57 -8.38
N LEU C 381 4.67 24.61 -9.64
CA LEU C 381 5.18 23.43 -10.32
C LEU C 381 6.65 23.18 -10.05
N GLY C 382 7.33 24.07 -9.35
CA GLY C 382 8.72 23.83 -8.97
C GLY C 382 8.81 22.74 -7.92
N GLY C 383 9.55 21.68 -8.20
CA GLY C 383 9.63 20.58 -7.28
C GLY C 383 8.43 19.67 -7.35
N VAL C 384 7.91 19.47 -8.56
CA VAL C 384 6.91 18.46 -8.84
C VAL C 384 7.62 17.37 -9.63
N ARG C 385 7.73 16.19 -9.05
CA ARG C 385 8.53 15.12 -9.64
C ARG C 385 7.77 13.82 -9.82
N ASP C 386 6.45 13.84 -9.81
CA ASP C 386 5.70 12.68 -10.25
C ASP C 386 4.42 13.12 -10.95
N GLU C 387 3.89 12.23 -11.78
CA GLU C 387 2.66 12.49 -12.53
C GLU C 387 1.43 12.30 -11.68
N ALA C 388 1.57 11.81 -10.45
CA ALA C 388 0.43 11.43 -9.65
C ALA C 388 -0.11 12.59 -8.82
N GLU C 389 0.36 13.79 -9.09
CA GLU C 389 -0.24 14.96 -8.47
C GLU C 389 -0.63 15.98 -9.54
N ILE C 390 -0.41 15.63 -10.79
CA ILE C 390 -1.12 16.24 -11.90
C ILE C 390 -2.45 15.54 -12.12
N ARG C 391 -2.39 14.23 -12.33
CA ARG C 391 -3.55 13.36 -12.25
C ARG C 391 -3.64 12.82 -10.83
N GLY C 392 -4.50 11.84 -10.62
CA GLY C 392 -4.61 11.30 -9.27
C GLY C 392 -4.15 9.87 -9.14
N HIS C 393 -4.83 9.13 -8.27
CA HIS C 393 -4.70 7.69 -8.18
C HIS C 393 -6.09 7.09 -8.36
N ARG C 394 -6.12 5.83 -8.79
CA ARG C 394 -7.36 5.07 -8.81
C ARG C 394 -7.91 4.96 -7.39
N ARG C 395 -9.23 4.95 -7.27
CA ARG C 395 -9.87 4.94 -5.95
C ARG C 395 -9.89 3.55 -5.33
N THR C 396 -9.12 2.61 -5.88
CA THR C 396 -8.91 1.31 -5.25
C THR C 396 -7.81 1.35 -4.20
N TYR C 397 -6.95 2.35 -4.23
CA TYR C 397 -5.91 2.52 -3.24
C TYR C 397 -6.50 3.16 -1.98
N ILE C 398 -5.69 3.20 -0.92
CA ILE C 398 -6.18 3.51 0.42
C ILE C 398 -6.57 4.98 0.59
N GLY C 399 -5.63 5.89 0.44
CA GLY C 399 -5.94 7.29 0.67
C GLY C 399 -5.94 8.08 -0.62
N ALA C 400 -6.52 7.50 -1.67
CA ALA C 400 -6.43 8.07 -3.01
C ALA C 400 -7.22 9.37 -3.12
N MET C 401 -6.57 10.37 -3.70
CA MET C 401 -7.15 11.69 -3.89
C MET C 401 -6.95 12.09 -5.34
N PRO C 402 -7.78 12.97 -5.86
CA PRO C 402 -7.52 13.55 -7.18
C PRO C 402 -6.32 14.48 -7.17
N GLY C 403 -5.94 14.90 -8.38
CA GLY C 403 -4.75 15.70 -8.56
C GLY C 403 -4.93 17.14 -8.13
N LYS C 404 -3.87 17.93 -8.34
CA LYS C 404 -3.89 19.32 -7.90
C LYS C 404 -4.85 20.18 -8.71
N LEU C 405 -5.15 19.79 -9.95
CA LEU C 405 -6.09 20.56 -10.75
C LEU C 405 -7.52 20.43 -10.25
N ILE C 406 -7.91 19.25 -9.77
CA ILE C 406 -9.27 19.09 -9.27
C ILE C 406 -9.42 19.75 -7.91
N HIS C 407 -8.37 19.74 -7.08
CA HIS C 407 -8.38 20.52 -5.85
C HIS C 407 -8.43 22.02 -6.15
N ALA C 408 -7.72 22.46 -7.19
CA ALA C 408 -7.75 23.87 -7.57
C ALA C 408 -9.13 24.28 -8.05
N MET C 409 -9.77 23.43 -8.85
CA MET C 409 -11.12 23.72 -9.30
C MET C 409 -12.15 23.55 -8.20
N LYS C 410 -11.82 22.85 -7.12
CA LYS C 410 -12.77 22.71 -6.02
C LYS C 410 -12.69 23.89 -5.05
N GLN C 411 -11.49 24.44 -4.83
CA GLN C 411 -11.35 25.62 -3.98
C GLN C 411 -12.04 26.83 -4.60
N VAL C 412 -11.71 27.13 -5.85
CA VAL C 412 -12.45 28.09 -6.64
C VAL C 412 -13.87 27.58 -6.87
N GLY C 413 -14.84 28.47 -6.83
CA GLY C 413 -16.21 28.02 -6.98
C GLY C 413 -16.76 27.97 -8.38
N VAL C 414 -15.97 28.38 -9.39
CA VAL C 414 -16.48 28.59 -10.74
C VAL C 414 -15.68 27.75 -11.73
N ILE C 415 -16.08 27.82 -13.00
CA ILE C 415 -15.46 27.01 -14.04
C ILE C 415 -14.53 27.84 -14.91
N ASN C 416 -14.42 29.14 -14.66
CA ASN C 416 -13.43 29.98 -15.33
C ASN C 416 -12.64 30.83 -14.34
N PRO C 417 -11.68 30.23 -13.64
CA PRO C 417 -10.74 31.07 -12.88
C PRO C 417 -9.52 31.46 -13.70
N VAL C 418 -8.60 32.17 -13.06
CA VAL C 418 -7.26 32.39 -13.59
C VAL C 418 -6.32 31.55 -12.73
N ILE C 419 -5.71 30.53 -13.32
CA ILE C 419 -4.82 29.64 -12.60
C ILE C 419 -3.40 29.95 -13.03
N LEU C 420 -2.56 30.30 -12.06
CA LEU C 420 -1.15 30.57 -12.29
C LEU C 420 -0.34 29.32 -12.01
N LEU C 421 0.36 28.83 -13.01
CA LEU C 421 1.21 27.66 -12.77
C LEU C 421 2.63 28.18 -12.79
N ASP C 422 3.24 28.32 -11.63
CA ASP C 422 4.55 28.99 -11.53
C ASP C 422 5.74 28.09 -11.79
N GLU C 423 6.78 28.64 -12.42
CA GLU C 423 8.05 27.93 -12.67
C GLU C 423 7.87 26.64 -13.43
N ILE C 424 7.33 26.73 -14.63
CA ILE C 424 7.11 25.52 -15.41
C ILE C 424 8.40 24.98 -16.02
N ASP C 425 9.43 25.82 -16.14
CA ASP C 425 10.72 25.36 -16.66
C ASP C 425 11.54 24.59 -15.64
N LYS C 426 11.22 24.72 -14.35
CA LYS C 426 11.93 23.99 -13.30
C LYS C 426 11.35 22.60 -13.08
N MET C 427 10.34 22.22 -13.83
CA MET C 427 9.74 20.90 -13.70
C MET C 427 10.52 19.92 -14.57
N SER C 428 11.17 18.96 -13.93
CA SER C 428 12.11 18.10 -14.63
C SER C 428 11.72 16.65 -14.46
N SER C 429 12.14 15.83 -15.42
CA SER C 429 11.84 14.41 -15.47
C SER C 429 13.09 13.58 -15.21
N ASP C 430 12.95 12.60 -14.32
CA ASP C 430 14.03 11.71 -13.93
C ASP C 430 13.47 10.34 -13.55
N TRP C 431 14.24 9.59 -12.75
CA TRP C 431 13.84 8.26 -12.29
C TRP C 431 12.51 8.26 -11.53
N ARG C 432 12.14 9.37 -10.90
CA ARG C 432 10.79 9.57 -10.40
C ARG C 432 9.96 10.29 -11.43
N GLY C 433 9.00 9.58 -12.02
CA GLY C 433 7.92 10.13 -12.82
C GLY C 433 8.32 10.97 -14.03
N ASP C 434 7.29 11.58 -14.61
CA ASP C 434 7.40 12.48 -15.75
C ASP C 434 6.14 13.33 -15.81
N PRO C 435 6.04 14.40 -15.02
CA PRO C 435 4.83 15.22 -15.05
C PRO C 435 4.71 16.11 -16.28
N ALA C 436 5.81 16.32 -16.99
CA ALA C 436 5.77 17.09 -18.22
C ALA C 436 4.99 16.37 -19.32
N SER C 437 4.95 15.04 -19.28
CA SER C 437 4.13 14.30 -20.24
C SER C 437 2.67 14.28 -19.84
N ALA C 438 2.36 14.47 -18.57
CA ALA C 438 0.98 14.58 -18.12
C ALA C 438 0.42 15.98 -18.30
N MET C 439 1.27 17.01 -18.34
CA MET C 439 0.82 18.35 -18.69
C MET C 439 0.37 18.50 -20.13
N LEU C 440 0.72 17.56 -21.01
CA LEU C 440 0.34 17.65 -22.40
C LEU C 440 -1.17 17.50 -22.59
N GLU C 441 -1.83 16.76 -21.70
CA GLU C 441 -3.28 16.64 -21.78
C GLU C 441 -3.98 17.85 -21.19
N VAL C 442 -3.31 18.56 -20.28
CA VAL C 442 -3.93 19.69 -19.60
C VAL C 442 -3.93 20.92 -20.48
N LEU C 443 -2.81 21.23 -21.10
CA LEU C 443 -2.63 22.49 -21.80
C LEU C 443 -2.91 22.37 -23.29
N ASP C 444 -3.64 21.37 -23.72
CA ASP C 444 -3.89 21.16 -25.14
C ASP C 444 -5.09 22.00 -25.56
N PRO C 445 -4.91 23.01 -26.42
CA PRO C 445 -6.01 23.95 -26.70
C PRO C 445 -7.14 23.38 -27.53
N GLU C 446 -7.03 22.19 -28.06
CA GLU C 446 -8.17 21.61 -28.75
C GLU C 446 -8.77 20.41 -28.03
N GLN C 447 -8.06 19.86 -27.04
CA GLN C 447 -8.45 18.59 -26.46
C GLN C 447 -8.70 18.64 -24.96
N ASN C 448 -8.52 19.79 -24.31
CA ASN C 448 -8.66 19.81 -22.86
C ASN C 448 -10.09 20.06 -22.39
N ASN C 449 -11.07 19.91 -23.27
CA ASN C 449 -12.47 19.89 -22.86
C ASN C 449 -12.93 18.50 -22.44
N THR C 450 -12.04 17.52 -22.52
CA THR C 450 -12.29 16.16 -22.08
C THR C 450 -11.13 15.66 -21.25
N PHE C 451 -10.68 16.47 -20.29
CA PHE C 451 -9.62 16.07 -19.39
C PHE C 451 -10.10 14.99 -18.44
N THR C 452 -9.32 13.94 -18.31
CA THR C 452 -9.72 12.77 -17.52
C THR C 452 -8.70 12.52 -16.42
N ASP C 453 -9.13 12.65 -15.18
CA ASP C 453 -8.31 12.38 -14.02
C ASP C 453 -8.28 10.86 -13.80
N HIS C 454 -7.38 10.37 -12.96
CA HIS C 454 -7.42 8.96 -12.61
C HIS C 454 -8.35 8.67 -11.44
N TYR C 455 -8.59 9.64 -10.57
CA TYR C 455 -9.56 9.45 -9.50
C TYR C 455 -10.99 9.50 -10.01
N LEU C 456 -11.40 10.62 -10.60
CA LEU C 456 -12.69 10.73 -11.26
C LEU C 456 -12.58 10.03 -12.60
N ASP C 457 -13.50 9.10 -12.86
CA ASP C 457 -13.48 8.36 -14.10
C ASP C 457 -14.24 9.05 -15.23
N VAL C 458 -14.50 10.35 -15.11
CA VAL C 458 -15.32 11.07 -16.06
C VAL C 458 -14.50 12.16 -16.72
N PRO C 459 -14.83 12.58 -17.95
CA PRO C 459 -14.12 13.72 -18.54
C PRO C 459 -14.60 15.03 -17.94
N TYR C 460 -13.65 15.94 -17.71
CA TYR C 460 -13.93 17.22 -17.08
C TYR C 460 -13.43 18.35 -17.97
N ASP C 461 -14.17 19.45 -18.00
CA ASP C 461 -13.97 20.52 -18.98
C ASP C 461 -13.04 21.57 -18.40
N LEU C 462 -11.86 21.71 -18.99
CA LEU C 462 -10.91 22.75 -18.62
C LEU C 462 -10.72 23.80 -19.70
N SER C 463 -11.66 23.95 -20.62
CA SER C 463 -11.48 24.82 -21.77
C SER C 463 -11.85 26.26 -21.48
N LYS C 464 -12.29 26.58 -20.27
CA LYS C 464 -12.68 27.94 -19.94
C LYS C 464 -11.71 28.61 -18.99
N VAL C 465 -10.75 27.87 -18.44
CA VAL C 465 -9.85 28.41 -17.45
C VAL C 465 -8.73 29.14 -18.17
N PHE C 466 -8.18 30.14 -17.51
CA PHE C 466 -7.27 31.11 -18.10
C PHE C 466 -5.88 30.79 -17.58
N PHE C 467 -5.13 29.94 -18.28
CA PHE C 467 -3.82 29.51 -17.78
C PHE C 467 -2.79 30.58 -18.01
N ILE C 468 -1.97 30.83 -16.98
CA ILE C 468 -0.79 31.67 -17.08
C ILE C 468 0.36 30.90 -16.46
N THR C 469 1.44 30.72 -17.21
CA THR C 469 2.62 30.06 -16.71
C THR C 469 3.80 31.02 -16.76
N THR C 470 4.79 30.79 -15.89
CA THR C 470 5.95 31.66 -15.80
C THR C 470 7.21 30.83 -15.99
N ALA C 471 8.25 31.47 -16.53
CA ALA C 471 9.51 30.79 -16.78
C ALA C 471 10.63 31.81 -16.84
N ASN C 472 11.85 31.34 -16.57
CA ASN C 472 13.05 32.14 -16.75
C ASN C 472 13.69 31.95 -18.11
N THR C 473 13.64 30.74 -18.66
CA THR C 473 14.18 30.47 -19.97
C THR C 473 13.33 29.41 -20.63
N LEU C 474 13.25 29.46 -21.96
CA LEU C 474 12.43 28.53 -22.72
C LEU C 474 13.17 27.26 -23.10
N GLN C 475 14.46 27.17 -22.79
CA GLN C 475 15.26 26.08 -23.34
C GLN C 475 15.18 24.80 -22.53
N THR C 476 14.56 24.82 -21.35
CA THR C 476 14.40 23.61 -20.56
C THR C 476 12.96 23.10 -20.58
N ILE C 477 12.09 23.70 -21.37
CA ILE C 477 10.73 23.22 -21.56
C ILE C 477 10.78 22.22 -22.71
N PRO C 478 10.12 21.06 -22.61
CA PRO C 478 10.08 20.14 -23.75
C PRO C 478 9.32 20.74 -24.92
N ARG C 479 9.78 20.44 -26.12
CA ARG C 479 9.23 21.06 -27.32
C ARG C 479 7.76 20.77 -27.60
N PRO C 480 7.20 19.58 -27.36
CA PRO C 480 5.74 19.47 -27.42
C PRO C 480 5.02 20.31 -26.40
N LEU C 481 5.54 20.46 -25.19
CA LEU C 481 4.87 21.29 -24.21
C LEU C 481 5.01 22.77 -24.53
N LEU C 482 6.13 23.16 -25.13
CA LEU C 482 6.31 24.55 -25.56
C LEU C 482 5.44 24.89 -26.75
N ASP C 483 5.09 23.91 -27.59
CA ASP C 483 4.31 24.20 -28.78
C ASP C 483 2.86 24.60 -28.46
N ARG C 484 2.36 24.27 -27.30
CA ARG C 484 0.98 24.60 -26.93
C ARG C 484 0.81 26.01 -26.41
N MET C 485 1.88 26.71 -26.04
CA MET C 485 1.75 27.94 -25.29
C MET C 485 2.14 29.14 -26.12
N GLU C 486 1.50 30.27 -25.83
CA GLU C 486 1.80 31.54 -26.47
C GLU C 486 2.84 32.29 -25.66
N VAL C 487 3.88 32.76 -26.31
CA VAL C 487 5.03 33.35 -25.64
C VAL C 487 4.90 34.86 -25.60
N ILE C 488 5.02 35.43 -24.41
CA ILE C 488 5.06 36.88 -24.23
C ILE C 488 6.34 37.22 -23.48
N GLU C 489 7.23 37.96 -24.14
CA GLU C 489 8.53 38.32 -23.59
C GLU C 489 8.37 39.47 -22.59
N ILE C 490 9.02 39.34 -21.44
CA ILE C 490 9.11 40.44 -20.49
C ILE C 490 10.55 40.92 -20.48
N PRO C 491 10.84 42.14 -20.94
CA PRO C 491 12.23 42.46 -21.33
C PRO C 491 13.19 42.68 -20.16
N GLY C 492 12.89 43.57 -19.22
CA GLY C 492 13.92 43.94 -18.22
C GLY C 492 13.84 45.43 -18.06
N TYR C 493 14.32 45.99 -16.96
CA TYR C 493 14.02 47.41 -16.75
C TYR C 493 15.22 48.32 -16.90
N THR C 494 15.08 49.41 -17.65
CA THR C 494 16.15 50.42 -17.72
C THR C 494 16.24 51.20 -16.41
N ASN C 495 17.12 52.18 -16.28
CA ASN C 495 17.28 52.88 -15.01
C ASN C 495 16.22 53.95 -14.77
N MET C 496 15.73 54.63 -15.78
CA MET C 496 14.66 55.59 -15.51
C MET C 496 13.34 54.89 -15.25
N GLU C 497 13.17 53.69 -15.81
CA GLU C 497 12.01 52.87 -15.45
C GLU C 497 12.09 52.44 -14.00
N LYS C 498 13.28 52.06 -13.53
CA LYS C 498 13.42 51.70 -12.12
C LYS C 498 13.30 52.90 -11.21
N GLN C 499 13.68 54.10 -11.68
CA GLN C 499 13.43 55.30 -10.88
C GLN C 499 11.95 55.60 -10.79
N ALA C 500 11.15 55.19 -11.76
CA ALA C 500 9.74 55.57 -11.63
C ALA C 500 8.95 54.45 -10.97
N ILE C 501 9.46 53.23 -10.98
CA ILE C 501 8.79 52.13 -10.25
C ILE C 501 9.06 52.36 -8.79
N ALA C 502 10.05 53.15 -8.45
CA ALA C 502 10.44 53.30 -7.04
C ALA C 502 9.82 54.55 -6.51
N ARG C 503 9.87 55.59 -7.32
CA ARG C 503 9.19 56.77 -6.84
C ARG C 503 7.69 56.54 -6.69
N GLN C 504 7.02 55.88 -7.64
CA GLN C 504 5.52 55.85 -7.54
C GLN C 504 4.89 54.60 -6.94
N TYR C 505 5.59 53.48 -6.88
CA TYR C 505 5.00 52.24 -6.36
C TYR C 505 5.80 51.66 -5.20
N LEU C 506 7.07 51.41 -5.36
CA LEU C 506 7.92 50.74 -4.34
C LEU C 506 8.17 51.53 -3.06
N TRP C 507 8.27 52.85 -3.07
CA TRP C 507 8.63 53.58 -1.84
C TRP C 507 7.36 53.82 -1.03
N PRO C 508 6.23 54.35 -1.53
CA PRO C 508 5.03 54.46 -0.69
C PRO C 508 4.61 53.16 -0.04
N LYS C 509 4.80 52.03 -0.73
CA LYS C 509 4.44 50.74 -0.17
C LYS C 509 5.33 50.36 1.01
N GLN C 510 6.62 50.67 0.93
CA GLN C 510 7.50 50.39 2.06
C GLN C 510 7.26 51.36 3.21
N VAL C 511 6.95 52.62 2.90
CA VAL C 511 6.77 53.62 3.95
C VAL C 511 5.47 53.38 4.72
N ARG C 512 4.40 52.97 4.03
CA ARG C 512 3.16 52.66 4.74
C ARG C 512 3.30 51.43 5.62
N GLU C 513 3.95 50.39 5.11
CA GLU C 513 4.10 49.16 5.88
C GLU C 513 5.13 49.28 6.99
N SER C 514 6.00 50.28 6.95
CA SER C 514 6.90 50.53 8.07
C SER C 514 6.34 51.53 9.08
N GLY C 515 5.19 52.13 8.80
CA GLY C 515 4.59 53.06 9.74
C GLY C 515 5.34 54.35 9.94
N MET C 516 6.12 54.78 8.95
CA MET C 516 6.87 56.02 9.04
C MET C 516 6.36 57.05 8.04
N GLU C 517 5.06 57.08 7.81
CA GLU C 517 4.52 57.94 6.77
C GLU C 517 4.51 59.40 7.22
N GLY C 518 4.76 60.29 6.26
CA GLY C 518 4.70 61.71 6.53
C GLY C 518 5.90 62.29 7.24
N ARG C 519 6.88 61.46 7.61
CA ARG C 519 8.04 62.04 8.31
C ARG C 519 9.37 61.46 7.88
N ILE C 520 9.47 60.85 6.70
CA ILE C 520 10.76 60.49 6.10
C ILE C 520 10.56 60.49 4.59
N GLU C 521 11.60 60.88 3.86
CA GLU C 521 11.48 61.10 2.44
C GLU C 521 12.86 61.04 1.80
N VAL C 522 12.96 60.38 0.65
CA VAL C 522 14.20 60.31 -0.10
C VAL C 522 14.09 61.19 -1.34
N THR C 523 15.22 61.42 -1.99
CA THR C 523 15.28 62.21 -3.21
C THR C 523 15.71 61.32 -4.36
N ASP C 524 15.73 61.92 -5.56
CA ASP C 524 15.99 61.17 -6.78
C ASP C 524 17.43 60.69 -6.85
N ALA C 525 18.38 61.54 -6.46
CA ALA C 525 19.78 61.18 -6.46
C ALA C 525 20.08 60.05 -5.47
N ALA C 526 19.34 60.01 -4.36
CA ALA C 526 19.51 58.92 -3.41
C ALA C 526 19.00 57.61 -3.98
N ILE C 527 17.91 57.66 -4.76
CA ILE C 527 17.38 56.46 -5.40
C ILE C 527 18.36 55.94 -6.44
N LEU C 528 18.97 56.86 -7.20
CA LEU C 528 19.94 56.47 -8.20
C LEU C 528 21.21 55.90 -7.56
N ARG C 529 21.60 56.44 -6.40
CA ARG C 529 22.70 55.89 -5.63
C ARG C 529 22.41 54.47 -5.16
N VAL C 530 21.20 54.22 -4.67
CA VAL C 530 20.83 52.89 -4.19
C VAL C 530 20.75 51.90 -5.35
N ILE C 531 20.32 52.37 -6.53
CA ILE C 531 20.29 51.51 -7.71
C ILE C 531 21.70 51.14 -8.14
N SER C 532 22.61 52.12 -8.18
CA SER C 532 23.92 51.87 -8.74
C SER C 532 24.84 51.09 -7.80
N GLU C 533 24.92 51.50 -6.53
CA GLU C 533 25.97 50.94 -5.69
C GLU C 533 25.52 49.81 -4.76
N TYR C 534 24.22 49.55 -4.65
CA TYR C 534 23.74 48.55 -3.70
C TYR C 534 22.92 47.46 -4.35
N THR C 535 22.85 47.41 -5.68
CA THR C 535 21.90 46.55 -6.37
C THR C 535 22.54 46.03 -7.65
N ARG C 536 22.51 44.71 -7.82
CA ARG C 536 23.06 44.06 -9.01
C ARG C 536 22.04 43.04 -9.51
N GLU C 537 21.13 43.49 -10.38
CA GLU C 537 20.02 42.67 -10.85
C GLU C 537 19.33 43.30 -12.06
N ALA C 538 18.44 42.55 -12.70
CA ALA C 538 17.67 43.11 -13.81
C ALA C 538 16.25 43.41 -13.38
N GLY C 539 15.80 42.89 -12.25
CA GLY C 539 14.45 43.26 -11.85
C GLY C 539 14.41 44.43 -10.91
N VAL C 540 13.64 44.31 -9.84
CA VAL C 540 13.49 45.39 -8.86
C VAL C 540 13.37 44.71 -7.50
N ARG C 541 13.71 43.43 -7.38
CA ARG C 541 13.52 42.81 -6.06
C ARG C 541 14.47 43.42 -5.05
N GLY C 542 15.72 43.63 -5.42
CA GLY C 542 16.72 44.25 -4.54
C GLY C 542 16.40 45.68 -4.20
N LEU C 543 15.93 46.44 -5.16
CA LEU C 543 15.66 47.86 -4.90
C LEU C 543 14.64 47.87 -3.79
N GLU C 544 13.69 46.96 -3.81
CA GLU C 544 12.62 46.95 -2.79
C GLU C 544 13.19 46.59 -1.41
N ARG C 545 14.14 45.69 -1.33
CA ARG C 545 14.63 45.25 -0.01
C ARG C 545 15.47 46.34 0.62
N GLU C 546 16.17 47.14 -0.19
CA GLU C 546 17.04 48.19 0.33
C GLU C 546 16.23 49.41 0.75
N LEU C 547 15.17 49.72 0.02
CA LEU C 547 14.27 50.79 0.46
C LEU C 547 13.57 50.43 1.77
N GLY C 548 13.25 49.14 1.95
CA GLY C 548 12.71 48.70 3.23
C GLY C 548 13.71 48.83 4.37
N LYS C 549 14.99 48.58 4.09
CA LYS C 549 16.03 48.79 5.11
C LYS C 549 16.13 50.26 5.51
N ILE C 550 16.01 51.17 4.53
CA ILE C 550 16.05 52.60 4.84
C ILE C 550 14.87 53.00 5.72
N ALA C 551 13.67 52.49 5.39
CA ALA C 551 12.50 52.80 6.22
C ALA C 551 12.61 52.22 7.63
N ARG C 552 13.19 51.05 7.78
CA ARG C 552 13.33 50.46 9.11
C ARG C 552 14.36 51.20 9.96
N LYS C 553 15.47 51.65 9.34
CA LYS C 553 16.42 52.48 10.05
C LYS C 553 15.82 53.81 10.48
N GLY C 554 14.98 54.39 9.62
CA GLY C 554 14.28 55.61 10.01
C GLY C 554 13.32 55.39 11.16
N ALA C 555 12.69 54.21 11.20
CA ALA C 555 11.80 53.88 12.32
C ALA C 555 12.57 53.75 13.62
N LYS C 556 13.77 53.15 13.59
CA LYS C 556 14.57 53.05 14.80
C LYS C 556 15.06 54.42 15.27
N PHE C 557 15.49 55.27 14.32
CA PHE C 557 15.89 56.63 14.69
C PHE C 557 14.73 57.44 15.25
N TRP C 558 13.50 57.19 14.77
CA TRP C 558 12.34 57.85 15.34
C TRP C 558 12.05 57.34 16.74
N LEU C 559 12.24 56.04 16.97
CA LEU C 559 11.91 55.47 18.26
C LEU C 559 12.89 55.88 19.35
N GLU C 560 14.18 56.01 19.02
CA GLU C 560 15.15 56.41 20.03
C GLU C 560 14.99 57.88 20.40
N GLY C 561 14.69 58.74 19.42
CA GLY C 561 14.41 60.13 19.68
C GLY C 561 13.70 60.79 18.52
N ALA C 562 12.56 61.42 18.78
CA ALA C 562 11.73 61.95 17.70
C ALA C 562 12.28 63.27 17.19
N TRP C 563 11.94 63.59 15.95
CA TRP C 563 12.22 64.87 15.33
C TRP C 563 10.92 65.53 14.93
N GLU C 564 11.03 66.63 14.17
CA GLU C 564 9.87 67.38 13.73
C GLU C 564 9.99 67.73 12.26
N GLY C 565 8.94 67.48 11.50
CA GLY C 565 8.94 67.77 10.07
C GLY C 565 9.21 66.54 9.23
N LEU C 566 9.99 66.70 8.17
CA LEU C 566 10.35 65.60 7.29
C LEU C 566 11.86 65.46 7.23
N ARG C 567 12.36 64.33 7.73
CA ARG C 567 13.75 63.96 7.53
C ARG C 567 13.98 63.64 6.07
N THR C 568 14.74 64.49 5.37
CA THR C 568 15.01 64.29 3.96
C THR C 568 16.37 63.61 3.81
N ILE C 569 16.40 62.51 3.08
CA ILE C 569 17.62 61.73 2.89
C ILE C 569 18.17 62.02 1.50
N ASP C 570 19.44 62.41 1.44
CA ASP C 570 20.13 62.66 0.18
C ASP C 570 21.18 61.59 -0.07
N ALA C 571 21.92 61.79 -1.17
CA ALA C 571 22.95 60.84 -1.56
C ALA C 571 24.10 60.80 -0.59
N SER C 572 24.34 61.89 0.14
CA SER C 572 25.39 61.91 1.14
C SER C 572 25.06 61.09 2.38
N ASP C 573 23.77 60.81 2.61
CA ASP C 573 23.33 60.15 3.83
C ASP C 573 23.02 58.68 3.62
N ILE C 574 23.18 58.17 2.39
CA ILE C 574 22.88 56.76 2.12
C ILE C 574 23.77 55.78 2.90
N PRO C 575 25.10 55.92 2.96
CA PRO C 575 25.87 54.92 3.72
C PRO C 575 25.68 54.98 5.23
N THR C 576 25.03 56.01 5.76
CA THR C 576 24.60 55.98 7.15
C THR C 576 23.50 54.94 7.35
N TYR C 577 22.53 54.90 6.46
CA TYR C 577 21.40 53.99 6.60
C TYR C 577 21.67 52.60 6.06
N LEU C 578 22.59 52.45 5.12
CA LEU C 578 22.79 51.16 4.48
C LEU C 578 24.16 50.55 4.72
N GLY C 579 25.18 51.35 5.02
CA GLY C 579 26.49 50.82 5.31
C GLY C 579 27.45 51.00 4.16
N ILE C 580 28.44 50.11 4.12
CA ILE C 580 29.50 50.14 3.10
C ILE C 580 28.88 49.80 1.75
N PRO C 581 29.20 50.53 0.67
CA PRO C 581 28.68 50.18 -0.65
C PRO C 581 29.18 48.81 -1.10
N ARG C 582 28.26 48.03 -1.66
CA ARG C 582 28.50 46.62 -1.89
C ARG C 582 28.97 46.31 -3.30
N TYR C 583 28.54 47.08 -4.29
CA TYR C 583 28.94 46.80 -5.66
C TYR C 583 29.65 48.01 -6.23
N ARG C 584 30.49 47.75 -7.22
CA ARG C 584 31.20 48.80 -7.94
C ARG C 584 30.60 48.89 -9.33
N PRO C 585 30.00 50.02 -9.71
CA PRO C 585 29.41 50.12 -11.04
C PRO C 585 30.48 50.18 -12.11
N ASP C 586 30.16 49.62 -13.28
CA ASP C 586 31.08 49.60 -14.40
C ASP C 586 31.30 51.00 -14.96
N LYS C 587 32.49 51.23 -15.49
CA LYS C 587 32.81 52.49 -16.12
C LYS C 587 33.81 52.25 -17.23
N ALA C 588 33.82 53.12 -18.21
CA ALA C 588 34.71 52.96 -19.34
C ALA C 588 36.10 53.49 -19.01
N GLU C 589 37.10 52.86 -19.62
CA GLU C 589 38.46 53.36 -19.57
C GLU C 589 38.54 54.53 -20.53
N THR C 590 39.51 55.42 -20.32
CA THR C 590 39.57 56.66 -21.07
C THR C 590 40.81 56.75 -21.96
N GLU C 591 41.72 55.80 -21.88
CA GLU C 591 42.94 55.87 -22.65
C GLU C 591 43.03 54.68 -23.59
N PRO C 592 43.62 54.84 -24.78
CA PRO C 592 43.82 53.69 -25.65
C PRO C 592 44.92 52.77 -25.14
N GLN C 593 44.52 51.56 -24.76
CA GLN C 593 45.44 50.52 -24.32
C GLN C 593 45.94 49.76 -25.53
N VAL C 594 46.93 48.91 -25.30
CA VAL C 594 47.46 48.04 -26.35
C VAL C 594 47.13 46.60 -25.99
N GLY C 595 46.61 45.86 -26.96
CA GLY C 595 46.19 44.50 -26.72
C GLY C 595 44.94 44.36 -25.88
N THR C 596 44.03 45.30 -25.97
CA THR C 596 42.83 45.32 -25.14
C THR C 596 41.67 45.88 -25.96
N ALA C 597 40.50 45.29 -25.81
CA ALA C 597 39.33 45.81 -26.51
C ALA C 597 38.10 45.67 -25.63
N GLN C 598 37.19 46.63 -25.77
CA GLN C 598 35.98 46.70 -24.97
C GLN C 598 34.86 45.95 -25.67
N GLY C 599 34.28 44.97 -24.98
CA GLY C 599 33.19 44.19 -25.52
C GLY C 599 31.95 44.27 -24.64
N LEU C 600 30.89 43.66 -25.13
CA LEU C 600 29.60 43.67 -24.45
C LEU C 600 29.11 42.24 -24.29
N ALA C 601 28.58 41.91 -23.12
CA ALA C 601 28.13 40.56 -22.83
C ALA C 601 26.71 40.59 -22.30
N TRP C 602 26.01 39.48 -22.49
CA TRP C 602 24.64 39.31 -22.03
C TRP C 602 24.63 38.28 -20.91
N THR C 603 24.40 38.74 -19.70
CA THR C 603 24.34 37.89 -18.52
C THR C 603 22.91 37.80 -18.00
N PRO C 604 22.59 36.84 -17.12
CA PRO C 604 21.24 36.82 -16.54
C PRO C 604 20.91 37.97 -15.59
N VAL C 605 21.89 38.79 -15.22
CA VAL C 605 21.63 39.97 -14.41
C VAL C 605 21.61 41.20 -15.31
N GLY C 606 21.40 40.99 -16.61
CA GLY C 606 21.38 42.06 -17.59
C GLY C 606 22.66 42.07 -18.39
N GLY C 607 22.82 43.12 -19.18
CA GLY C 607 24.05 43.30 -19.93
C GLY C 607 25.18 43.75 -19.04
N THR C 608 26.40 43.59 -19.55
CA THR C 608 27.58 44.02 -18.82
C THR C 608 28.69 44.31 -19.80
N LEU C 609 29.70 45.00 -19.32
CA LEU C 609 30.93 45.19 -20.09
C LEU C 609 31.79 43.95 -19.98
N LEU C 610 32.67 43.76 -20.96
CA LEU C 610 33.41 42.51 -21.10
C LEU C 610 34.76 42.87 -21.72
N THR C 611 35.77 43.04 -20.89
CA THR C 611 37.08 43.41 -21.35
C THR C 611 37.85 42.16 -21.75
N ILE C 612 38.56 42.22 -22.88
CA ILE C 612 39.38 41.12 -23.35
C ILE C 612 40.83 41.59 -23.42
N GLU C 613 41.73 40.83 -22.82
CA GLU C 613 43.15 41.16 -22.76
C GLU C 613 43.94 40.09 -23.49
N VAL C 614 44.92 40.52 -24.28
CA VAL C 614 45.76 39.62 -25.07
C VAL C 614 47.21 40.04 -24.88
N ALA C 615 48.08 39.07 -24.61
CA ALA C 615 49.52 39.32 -24.52
C ALA C 615 50.25 38.49 -25.55
N ALA C 616 51.23 39.10 -26.21
CA ALA C 616 52.06 38.44 -27.22
C ALA C 616 53.49 38.42 -26.73
N VAL C 617 53.93 37.26 -26.26
CA VAL C 617 55.28 37.08 -25.72
C VAL C 617 56.03 36.17 -26.70
N PRO C 618 57.35 36.15 -26.73
CA PRO C 618 58.04 35.23 -27.65
C PRO C 618 57.89 33.78 -27.22
N GLY C 619 57.85 32.92 -28.21
CA GLY C 619 57.60 31.51 -27.95
C GLY C 619 57.69 30.69 -29.21
N SER C 620 56.89 29.62 -29.25
CA SER C 620 56.90 28.68 -30.36
C SER C 620 55.60 28.63 -31.12
N GLY C 621 54.58 29.35 -30.65
CA GLY C 621 53.28 29.38 -31.28
C GLY C 621 52.32 28.51 -30.51
N LYS C 622 51.57 29.12 -29.60
CA LYS C 622 50.60 28.45 -28.77
C LYS C 622 49.33 29.29 -28.78
N LEU C 623 48.34 28.86 -28.02
CA LEU C 623 47.16 29.69 -27.80
C LEU C 623 46.53 29.25 -26.48
N SER C 624 46.76 30.02 -25.43
CA SER C 624 46.17 29.75 -24.14
C SER C 624 44.93 30.62 -23.97
N LEU C 625 43.88 30.02 -23.41
CA LEU C 625 42.55 30.65 -23.38
C LEU C 625 42.01 30.50 -21.96
N THR C 626 42.30 31.47 -21.11
CA THR C 626 41.93 31.41 -19.71
C THR C 626 40.87 32.45 -19.38
N GLY C 627 40.14 32.19 -18.30
CA GLY C 627 39.10 33.09 -17.86
C GLY C 627 37.74 32.42 -17.81
N GLN C 628 37.76 31.09 -17.71
CA GLN C 628 36.56 30.23 -17.72
C GLN C 628 35.73 30.43 -18.98
N LEU C 629 36.37 30.30 -20.14
CA LEU C 629 35.70 30.53 -21.39
C LEU C 629 34.92 29.28 -21.83
N GLY C 630 33.79 29.51 -22.48
CA GLY C 630 33.06 28.42 -23.07
C GLY C 630 33.73 27.91 -24.34
N GLU C 631 33.15 26.87 -24.92
CA GLU C 631 33.78 26.24 -26.06
C GLU C 631 33.59 27.06 -27.34
N VAL C 632 32.43 27.71 -27.48
CA VAL C 632 32.17 28.53 -28.64
C VAL C 632 33.03 29.78 -28.65
N MET C 633 33.39 30.31 -27.48
CA MET C 633 34.29 31.44 -27.46
C MET C 633 35.71 31.04 -27.85
N LYS C 634 36.12 29.82 -27.48
CA LYS C 634 37.40 29.31 -27.90
C LYS C 634 37.45 29.13 -29.40
N GLU C 635 36.36 28.63 -29.99
CA GLU C 635 36.32 28.47 -31.43
C GLU C 635 36.24 29.81 -32.17
N SER C 636 35.62 30.82 -31.57
CA SER C 636 35.60 32.14 -32.19
C SER C 636 36.98 32.79 -32.13
N ALA C 637 37.74 32.52 -31.07
CA ALA C 637 39.12 32.99 -31.02
C ALA C 637 39.99 32.29 -32.06
N GLN C 638 39.76 30.99 -32.26
CA GLN C 638 40.43 30.25 -33.34
C GLN C 638 40.13 30.85 -34.70
N ALA C 639 38.87 31.20 -34.95
CA ALA C 639 38.48 31.75 -36.24
C ALA C 639 39.08 33.12 -36.48
N ALA C 640 39.16 33.95 -35.44
CA ALA C 640 39.77 35.26 -35.57
C ALA C 640 41.26 35.16 -35.84
N LEU C 641 41.94 34.25 -35.15
CA LEU C 641 43.37 34.08 -35.38
C LEU C 641 43.66 33.50 -36.76
N THR C 642 42.80 32.62 -37.25
CA THR C 642 42.99 32.07 -38.59
C THR C 642 42.72 33.12 -39.66
N TYR C 643 41.78 34.04 -39.43
CA TYR C 643 41.61 35.17 -40.34
C TYR C 643 42.84 36.05 -40.35
N LEU C 644 43.43 36.34 -39.19
CA LEU C 644 44.58 37.23 -39.18
C LEU C 644 45.85 36.59 -39.73
N ARG C 645 45.96 35.26 -39.67
CA ARG C 645 47.13 34.60 -40.25
C ARG C 645 47.15 34.64 -41.77
N ALA C 646 46.00 34.89 -42.40
CA ALA C 646 45.90 34.91 -43.85
C ALA C 646 46.03 36.31 -44.44
N HIS C 647 45.99 37.35 -43.63
CA HIS C 647 46.04 38.73 -44.09
C HIS C 647 47.12 39.46 -43.30
N THR C 648 48.29 38.84 -43.23
CA THR C 648 49.36 39.28 -42.35
C THR C 648 50.08 40.53 -42.84
N GLN C 649 49.83 40.96 -44.07
CA GLN C 649 50.53 42.13 -44.56
C GLN C 649 49.62 43.33 -44.78
N ASP C 650 48.30 43.16 -44.71
CA ASP C 650 47.37 44.26 -44.83
C ASP C 650 47.31 45.11 -43.58
N TYR C 651 47.75 44.56 -42.44
CA TYR C 651 47.53 45.20 -41.15
C TYR C 651 48.81 45.52 -40.40
N GLY C 652 49.98 45.20 -40.93
CA GLY C 652 51.22 45.49 -40.25
C GLY C 652 51.69 44.41 -39.31
N LEU C 653 51.14 43.22 -39.43
CA LEU C 653 51.53 42.12 -38.57
C LEU C 653 52.86 41.55 -39.04
N PRO C 654 53.67 41.03 -38.11
CA PRO C 654 54.90 40.35 -38.53
C PRO C 654 54.61 39.05 -39.24
N GLU C 655 55.41 38.75 -40.26
CA GLU C 655 55.09 37.71 -41.22
C GLU C 655 55.31 36.30 -40.70
N ASP C 656 55.74 36.13 -39.45
CA ASP C 656 55.80 34.81 -38.82
C ASP C 656 55.53 34.94 -37.33
N PHE C 657 54.27 34.83 -36.95
CA PHE C 657 53.95 34.83 -35.54
C PHE C 657 53.30 33.51 -35.17
N TYR C 658 53.21 32.61 -36.13
CA TYR C 658 52.75 31.25 -35.88
C TYR C 658 53.89 30.36 -35.46
N ASN C 659 55.13 30.78 -35.67
CA ASN C 659 56.29 30.04 -35.19
C ASN C 659 56.98 30.73 -34.01
N LYS C 660 56.80 32.02 -33.83
CA LYS C 660 57.66 32.76 -32.92
C LYS C 660 56.95 33.36 -31.73
N VAL C 661 55.63 33.42 -31.71
CA VAL C 661 54.88 34.18 -30.73
C VAL C 661 53.85 33.28 -30.08
N ASP C 662 53.85 33.22 -28.75
CA ASP C 662 52.76 32.60 -28.03
C ASP C 662 51.74 33.66 -27.66
N LEU C 663 50.47 33.31 -27.76
CA LEU C 663 49.37 34.21 -27.46
C LEU C 663 48.60 33.70 -26.27
N HIS C 664 48.27 34.60 -25.35
CA HIS C 664 47.49 34.27 -24.16
C HIS C 664 46.30 35.20 -24.12
N VAL C 665 45.10 34.65 -24.31
CA VAL C 665 43.88 35.44 -24.32
C VAL C 665 43.18 35.24 -22.99
N HIS C 666 43.05 36.32 -22.24
CA HIS C 666 42.51 36.28 -20.89
C HIS C 666 41.32 37.22 -20.80
N VAL C 667 40.25 36.74 -20.18
CA VAL C 667 39.02 37.51 -20.04
C VAL C 667 38.75 37.70 -18.55
N PRO C 668 38.97 38.88 -17.99
CA PRO C 668 38.67 39.11 -16.58
C PRO C 668 37.17 39.17 -16.32
N ASP C 669 36.76 38.64 -15.16
CA ASP C 669 37.62 37.98 -14.18
C ASP C 669 37.60 36.47 -14.35
N GLY C 670 38.51 35.79 -13.64
CA GLY C 670 38.62 34.35 -13.78
C GLY C 670 37.55 33.58 -13.02
N ALA C 671 36.80 34.26 -12.15
CA ALA C 671 35.83 33.56 -11.32
C ALA C 671 34.54 33.27 -12.08
N THR C 672 34.13 34.16 -12.98
CA THR C 672 32.83 34.03 -13.62
C THR C 672 32.95 33.27 -14.94
N PRO C 673 31.99 32.38 -15.28
CA PRO C 673 31.99 31.72 -16.59
C PRO C 673 31.44 32.54 -17.77
N LYS C 674 32.03 32.40 -18.97
CA LYS C 674 31.61 33.18 -20.17
C LYS C 674 31.45 32.28 -21.40
N ASP C 675 30.49 32.56 -22.29
CA ASP C 675 30.22 31.75 -23.52
C ASP C 675 29.37 32.54 -24.51
N GLY C 676 29.46 31.92 -25.77
CA GLY C 676 28.66 32.50 -26.86
C GLY C 676 29.50 32.95 -28.05
N PRO C 677 28.93 33.11 -29.26
CA PRO C 677 29.75 33.46 -30.39
C PRO C 677 29.86 34.96 -30.68
N SER C 678 29.29 35.83 -29.86
CA SER C 678 29.20 37.27 -30.16
C SER C 678 30.46 38.07 -29.84
N ALA C 679 31.57 37.44 -29.54
CA ALA C 679 32.73 38.25 -29.15
C ALA C 679 33.80 38.15 -30.22
N GLY C 680 33.47 37.72 -31.41
CA GLY C 680 34.47 37.52 -32.46
C GLY C 680 35.28 38.74 -32.80
N ILE C 681 34.66 39.85 -33.19
CA ILE C 681 35.43 41.01 -33.61
C ILE C 681 36.12 41.69 -32.44
N THR C 682 35.68 41.44 -31.21
CA THR C 682 36.44 41.94 -30.06
C THR C 682 37.73 41.16 -29.91
N MET C 683 37.67 39.84 -30.09
CA MET C 683 38.85 39.00 -30.15
C MET C 683 39.81 39.45 -31.25
N ALA C 684 39.27 39.74 -32.43
CA ALA C 684 40.12 40.11 -33.56
C ALA C 684 40.76 41.47 -33.34
N THR C 685 40.03 42.41 -32.75
CA THR C 685 40.58 43.73 -32.46
C THR C 685 41.69 43.64 -31.41
N ALA C 686 41.47 42.82 -30.37
CA ALA C 686 42.48 42.67 -29.33
C ALA C 686 43.73 41.96 -29.85
N ILE C 687 43.56 40.90 -30.66
CA ILE C 687 44.72 40.17 -31.17
C ILE C 687 45.50 41.02 -32.16
N ALA C 688 44.81 41.77 -33.02
CA ALA C 688 45.52 42.62 -33.96
C ALA C 688 46.17 43.81 -33.27
N SER C 689 45.64 44.23 -32.13
CA SER C 689 46.31 45.28 -31.38
C SER C 689 47.53 44.73 -30.65
N ALA C 690 47.50 43.46 -30.26
CA ALA C 690 48.63 42.92 -29.52
C ALA C 690 49.78 42.50 -30.43
N LEU C 691 49.49 42.04 -31.65
CA LEU C 691 50.56 41.53 -32.50
C LEU C 691 51.37 42.66 -33.12
N SER C 692 50.69 43.60 -33.77
CA SER C 692 51.33 44.84 -34.22
C SER C 692 51.01 45.89 -33.18
N ARG C 693 52.02 46.60 -32.70
CA ARG C 693 51.92 47.34 -31.44
C ARG C 693 51.19 48.67 -31.62
N ARG C 694 49.93 48.57 -32.05
CA ARG C 694 49.09 49.73 -32.30
C ARG C 694 48.00 49.77 -31.25
N PRO C 695 47.83 50.87 -30.53
CA PRO C 695 46.86 50.91 -29.44
C PRO C 695 45.43 50.91 -29.96
N ALA C 696 44.54 50.28 -29.20
CA ALA C 696 43.14 50.16 -29.56
C ALA C 696 42.32 51.12 -28.71
N ARG C 697 41.36 51.78 -29.34
CA ARG C 697 40.53 52.75 -28.63
C ARG C 697 39.56 52.04 -27.69
N MET C 698 39.69 52.33 -26.40
CA MET C 698 38.80 51.77 -25.38
C MET C 698 37.54 52.59 -25.20
N ASP C 699 37.28 53.53 -26.10
CA ASP C 699 36.15 54.42 -26.04
C ASP C 699 34.91 53.85 -26.73
N ILE C 700 35.08 52.77 -27.48
CA ILE C 700 34.05 52.23 -28.38
C ILE C 700 33.78 50.80 -27.99
N ALA C 701 32.51 50.42 -27.89
CA ALA C 701 32.16 49.04 -27.60
C ALA C 701 31.81 48.31 -28.89
N MET C 702 31.98 46.99 -28.88
CA MET C 702 31.82 46.17 -30.07
C MET C 702 31.05 44.91 -29.74
N THR C 703 30.38 44.37 -30.76
CA THR C 703 29.76 43.05 -30.69
C THR C 703 29.59 42.53 -32.11
N GLY C 704 29.61 41.22 -32.26
CA GLY C 704 29.45 40.64 -33.58
C GLY C 704 30.25 39.37 -33.80
N GLU C 705 29.64 38.43 -34.50
CA GLU C 705 30.30 37.17 -34.82
C GLU C 705 31.15 37.31 -36.08
N VAL C 706 32.34 36.72 -36.06
CA VAL C 706 33.25 36.78 -37.19
C VAL C 706 33.30 35.40 -37.84
N SER C 707 33.66 35.35 -39.12
CA SER C 707 33.88 34.08 -39.81
C SER C 707 35.29 34.12 -40.40
N LEU C 708 35.62 33.13 -41.22
CA LEU C 708 36.96 33.00 -41.78
C LEU C 708 37.19 33.86 -43.01
N ARG C 709 36.15 34.39 -43.62
CA ARG C 709 36.30 35.29 -44.75
C ARG C 709 36.26 36.74 -44.32
N GLY C 710 36.10 37.01 -43.02
CA GLY C 710 36.03 38.37 -42.54
C GLY C 710 34.65 38.97 -42.70
N LYS C 711 33.61 38.15 -42.58
CA LYS C 711 32.24 38.63 -42.59
C LYS C 711 31.75 38.77 -41.16
N VAL C 712 30.80 39.66 -40.95
CA VAL C 712 30.27 39.91 -39.62
C VAL C 712 28.83 39.44 -39.61
N MET C 713 28.59 38.32 -38.93
CA MET C 713 27.25 37.78 -38.82
C MET C 713 26.44 38.53 -37.75
N PRO C 714 25.11 38.53 -37.85
CA PRO C 714 24.31 39.15 -36.80
C PRO C 714 24.29 38.33 -35.53
N ILE C 715 23.99 39.00 -34.43
CA ILE C 715 24.02 38.41 -33.10
C ILE C 715 22.71 38.69 -32.39
N GLY C 716 22.55 38.17 -31.18
CA GLY C 716 21.33 38.37 -30.43
C GLY C 716 21.56 39.12 -29.13
N GLY C 717 20.47 39.63 -28.58
CA GLY C 717 20.54 40.37 -27.34
C GLY C 717 21.02 41.80 -27.50
N VAL C 718 20.48 42.53 -28.47
CA VAL C 718 20.97 43.86 -28.79
C VAL C 718 20.60 44.86 -27.71
N LYS C 719 19.40 44.70 -27.13
CA LYS C 719 18.82 45.69 -26.23
C LYS C 719 19.63 45.82 -24.95
N GLU C 720 19.93 44.67 -24.34
CA GLU C 720 20.63 44.65 -23.06
C GLU C 720 22.06 45.14 -23.19
N LYS C 721 22.73 44.72 -24.27
CA LYS C 721 24.10 45.14 -24.52
C LYS C 721 24.17 46.65 -24.78
N LEU C 722 23.21 47.19 -25.52
CA LEU C 722 23.23 48.61 -25.82
C LEU C 722 22.88 49.45 -24.60
N LEU C 723 21.96 48.96 -23.76
CA LEU C 723 21.67 49.65 -22.50
C LEU C 723 22.88 49.67 -21.60
N ALA C 724 23.54 48.51 -21.43
CA ALA C 724 24.70 48.41 -20.56
C ALA C 724 25.86 49.25 -21.06
N ALA C 725 25.99 49.40 -22.38
CA ALA C 725 26.99 50.33 -22.90
C ALA C 725 26.59 51.77 -22.65
N HIS C 726 25.29 52.07 -22.63
CA HIS C 726 24.90 53.46 -22.39
C HIS C 726 25.03 53.86 -20.93
N GLN C 727 24.80 52.95 -19.98
CA GLN C 727 24.94 53.34 -18.57
C GLN C 727 26.40 53.56 -18.18
N ALA C 728 27.32 52.87 -18.81
CA ALA C 728 28.72 52.99 -18.42
C ALA C 728 29.43 54.17 -19.08
N GLY C 729 28.70 55.03 -19.78
CA GLY C 729 29.31 56.20 -20.36
C GLY C 729 29.98 55.99 -21.68
N ILE C 730 29.59 54.96 -22.43
CA ILE C 730 30.12 54.74 -23.77
C ILE C 730 29.10 55.26 -24.77
N HIS C 731 29.57 56.04 -25.74
CA HIS C 731 28.66 56.67 -26.69
C HIS C 731 28.99 56.32 -28.14
N LYS C 732 29.76 55.27 -28.37
CA LYS C 732 30.09 54.82 -29.72
C LYS C 732 30.01 53.31 -29.76
N ILE C 733 29.21 52.77 -30.69
CA ILE C 733 28.95 51.35 -30.79
C ILE C 733 29.35 50.89 -32.19
N VAL C 734 29.84 49.66 -32.31
CA VAL C 734 30.07 49.00 -33.58
C VAL C 734 29.18 47.76 -33.64
N LEU C 735 28.38 47.64 -34.70
CA LEU C 735 27.28 46.69 -34.74
C LEU C 735 27.16 46.15 -36.15
N PRO C 736 26.68 44.92 -36.32
CA PRO C 736 26.48 44.37 -37.66
C PRO C 736 25.34 45.06 -38.40
N LYS C 737 25.42 45.01 -39.75
CA LYS C 737 24.39 45.57 -40.60
C LYS C 737 23.06 44.85 -40.47
N ASP C 738 23.10 43.55 -40.20
CA ASP C 738 21.87 42.80 -40.13
C ASP C 738 21.14 42.95 -38.80
N ASN C 739 21.64 43.80 -37.91
CA ASN C 739 20.96 44.11 -36.66
C ASN C 739 20.43 45.53 -36.63
N GLU C 740 20.27 46.18 -37.79
CA GLU C 740 19.65 47.49 -37.78
C GLU C 740 18.14 47.41 -37.64
N ALA C 741 17.55 46.25 -37.91
CA ALA C 741 16.12 46.06 -37.64
C ALA C 741 15.84 45.90 -36.17
N GLN C 742 16.85 45.62 -35.37
CA GLN C 742 16.69 45.50 -33.92
C GLN C 742 16.73 46.84 -33.21
N LEU C 743 16.93 47.94 -33.95
CA LEU C 743 17.15 49.25 -33.35
C LEU C 743 15.86 50.04 -33.19
N GLU C 744 14.72 49.48 -33.59
CA GLU C 744 13.43 50.13 -33.40
C GLU C 744 12.78 49.74 -32.08
N GLU C 745 13.46 48.95 -31.25
CA GLU C 745 12.92 48.58 -29.95
C GLU C 745 13.82 49.07 -28.82
N LEU C 746 14.68 50.04 -29.07
CA LEU C 746 15.39 50.76 -28.05
C LEU C 746 14.53 51.89 -27.51
N PRO C 747 14.78 52.35 -26.28
CA PRO C 747 14.13 53.60 -25.83
C PRO C 747 14.61 54.78 -26.64
N LYS C 748 13.72 55.75 -26.83
CA LYS C 748 13.98 56.89 -27.70
C LYS C 748 14.72 58.01 -26.99
N GLU C 749 15.45 57.71 -25.92
CA GLU C 749 16.36 58.64 -25.29
C GLU C 749 17.79 58.11 -25.23
N VAL C 750 17.96 56.79 -25.33
CA VAL C 750 19.31 56.23 -25.42
C VAL C 750 19.76 56.14 -26.86
N LEU C 751 18.83 56.24 -27.81
CA LEU C 751 19.17 56.13 -29.21
C LEU C 751 19.81 57.40 -29.75
N GLU C 752 19.67 58.51 -29.04
CA GLU C 752 20.30 59.76 -29.49
C GLU C 752 21.67 59.96 -28.88
N GLY C 753 21.93 59.39 -27.70
CA GLY C 753 23.24 59.49 -27.12
C GLY C 753 24.26 58.61 -27.79
N LEU C 754 23.82 57.56 -28.48
CA LEU C 754 24.69 56.59 -29.09
C LEU C 754 24.93 56.90 -30.56
N GLU C 755 26.16 56.71 -31.01
CA GLU C 755 26.51 56.79 -32.42
C GLU C 755 26.75 55.37 -32.91
N ILE C 756 25.81 54.84 -33.67
CA ILE C 756 25.90 53.47 -34.14
C ILE C 756 26.71 53.43 -35.42
N LYS C 757 27.68 52.53 -35.47
CA LYS C 757 28.52 52.30 -36.65
C LYS C 757 28.18 50.91 -37.17
N LEU C 758 27.55 50.85 -38.34
CA LEU C 758 27.13 49.59 -38.92
C LEU C 758 28.17 49.10 -39.92
N VAL C 759 28.65 47.87 -39.73
CA VAL C 759 29.74 47.33 -40.53
C VAL C 759 29.34 46.01 -41.15
N GLU C 760 30.07 45.63 -42.20
CA GLU C 760 29.94 44.31 -42.81
C GLU C 760 31.22 43.52 -42.81
N ASP C 761 32.38 44.16 -42.74
CA ASP C 761 33.65 43.45 -42.79
C ASP C 761 34.46 43.84 -41.57
N VAL C 762 35.35 42.92 -41.18
CA VAL C 762 36.17 43.17 -39.99
C VAL C 762 37.30 44.13 -40.30
N GLY C 763 37.63 44.34 -41.58
CA GLY C 763 38.61 45.35 -41.94
C GLY C 763 38.15 46.76 -41.64
N GLU C 764 36.83 46.99 -41.73
CA GLU C 764 36.29 48.29 -41.34
C GLU C 764 36.43 48.53 -39.85
N VAL C 765 36.18 47.49 -39.05
CA VAL C 765 36.33 47.58 -37.61
C VAL C 765 37.79 47.81 -37.23
N LEU C 766 38.71 47.15 -37.93
CA LEU C 766 40.12 47.32 -37.62
C LEU C 766 40.66 48.67 -38.07
N GLU C 767 40.15 49.24 -39.16
CA GLU C 767 40.61 50.58 -39.50
C GLU C 767 39.93 51.64 -38.65
N TYR C 768 38.81 51.32 -38.01
CA TYR C 768 38.16 52.29 -37.15
C TYR C 768 38.63 52.24 -35.70
N LEU C 769 39.14 51.10 -35.23
CA LEU C 769 39.50 50.96 -33.83
C LEU C 769 40.97 51.22 -33.52
N LEU C 770 41.88 50.98 -34.44
CA LEU C 770 43.30 51.01 -34.13
C LEU C 770 43.89 52.36 -34.48
N LEU C 771 44.73 52.88 -33.60
CA LEU C 771 45.48 54.09 -33.88
C LEU C 771 46.58 53.79 -34.88
N PRO C 772 46.88 54.72 -35.81
CA PRO C 772 47.69 54.36 -36.98
C PRO C 772 49.18 54.19 -36.73
N GLU C 773 49.73 54.56 -35.57
CA GLU C 773 51.17 54.51 -35.39
C GLU C 773 51.54 53.54 -34.27
N PRO C 774 52.62 52.78 -34.42
CA PRO C 774 53.09 51.95 -33.31
C PRO C 774 53.72 52.80 -32.22
N THR C 775 53.57 52.34 -30.97
CA THR C 775 54.07 53.10 -29.84
C THR C 775 55.20 52.39 -29.09
N MET C 776 55.34 51.09 -29.23
CA MET C 776 56.31 50.32 -28.44
C MET C 776 56.97 49.31 -29.36
N PRO C 777 58.19 48.86 -29.04
CA PRO C 777 58.89 47.90 -29.90
C PRO C 777 58.20 46.56 -29.93
N PRO C 778 58.14 45.92 -31.09
CA PRO C 778 57.33 44.71 -31.24
C PRO C 778 58.02 43.48 -30.68
N VAL C 779 57.24 42.43 -30.48
CA VAL C 779 57.79 41.12 -30.15
C VAL C 779 58.49 40.55 -31.38
N VAL C 780 59.70 40.03 -31.18
CA VAL C 780 60.46 39.47 -32.28
C VAL C 780 60.08 38.00 -32.48
N ARG D 2 -61.95 -72.76 -6.75
CA ARG D 2 -63.35 -72.40 -7.01
C ARG D 2 -63.73 -72.70 -8.46
N LEU D 3 -64.45 -71.78 -9.09
CA LEU D 3 -64.95 -72.01 -10.44
C LEU D 3 -64.68 -70.82 -11.35
N GLU D 4 -63.55 -70.13 -11.10
CA GLU D 4 -63.07 -68.96 -11.83
C GLU D 4 -64.08 -67.82 -11.82
N LEU D 5 -64.46 -67.37 -10.62
CA LEU D 5 -65.27 -66.17 -10.47
C LEU D 5 -64.47 -64.94 -10.88
N PRO D 6 -65.12 -63.93 -11.48
CA PRO D 6 -64.36 -62.81 -12.06
C PRO D 6 -63.82 -61.86 -11.00
N VAL D 7 -62.77 -61.14 -11.36
CA VAL D 7 -62.16 -60.17 -10.48
C VAL D 7 -63.03 -58.91 -10.44
N ILE D 8 -63.39 -58.50 -9.23
CA ILE D 8 -64.16 -57.27 -9.03
C ILE D 8 -63.17 -56.15 -8.72
N PRO D 9 -63.04 -55.14 -9.59
CA PRO D 9 -62.15 -54.01 -9.28
C PRO D 9 -62.73 -53.14 -8.17
N LEU D 10 -61.91 -52.88 -7.15
CA LEU D 10 -62.41 -52.23 -5.95
C LEU D 10 -62.29 -50.71 -6.06
N ARG D 11 -63.33 -50.01 -5.61
CA ARG D 11 -63.31 -48.58 -5.42
C ARG D 11 -63.32 -48.19 -3.94
N ASN D 12 -62.87 -49.09 -3.07
CA ASN D 12 -62.86 -48.84 -1.64
C ASN D 12 -61.60 -49.47 -1.06
N THR D 13 -61.50 -49.46 0.27
CA THR D 13 -60.25 -49.78 0.95
C THR D 13 -59.96 -51.29 0.97
N VAL D 14 -58.95 -51.66 1.76
CA VAL D 14 -58.48 -53.04 1.81
C VAL D 14 -59.55 -53.93 2.45
N ILE D 15 -59.68 -55.14 1.92
CA ILE D 15 -60.73 -56.07 2.36
C ILE D 15 -60.08 -57.17 3.20
N LEU D 16 -60.54 -57.32 4.42
CA LEU D 16 -60.06 -58.37 5.30
C LEU D 16 -61.12 -59.47 5.47
N PRO D 17 -60.69 -60.71 5.63
CA PRO D 17 -61.64 -61.79 5.95
C PRO D 17 -62.21 -61.62 7.35
N HIS D 18 -63.34 -62.31 7.59
CA HIS D 18 -64.03 -62.38 8.89
C HIS D 18 -64.43 -60.99 9.38
N THR D 19 -64.80 -60.14 8.43
CA THR D 19 -64.98 -58.71 8.69
C THR D 19 -66.15 -58.19 7.87
N THR D 20 -67.13 -57.60 8.56
CA THR D 20 -68.23 -56.92 7.88
C THR D 20 -67.69 -55.64 7.23
N THR D 21 -67.70 -55.60 5.91
CA THR D 21 -67.07 -54.47 5.23
C THR D 21 -68.01 -53.85 4.21
N PRO D 22 -68.53 -52.65 4.48
CA PRO D 22 -69.38 -51.96 3.49
C PRO D 22 -68.52 -51.37 2.37
N VAL D 23 -68.77 -51.83 1.14
CA VAL D 23 -68.10 -51.29 -0.04
C VAL D 23 -69.14 -50.59 -0.92
N ASP D 24 -68.79 -49.43 -1.43
CA ASP D 24 -69.71 -48.65 -2.24
C ASP D 24 -69.43 -48.87 -3.72
N VAL D 25 -70.36 -49.56 -4.41
CA VAL D 25 -70.23 -49.90 -5.81
C VAL D 25 -71.40 -49.25 -6.55
N GLY D 26 -71.13 -48.14 -7.23
CA GLY D 26 -72.14 -47.46 -8.03
C GLY D 26 -71.66 -47.22 -9.44
N ARG D 27 -70.39 -47.50 -9.70
CA ARG D 27 -69.80 -47.34 -11.02
C ARG D 27 -70.18 -48.55 -11.89
N ALA D 28 -70.43 -48.29 -13.18
CA ALA D 28 -71.07 -49.28 -14.05
C ALA D 28 -70.19 -50.49 -14.32
N LYS D 29 -68.88 -50.30 -14.47
CA LYS D 29 -67.98 -51.43 -14.73
C LYS D 29 -67.86 -52.33 -13.50
N SER D 30 -67.79 -51.72 -12.31
CA SER D 30 -67.76 -52.49 -11.08
C SER D 30 -69.10 -53.18 -10.82
N LYS D 31 -70.21 -52.52 -11.18
CA LYS D 31 -71.51 -53.18 -11.06
C LYS D 31 -71.64 -54.34 -12.04
N ARG D 32 -71.06 -54.23 -13.23
CA ARG D 32 -71.02 -55.35 -14.16
C ARG D 32 -70.20 -56.51 -13.60
N ALA D 33 -69.02 -56.22 -13.06
CA ALA D 33 -68.16 -57.27 -12.50
C ALA D 33 -68.77 -57.90 -11.25
N VAL D 34 -69.60 -57.15 -10.51
CA VAL D 34 -70.32 -57.73 -9.39
C VAL D 34 -71.49 -58.59 -9.88
N GLU D 35 -72.32 -58.05 -10.77
CA GLU D 35 -73.57 -58.72 -11.12
C GLU D 35 -73.37 -59.88 -12.09
N GLU D 36 -72.21 -59.98 -12.73
CA GLU D 36 -71.91 -61.21 -13.47
C GLU D 36 -71.54 -62.35 -12.55
N ALA D 37 -71.17 -62.05 -11.30
CA ALA D 37 -71.05 -63.06 -10.25
C ALA D 37 -72.33 -63.23 -9.45
N MET D 38 -73.17 -62.19 -9.38
CA MET D 38 -74.44 -62.27 -8.67
C MET D 38 -75.46 -63.10 -9.44
N GLY D 39 -75.58 -62.87 -10.75
CA GLY D 39 -76.66 -63.40 -11.55
C GLY D 39 -76.49 -64.80 -12.05
N ALA D 40 -75.44 -65.52 -11.63
CA ALA D 40 -75.26 -66.91 -12.03
C ALA D 40 -74.98 -67.85 -10.86
N ASP D 41 -74.35 -67.38 -9.79
CA ASP D 41 -73.94 -68.28 -8.71
C ASP D 41 -74.30 -67.68 -7.36
N ARG D 42 -74.51 -66.35 -7.33
CA ARG D 42 -74.70 -65.53 -6.14
C ARG D 42 -73.49 -65.66 -5.21
N LEU D 43 -72.30 -65.79 -5.79
CA LEU D 43 -71.06 -65.91 -5.03
C LEU D 43 -69.99 -65.04 -5.71
N ILE D 44 -69.18 -64.36 -4.90
CA ILE D 44 -68.28 -63.34 -5.40
C ILE D 44 -66.84 -63.64 -4.97
N PHE D 45 -65.91 -62.96 -5.62
CA PHE D 45 -64.47 -63.10 -5.40
C PHE D 45 -63.80 -61.74 -5.54
N LEU D 46 -63.33 -61.18 -4.42
CA LEU D 46 -62.73 -59.86 -4.39
C LEU D 46 -61.21 -59.98 -4.46
N VAL D 47 -60.58 -59.10 -5.24
CA VAL D 47 -59.13 -58.92 -5.25
C VAL D 47 -58.86 -57.48 -4.85
N ALA D 48 -57.84 -57.28 -4.00
CA ALA D 48 -57.51 -55.95 -3.52
C ALA D 48 -56.95 -55.07 -4.63
N GLN D 49 -57.17 -53.76 -4.50
CA GLN D 49 -56.85 -52.80 -5.54
C GLN D 49 -55.95 -51.71 -4.95
N ARG D 50 -55.02 -51.22 -5.77
CA ARG D 50 -53.99 -50.29 -5.35
C ARG D 50 -54.53 -48.84 -5.36
N ASP D 51 -53.58 -47.89 -5.36
CA ASP D 51 -53.80 -46.47 -5.62
C ASP D 51 -54.80 -46.27 -6.77
N PRO D 52 -55.88 -45.48 -6.56
CA PRO D 52 -56.91 -45.31 -7.59
C PRO D 52 -56.45 -44.73 -8.93
N GLU D 53 -56.98 -45.36 -9.97
CA GLU D 53 -56.65 -45.14 -11.38
C GLU D 53 -57.92 -45.40 -12.17
N VAL D 54 -57.78 -45.68 -13.47
CA VAL D 54 -58.88 -46.30 -14.20
C VAL D 54 -59.22 -47.65 -13.55
N ASP D 55 -60.52 -47.96 -13.49
CA ASP D 55 -61.01 -49.13 -12.79
C ASP D 55 -61.14 -50.36 -13.70
N ASP D 56 -60.36 -50.42 -14.77
CA ASP D 56 -60.45 -51.56 -15.67
C ASP D 56 -59.65 -52.73 -15.11
N PRO D 57 -60.20 -53.94 -15.12
CA PRO D 57 -59.40 -55.11 -14.72
C PRO D 57 -58.31 -55.41 -15.73
N ALA D 58 -57.09 -55.62 -15.22
CA ALA D 58 -55.92 -55.85 -16.05
C ALA D 58 -54.96 -56.75 -15.29
N PRO D 59 -54.29 -57.69 -15.97
CA PRO D 59 -53.40 -58.63 -15.25
C PRO D 59 -52.07 -58.03 -14.82
N ASP D 60 -51.56 -57.01 -15.53
CA ASP D 60 -50.31 -56.37 -15.14
C ASP D 60 -50.52 -55.16 -14.24
N ASP D 61 -51.76 -54.80 -13.93
CA ASP D 61 -52.08 -53.65 -13.11
C ASP D 61 -52.54 -54.04 -11.71
N LEU D 62 -53.39 -55.06 -11.59
CA LEU D 62 -53.91 -55.45 -10.30
C LEU D 62 -52.88 -56.27 -9.52
N TYR D 63 -53.18 -56.53 -8.25
CA TYR D 63 -52.30 -57.26 -7.35
C TYR D 63 -52.73 -58.71 -7.26
N THR D 64 -51.85 -59.54 -6.71
CA THR D 64 -52.03 -60.99 -6.68
C THR D 64 -52.79 -61.47 -5.45
N TRP D 65 -53.41 -60.57 -4.70
CA TRP D 65 -53.96 -60.92 -3.38
C TRP D 65 -55.48 -60.83 -3.42
N GLY D 66 -56.13 -61.97 -3.66
CA GLY D 66 -57.57 -62.05 -3.65
C GLY D 66 -58.11 -62.56 -2.33
N VAL D 67 -59.44 -62.59 -2.25
CA VAL D 67 -60.16 -63.03 -1.06
C VAL D 67 -61.57 -63.46 -1.46
N GLN D 68 -62.04 -64.54 -0.84
CA GLN D 68 -63.42 -64.98 -1.00
C GLN D 68 -64.35 -64.17 -0.09
N ALA D 69 -65.63 -64.13 -0.45
CA ALA D 69 -66.61 -63.35 0.30
C ALA D 69 -67.99 -63.94 0.09
N VAL D 70 -68.72 -64.15 1.18
CA VAL D 70 -70.13 -64.55 1.12
C VAL D 70 -70.96 -63.28 1.02
N VAL D 71 -71.89 -63.27 0.06
CA VAL D 71 -72.74 -62.10 -0.20
C VAL D 71 -73.76 -61.97 0.93
N LYS D 72 -73.63 -60.90 1.73
CA LYS D 72 -74.60 -60.58 2.76
C LYS D 72 -75.64 -59.61 2.18
N GLN D 73 -76.45 -59.00 3.05
CA GLN D 73 -77.53 -58.13 2.61
C GLN D 73 -77.01 -56.84 1.98
N ALA D 74 -77.85 -56.19 1.20
CA ALA D 74 -77.52 -54.96 0.49
C ALA D 74 -78.60 -53.93 0.76
N MET D 75 -78.18 -52.71 1.10
CA MET D 75 -79.08 -51.59 1.37
C MET D 75 -78.97 -50.57 0.25
N ARG D 76 -80.02 -50.43 -0.54
CA ARG D 76 -80.02 -49.56 -1.71
C ARG D 76 -80.44 -48.15 -1.30
N LEU D 77 -79.54 -47.20 -1.51
CA LEU D 77 -79.79 -45.81 -1.13
C LEU D 77 -79.79 -44.93 -2.37
N PRO D 78 -80.81 -44.10 -2.55
CA PRO D 78 -80.93 -43.31 -3.79
C PRO D 78 -80.10 -42.04 -3.81
N ASP D 79 -79.25 -41.81 -2.80
CA ASP D 79 -78.41 -40.61 -2.80
C ASP D 79 -77.27 -40.71 -3.80
N GLY D 80 -76.92 -41.92 -4.22
CA GLY D 80 -75.81 -42.15 -5.11
C GLY D 80 -74.85 -43.17 -4.56
N THR D 81 -75.21 -43.76 -3.42
CA THR D 81 -74.35 -44.68 -2.70
C THR D 81 -75.07 -46.03 -2.58
N LEU D 82 -74.66 -47.00 -3.41
CA LEU D 82 -75.20 -48.35 -3.32
C LEU D 82 -74.33 -49.14 -2.35
N GLN D 83 -74.56 -48.90 -1.06
CA GLN D 83 -73.80 -49.57 -0.01
C GLN D 83 -74.22 -51.02 0.10
N VAL D 84 -73.27 -51.94 0.04
CA VAL D 84 -73.54 -53.36 0.18
C VAL D 84 -72.64 -53.92 1.28
N MET D 85 -73.23 -54.67 2.20
CA MET D 85 -72.47 -55.37 3.23
C MET D 85 -71.77 -56.58 2.61
N VAL D 86 -70.48 -56.45 2.34
CA VAL D 86 -69.69 -57.56 1.85
C VAL D 86 -68.76 -58.04 2.96
N GLU D 87 -68.98 -59.28 3.38
CA GLU D 87 -68.27 -59.85 4.52
C GLU D 87 -67.36 -60.96 3.99
N ALA D 88 -66.07 -60.67 3.91
CA ALA D 88 -65.11 -61.63 3.38
C ALA D 88 -64.84 -62.74 4.40
N ARG D 89 -64.50 -63.92 3.88
CA ARG D 89 -64.37 -65.13 4.71
C ARG D 89 -62.95 -65.66 4.80
N ALA D 90 -62.28 -65.86 3.67
CA ALA D 90 -60.95 -66.45 3.70
C ALA D 90 -60.08 -65.85 2.61
N ARG D 91 -58.91 -65.39 3.00
CA ARG D 91 -57.92 -64.91 2.05
C ARG D 91 -57.26 -66.09 1.35
N ALA D 92 -56.77 -65.85 0.14
CA ALA D 92 -56.19 -66.92 -0.65
C ALA D 92 -55.09 -66.36 -1.54
N GLN D 93 -54.27 -67.27 -2.06
CA GLN D 93 -53.24 -66.93 -3.03
C GLN D 93 -53.59 -67.56 -4.37
N VAL D 94 -53.74 -66.71 -5.39
CA VAL D 94 -54.24 -67.17 -6.68
C VAL D 94 -53.16 -67.93 -7.42
N THR D 95 -53.50 -69.14 -7.88
CA THR D 95 -52.54 -69.97 -8.60
C THR D 95 -52.59 -69.71 -10.10
N ASP D 96 -53.77 -69.85 -10.69
CA ASP D 96 -53.94 -69.73 -12.14
C ASP D 96 -54.93 -68.61 -12.46
N TYR D 97 -54.86 -68.12 -13.70
CA TYR D 97 -55.77 -67.09 -14.17
C TYR D 97 -55.84 -67.18 -15.68
N ILE D 98 -56.99 -66.80 -16.24
CA ILE D 98 -57.20 -66.71 -17.67
C ILE D 98 -57.38 -65.24 -18.02
N PRO D 99 -56.61 -64.69 -18.98
CA PRO D 99 -56.73 -63.26 -19.31
C PRO D 99 -58.06 -62.88 -19.94
N GLY D 100 -58.61 -61.74 -19.53
CA GLY D 100 -59.91 -61.31 -19.97
C GLY D 100 -59.87 -60.25 -21.04
N PRO D 101 -60.76 -59.24 -20.94
CA PRO D 101 -61.78 -59.02 -19.91
C PRO D 101 -63.04 -59.88 -20.05
N TYR D 102 -63.55 -60.44 -18.95
CA TYR D 102 -62.98 -60.24 -17.61
C TYR D 102 -62.14 -61.44 -17.18
N LEU D 103 -61.40 -61.27 -16.09
CA LEU D 103 -60.44 -62.26 -15.65
C LEU D 103 -61.12 -63.49 -15.09
N ARG D 104 -60.76 -64.65 -15.63
CA ARG D 104 -61.30 -65.94 -15.17
C ARG D 104 -60.25 -66.58 -14.27
N ALA D 105 -60.25 -66.17 -13.00
CA ALA D 105 -59.20 -66.58 -12.07
C ALA D 105 -59.79 -67.48 -10.99
N ARG D 106 -59.22 -68.67 -10.87
CA ARG D 106 -59.58 -69.64 -9.84
C ARG D 106 -58.73 -69.33 -8.61
N GLY D 107 -58.98 -70.04 -7.51
CA GLY D 107 -58.21 -69.82 -6.31
C GLY D 107 -58.28 -71.01 -5.39
N GLU D 108 -57.79 -70.81 -4.17
CA GLU D 108 -57.73 -71.87 -3.16
C GLU D 108 -59.03 -71.88 -2.37
N VAL D 109 -59.48 -73.09 -1.99
CA VAL D 109 -60.82 -73.25 -1.43
C VAL D 109 -60.86 -72.77 0.02
N PHE D 110 -59.83 -73.08 0.81
CA PHE D 110 -59.77 -72.68 2.21
C PHE D 110 -58.31 -72.60 2.62
N SER D 111 -57.86 -71.39 2.94
CA SER D 111 -56.43 -71.12 3.11
C SER D 111 -56.16 -70.49 4.47
N GLU D 112 -56.77 -71.03 5.52
CA GLU D 112 -56.43 -70.68 6.89
C GLU D 112 -56.29 -71.97 7.70
N ILE D 113 -55.47 -71.92 8.73
CA ILE D 113 -55.16 -73.09 9.55
C ILE D 113 -55.22 -72.68 11.01
N PHE D 114 -56.00 -73.41 11.84
CA PHE D 114 -55.99 -73.20 13.27
C PHE D 114 -54.67 -73.67 13.86
N PRO D 115 -53.92 -72.79 14.53
CA PRO D 115 -52.55 -73.14 14.96
C PRO D 115 -52.50 -73.86 16.30
N ILE D 116 -51.35 -74.49 16.57
CA ILE D 116 -51.06 -75.15 17.84
C ILE D 116 -50.59 -74.13 18.87
N ASP D 117 -50.40 -74.59 20.12
CA ASP D 117 -50.01 -73.81 21.29
C ASP D 117 -51.08 -72.76 21.62
N GLU D 118 -52.26 -73.29 21.94
CA GLU D 118 -53.47 -72.52 22.21
C GLU D 118 -53.35 -71.61 23.41
N ALA D 119 -52.63 -72.00 24.47
CA ALA D 119 -52.62 -71.24 25.71
C ALA D 119 -51.85 -69.92 25.56
N VAL D 120 -50.70 -69.96 24.89
CA VAL D 120 -49.93 -68.75 24.68
C VAL D 120 -50.65 -67.85 23.66
N VAL D 121 -51.43 -68.45 22.76
CA VAL D 121 -52.32 -67.69 21.89
C VAL D 121 -53.39 -66.97 22.69
N ARG D 122 -53.95 -67.64 23.72
CA ARG D 122 -54.92 -66.99 24.60
C ARG D 122 -54.28 -65.83 25.37
N VAL D 123 -53.06 -66.03 25.86
CA VAL D 123 -52.34 -64.98 26.58
C VAL D 123 -52.05 -63.79 25.68
N LEU D 124 -51.71 -64.05 24.41
CA LEU D 124 -51.39 -62.93 23.54
C LEU D 124 -52.64 -62.29 22.94
N VAL D 125 -53.75 -63.02 22.86
CA VAL D 125 -55.04 -62.41 22.52
C VAL D 125 -55.49 -61.49 23.65
N GLU D 126 -55.32 -61.93 24.90
CA GLU D 126 -55.74 -61.05 26.00
C GLU D 126 -54.76 -59.89 26.19
N GLU D 127 -53.50 -60.07 25.78
CA GLU D 127 -52.56 -58.95 25.76
C GLU D 127 -52.91 -57.96 24.65
N LEU D 128 -53.36 -58.47 23.49
CA LEU D 128 -53.92 -57.63 22.44
C LEU D 128 -55.15 -56.87 22.90
N LYS D 129 -56.04 -57.53 23.65
CA LYS D 129 -57.29 -56.90 24.03
C LYS D 129 -57.07 -55.89 25.14
N GLU D 130 -56.17 -56.20 26.08
CA GLU D 130 -55.73 -55.24 27.08
C GLU D 130 -55.04 -54.05 26.44
N ALA D 131 -54.22 -54.30 25.41
CA ALA D 131 -53.55 -53.23 24.69
C ALA D 131 -54.53 -52.35 23.93
N PHE D 132 -55.57 -52.93 23.34
CA PHE D 132 -56.58 -52.14 22.66
C PHE D 132 -57.41 -51.32 23.65
N GLU D 133 -57.74 -51.93 24.80
CA GLU D 133 -58.56 -51.23 25.79
C GLU D 133 -57.80 -50.09 26.47
N LYS D 134 -56.47 -50.21 26.59
CA LYS D 134 -55.73 -49.04 27.05
C LYS D 134 -55.48 -48.04 25.93
N TYR D 135 -55.37 -48.50 24.68
CA TYR D 135 -54.86 -47.64 23.63
C TYR D 135 -55.96 -46.81 23.01
N VAL D 136 -57.21 -47.27 23.11
CA VAL D 136 -58.35 -46.41 22.81
C VAL D 136 -58.39 -45.23 23.77
N ALA D 137 -58.18 -45.47 25.07
CA ALA D 137 -58.17 -44.40 26.05
C ALA D 137 -56.84 -43.65 26.09
N ASN D 138 -55.83 -44.12 25.34
CA ASN D 138 -54.50 -43.51 25.35
C ASN D 138 -54.23 -42.63 24.13
N HIS D 139 -54.74 -43.00 22.95
CA HIS D 139 -54.40 -42.23 21.76
C HIS D 139 -55.58 -42.13 20.81
N LYS D 140 -56.14 -40.93 20.67
CA LYS D 140 -57.34 -40.74 19.85
C LYS D 140 -57.02 -40.31 18.42
N SER D 141 -55.77 -39.93 18.13
CA SER D 141 -55.46 -39.33 16.84
C SER D 141 -55.29 -40.35 15.71
N LEU D 142 -55.64 -41.61 15.94
CA LEU D 142 -55.64 -42.63 14.90
C LEU D 142 -56.87 -42.55 14.01
N ARG D 143 -57.78 -41.62 14.31
CA ARG D 143 -59.19 -41.64 13.88
C ARG D 143 -59.82 -43.00 14.15
N LEU D 144 -59.53 -43.55 15.32
CA LEU D 144 -60.25 -44.72 15.81
C LEU D 144 -61.60 -44.23 16.35
N ASP D 145 -62.57 -45.12 16.39
CA ASP D 145 -63.95 -44.73 16.69
C ASP D 145 -64.11 -44.49 18.20
N ARG D 146 -65.25 -43.89 18.54
CA ARG D 146 -65.57 -43.63 19.93
C ARG D 146 -66.28 -44.78 20.63
N TYR D 147 -66.97 -45.65 19.87
CA TYR D 147 -68.00 -46.48 20.48
C TYR D 147 -67.76 -47.98 20.34
N GLN D 148 -66.60 -48.41 19.84
CA GLN D 148 -66.39 -49.83 19.58
C GLN D 148 -66.08 -50.64 20.83
N LEU D 149 -65.96 -50.00 22.00
CA LEU D 149 -65.64 -50.71 23.23
C LEU D 149 -66.81 -51.54 23.75
N GLU D 150 -68.03 -51.24 23.33
CA GLU D 150 -69.20 -51.90 23.89
C GLU D 150 -69.57 -53.19 23.17
N ALA D 151 -69.09 -53.40 21.94
CA ALA D 151 -69.44 -54.58 21.16
C ALA D 151 -68.32 -55.62 21.15
N VAL D 152 -67.30 -55.44 21.97
CA VAL D 152 -66.14 -56.34 21.96
C VAL D 152 -65.94 -57.08 23.27
N LYS D 153 -66.70 -56.80 24.32
CA LYS D 153 -66.52 -57.49 25.59
C LYS D 153 -67.18 -58.86 25.65
N GLY D 154 -67.88 -59.27 24.60
CA GLY D 154 -68.54 -60.57 24.60
C GLY D 154 -67.89 -61.54 23.62
N THR D 155 -66.92 -61.06 22.87
CA THR D 155 -66.20 -61.85 21.89
C THR D 155 -64.85 -62.28 22.45
N SER D 156 -64.52 -63.56 22.27
CA SER D 156 -63.24 -64.06 22.74
C SER D 156 -62.58 -65.02 21.74
N ASP D 157 -63.06 -65.05 20.50
CA ASP D 157 -62.61 -65.89 19.40
C ASP D 157 -61.37 -65.28 18.75
N PRO D 158 -60.41 -66.10 18.32
CA PRO D 158 -59.17 -65.53 17.76
C PRO D 158 -59.37 -64.87 16.41
N ALA D 159 -60.05 -65.54 15.47
CA ALA D 159 -60.11 -65.06 14.10
C ALA D 159 -61.03 -63.86 13.96
N MET D 160 -62.22 -63.93 14.55
CA MET D 160 -63.22 -62.85 14.42
C MET D 160 -62.73 -61.56 15.08
N LEU D 161 -62.36 -61.63 16.36
CA LEU D 161 -61.87 -60.47 17.10
C LEU D 161 -60.54 -59.96 16.50
N ALA D 162 -59.65 -60.88 16.11
CA ALA D 162 -58.35 -60.49 15.56
C ALA D 162 -58.51 -59.75 14.24
N ASP D 163 -59.30 -60.31 13.32
CA ASP D 163 -59.51 -59.66 12.03
C ASP D 163 -60.33 -58.39 12.14
N THR D 164 -61.28 -58.31 13.07
CA THR D 164 -62.09 -57.09 13.19
C THR D 164 -61.25 -55.95 13.76
N ILE D 165 -60.49 -56.21 14.83
CA ILE D 165 -59.67 -55.15 15.42
C ILE D 165 -58.52 -54.79 14.50
N ALA D 166 -57.91 -55.79 13.83
CA ALA D 166 -56.87 -55.51 12.86
C ALA D 166 -57.39 -54.77 11.63
N TYR D 167 -58.67 -54.92 11.31
CA TYR D 167 -59.27 -54.04 10.31
C TYR D 167 -59.38 -52.62 10.85
N HIS D 168 -59.88 -52.46 12.08
CA HIS D 168 -60.07 -51.11 12.61
C HIS D 168 -58.76 -50.46 13.07
N ALA D 169 -57.71 -51.25 13.35
CA ALA D 169 -56.43 -50.68 13.75
C ALA D 169 -55.73 -50.10 12.53
N THR D 170 -55.02 -48.99 12.73
CA THR D 170 -54.48 -48.21 11.64
C THR D 170 -53.01 -48.51 11.44
N TRP D 171 -52.60 -48.70 10.19
CA TRP D 171 -51.21 -48.77 9.78
C TRP D 171 -51.01 -47.85 8.59
N THR D 172 -49.81 -47.90 8.02
CA THR D 172 -49.63 -47.44 6.65
C THR D 172 -49.98 -48.59 5.70
N VAL D 173 -50.23 -48.25 4.43
CA VAL D 173 -50.74 -49.24 3.49
C VAL D 173 -49.65 -50.21 3.06
N ALA D 174 -48.38 -49.81 3.17
CA ALA D 174 -47.27 -50.74 2.93
C ALA D 174 -47.19 -51.78 4.04
N GLU D 175 -47.26 -51.32 5.30
CA GLU D 175 -47.33 -52.23 6.43
C GLU D 175 -48.61 -53.06 6.44
N LYS D 176 -49.71 -52.50 5.91
CA LYS D 176 -50.92 -53.28 5.73
C LYS D 176 -50.72 -54.38 4.68
N GLN D 177 -49.93 -54.08 3.64
CA GLN D 177 -49.67 -55.11 2.64
C GLN D 177 -48.74 -56.20 3.16
N GLU D 178 -47.74 -55.84 3.97
CA GLU D 178 -46.95 -56.91 4.59
C GLU D 178 -47.66 -57.54 5.79
N ILE D 179 -48.80 -57.01 6.22
CA ILE D 179 -49.71 -57.83 7.01
C ILE D 179 -50.39 -58.86 6.13
N LEU D 180 -50.97 -58.42 5.01
CA LEU D 180 -51.77 -59.32 4.19
C LEU D 180 -50.94 -60.30 3.37
N GLU D 181 -49.60 -60.21 3.40
CA GLU D 181 -48.81 -61.23 2.73
C GLU D 181 -48.81 -62.56 3.48
N LEU D 182 -48.94 -62.53 4.80
CA LEU D 182 -48.63 -63.71 5.60
C LEU D 182 -49.88 -64.56 5.80
N THR D 183 -49.76 -65.85 5.46
CA THR D 183 -50.85 -66.80 5.63
C THR D 183 -51.03 -67.24 7.07
N ASP D 184 -49.97 -67.26 7.87
CA ASP D 184 -50.06 -67.66 9.27
C ASP D 184 -50.84 -66.62 10.06
N LEU D 185 -51.72 -67.11 10.95
CA LEU D 185 -52.52 -66.23 11.78
C LEU D 185 -51.71 -65.74 12.99
N GLU D 186 -50.99 -66.66 13.62
CA GLU D 186 -50.38 -66.40 14.92
C GLU D 186 -49.19 -65.46 14.82
N ALA D 187 -48.29 -65.69 13.87
CA ALA D 187 -47.12 -64.84 13.71
C ALA D 187 -47.52 -63.46 13.20
N ARG D 188 -48.54 -63.40 12.34
CA ARG D 188 -49.06 -62.11 11.88
C ARG D 188 -49.67 -61.31 13.02
N LEU D 189 -50.41 -61.98 13.91
CA LEU D 189 -51.02 -61.28 15.04
C LEU D 189 -49.96 -60.83 16.04
N LYS D 190 -48.87 -61.58 16.18
CA LYS D 190 -47.82 -61.14 17.09
C LYS D 190 -46.93 -60.06 16.48
N LYS D 191 -46.83 -60.00 15.15
CA LYS D 191 -46.19 -58.82 14.57
C LYS D 191 -47.09 -57.59 14.64
N VAL D 192 -48.41 -57.78 14.63
CA VAL D 192 -49.35 -56.71 14.97
C VAL D 192 -49.14 -56.23 16.40
N LEU D 193 -48.92 -57.18 17.33
CA LEU D 193 -48.57 -56.84 18.71
C LEU D 193 -47.26 -56.07 18.80
N GLY D 194 -46.27 -56.48 18.01
CA GLY D 194 -45.01 -55.74 17.95
C GLY D 194 -45.18 -54.34 17.40
N LEU D 195 -46.10 -54.15 16.46
CA LEU D 195 -46.22 -52.83 15.86
C LEU D 195 -47.01 -51.88 16.76
N LEU D 196 -47.98 -52.38 17.53
CA LEU D 196 -48.55 -51.41 18.48
C LEU D 196 -47.67 -51.26 19.71
N SER D 197 -46.74 -52.20 19.95
CA SER D 197 -45.69 -51.89 20.91
C SER D 197 -44.77 -50.79 20.37
N ARG D 198 -44.50 -50.77 19.07
CA ARG D 198 -43.85 -49.63 18.43
C ARG D 198 -44.69 -48.36 18.56
N ASP D 199 -46.03 -48.48 18.54
CA ASP D 199 -46.89 -47.32 18.76
C ASP D 199 -46.71 -46.76 20.17
N LEU D 200 -46.61 -47.66 21.15
CA LEU D 200 -46.24 -47.24 22.51
C LEU D 200 -44.86 -46.60 22.55
N GLU D 201 -43.92 -47.16 21.78
CA GLU D 201 -42.57 -46.60 21.72
C GLU D 201 -42.56 -45.19 21.18
N ARG D 202 -43.22 -44.96 20.04
CA ARG D 202 -43.24 -43.62 19.46
C ARG D 202 -44.04 -42.66 20.31
N PHE D 203 -45.06 -43.15 21.02
CA PHE D 203 -45.80 -42.31 21.95
C PHE D 203 -44.93 -41.83 23.10
N GLU D 204 -44.19 -42.74 23.74
CA GLU D 204 -43.36 -42.33 24.87
C GLU D 204 -42.15 -41.52 24.42
N LEU D 205 -41.64 -41.80 23.22
CA LEU D 205 -40.53 -41.00 22.69
C LEU D 205 -40.99 -39.60 22.33
N ASP D 206 -42.23 -39.46 21.86
CA ASP D 206 -42.76 -38.13 21.58
C ASP D 206 -43.03 -37.37 22.87
N LYS D 207 -43.43 -38.08 23.94
CA LYS D 207 -43.60 -37.38 25.21
C LYS D 207 -42.26 -37.01 25.85
N ARG D 208 -41.22 -37.83 25.65
CA ARG D 208 -39.93 -37.47 26.23
C ARG D 208 -39.27 -36.33 25.45
N VAL D 209 -39.48 -36.27 24.13
CA VAL D 209 -38.95 -35.11 23.41
C VAL D 209 -39.84 -33.90 23.65
N ALA D 210 -41.10 -34.10 24.03
CA ALA D 210 -41.93 -33.00 24.49
C ALA D 210 -41.41 -32.43 25.80
N GLN D 211 -40.98 -33.32 26.71
CA GLN D 211 -40.37 -32.84 27.95
C GLN D 211 -39.07 -32.10 27.68
N ARG D 212 -38.23 -32.64 26.80
CA ARG D 212 -36.94 -32.00 26.54
C ARG D 212 -37.11 -30.69 25.77
N VAL D 213 -38.15 -30.58 24.95
CA VAL D 213 -38.35 -29.31 24.27
C VAL D 213 -38.96 -28.29 25.22
N LYS D 214 -39.73 -28.75 26.21
CA LYS D 214 -40.17 -27.85 27.29
C LYS D 214 -39.00 -27.32 28.11
N GLU D 215 -38.07 -28.19 28.51
CA GLU D 215 -36.94 -27.65 29.27
C GLU D 215 -35.97 -26.85 28.40
N GLN D 216 -35.88 -27.13 27.09
CA GLN D 216 -35.06 -26.26 26.25
C GLN D 216 -35.67 -24.88 26.07
N MET D 217 -36.99 -24.79 25.93
CA MET D 217 -37.64 -23.50 25.90
C MET D 217 -37.50 -22.78 27.24
N ASP D 218 -37.52 -23.56 28.34
CA ASP D 218 -37.29 -22.98 29.66
C ASP D 218 -35.89 -22.40 29.78
N THR D 219 -34.87 -23.11 29.26
CA THR D 219 -33.51 -22.60 29.31
C THR D 219 -33.36 -21.35 28.45
N ASN D 220 -34.08 -21.28 27.33
CA ASN D 220 -34.09 -20.06 26.53
C ASN D 220 -34.67 -18.89 27.32
N GLN D 221 -35.83 -19.12 27.94
CA GLN D 221 -36.52 -18.08 28.71
C GLN D 221 -35.67 -17.57 29.86
N ARG D 222 -35.09 -18.50 30.64
CA ARG D 222 -34.23 -18.11 31.74
C ARG D 222 -32.97 -17.43 31.25
N GLU D 223 -32.46 -17.82 30.07
CA GLU D 223 -31.26 -17.19 29.53
C GLU D 223 -31.50 -15.72 29.22
N TYR D 224 -32.42 -15.42 28.30
CA TYR D 224 -32.54 -14.02 27.89
C TYR D 224 -33.20 -13.19 28.97
N TYR D 225 -34.02 -13.83 29.83
CA TYR D 225 -34.53 -13.20 31.03
C TYR D 225 -33.41 -12.71 31.94
N LEU D 226 -32.53 -13.62 32.38
CA LEU D 226 -31.48 -13.25 33.32
C LEU D 226 -30.42 -12.34 32.70
N ARG D 227 -30.12 -12.47 31.42
CA ARG D 227 -29.07 -11.60 30.89
C ARG D 227 -29.63 -10.22 30.56
N GLU D 228 -30.92 -10.12 30.26
CA GLU D 228 -31.54 -8.79 30.25
C GLU D 228 -31.68 -8.20 31.63
N GLN D 229 -31.79 -9.01 32.68
CA GLN D 229 -31.68 -8.43 34.01
C GLN D 229 -30.27 -7.95 34.30
N MET D 230 -29.25 -8.71 33.89
CA MET D 230 -27.86 -8.32 34.15
C MET D 230 -27.52 -6.99 33.48
N LYS D 231 -27.91 -6.85 32.21
CA LYS D 231 -27.57 -5.63 31.50
C LYS D 231 -28.35 -4.43 32.00
N ALA D 232 -29.46 -4.65 32.71
CA ALA D 232 -30.18 -3.57 33.37
C ALA D 232 -29.67 -3.27 34.76
N ILE D 233 -29.10 -4.26 35.46
CA ILE D 233 -28.45 -3.99 36.75
C ILE D 233 -27.18 -3.19 36.51
N GLN D 234 -26.56 -3.36 35.36
CA GLN D 234 -25.19 -2.86 35.21
C GLN D 234 -25.13 -1.34 34.99
N LYS D 235 -26.27 -0.68 34.76
CA LYS D 235 -26.22 0.78 34.54
C LYS D 235 -26.44 1.61 35.81
N GLU D 236 -26.11 1.14 36.99
CA GLU D 236 -26.34 1.93 38.20
C GLU D 236 -25.13 2.14 39.08
N LEU D 237 -23.96 1.84 38.52
CA LEU D 237 -22.70 1.94 39.29
C LEU D 237 -21.94 3.12 38.69
N GLY D 238 -21.74 3.10 37.38
CA GLY D 238 -21.10 4.26 36.73
C GLY D 238 -21.87 4.76 35.52
N GLY D 239 -22.27 6.03 35.51
CA GLY D 239 -22.89 6.59 34.30
C GLY D 239 -21.78 6.73 33.27
N GLU D 240 -22.09 6.58 31.97
CA GLU D 240 -20.95 6.60 31.01
C GLU D 240 -20.27 7.96 31.19
N ASP D 241 -21.03 9.05 31.22
CA ASP D 241 -20.49 10.40 31.55
C ASP D 241 -19.37 10.83 30.61
N GLY D 242 -18.20 10.18 30.71
CA GLY D 242 -17.04 10.59 29.90
C GLY D 242 -17.34 10.42 28.44
N LEU D 243 -17.03 11.45 27.65
CA LEU D 243 -17.38 11.39 26.21
C LEU D 243 -16.44 10.40 25.52
N SER D 244 -16.95 9.69 24.51
CA SER D 244 -16.13 8.73 23.75
C SER D 244 -15.10 9.48 22.91
N ASP D 245 -14.17 8.76 22.31
CA ASP D 245 -13.08 9.42 21.57
C ASP D 245 -13.69 10.36 20.52
N LEU D 246 -14.79 9.96 19.89
CA LEU D 246 -15.39 10.79 18.82
C LEU D 246 -15.96 12.10 19.37
N GLU D 247 -16.86 12.05 20.34
CA GLU D 247 -17.42 13.25 20.97
C GLU D 247 -16.33 14.13 21.55
N ALA D 248 -15.34 13.52 22.20
CA ALA D 248 -14.18 14.26 22.69
C ALA D 248 -13.38 14.86 21.54
N LEU D 249 -13.32 14.18 20.40
CA LEU D 249 -12.64 14.73 19.24
C LEU D 249 -13.42 15.90 18.63
N ARG D 250 -14.75 15.83 18.66
CA ARG D 250 -15.56 16.95 18.17
C ARG D 250 -15.41 18.18 19.04
N LYS D 251 -15.43 18.01 20.37
CA LYS D 251 -15.24 19.18 21.23
C LYS D 251 -13.79 19.66 21.18
N LYS D 252 -12.85 18.76 20.88
CA LYS D 252 -11.46 19.16 20.67
C LYS D 252 -11.32 20.01 19.40
N ILE D 253 -12.07 19.67 18.36
CA ILE D 253 -12.12 20.50 17.15
C ILE D 253 -12.74 21.86 17.45
N GLU D 254 -13.83 21.86 18.23
CA GLU D 254 -14.58 23.09 18.44
C GLU D 254 -13.88 24.07 19.38
N GLU D 255 -13.18 23.57 20.40
CA GLU D 255 -12.62 24.46 21.42
C GLU D 255 -11.41 25.24 20.90
N VAL D 256 -10.34 24.54 20.52
CA VAL D 256 -9.13 25.19 20.05
C VAL D 256 -9.32 25.56 18.59
N GLY D 257 -8.68 26.65 18.17
CA GLY D 257 -8.87 27.19 16.83
C GLY D 257 -10.30 27.65 16.62
N MET D 258 -10.78 27.54 15.38
CA MET D 258 -10.02 27.16 14.19
C MET D 258 -10.36 28.20 13.12
N PRO D 259 -9.57 28.28 12.04
CA PRO D 259 -10.09 28.94 10.83
C PRO D 259 -11.24 28.12 10.28
N GLU D 260 -12.28 28.80 9.79
CA GLU D 260 -13.59 28.17 9.67
C GLU D 260 -13.68 27.24 8.46
N ALA D 261 -12.91 27.51 7.41
CA ALA D 261 -12.86 26.58 6.29
C ALA D 261 -12.19 25.27 6.70
N VAL D 262 -11.10 25.38 7.45
CA VAL D 262 -10.42 24.21 7.99
C VAL D 262 -11.31 23.53 9.03
N LYS D 263 -12.12 24.31 9.75
CA LYS D 263 -13.05 23.75 10.73
C LYS D 263 -14.14 22.92 10.06
N THR D 264 -14.73 23.43 8.97
CA THR D 264 -15.74 22.67 8.25
C THR D 264 -15.15 21.45 7.55
N LYS D 265 -13.91 21.56 7.05
CA LYS D 265 -13.25 20.39 6.46
C LYS D 265 -12.98 19.33 7.52
N ALA D 266 -12.59 19.75 8.73
CA ALA D 266 -12.36 18.80 9.81
C ALA D 266 -13.65 18.16 10.29
N LEU D 267 -14.75 18.92 10.33
CA LEU D 267 -16.04 18.35 10.71
C LEU D 267 -16.55 17.37 9.65
N LYS D 268 -16.27 17.65 8.38
CA LYS D 268 -16.66 16.73 7.32
C LYS D 268 -15.84 15.44 7.38
N GLU D 269 -14.54 15.56 7.68
CA GLU D 269 -13.71 14.36 7.87
C GLU D 269 -14.16 13.56 9.09
N LEU D 270 -14.59 14.26 10.15
CA LEU D 270 -15.06 13.57 11.35
C LEU D 270 -16.37 12.84 11.09
N ASP D 271 -17.30 13.48 10.38
CA ASP D 271 -18.56 12.81 10.04
C ASP D 271 -18.34 11.68 9.05
N ARG D 272 -17.30 11.76 8.22
CA ARG D 272 -16.91 10.63 7.39
C ARG D 272 -16.35 9.49 8.24
N LEU D 273 -15.60 9.81 9.29
CA LEU D 273 -15.02 8.77 10.14
C LEU D 273 -16.07 8.10 11.03
N GLU D 274 -17.12 8.83 11.43
CA GLU D 274 -18.09 8.30 12.37
C GLU D 274 -18.96 7.19 11.80
N ARG D 275 -19.11 7.11 10.48
CA ARG D 275 -19.99 6.10 9.89
C ARG D 275 -19.34 4.72 9.85
N MET D 276 -18.09 4.60 10.25
CA MET D 276 -17.28 3.44 9.96
C MET D 276 -17.17 2.53 11.17
N GLN D 277 -16.93 1.24 10.91
CA GLN D 277 -16.64 0.29 11.97
C GLN D 277 -15.14 0.30 12.23
N GLN D 278 -14.76 0.09 13.48
CA GLN D 278 -13.37 0.20 13.88
C GLN D 278 -12.58 -1.00 13.39
N GLY D 279 -11.40 -0.75 12.84
CA GLY D 279 -10.57 -1.81 12.32
C GLY D 279 -10.33 -1.72 10.83
N SER D 280 -10.95 -0.73 10.19
CA SER D 280 -10.80 -0.55 8.76
C SER D 280 -9.41 0.02 8.47
N PRO D 281 -8.85 -0.28 7.29
CA PRO D 281 -7.53 0.27 6.94
C PRO D 281 -7.53 1.77 6.75
N GLU D 282 -8.59 2.34 6.20
CA GLU D 282 -8.67 3.78 5.99
C GLU D 282 -9.23 4.52 7.19
N ALA D 283 -9.79 3.80 8.17
CA ALA D 283 -10.11 4.41 9.46
C ALA D 283 -8.86 4.87 10.18
N THR D 284 -7.76 4.11 10.04
CA THR D 284 -6.47 4.53 10.55
C THR D 284 -5.99 5.81 9.90
N VAL D 285 -6.22 5.93 8.58
CA VAL D 285 -5.79 7.11 7.84
C VAL D 285 -6.59 8.34 8.24
N ALA D 286 -7.91 8.17 8.40
CA ALA D 286 -8.76 9.29 8.81
C ALA D 286 -8.48 9.71 10.25
N ARG D 287 -8.25 8.74 11.14
CA ARG D 287 -7.93 9.04 12.53
C ARG D 287 -6.58 9.74 12.65
N THR D 288 -5.60 9.31 11.85
CA THR D 288 -4.28 9.95 11.87
C THR D 288 -4.35 11.35 11.29
N TYR D 289 -5.14 11.56 10.24
CA TYR D 289 -5.29 12.91 9.70
C TYR D 289 -5.98 13.83 10.69
N LEU D 290 -6.96 13.32 11.43
CA LEU D 290 -7.67 14.16 12.40
C LEU D 290 -6.80 14.51 13.61
N ASP D 291 -6.02 13.55 14.14
CA ASP D 291 -5.24 13.93 15.33
C ASP D 291 -3.95 14.64 14.94
N TRP D 292 -3.56 14.60 13.66
CA TRP D 292 -2.58 15.58 13.21
C TRP D 292 -3.18 16.97 13.04
N LEU D 293 -4.47 17.05 12.69
CA LEU D 293 -5.10 18.37 12.60
C LEU D 293 -5.30 19.00 13.98
N THR D 294 -5.74 18.23 14.96
CA THR D 294 -6.12 18.81 16.24
C THR D 294 -4.92 19.18 17.10
N GLU D 295 -3.84 18.42 17.00
CA GLU D 295 -2.68 18.59 17.88
C GLU D 295 -1.67 19.59 17.35
N VAL D 296 -2.02 20.40 16.35
CA VAL D 296 -1.19 21.50 15.90
C VAL D 296 -1.86 22.78 16.35
N PRO D 297 -1.18 23.69 17.06
CA PRO D 297 -1.85 24.86 17.64
C PRO D 297 -2.24 25.90 16.60
N TRP D 298 -3.41 26.50 16.85
CA TRP D 298 -4.00 27.45 15.90
C TRP D 298 -4.11 28.87 16.43
N SER D 299 -4.35 29.07 17.73
CA SER D 299 -4.60 30.41 18.23
C SER D 299 -3.94 30.68 19.58
N LYS D 300 -3.21 29.71 20.10
CA LYS D 300 -2.53 29.88 21.38
C LYS D 300 -1.21 30.62 21.18
N ALA D 301 -0.92 31.58 22.06
CA ALA D 301 0.29 32.38 21.94
C ALA D 301 0.77 32.81 23.31
N ASP D 302 2.10 32.90 23.45
CA ASP D 302 2.68 33.40 24.69
C ASP D 302 2.47 34.91 24.81
N PRO D 303 2.40 35.44 26.04
CA PRO D 303 2.42 36.89 26.20
C PRO D 303 3.78 37.47 25.86
N GLU D 304 3.76 38.52 25.05
CA GLU D 304 4.96 39.06 24.42
C GLU D 304 5.33 40.38 25.08
N VAL D 305 6.63 40.56 25.32
CA VAL D 305 7.15 41.81 25.86
C VAL D 305 7.75 42.60 24.71
N LEU D 306 7.62 43.92 24.76
CA LEU D 306 8.18 44.80 23.74
C LEU D 306 8.95 45.90 24.42
N ASP D 307 10.22 45.63 24.73
CA ASP D 307 11.09 46.61 25.34
C ASP D 307 12.47 46.50 24.73
N ILE D 308 12.85 47.49 23.92
CA ILE D 308 14.13 47.48 23.22
C ILE D 308 15.27 47.65 24.21
N ASN D 309 15.04 48.39 25.30
CA ASN D 309 16.07 48.60 26.30
C ASN D 309 16.29 47.35 27.14
N HIS D 310 15.21 46.67 27.52
CA HIS D 310 15.34 45.42 28.27
C HIS D 310 15.98 44.34 27.42
N THR D 311 15.63 44.29 26.14
CA THR D 311 16.26 43.35 25.22
C THR D 311 17.74 43.65 25.05
N ARG D 312 18.11 44.93 25.04
CA ARG D 312 19.52 45.30 25.00
C ARG D 312 20.24 44.88 26.28
N GLN D 313 19.56 44.99 27.43
CA GLN D 313 20.15 44.56 28.70
C GLN D 313 20.37 43.05 28.73
N VAL D 314 19.36 42.28 28.28
CA VAL D 314 19.46 40.82 28.25
C VAL D 314 20.54 40.39 27.28
N LEU D 315 20.65 41.05 26.15
CA LEU D 315 21.66 40.69 25.17
C LEU D 315 23.06 41.15 25.60
N ASP D 316 23.16 42.18 26.43
CA ASP D 316 24.44 42.57 27.01
C ASP D 316 24.91 41.59 28.08
N GLU D 317 23.99 41.09 28.91
CA GLU D 317 24.39 40.29 30.07
C GLU D 317 24.67 38.83 29.72
N ASP D 318 24.81 38.49 28.44
CA ASP D 318 25.08 37.11 28.04
C ASP D 318 26.33 36.95 27.21
N HIS D 319 26.82 38.01 26.58
CA HIS D 319 27.88 37.89 25.59
C HIS D 319 28.96 38.91 25.89
N TYR D 320 29.92 39.00 24.96
CA TYR D 320 31.05 39.89 25.12
C TYR D 320 31.39 40.52 23.79
N GLY D 321 31.25 41.83 23.70
CA GLY D 321 31.47 42.51 22.43
C GLY D 321 30.21 42.48 21.59
N LEU D 322 30.41 42.16 20.30
CA LEU D 322 29.35 41.85 19.33
C LEU D 322 28.37 42.99 19.11
N LYS D 323 28.84 44.14 18.64
CA LYS D 323 28.01 45.34 18.65
C LYS D 323 26.98 45.36 17.53
N ASP D 324 27.38 44.97 16.31
CA ASP D 324 26.54 45.08 15.13
C ASP D 324 25.31 44.19 15.21
N VAL D 325 25.46 42.97 15.74
CA VAL D 325 24.34 42.06 15.86
C VAL D 325 23.34 42.60 16.89
N LYS D 326 23.84 43.23 17.95
CA LYS D 326 23.01 43.87 18.95
C LYS D 326 22.20 45.00 18.33
N GLU D 327 22.87 45.83 17.53
CA GLU D 327 22.21 46.97 16.90
C GLU D 327 21.15 46.52 15.90
N ARG D 328 21.42 45.47 15.12
CA ARG D 328 20.43 45.04 14.13
C ARG D 328 19.23 44.35 14.79
N ILE D 329 19.46 43.61 15.87
CA ILE D 329 18.33 43.05 16.60
C ILE D 329 17.48 44.17 17.20
N LEU D 330 18.12 45.26 17.65
CA LEU D 330 17.34 46.39 18.11
C LEU D 330 16.62 47.09 16.96
N GLU D 331 17.16 47.00 15.74
CA GLU D 331 16.46 47.54 14.56
C GLU D 331 15.13 46.82 14.32
N TYR D 332 15.17 45.46 14.31
CA TYR D 332 13.91 44.74 14.09
C TYR D 332 12.95 44.92 15.26
N LEU D 333 13.46 44.96 16.48
CA LEU D 333 12.52 45.17 17.58
C LEU D 333 11.96 46.59 17.60
N ALA D 334 12.71 47.56 17.03
CA ALA D 334 12.20 48.91 16.89
C ALA D 334 11.05 48.97 15.89
N VAL D 335 11.22 48.33 14.73
CA VAL D 335 10.15 48.36 13.74
C VAL D 335 8.97 47.51 14.20
N ARG D 336 9.24 46.50 15.05
CA ARG D 336 8.16 45.68 15.58
C ARG D 336 7.33 46.46 16.61
N GLN D 337 8.00 47.26 17.46
CA GLN D 337 7.27 48.11 18.39
C GLN D 337 6.51 49.21 17.68
N LEU D 338 7.04 49.70 16.57
CA LEU D 338 6.28 50.69 15.80
C LEU D 338 5.06 50.08 15.11
N THR D 339 5.18 48.86 14.60
CA THR D 339 4.07 48.19 13.93
C THR D 339 3.24 47.34 14.88
N GLN D 340 3.46 47.49 16.19
CA GLN D 340 2.63 46.77 17.16
C GLN D 340 1.20 47.30 17.24
N GLY D 341 1.02 48.60 17.46
CA GLY D 341 -0.31 49.17 17.50
C GLY D 341 -0.95 49.26 16.14
N LEU D 342 -0.13 49.16 15.10
CA LEU D 342 -0.61 49.21 13.73
C LEU D 342 -1.23 47.88 13.33
N ASP D 343 -2.09 47.94 12.30
CA ASP D 343 -2.86 46.80 11.86
C ASP D 343 -2.29 46.09 10.63
N VAL D 344 -1.18 46.60 10.08
CA VAL D 344 -0.65 46.03 8.85
C VAL D 344 0.01 44.69 9.12
N ARG D 345 0.23 43.92 8.05
CA ARG D 345 0.89 42.63 8.14
C ARG D 345 2.38 42.81 7.86
N ASN D 346 3.20 42.02 8.55
CA ASN D 346 4.64 42.24 8.53
C ASN D 346 5.29 41.51 7.36
N LYS D 347 5.87 42.28 6.45
CA LYS D 347 6.60 41.74 5.31
C LYS D 347 8.10 41.82 5.51
N ALA D 348 8.59 41.67 6.75
CA ALA D 348 10.01 41.84 7.02
C ALA D 348 10.79 40.64 6.48
N PRO D 349 12.01 40.85 6.00
CA PRO D 349 12.79 39.72 5.47
C PRO D 349 13.38 38.88 6.59
N ILE D 350 13.95 37.75 6.20
CA ILE D 350 14.46 36.77 7.16
C ILE D 350 15.92 37.06 7.42
N LEU D 351 16.29 37.11 8.70
CA LEU D 351 17.68 37.27 9.08
C LEU D 351 18.47 36.01 8.78
N VAL D 352 19.78 36.17 8.66
CA VAL D 352 20.70 35.04 8.63
C VAL D 352 21.99 35.46 9.32
N LEU D 353 22.52 34.57 10.16
CA LEU D 353 23.74 34.82 10.90
C LEU D 353 24.84 34.00 10.26
N VAL D 354 25.86 34.68 9.73
CA VAL D 354 26.93 34.03 8.99
C VAL D 354 28.21 34.16 9.78
N GLY D 355 28.95 33.05 9.91
CA GLY D 355 30.21 33.06 10.60
C GLY D 355 30.84 31.69 10.74
N PRO D 356 32.03 31.65 11.32
CA PRO D 356 32.67 30.37 11.65
C PRO D 356 31.89 29.64 12.73
N PRO D 357 32.00 28.31 12.84
CA PRO D 357 31.09 27.55 13.71
C PRO D 357 31.31 27.74 15.20
N GLY D 358 32.50 28.13 15.63
CA GLY D 358 32.72 28.27 17.06
C GLY D 358 32.17 29.55 17.63
N VAL D 359 31.88 30.52 16.76
CA VAL D 359 31.28 31.77 17.21
C VAL D 359 29.80 31.52 17.47
N GLY D 360 29.29 32.14 18.54
CA GLY D 360 28.06 31.72 19.18
C GLY D 360 26.74 32.10 18.53
N LYS D 361 26.30 31.34 17.53
CA LYS D 361 25.03 31.68 16.87
C LYS D 361 23.83 31.36 17.76
N THR D 362 23.74 30.12 18.22
CA THR D 362 22.56 29.69 18.96
C THR D 362 22.48 30.33 20.34
N SER D 363 23.61 30.79 20.89
CA SER D 363 23.54 31.57 22.13
C SER D 363 22.85 32.90 21.90
N LEU D 364 23.12 33.55 20.76
CA LEU D 364 22.38 34.75 20.39
C LEU D 364 20.91 34.44 20.15
N GLY D 365 20.61 33.29 19.53
CA GLY D 365 19.22 32.91 19.34
C GLY D 365 18.46 32.69 20.64
N ARG D 366 19.08 31.99 21.59
CA ARG D 366 18.45 31.77 22.89
C ARG D 366 18.31 33.06 23.68
N SER D 367 19.27 33.98 23.52
CA SER D 367 19.18 35.26 24.23
C SER D 367 18.06 36.11 23.67
N ILE D 368 17.87 36.09 22.34
CA ILE D 368 16.72 36.76 21.72
C ILE D 368 15.41 36.12 22.20
N ALA D 369 15.41 34.79 22.34
CA ALA D 369 14.23 34.08 22.82
C ALA D 369 13.86 34.48 24.25
N ARG D 370 14.84 34.56 25.14
CA ARG D 370 14.55 34.95 26.50
C ARG D 370 14.21 36.43 26.62
N SER D 371 14.81 37.27 25.78
CA SER D 371 14.55 38.69 25.87
C SER D 371 13.16 39.03 25.35
N MET D 372 12.71 38.33 24.31
CA MET D 372 11.35 38.52 23.82
C MET D 372 10.33 37.73 24.62
N ASN D 373 10.78 36.82 25.48
CA ASN D 373 9.95 35.88 26.25
C ASN D 373 9.05 35.06 25.33
N ARG D 374 9.71 34.30 24.47
CA ARG D 374 9.04 33.32 23.62
C ARG D 374 9.71 31.97 23.85
N LYS D 375 9.35 31.00 23.01
CA LYS D 375 9.89 29.66 23.13
C LYS D 375 10.88 29.39 22.01
N PHE D 376 11.97 28.70 22.36
CA PHE D 376 13.06 28.45 21.45
C PHE D 376 13.04 26.99 21.01
N HIS D 377 13.24 26.77 19.71
CA HIS D 377 13.29 25.43 19.14
C HIS D 377 14.20 25.47 17.93
N ARG D 378 14.92 24.38 17.69
CA ARG D 378 15.97 24.36 16.68
C ARG D 378 15.74 23.22 15.70
N ILE D 379 15.54 23.57 14.43
CA ILE D 379 15.49 22.61 13.34
C ILE D 379 16.87 22.50 12.72
N SER D 380 17.40 21.29 12.64
CA SER D 380 18.71 21.06 12.07
C SER D 380 18.58 20.61 10.63
N LEU D 381 19.18 21.36 9.72
CA LEU D 381 19.22 21.02 8.31
C LEU D 381 20.61 20.50 7.98
N GLY D 382 20.81 20.14 6.71
CA GLY D 382 22.12 19.69 6.28
C GLY D 382 22.18 18.21 6.00
N GLY D 383 21.37 17.45 6.74
CA GLY D 383 21.21 16.05 6.46
C GLY D 383 20.02 15.83 5.54
N VAL D 384 19.26 16.90 5.32
CA VAL D 384 18.11 16.82 4.44
C VAL D 384 18.59 16.80 2.99
N ARG D 385 17.90 16.01 2.17
CA ARG D 385 18.37 15.86 0.79
C ARG D 385 17.24 15.79 -0.23
N ASP D 386 15.98 15.90 0.17
CA ASP D 386 14.88 16.07 -0.75
C ASP D 386 13.79 16.87 -0.05
N GLU D 387 12.71 17.14 -0.78
CA GLU D 387 11.64 18.01 -0.30
C GLU D 387 10.58 17.26 0.50
N ALA D 388 10.80 15.98 0.78
CA ALA D 388 9.81 15.16 1.47
C ALA D 388 9.91 15.25 2.99
N GLU D 389 10.76 16.14 3.50
CA GLU D 389 10.79 16.44 4.91
C GLU D 389 10.64 17.93 5.24
N ILE D 390 10.85 18.83 4.30
CA ILE D 390 10.46 20.21 4.47
C ILE D 390 8.95 20.38 4.32
N ARG D 391 8.43 20.05 3.15
CA ARG D 391 7.02 19.74 2.98
C ARG D 391 6.85 18.25 3.20
N GLY D 392 5.62 17.83 3.49
CA GLY D 392 5.43 16.46 3.89
C GLY D 392 5.33 15.48 2.73
N HIS D 393 4.36 14.59 2.80
CA HIS D 393 4.16 13.59 1.77
C HIS D 393 2.69 13.24 1.78
N ARG D 394 2.15 12.88 0.62
CA ARG D 394 0.71 12.69 0.48
C ARG D 394 0.24 11.46 1.25
N ARG D 395 -0.91 11.61 1.90
CA ARG D 395 -1.38 10.59 2.84
C ARG D 395 -2.02 9.39 2.16
N THR D 396 -1.99 9.32 0.83
CA THR D 396 -2.32 8.08 0.13
C THR D 396 -1.31 6.99 0.49
N TYR D 397 -0.03 7.36 0.54
CA TYR D 397 1.02 6.44 0.91
C TYR D 397 0.95 6.16 2.42
N ILE D 398 1.17 4.91 2.79
CA ILE D 398 0.94 4.44 4.14
C ILE D 398 2.06 4.94 5.05
N GLY D 399 1.71 5.36 6.26
CA GLY D 399 2.69 5.83 7.21
C GLY D 399 3.36 7.13 6.85
N ALA D 400 2.72 7.92 5.97
CA ALA D 400 3.26 9.19 5.54
C ALA D 400 3.06 10.23 6.63
N MET D 401 4.05 11.10 6.79
CA MET D 401 4.11 12.07 7.86
C MET D 401 4.28 13.46 7.28
N PRO D 402 3.85 14.50 8.01
CA PRO D 402 4.11 15.87 7.54
C PRO D 402 5.58 16.28 7.63
N GLY D 403 5.87 17.53 7.28
CA GLY D 403 7.23 18.02 7.23
C GLY D 403 7.85 18.22 8.60
N LYS D 404 9.07 18.77 8.57
CA LYS D 404 9.79 19.00 9.83
C LYS D 404 9.27 20.21 10.56
N LEU D 405 8.65 21.17 9.87
CA LEU D 405 8.14 22.34 10.57
C LEU D 405 6.84 22.05 11.30
N ILE D 406 6.04 21.11 10.81
CA ILE D 406 4.86 20.70 11.56
C ILE D 406 5.27 19.94 12.81
N HIS D 407 6.31 19.11 12.72
CA HIS D 407 6.88 18.46 13.89
C HIS D 407 7.46 19.47 14.86
N ALA D 408 8.04 20.56 14.35
CA ALA D 408 8.60 21.58 15.23
C ALA D 408 7.50 22.35 15.93
N MET D 409 6.45 22.73 15.21
CA MET D 409 5.40 23.56 15.80
C MET D 409 4.41 22.75 16.61
N LYS D 410 4.44 21.42 16.54
CA LYS D 410 3.61 20.66 17.48
C LYS D 410 4.31 20.49 18.82
N GLN D 411 5.64 20.60 18.85
CA GLN D 411 6.36 20.43 20.11
C GLN D 411 6.23 21.68 20.98
N VAL D 412 6.42 22.85 20.39
CA VAL D 412 6.07 24.09 21.08
C VAL D 412 4.56 24.19 21.06
N GLY D 413 3.99 24.92 22.02
CA GLY D 413 2.55 24.92 22.14
C GLY D 413 1.90 26.21 21.69
N VAL D 414 2.66 27.08 21.03
CA VAL D 414 2.16 28.39 20.66
C VAL D 414 2.38 28.62 19.16
N ILE D 415 1.75 29.67 18.65
CA ILE D 415 1.96 30.11 17.28
C ILE D 415 3.02 31.19 17.17
N ASN D 416 3.65 31.56 18.28
CA ASN D 416 4.82 32.45 18.26
C ASN D 416 6.02 31.84 18.99
N PRO D 417 6.68 30.83 18.39
CA PRO D 417 8.01 30.47 18.89
C PRO D 417 9.08 31.24 18.14
N VAL D 418 10.34 30.95 18.42
CA VAL D 418 11.43 31.30 17.50
C VAL D 418 12.09 30.01 17.06
N ILE D 419 12.35 29.90 15.77
CA ILE D 419 12.87 28.67 15.18
C ILE D 419 14.15 29.00 14.43
N LEU D 420 15.25 28.41 14.86
CA LEU D 420 16.56 28.64 14.27
C LEU D 420 16.84 27.51 13.28
N LEU D 421 17.02 27.86 12.01
CA LEU D 421 17.29 26.88 10.96
C LEU D 421 18.80 26.78 10.79
N ASP D 422 19.40 25.89 11.55
CA ASP D 422 20.85 25.77 11.57
C ASP D 422 21.35 25.06 10.31
N GLU D 423 22.44 25.59 9.76
CA GLU D 423 23.16 25.04 8.59
C GLU D 423 22.28 24.92 7.36
N ILE D 424 21.84 26.08 6.85
CA ILE D 424 21.01 26.10 5.66
C ILE D 424 21.83 25.93 4.38
N ASP D 425 23.13 26.21 4.43
CA ASP D 425 23.98 26.11 3.25
C ASP D 425 24.44 24.70 2.95
N LYS D 426 24.17 23.75 3.85
CA LYS D 426 24.61 22.38 3.69
C LYS D 426 23.60 21.51 2.96
N MET D 427 22.49 22.09 2.49
CA MET D 427 21.48 21.30 1.79
C MET D 427 21.95 20.99 0.38
N SER D 428 21.98 19.71 0.03
CA SER D 428 22.51 19.26 -1.24
C SER D 428 21.38 18.93 -2.22
N SER D 429 21.50 19.48 -3.43
CA SER D 429 20.62 19.13 -4.53
C SER D 429 21.36 18.15 -5.43
N ASP D 430 20.68 17.06 -5.79
CA ASP D 430 21.36 15.94 -6.42
C ASP D 430 20.37 15.11 -7.22
N TRP D 431 20.81 13.89 -7.54
CA TRP D 431 19.98 12.93 -8.29
C TRP D 431 18.76 12.50 -7.50
N ARG D 432 18.87 12.48 -6.16
CA ARG D 432 17.78 11.93 -5.35
C ARG D 432 16.63 12.93 -5.21
N GLY D 433 16.95 14.21 -5.03
CA GLY D 433 15.90 15.21 -4.88
C GLY D 433 16.47 16.58 -4.65
N ASP D 434 15.58 17.56 -4.64
CA ASP D 434 15.94 18.96 -4.45
C ASP D 434 15.22 19.50 -3.23
N PRO D 435 15.88 19.61 -2.07
CA PRO D 435 15.16 20.10 -0.88
C PRO D 435 14.98 21.61 -0.86
N ALA D 436 15.87 22.36 -1.51
CA ALA D 436 15.78 23.83 -1.48
C ALA D 436 14.98 24.33 -2.68
N SER D 437 13.80 23.72 -2.86
CA SER D 437 12.80 24.22 -3.79
C SER D 437 11.53 24.49 -3.00
N ALA D 438 11.32 23.69 -1.96
CA ALA D 438 10.23 23.88 -1.03
C ALA D 438 10.56 24.92 0.04
N MET D 439 11.81 25.38 0.09
CA MET D 439 12.22 26.44 1.01
C MET D 439 11.77 27.81 0.53
N LEU D 440 11.32 27.90 -0.73
CA LEU D 440 10.97 29.17 -1.36
C LEU D 440 9.63 29.72 -0.88
N GLU D 441 8.89 28.93 -0.11
CA GLU D 441 7.58 29.41 0.35
C GLU D 441 7.39 29.21 1.85
N VAL D 442 8.40 28.78 2.58
CA VAL D 442 8.27 28.51 4.00
C VAL D 442 9.06 29.59 4.75
N LEU D 443 9.78 30.41 4.00
CA LEU D 443 10.39 31.61 4.56
C LEU D 443 9.98 32.89 3.84
N ASP D 444 9.24 32.81 2.75
CA ASP D 444 8.81 33.98 1.99
C ASP D 444 7.63 34.64 2.69
N PRO D 445 7.72 35.92 3.09
CA PRO D 445 6.58 36.54 3.79
C PRO D 445 5.39 36.86 2.90
N GLU D 446 5.48 36.68 1.58
CA GLU D 446 4.31 36.67 0.71
C GLU D 446 3.66 35.30 0.66
N GLN D 447 4.18 34.35 1.42
CA GLN D 447 3.54 33.12 1.84
C GLN D 447 3.59 33.15 3.36
N ASN D 448 3.46 31.97 3.99
CA ASN D 448 3.48 31.75 5.44
C ASN D 448 2.22 32.31 6.05
N ASN D 449 1.16 32.43 5.24
CA ASN D 449 -0.19 32.60 5.74
C ASN D 449 -1.08 31.61 5.02
N THR D 450 -0.62 31.20 3.83
CA THR D 450 -1.26 30.15 3.04
C THR D 450 -0.32 28.98 2.78
N PHE D 451 0.56 28.66 3.74
CA PHE D 451 1.49 27.56 3.56
C PHE D 451 0.75 26.23 3.58
N THR D 452 0.89 25.49 2.49
CA THR D 452 0.19 24.22 2.31
C THR D 452 1.20 23.08 2.35
N ASP D 453 0.89 22.07 3.15
CA ASP D 453 1.74 20.89 3.23
C ASP D 453 1.20 19.83 2.29
N HIS D 454 1.97 18.78 2.01
CA HIS D 454 1.51 17.67 1.19
C HIS D 454 0.72 16.65 2.00
N TYR D 455 0.88 16.64 3.33
CA TYR D 455 0.12 15.75 4.18
C TYR D 455 -1.17 16.40 4.65
N LEU D 456 -1.07 17.49 5.39
CA LEU D 456 -2.22 18.33 5.70
C LEU D 456 -2.51 19.22 4.50
N ASP D 457 -3.69 19.05 3.92
CA ASP D 457 -4.07 19.79 2.72
C ASP D 457 -4.79 21.10 3.04
N VAL D 458 -4.50 21.70 4.18
CA VAL D 458 -5.07 22.99 4.54
C VAL D 458 -3.97 24.04 4.54
N PRO D 459 -4.26 25.29 4.19
CA PRO D 459 -3.23 26.34 4.30
C PRO D 459 -2.98 26.71 5.75
N TYR D 460 -1.73 26.71 6.16
CA TYR D 460 -1.35 26.94 7.54
C TYR D 460 -0.59 28.26 7.66
N ASP D 461 -0.79 28.95 8.78
CA ASP D 461 -0.25 30.28 8.99
C ASP D 461 1.11 30.18 9.68
N LEU D 462 2.08 30.92 9.17
CA LEU D 462 3.40 31.00 9.80
C LEU D 462 3.84 32.46 9.88
N SER D 463 2.89 33.35 10.10
CA SER D 463 3.18 34.78 10.12
C SER D 463 3.45 35.32 11.51
N LYS D 464 3.54 34.45 12.52
CA LYS D 464 3.82 34.90 13.88
C LYS D 464 5.04 34.16 14.44
N VAL D 465 5.47 33.09 13.81
CA VAL D 465 6.74 32.47 14.11
C VAL D 465 7.87 33.34 13.55
N PHE D 466 8.99 33.38 14.28
CA PHE D 466 10.10 34.28 13.95
C PHE D 466 11.33 33.44 13.67
N PHE D 467 11.84 33.51 12.44
CA PHE D 467 12.91 32.64 11.99
C PHE D 467 14.27 33.31 12.07
N ILE D 468 15.26 32.54 12.53
CA ILE D 468 16.67 32.90 12.47
C ILE D 468 17.34 31.82 11.61
N THR D 469 18.39 32.20 10.89
CA THR D 469 19.03 31.30 9.95
C THR D 469 20.54 31.34 10.16
N THR D 470 21.18 30.18 10.00
CA THR D 470 22.60 30.01 10.30
C THR D 470 23.29 29.36 9.12
N ALA D 471 24.44 29.89 8.72
CA ALA D 471 25.26 29.28 7.68
C ALA D 471 26.71 29.69 7.89
N ASN D 472 27.62 28.81 7.46
CA ASN D 472 29.05 29.12 7.51
C ASN D 472 29.51 29.97 6.34
N THR D 473 29.01 29.69 5.14
CA THR D 473 29.29 30.50 3.97
C THR D 473 27.99 30.73 3.24
N LEU D 474 28.02 31.65 2.27
CA LEU D 474 26.84 31.97 1.49
C LEU D 474 27.03 31.75 0.01
N GLN D 475 28.11 31.09 -0.41
CA GLN D 475 28.28 30.74 -1.81
C GLN D 475 27.43 29.55 -2.22
N THR D 476 27.05 28.69 -1.27
CA THR D 476 26.26 27.50 -1.58
C THR D 476 24.79 27.66 -1.22
N ILE D 477 24.38 28.81 -0.73
CA ILE D 477 22.97 29.15 -0.55
C ILE D 477 22.39 29.34 -1.95
N PRO D 478 21.22 28.76 -2.26
CA PRO D 478 20.64 28.92 -3.60
C PRO D 478 20.25 30.36 -3.93
N ARG D 479 20.30 30.69 -5.23
CA ARG D 479 20.09 32.07 -5.64
C ARG D 479 18.63 32.53 -5.52
N PRO D 480 17.59 31.73 -5.82
CA PRO D 480 16.23 32.16 -5.45
C PRO D 480 15.93 32.09 -3.96
N LEU D 481 16.86 31.61 -3.14
CA LEU D 481 16.67 31.59 -1.70
C LEU D 481 17.46 32.69 -1.00
N LEU D 482 18.59 33.11 -1.57
CA LEU D 482 19.42 34.13 -0.94
C LEU D 482 18.85 35.52 -1.15
N ASP D 483 18.04 35.71 -2.20
CA ASP D 483 17.56 37.03 -2.59
C ASP D 483 16.57 37.65 -1.61
N ARG D 484 15.94 36.85 -0.76
CA ARG D 484 14.95 37.35 0.18
C ARG D 484 15.47 37.42 1.60
N MET D 485 16.70 37.02 1.83
CA MET D 485 17.29 37.08 3.17
C MET D 485 18.01 38.41 3.34
N GLU D 486 18.26 38.75 4.60
CA GLU D 486 19.18 39.84 4.92
C GLU D 486 20.33 39.29 5.75
N VAL D 487 21.54 39.70 5.38
CA VAL D 487 22.77 39.05 5.83
C VAL D 487 23.37 39.86 6.97
N ILE D 488 23.64 39.20 8.09
CA ILE D 488 24.38 39.77 9.20
C ILE D 488 25.56 38.87 9.49
N GLU D 489 26.76 39.37 9.25
CA GLU D 489 27.98 38.56 9.32
C GLU D 489 28.59 38.70 10.71
N ILE D 490 29.05 37.58 11.26
CA ILE D 490 29.73 37.59 12.55
C ILE D 490 31.15 37.09 12.32
N PRO D 491 32.18 37.91 12.56
CA PRO D 491 33.51 37.64 12.00
C PRO D 491 34.39 36.66 12.77
N GLY D 492 34.30 36.56 14.08
CA GLY D 492 35.27 35.79 14.84
C GLY D 492 35.99 36.65 15.84
N TYR D 493 36.90 36.03 16.61
CA TYR D 493 37.47 36.69 17.76
C TYR D 493 39.00 36.72 17.65
N THR D 494 39.58 37.71 18.33
CA THR D 494 41.02 37.81 18.51
C THR D 494 41.43 37.00 19.72
N ASN D 495 42.68 37.13 20.14
CA ASN D 495 43.14 36.37 21.29
C ASN D 495 42.68 36.99 22.61
N MET D 496 42.62 38.31 22.68
CA MET D 496 42.18 38.95 23.91
C MET D 496 40.68 38.77 24.12
N GLU D 497 39.91 38.78 23.03
CA GLU D 497 38.48 38.52 23.14
C GLU D 497 38.21 37.09 23.58
N LYS D 498 38.98 36.14 23.06
CA LYS D 498 38.82 34.75 23.49
C LYS D 498 39.27 34.55 24.93
N GLN D 499 40.28 35.31 25.36
CA GLN D 499 40.71 35.24 26.75
C GLN D 499 39.64 35.80 27.69
N ALA D 500 38.97 36.87 27.26
CA ALA D 500 37.91 37.46 28.09
C ALA D 500 36.68 36.56 28.12
N ILE D 501 36.35 35.92 27.00
CA ILE D 501 35.23 34.97 26.96
C ILE D 501 35.52 33.77 27.85
N ALA D 502 36.77 33.30 27.83
CA ALA D 502 37.13 32.16 28.68
C ALA D 502 37.18 32.54 30.15
N ARG D 503 37.49 33.79 30.48
CA ARG D 503 37.50 34.18 31.88
C ARG D 503 36.10 34.41 32.42
N GLN D 504 35.26 35.12 31.66
CA GLN D 504 34.01 35.59 32.22
C GLN D 504 32.82 34.66 32.01
N TYR D 505 32.85 33.79 31.00
CA TYR D 505 31.65 33.03 30.69
C TYR D 505 31.87 31.53 30.61
N LEU D 506 33.01 31.11 30.05
CA LEU D 506 33.20 29.69 29.75
C LEU D 506 33.64 28.90 30.99
N TRP D 507 34.71 29.35 31.64
CA TRP D 507 35.23 28.63 32.80
C TRP D 507 34.27 28.54 33.99
N PRO D 508 33.50 29.58 34.39
CA PRO D 508 32.53 29.33 35.49
C PRO D 508 31.41 28.36 35.13
N LYS D 509 30.92 28.35 33.89
CA LYS D 509 29.87 27.38 33.60
C LYS D 509 30.44 25.97 33.47
N GLN D 510 31.67 25.82 32.97
CA GLN D 510 32.30 24.51 32.96
C GLN D 510 32.68 24.02 34.35
N VAL D 511 32.89 24.93 35.30
CA VAL D 511 33.07 24.49 36.68
C VAL D 511 31.74 24.10 37.30
N ARG D 512 30.69 24.90 37.07
CA ARG D 512 29.40 24.65 37.73
C ARG D 512 28.75 23.38 37.23
N GLU D 513 28.78 23.11 35.92
CA GLU D 513 28.11 21.91 35.44
C GLU D 513 28.92 20.65 35.69
N SER D 514 30.19 20.77 36.06
CA SER D 514 31.00 19.61 36.39
C SER D 514 30.99 19.29 37.87
N GLY D 515 30.03 19.84 38.62
CA GLY D 515 29.89 19.49 40.02
C GLY D 515 30.74 20.28 40.99
N MET D 516 31.81 20.91 40.51
CA MET D 516 32.65 21.71 41.39
C MET D 516 31.98 23.05 41.65
N GLU D 517 31.91 23.46 42.91
CA GLU D 517 31.38 24.80 43.20
C GLU D 517 32.52 25.80 43.31
N GLY D 518 33.72 25.33 43.04
CA GLY D 518 34.93 26.12 43.18
C GLY D 518 35.84 25.52 44.23
N ARG D 519 36.73 24.65 43.74
CA ARG D 519 37.83 24.05 44.47
C ARG D 519 39.08 24.05 43.61
N ILE D 520 38.97 24.66 42.42
CA ILE D 520 39.99 24.60 41.39
C ILE D 520 39.94 25.91 40.61
N GLU D 521 41.09 26.39 40.15
CA GLU D 521 41.14 27.69 39.50
C GLU D 521 42.30 27.74 38.51
N VAL D 522 42.05 28.33 37.35
CA VAL D 522 43.07 28.54 36.35
C VAL D 522 43.50 30.00 36.38
N THR D 523 44.68 30.27 35.82
CA THR D 523 45.22 31.61 35.73
C THR D 523 45.05 32.12 34.30
N ASP D 524 45.40 33.40 34.11
CA ASP D 524 45.28 33.99 32.78
C ASP D 524 46.35 33.48 31.83
N ALA D 525 47.55 33.23 32.36
CA ALA D 525 48.61 32.64 31.56
C ALA D 525 48.26 31.23 31.12
N ALA D 526 47.54 30.50 31.97
CA ALA D 526 47.05 29.18 31.58
C ALA D 526 46.02 29.27 30.47
N ILE D 527 45.16 30.29 30.51
CA ILE D 527 44.15 30.49 29.47
C ILE D 527 44.82 30.81 28.14
N LEU D 528 45.82 31.69 28.16
CA LEU D 528 46.55 32.03 26.94
C LEU D 528 47.36 30.83 26.44
N ARG D 529 47.86 29.99 27.36
CA ARG D 529 48.56 28.78 26.99
C ARG D 529 47.65 27.80 26.24
N VAL D 530 46.43 27.59 26.77
CA VAL D 530 45.48 26.69 26.14
C VAL D 530 45.05 27.23 24.78
N ILE D 531 44.80 28.54 24.70
CA ILE D 531 44.38 29.17 23.44
C ILE D 531 45.48 29.06 22.38
N SER D 532 46.72 29.36 22.75
CA SER D 532 47.79 29.43 21.77
C SER D 532 48.42 28.08 21.44
N GLU D 533 48.23 27.04 22.27
CA GLU D 533 48.89 25.78 21.99
C GLU D 533 47.96 24.58 21.92
N TYR D 534 46.65 24.75 22.07
CA TYR D 534 45.78 23.59 22.02
C TYR D 534 44.55 23.78 21.15
N THR D 535 44.26 24.99 20.71
CA THR D 535 43.17 25.27 19.81
C THR D 535 43.71 25.98 18.59
N ARG D 536 43.18 25.65 17.42
CA ARG D 536 43.49 26.41 16.22
C ARG D 536 42.18 26.55 15.43
N GLU D 537 41.50 27.67 15.68
CA GLU D 537 40.14 27.87 15.18
C GLU D 537 39.82 29.35 15.28
N ALA D 538 38.72 29.73 14.63
CA ALA D 538 38.25 31.10 14.71
C ALA D 538 37.27 31.32 15.85
N GLY D 539 36.65 30.26 16.36
CA GLY D 539 35.69 30.38 17.43
C GLY D 539 36.20 29.93 18.77
N VAL D 540 35.29 29.55 19.67
CA VAL D 540 35.66 29.23 21.04
C VAL D 540 35.15 27.86 21.45
N ARG D 541 34.93 26.98 20.47
CA ARG D 541 34.37 25.66 20.75
C ARG D 541 35.42 24.71 21.30
N GLY D 542 36.58 24.65 20.64
CA GLY D 542 37.66 23.81 21.13
C GLY D 542 38.21 24.26 22.47
N LEU D 543 38.23 25.57 22.71
CA LEU D 543 38.60 26.09 24.02
C LEU D 543 37.62 25.63 25.10
N GLU D 544 36.33 25.59 24.76
CA GLU D 544 35.31 25.06 25.66
C GLU D 544 35.56 23.60 26.01
N ARG D 545 35.90 22.79 25.00
CA ARG D 545 36.15 21.38 25.28
C ARG D 545 37.43 21.16 26.07
N GLU D 546 38.46 21.99 25.86
CA GLU D 546 39.68 21.85 26.65
C GLU D 546 39.44 22.22 28.12
N LEU D 547 38.69 23.30 28.35
CA LEU D 547 38.36 23.68 29.72
C LEU D 547 37.48 22.65 30.40
N GLY D 548 36.56 22.03 29.65
CA GLY D 548 35.76 20.95 30.21
C GLY D 548 36.58 19.72 30.54
N LYS D 549 37.60 19.42 29.72
CA LYS D 549 38.53 18.34 30.03
C LYS D 549 39.26 18.59 31.34
N ILE D 550 39.74 19.82 31.53
CA ILE D 550 40.41 20.20 32.78
C ILE D 550 39.47 20.06 33.96
N ALA D 551 38.21 20.49 33.80
CA ALA D 551 37.24 20.43 34.89
C ALA D 551 36.87 19.01 35.26
N ARG D 552 36.72 18.13 34.26
CA ARG D 552 36.32 16.76 34.54
C ARG D 552 37.46 15.97 35.20
N LYS D 553 38.71 16.20 34.77
CA LYS D 553 39.79 15.53 35.48
C LYS D 553 40.04 16.14 36.86
N GLY D 554 39.69 17.41 37.06
CA GLY D 554 39.68 17.94 38.40
C GLY D 554 38.62 17.27 39.27
N ALA D 555 37.46 16.97 38.70
CA ALA D 555 36.42 16.25 39.43
C ALA D 555 36.85 14.83 39.76
N LYS D 556 37.65 14.21 38.89
CA LYS D 556 38.17 12.88 39.23
C LYS D 556 39.22 12.97 40.33
N PHE D 557 40.09 13.98 40.28
CA PHE D 557 41.10 14.17 41.31
C PHE D 557 40.51 14.54 42.66
N TRP D 558 39.31 15.15 42.68
CA TRP D 558 38.66 15.45 43.94
C TRP D 558 38.18 14.18 44.64
N LEU D 559 37.88 13.12 43.90
CA LEU D 559 37.42 11.89 44.51
C LEU D 559 38.53 10.88 44.76
N GLU D 560 39.55 10.82 43.89
CA GLU D 560 40.63 9.88 44.17
C GLU D 560 41.51 10.45 45.28
N GLY D 561 41.71 11.77 45.27
CA GLY D 561 42.38 12.46 46.36
C GLY D 561 41.42 13.27 47.19
N ALA D 562 41.93 14.34 47.78
CA ALA D 562 41.17 15.36 48.50
C ALA D 562 42.12 16.53 48.74
N TRP D 563 41.56 17.72 48.76
CA TRP D 563 42.31 18.91 49.16
C TRP D 563 41.35 19.88 49.82
N GLU D 564 41.84 21.10 50.04
CA GLU D 564 41.04 22.16 50.63
C GLU D 564 41.46 23.48 50.00
N GLY D 565 40.56 24.46 50.04
CA GLY D 565 40.79 25.71 49.36
C GLY D 565 40.72 25.53 47.85
N LEU D 566 41.29 26.50 47.15
CA LEU D 566 41.33 26.43 45.70
C LEU D 566 42.59 25.73 45.23
N ARG D 567 42.46 24.93 44.17
CA ARG D 567 43.58 24.28 43.51
C ARG D 567 43.95 25.13 42.31
N THR D 568 44.98 25.95 42.45
CA THR D 568 45.36 26.91 41.41
C THR D 568 46.13 26.20 40.31
N ILE D 569 45.65 26.33 39.08
CA ILE D 569 46.26 25.71 37.91
C ILE D 569 46.93 26.80 37.09
N ASP D 570 48.26 26.86 37.16
CA ASP D 570 49.01 27.83 36.38
C ASP D 570 49.34 27.26 35.01
N ALA D 571 50.27 27.93 34.31
CA ALA D 571 50.63 27.52 32.96
C ALA D 571 51.43 26.23 32.95
N SER D 572 52.35 26.06 33.90
CA SER D 572 53.24 24.90 33.89
C SER D 572 52.51 23.62 34.25
N ASP D 573 51.35 23.71 34.88
CA ASP D 573 50.50 22.56 35.15
C ASP D 573 49.49 22.31 34.05
N ILE D 574 49.52 23.11 32.98
CA ILE D 574 48.69 22.81 31.81
C ILE D 574 49.02 21.46 31.15
N PRO D 575 50.27 21.08 30.86
CA PRO D 575 50.48 19.77 30.20
C PRO D 575 50.22 18.56 31.09
N THR D 576 49.99 18.73 32.39
CA THR D 576 49.53 17.61 33.21
C THR D 576 48.10 17.25 32.87
N TYR D 577 47.27 18.25 32.61
CA TYR D 577 45.86 18.04 32.30
C TYR D 577 45.60 17.88 30.81
N LEU D 578 46.49 18.32 29.95
CA LEU D 578 46.20 18.30 28.53
C LEU D 578 47.20 17.50 27.72
N GLY D 579 48.41 17.33 28.21
CA GLY D 579 49.42 16.54 27.52
C GLY D 579 50.44 17.43 26.83
N ILE D 580 51.23 16.78 25.98
CA ILE D 580 52.20 17.51 25.14
C ILE D 580 51.42 18.41 24.17
N PRO D 581 51.82 19.68 23.99
CA PRO D 581 51.07 20.59 23.12
C PRO D 581 50.99 20.13 21.67
N ARG D 582 49.79 20.23 21.09
CA ARG D 582 49.58 19.64 19.76
C ARG D 582 49.49 20.69 18.66
N TYR D 583 49.67 21.97 18.97
CA TYR D 583 49.86 23.01 17.97
C TYR D 583 50.93 23.94 18.51
N ARG D 584 51.35 24.88 17.69
CA ARG D 584 52.33 25.87 18.12
C ARG D 584 51.91 27.24 17.64
N PRO D 585 52.02 28.27 18.48
CA PRO D 585 51.60 29.62 18.08
C PRO D 585 52.48 30.28 17.04
N ASP D 586 53.70 29.77 16.83
CA ASP D 586 54.60 30.37 15.85
C ASP D 586 54.26 29.89 14.45
N LYS D 587 53.65 30.77 13.65
CA LYS D 587 53.38 30.47 12.25
C LYS D 587 54.09 31.40 11.29
N ALA D 588 54.53 32.57 11.73
CA ALA D 588 55.29 33.46 10.86
C ALA D 588 56.73 32.98 10.73
N GLU D 589 57.42 33.44 9.69
CA GLU D 589 58.81 33.10 9.48
C GLU D 589 59.61 34.38 9.50
N THR D 590 60.64 34.43 10.34
CA THR D 590 61.35 35.66 10.64
C THR D 590 62.56 35.88 9.74
N GLU D 591 62.63 35.19 8.61
CA GLU D 591 63.76 35.40 7.71
C GLU D 591 63.29 35.35 6.27
N PRO D 592 63.97 36.05 5.36
CA PRO D 592 63.61 35.98 3.94
C PRO D 592 63.97 34.64 3.32
N GLN D 593 63.14 34.21 2.38
CA GLN D 593 63.29 32.93 1.70
C GLN D 593 63.31 33.15 0.20
N VAL D 594 64.13 32.39 -0.51
CA VAL D 594 64.13 32.47 -1.96
C VAL D 594 63.00 31.60 -2.51
N GLY D 595 62.07 32.23 -3.21
CA GLY D 595 61.04 31.48 -3.90
C GLY D 595 59.87 31.06 -3.05
N THR D 596 59.58 31.77 -1.97
CA THR D 596 58.48 31.42 -1.10
C THR D 596 57.71 32.68 -0.74
N ALA D 597 56.39 32.62 -0.82
CA ALA D 597 55.59 33.79 -0.48
C ALA D 597 54.47 33.40 0.46
N GLN D 598 53.95 34.40 1.17
CA GLN D 598 53.01 34.22 2.28
C GLN D 598 51.70 34.88 1.89
N GLY D 599 50.68 34.07 1.63
CA GLY D 599 49.38 34.56 1.26
C GLY D 599 48.32 34.20 2.29
N LEU D 600 47.13 34.75 2.09
CA LEU D 600 46.01 34.55 2.99
C LEU D 600 44.89 33.84 2.24
N ALA D 601 44.11 33.03 2.95
CA ALA D 601 43.02 32.30 2.32
C ALA D 601 41.82 32.28 3.24
N TRP D 602 40.65 32.01 2.67
CA TRP D 602 39.38 32.09 3.39
C TRP D 602 38.57 30.82 3.17
N THR D 603 38.77 29.86 4.06
CA THR D 603 37.93 28.69 4.12
C THR D 603 36.62 29.03 4.83
N PRO D 604 35.56 28.21 4.67
CA PRO D 604 34.32 28.49 5.41
C PRO D 604 34.43 28.33 6.92
N VAL D 605 35.50 27.70 7.42
CA VAL D 605 35.76 27.67 8.85
C VAL D 605 36.51 28.91 9.32
N GLY D 606 36.98 29.74 8.40
CA GLY D 606 37.65 30.97 8.76
C GLY D 606 38.86 31.22 7.89
N GLY D 607 39.68 32.16 8.29
CA GLY D 607 40.87 32.50 7.53
C GLY D 607 42.05 31.65 7.94
N THR D 608 42.90 31.35 6.95
CA THR D 608 44.13 30.60 7.15
C THR D 608 45.25 31.28 6.39
N LEU D 609 46.47 30.81 6.61
CA LEU D 609 47.65 31.31 5.92
C LEU D 609 48.14 30.27 4.92
N LEU D 610 48.11 30.62 3.64
CA LEU D 610 48.78 29.81 2.63
C LEU D 610 50.24 30.20 2.55
N THR D 611 51.09 29.22 2.35
CA THR D 611 52.43 29.47 1.87
C THR D 611 52.53 28.90 0.47
N ILE D 612 53.18 29.62 -0.43
CA ILE D 612 53.36 29.17 -1.80
C ILE D 612 54.85 28.98 -2.03
N GLU D 613 55.23 27.79 -2.46
CA GLU D 613 56.61 27.45 -2.73
C GLU D 613 56.77 27.22 -4.22
N VAL D 614 57.82 27.80 -4.80
CA VAL D 614 58.09 27.66 -6.22
C VAL D 614 59.54 27.25 -6.38
N ALA D 615 59.77 26.17 -7.11
CA ALA D 615 61.11 25.72 -7.46
C ALA D 615 61.33 25.93 -8.96
N ALA D 616 62.50 26.46 -9.30
CA ALA D 616 62.88 26.69 -10.68
C ALA D 616 64.14 25.88 -10.96
N VAL D 617 63.99 24.79 -11.71
CA VAL D 617 65.10 23.89 -11.97
C VAL D 617 65.44 23.98 -13.45
N PRO D 618 66.62 23.57 -13.92
CA PRO D 618 66.87 23.61 -15.36
C PRO D 618 66.05 22.57 -16.10
N GLY D 619 65.54 22.96 -17.26
CA GLY D 619 64.62 22.10 -17.98
C GLY D 619 64.38 22.57 -19.39
N SER D 620 63.15 22.35 -19.86
CA SER D 620 62.78 22.64 -21.23
C SER D 620 61.63 23.63 -21.34
N GLY D 621 61.05 24.05 -20.22
CA GLY D 621 59.93 24.96 -20.22
C GLY D 621 58.64 24.21 -19.96
N LYS D 622 58.23 24.17 -18.71
CA LYS D 622 57.05 23.43 -18.28
C LYS D 622 56.50 24.16 -17.07
N LEU D 623 55.33 23.73 -16.62
CA LEU D 623 54.69 24.33 -15.47
C LEU D 623 53.88 23.26 -14.78
N SER D 624 54.33 22.85 -13.60
CA SER D 624 53.64 21.84 -12.81
C SER D 624 52.99 22.51 -11.62
N LEU D 625 51.73 22.17 -11.37
CA LEU D 625 50.89 22.87 -10.40
C LEU D 625 50.29 21.84 -9.46
N THR D 626 51.01 21.51 -8.40
CA THR D 626 50.60 20.45 -7.49
C THR D 626 50.08 21.03 -6.18
N GLY D 627 49.31 20.23 -5.47
CA GLY D 627 48.73 20.60 -4.20
C GLY D 627 47.22 20.65 -4.16
N GLN D 628 46.53 19.89 -5.02
CA GLN D 628 45.08 19.85 -5.13
C GLN D 628 44.49 21.23 -5.43
N LEU D 629 44.85 21.76 -6.59
CA LEU D 629 44.44 23.09 -6.99
C LEU D 629 43.22 23.04 -7.91
N GLY D 630 42.29 23.95 -7.71
CA GLY D 630 41.26 24.16 -8.70
C GLY D 630 41.80 24.85 -9.93
N GLU D 631 40.99 24.89 -10.99
CA GLU D 631 41.47 25.41 -12.25
C GLU D 631 41.57 26.93 -12.26
N VAL D 632 40.82 27.62 -11.40
CA VAL D 632 40.92 29.08 -11.32
C VAL D 632 42.28 29.50 -10.76
N MET D 633 42.76 28.77 -9.76
CA MET D 633 44.10 28.99 -9.22
C MET D 633 45.18 28.75 -10.26
N LYS D 634 44.99 27.71 -11.08
CA LYS D 634 45.95 27.40 -12.13
C LYS D 634 45.97 28.50 -13.20
N GLU D 635 44.80 29.04 -13.54
CA GLU D 635 44.76 30.13 -14.50
C GLU D 635 45.36 31.41 -13.92
N SER D 636 45.26 31.60 -12.60
CA SER D 636 45.93 32.72 -11.95
C SER D 636 47.45 32.59 -12.05
N ALA D 637 47.96 31.38 -11.84
CA ALA D 637 49.40 31.14 -11.99
C ALA D 637 49.85 31.38 -13.43
N GLN D 638 49.03 30.97 -14.40
CA GLN D 638 49.39 31.19 -15.80
C GLN D 638 49.37 32.67 -16.17
N ALA D 639 48.44 33.43 -15.59
CA ALA D 639 48.41 34.87 -15.84
C ALA D 639 49.63 35.57 -15.25
N ALA D 640 50.03 35.20 -14.03
CA ALA D 640 51.21 35.78 -13.42
C ALA D 640 52.47 35.45 -14.20
N LEU D 641 52.56 34.21 -14.70
CA LEU D 641 53.71 33.82 -15.49
C LEU D 641 53.76 34.53 -16.84
N THR D 642 52.60 34.79 -17.46
CA THR D 642 52.60 35.50 -18.73
C THR D 642 53.00 36.96 -18.56
N TYR D 643 52.58 37.59 -17.46
CA TYR D 643 53.06 38.94 -17.14
C TYR D 643 54.56 38.98 -16.95
N LEU D 644 55.12 38.01 -16.21
CA LEU D 644 56.55 38.01 -16.00
C LEU D 644 57.33 37.68 -17.27
N ARG D 645 56.74 36.90 -18.18
CA ARG D 645 57.37 36.69 -19.48
C ARG D 645 57.35 37.96 -20.32
N ALA D 646 56.31 38.76 -20.19
CA ALA D 646 56.27 40.02 -20.91
C ALA D 646 57.19 41.08 -20.33
N HIS D 647 57.63 40.94 -19.07
CA HIS D 647 58.40 42.00 -18.43
C HIS D 647 59.71 41.48 -17.82
N THR D 648 60.51 40.78 -18.62
CA THR D 648 61.75 40.20 -18.11
C THR D 648 62.80 41.25 -17.80
N GLN D 649 62.85 42.33 -18.58
CA GLN D 649 63.90 43.33 -18.45
C GLN D 649 63.76 44.19 -17.21
N ASP D 650 62.57 44.26 -16.62
CA ASP D 650 62.32 45.18 -15.52
C ASP D 650 62.73 44.61 -14.17
N TYR D 651 62.84 43.30 -14.05
CA TYR D 651 63.03 42.69 -12.75
C TYR D 651 64.28 41.84 -12.63
N GLY D 652 65.14 41.81 -13.65
CA GLY D 652 66.36 41.04 -13.56
C GLY D 652 66.21 39.58 -13.87
N LEU D 653 65.11 39.19 -14.50
CA LEU D 653 64.90 37.81 -14.88
C LEU D 653 65.81 37.44 -16.05
N PRO D 654 66.11 36.16 -16.22
CA PRO D 654 66.86 35.74 -17.41
C PRO D 654 66.04 35.95 -18.68
N GLU D 655 66.70 36.26 -19.79
CA GLU D 655 66.00 36.61 -21.01
C GLU D 655 65.26 35.45 -21.66
N ASP D 656 65.68 34.22 -21.37
CA ASP D 656 64.96 33.06 -21.85
C ASP D 656 64.79 32.04 -20.73
N PHE D 657 63.62 32.07 -20.11
CA PHE D 657 63.29 31.05 -19.15
C PHE D 657 62.04 30.34 -19.62
N TYR D 658 61.50 30.77 -20.76
CA TYR D 658 60.30 30.15 -21.28
C TYR D 658 60.58 28.83 -21.99
N ASN D 659 61.85 28.53 -22.27
CA ASN D 659 62.23 27.22 -22.79
C ASN D 659 63.52 26.71 -22.17
N LYS D 660 63.94 27.24 -21.03
CA LYS D 660 65.16 26.80 -20.38
C LYS D 660 64.98 26.32 -18.95
N VAL D 661 63.96 26.76 -18.22
CA VAL D 661 63.75 26.30 -16.85
C VAL D 661 62.40 25.61 -16.76
N ASP D 662 62.27 24.69 -15.83
CA ASP D 662 61.00 24.10 -15.45
C ASP D 662 60.60 24.68 -14.11
N LEU D 663 59.35 25.12 -14.01
CA LEU D 663 58.79 25.68 -12.79
C LEU D 663 57.86 24.68 -12.13
N HIS D 664 57.94 24.61 -10.81
CA HIS D 664 57.06 23.76 -10.03
C HIS D 664 56.46 24.60 -8.92
N VAL D 665 55.14 24.65 -8.85
CA VAL D 665 54.42 25.47 -7.89
C VAL D 665 53.68 24.54 -6.95
N HIS D 666 53.91 24.69 -5.65
CA HIS D 666 53.35 23.80 -4.66
C HIS D 666 52.74 24.60 -3.52
N VAL D 667 51.61 24.12 -3.00
CA VAL D 667 50.93 24.72 -1.87
C VAL D 667 50.71 23.63 -0.82
N PRO D 668 51.41 23.68 0.31
CA PRO D 668 51.11 22.75 1.40
C PRO D 668 49.78 23.09 2.05
N ASP D 669 49.02 22.08 2.47
CA ASP D 669 49.38 20.67 2.37
C ASP D 669 48.81 20.02 1.12
N GLY D 670 49.31 18.84 0.78
CA GLY D 670 48.88 18.19 -0.44
C GLY D 670 47.53 17.52 -0.34
N ALA D 671 47.01 17.38 0.88
CA ALA D 671 45.78 16.64 1.07
C ALA D 671 44.55 17.50 0.80
N THR D 672 44.52 18.71 1.35
CA THR D 672 43.33 19.55 1.30
C THR D 672 43.25 20.33 0.00
N PRO D 673 42.04 20.42 -0.63
CA PRO D 673 41.87 21.18 -1.86
C PRO D 673 41.79 22.71 -1.72
N LYS D 674 42.24 23.46 -2.73
CA LYS D 674 42.30 24.94 -2.65
C LYS D 674 41.84 25.59 -3.96
N ASP D 675 41.12 26.72 -3.91
CA ASP D 675 40.68 27.47 -5.12
C ASP D 675 40.30 28.88 -4.70
N GLY D 676 40.24 29.53 -5.93
CA GLY D 676 39.77 30.91 -6.11
C GLY D 676 40.80 31.80 -6.76
N PRO D 677 40.48 33.04 -7.17
CA PRO D 677 41.43 33.86 -7.87
C PRO D 677 42.30 34.80 -7.03
N SER D 678 42.21 34.74 -5.71
CA SER D 678 42.87 35.74 -4.83
C SER D 678 44.35 35.53 -4.57
N ALA D 679 44.99 34.53 -5.14
CA ALA D 679 46.41 34.31 -4.78
C ALA D 679 47.31 34.77 -5.91
N GLY D 680 46.80 35.57 -6.81
CA GLY D 680 47.59 35.99 -7.96
C GLY D 680 48.81 36.78 -7.60
N ILE D 681 48.74 37.71 -6.66
CA ILE D 681 49.94 38.54 -6.41
C ILE D 681 50.94 37.73 -5.60
N THR D 682 50.49 36.67 -4.95
CA THR D 682 51.35 35.77 -4.19
C THR D 682 52.09 34.83 -5.12
N MET D 683 51.39 34.32 -6.14
CA MET D 683 52.00 33.56 -7.21
C MET D 683 53.10 34.35 -7.91
N ALA D 684 52.81 35.62 -8.22
CA ALA D 684 53.77 36.44 -8.96
C ALA D 684 55.01 36.74 -8.13
N THR D 685 54.82 36.99 -6.83
CA THR D 685 55.95 37.23 -5.94
C THR D 685 56.81 35.99 -5.81
N ALA D 686 56.17 34.83 -5.67
CA ALA D 686 56.92 33.58 -5.52
C ALA D 686 57.69 33.22 -6.78
N ILE D 687 57.07 33.40 -7.95
CA ILE D 687 57.72 33.05 -9.21
C ILE D 687 58.86 34.01 -9.52
N ALA D 688 58.65 35.31 -9.26
CA ALA D 688 59.73 36.28 -9.48
C ALA D 688 60.88 36.06 -8.51
N SER D 689 60.58 35.65 -7.28
CA SER D 689 61.64 35.36 -6.32
C SER D 689 62.42 34.12 -6.73
N ALA D 690 61.74 33.10 -7.24
CA ALA D 690 62.44 31.89 -7.65
C ALA D 690 63.26 32.10 -8.92
N LEU D 691 62.79 32.93 -9.84
CA LEU D 691 63.54 33.11 -11.08
C LEU D 691 64.67 34.11 -10.95
N SER D 692 64.49 35.18 -10.18
CA SER D 692 65.52 36.20 -10.07
C SER D 692 66.53 35.90 -8.97
N ARG D 693 66.32 34.82 -8.22
CA ARG D 693 67.15 34.39 -7.07
C ARG D 693 67.25 35.48 -6.00
N ARG D 694 66.17 36.23 -5.81
CA ARG D 694 66.14 37.32 -4.84
C ARG D 694 65.17 36.96 -3.74
N PRO D 695 65.56 37.07 -2.47
CA PRO D 695 64.72 36.57 -1.38
C PRO D 695 63.48 37.40 -1.15
N ALA D 696 62.38 36.77 -0.78
CA ALA D 696 61.12 37.45 -0.55
C ALA D 696 60.93 37.59 0.95
N ARG D 697 60.42 38.73 1.39
CA ARG D 697 60.19 38.95 2.82
C ARG D 697 58.99 38.15 3.27
N MET D 698 59.15 37.44 4.39
CA MET D 698 58.14 36.52 4.89
C MET D 698 57.35 37.09 6.05
N ASP D 699 57.61 38.34 6.43
CA ASP D 699 56.83 39.01 7.45
C ASP D 699 55.72 39.87 6.89
N ILE D 700 55.39 39.69 5.60
CA ILE D 700 54.39 40.49 4.92
C ILE D 700 53.42 39.53 4.25
N ALA D 701 52.14 39.65 4.57
CA ALA D 701 51.11 38.88 3.91
C ALA D 701 50.45 39.71 2.81
N MET D 702 49.87 39.01 1.83
CA MET D 702 49.35 39.71 0.66
C MET D 702 48.20 38.91 0.07
N THR D 703 47.29 39.63 -0.58
CA THR D 703 46.20 39.06 -1.37
C THR D 703 45.92 39.99 -2.54
N GLY D 704 45.37 39.42 -3.60
CA GLY D 704 44.96 40.22 -4.73
C GLY D 704 44.95 39.41 -6.01
N GLU D 705 44.00 39.74 -6.86
CA GLU D 705 43.85 39.12 -8.17
C GLU D 705 44.61 39.90 -9.21
N VAL D 706 45.42 39.21 -10.00
CA VAL D 706 46.27 39.85 -10.99
C VAL D 706 45.65 39.66 -12.37
N SER D 707 45.70 40.71 -13.19
CA SER D 707 45.26 40.62 -14.56
C SER D 707 46.47 40.36 -15.45
N LEU D 708 46.27 40.46 -16.75
CA LEU D 708 47.32 40.18 -17.71
C LEU D 708 48.15 41.42 -18.01
N ARG D 709 47.59 42.61 -17.80
CA ARG D 709 48.34 43.84 -17.95
C ARG D 709 49.13 44.19 -16.69
N GLY D 710 48.98 43.41 -15.63
CA GLY D 710 49.64 43.73 -14.38
C GLY D 710 48.85 44.69 -13.54
N LYS D 711 47.55 44.49 -13.45
CA LYS D 711 46.68 45.32 -12.65
C LYS D 711 46.12 44.49 -11.50
N VAL D 712 46.24 45.01 -10.29
CA VAL D 712 45.76 44.31 -9.11
C VAL D 712 44.28 44.59 -8.96
N MET D 713 43.50 43.60 -9.02
CA MET D 713 42.05 43.67 -8.97
C MET D 713 41.55 43.43 -7.56
N PRO D 714 40.41 44.00 -7.15
CA PRO D 714 39.93 43.80 -5.80
C PRO D 714 39.36 42.40 -5.58
N ILE D 715 39.27 42.03 -4.30
CA ILE D 715 38.92 40.67 -3.88
C ILE D 715 37.77 40.72 -2.89
N GLY D 716 37.40 39.55 -2.35
CA GLY D 716 36.39 39.46 -1.33
C GLY D 716 36.91 38.75 -0.09
N GLY D 717 36.17 38.91 1.00
CA GLY D 717 36.54 38.29 2.25
C GLY D 717 37.69 38.95 2.97
N VAL D 718 37.67 40.28 3.10
CA VAL D 718 38.84 41.01 3.58
C VAL D 718 39.01 40.82 5.09
N LYS D 719 37.91 40.94 5.83
CA LYS D 719 37.95 40.94 7.29
C LYS D 719 38.41 39.63 7.89
N GLU D 720 38.03 38.48 7.33
CA GLU D 720 38.43 37.19 7.89
C GLU D 720 39.91 36.94 7.65
N LYS D 721 40.40 37.31 6.46
CA LYS D 721 41.80 37.10 6.16
C LYS D 721 42.69 38.04 6.95
N LEU D 722 42.25 39.28 7.17
CA LEU D 722 43.05 40.17 8.00
C LEU D 722 42.99 39.78 9.47
N LEU D 723 41.88 39.22 9.93
CA LEU D 723 41.82 38.69 11.29
C LEU D 723 42.78 37.52 11.48
N ALA D 724 42.81 36.61 10.51
CA ALA D 724 43.74 35.48 10.58
C ALA D 724 45.19 35.92 10.47
N ALA D 725 45.45 36.98 9.70
CA ALA D 725 46.81 37.49 9.63
C ALA D 725 47.23 38.16 10.93
N HIS D 726 46.28 38.79 11.62
CA HIS D 726 46.59 39.38 12.92
C HIS D 726 46.84 38.32 13.98
N GLN D 727 46.11 37.21 13.94
CA GLN D 727 46.28 36.19 14.96
C GLN D 727 47.60 35.43 14.83
N ALA D 728 48.20 35.39 13.65
CA ALA D 728 49.44 34.65 13.46
C ALA D 728 50.68 35.50 13.69
N GLY D 729 50.53 36.79 13.96
CA GLY D 729 51.69 37.61 14.24
C GLY D 729 52.21 38.41 13.07
N ILE D 730 51.46 38.49 11.97
CA ILE D 730 51.85 39.30 10.82
C ILE D 730 51.38 40.72 11.07
N HIS D 731 52.23 41.70 10.80
CA HIS D 731 51.88 43.09 11.03
C HIS D 731 52.01 43.94 9.78
N LYS D 732 52.16 43.33 8.60
CA LYS D 732 52.30 44.06 7.35
C LYS D 732 51.37 43.43 6.33
N ILE D 733 50.50 44.23 5.72
CA ILE D 733 49.53 43.70 4.77
C ILE D 733 49.72 44.43 3.45
N VAL D 734 49.63 43.69 2.35
CA VAL D 734 49.53 44.25 1.00
C VAL D 734 48.13 43.92 0.49
N LEU D 735 47.45 44.93 -0.05
CA LEU D 735 46.01 44.83 -0.32
C LEU D 735 45.72 45.71 -1.53
N PRO D 736 44.70 45.36 -2.32
CA PRO D 736 44.37 46.20 -3.48
C PRO D 736 43.81 47.55 -3.08
N LYS D 737 43.91 48.50 -4.01
CA LYS D 737 43.48 49.86 -3.75
C LYS D 737 41.97 49.95 -3.63
N ASP D 738 41.24 49.10 -4.33
CA ASP D 738 39.79 49.16 -4.34
C ASP D 738 39.14 48.42 -3.17
N ASN D 739 39.93 47.88 -2.25
CA ASN D 739 39.40 47.34 -1.01
C ASN D 739 39.66 48.27 0.16
N GLU D 740 39.79 49.57 -0.10
CA GLU D 740 40.03 50.53 0.97
C GLU D 740 38.79 50.74 1.81
N ALA D 741 37.60 50.59 1.19
CA ALA D 741 36.36 50.75 1.93
C ALA D 741 36.11 49.61 2.90
N GLN D 742 36.52 48.39 2.52
CA GLN D 742 36.31 47.22 3.36
C GLN D 742 37.06 47.31 4.68
N LEU D 743 38.12 48.13 4.73
CA LEU D 743 38.86 48.38 5.96
C LEU D 743 38.05 49.09 7.02
N GLU D 744 36.98 49.81 6.66
CA GLU D 744 36.19 50.46 7.69
C GLU D 744 35.17 49.55 8.34
N GLU D 745 35.30 48.24 8.20
CA GLU D 745 34.46 47.31 8.95
C GLU D 745 35.17 46.77 10.17
N LEU D 746 36.51 46.66 10.10
CA LEU D 746 37.39 45.97 11.05
C LEU D 746 37.26 46.45 12.48
N PRO D 747 37.59 45.61 13.46
CA PRO D 747 37.62 46.06 14.85
C PRO D 747 38.70 47.12 15.08
N LYS D 748 38.47 47.97 16.07
CA LYS D 748 39.32 49.12 16.29
C LYS D 748 40.51 48.83 17.18
N GLU D 749 40.98 47.59 17.23
CA GLU D 749 42.28 47.28 17.79
C GLU D 749 43.09 46.38 16.88
N VAL D 750 42.41 45.69 15.95
CA VAL D 750 43.10 44.98 14.88
C VAL D 750 43.73 45.98 13.92
N LEU D 751 42.99 47.04 13.60
CA LEU D 751 43.38 47.96 12.54
C LEU D 751 44.58 48.82 12.92
N GLU D 752 44.79 49.06 14.21
CA GLU D 752 45.96 49.81 14.65
C GLU D 752 47.20 48.95 14.82
N GLY D 753 47.05 47.65 15.06
CA GLY D 753 48.19 46.77 15.10
C GLY D 753 48.74 46.41 13.74
N LEU D 754 47.96 46.64 12.70
CA LEU D 754 48.36 46.38 11.32
C LEU D 754 48.69 47.69 10.64
N GLU D 755 49.55 47.62 9.63
CA GLU D 755 49.72 48.73 8.69
C GLU D 755 49.59 48.18 7.28
N ILE D 756 48.79 48.87 6.48
CA ILE D 756 48.32 48.35 5.20
C ILE D 756 48.89 49.22 4.09
N LYS D 757 49.53 48.58 3.13
CA LYS D 757 49.98 49.25 1.92
C LYS D 757 49.01 48.95 0.81
N LEU D 758 48.50 50.00 0.17
CA LEU D 758 47.49 49.87 -0.87
C LEU D 758 48.15 50.03 -2.23
N VAL D 759 48.01 49.02 -3.08
CA VAL D 759 48.67 48.97 -4.36
C VAL D 759 47.64 48.86 -5.48
N GLU D 760 48.09 49.13 -6.69
CA GLU D 760 47.22 49.03 -7.86
C GLU D 760 47.85 48.27 -9.02
N ASP D 761 49.17 48.07 -9.01
CA ASP D 761 49.85 47.28 -10.02
C ASP D 761 50.92 46.42 -9.39
N VAL D 762 51.41 45.45 -10.16
CA VAL D 762 52.30 44.41 -9.65
C VAL D 762 53.69 44.92 -9.34
N GLY D 763 54.17 45.93 -10.08
CA GLY D 763 55.54 46.40 -9.89
C GLY D 763 55.79 47.03 -8.53
N GLU D 764 54.77 47.64 -7.94
CA GLU D 764 54.87 48.16 -6.58
C GLU D 764 55.08 47.04 -5.57
N VAL D 765 54.33 45.95 -5.71
CA VAL D 765 54.48 44.80 -4.83
C VAL D 765 55.84 44.17 -5.01
N LEU D 766 56.30 44.04 -6.25
CA LEU D 766 57.58 43.40 -6.49
C LEU D 766 58.77 44.25 -6.10
N GLU D 767 58.61 45.57 -5.99
CA GLU D 767 59.71 46.36 -5.46
C GLU D 767 59.60 46.50 -3.94
N TYR D 768 58.41 46.23 -3.38
CA TYR D 768 58.26 46.31 -1.93
C TYR D 768 58.65 45.02 -1.23
N LEU D 769 58.48 43.87 -1.89
CA LEU D 769 58.71 42.57 -1.25
C LEU D 769 60.10 42.01 -1.45
N LEU D 770 60.66 42.14 -2.65
CA LEU D 770 61.92 41.48 -2.94
C LEU D 770 63.09 42.29 -2.42
N LEU D 771 64.04 41.60 -1.82
CA LEU D 771 65.27 42.23 -1.37
C LEU D 771 66.14 42.57 -2.58
N PRO D 772 66.86 43.70 -2.54
CA PRO D 772 67.48 44.21 -3.77
C PRO D 772 68.69 43.44 -4.27
N GLU D 773 69.22 42.52 -3.48
CA GLU D 773 70.46 41.85 -3.87
C GLU D 773 70.23 40.36 -4.09
N PRO D 774 70.74 39.79 -5.17
CA PRO D 774 70.72 38.32 -5.31
C PRO D 774 71.65 37.67 -4.30
N THR D 775 71.23 36.51 -3.79
CA THR D 775 71.97 35.81 -2.75
C THR D 775 72.45 34.43 -3.18
N MET D 776 72.08 33.97 -4.36
CA MET D 776 72.32 32.59 -4.76
C MET D 776 72.58 32.58 -6.25
N PRO D 777 73.46 31.70 -6.74
CA PRO D 777 73.79 31.67 -8.19
C PRO D 777 72.58 31.30 -9.02
N PRO D 778 72.46 31.88 -10.22
CA PRO D 778 71.21 31.74 -10.98
C PRO D 778 71.06 30.37 -11.61
N VAL D 779 69.82 29.91 -11.67
CA VAL D 779 69.48 28.73 -12.47
C VAL D 779 69.60 29.09 -13.95
N VAL D 780 70.29 28.23 -14.70
CA VAL D 780 70.56 28.53 -16.09
C VAL D 780 69.72 27.63 -16.98
N ARG E 2 -5.88 45.62 104.81
CA ARG E 2 -5.12 44.38 104.79
C ARG E 2 -5.57 43.49 103.63
N LEU E 3 -6.70 42.79 103.85
CA LEU E 3 -7.34 41.89 102.91
C LEU E 3 -6.44 40.76 102.42
N GLU E 4 -5.48 40.34 103.26
CA GLU E 4 -4.57 39.25 102.90
C GLU E 4 -5.21 37.91 103.19
N LEU E 5 -5.58 37.18 102.14
CA LEU E 5 -6.26 35.90 102.27
C LEU E 5 -5.54 34.85 101.43
N PRO E 6 -5.45 33.61 101.93
CA PRO E 6 -4.68 32.58 101.21
C PRO E 6 -5.34 32.17 99.91
N VAL E 7 -4.51 31.65 99.00
CA VAL E 7 -4.92 31.30 97.66
C VAL E 7 -4.66 29.81 97.44
N ILE E 8 -5.73 29.08 97.10
CA ILE E 8 -5.63 27.68 96.68
C ILE E 8 -5.72 27.67 95.16
N PRO E 9 -4.78 27.05 94.46
CA PRO E 9 -4.70 27.19 93.00
C PRO E 9 -5.78 26.40 92.27
N LEU E 10 -6.03 26.83 91.03
CA LEU E 10 -7.03 26.25 90.15
C LEU E 10 -6.45 26.14 88.74
N ARG E 11 -6.73 25.01 88.09
CA ARG E 11 -6.18 24.76 86.77
C ARG E 11 -7.19 24.12 85.83
N ASN E 12 -8.43 23.92 86.31
CA ASN E 12 -9.41 23.18 85.54
C ASN E 12 -10.54 24.05 85.01
N THR E 13 -11.06 24.97 85.81
CA THR E 13 -12.21 25.77 85.41
C THR E 13 -12.15 27.12 86.13
N VAL E 14 -13.11 27.97 85.83
CA VAL E 14 -13.27 29.28 86.45
C VAL E 14 -14.46 29.20 87.41
N ILE E 15 -14.20 29.46 88.69
CA ILE E 15 -15.28 29.47 89.66
C ILE E 15 -16.07 30.77 89.53
N LEU E 16 -17.23 30.68 88.93
CA LEU E 16 -18.26 31.64 88.53
C LEU E 16 -19.13 31.98 89.73
N PRO E 17 -19.68 33.23 89.80
CA PRO E 17 -20.46 33.63 90.99
C PRO E 17 -21.73 32.84 91.21
N HIS E 18 -21.93 32.40 92.46
CA HIS E 18 -23.03 31.52 92.88
C HIS E 18 -23.08 30.23 92.06
N THR E 19 -21.95 29.54 91.98
CA THR E 19 -21.83 28.29 91.25
C THR E 19 -20.97 27.33 92.05
N THR E 20 -21.60 26.31 92.64
CA THR E 20 -20.89 25.31 93.42
C THR E 20 -20.17 24.36 92.48
N THR E 21 -18.87 24.16 92.71
CA THR E 21 -18.07 23.33 91.82
C THR E 21 -17.09 22.47 92.62
N PRO E 22 -17.29 21.16 92.67
CA PRO E 22 -16.30 20.28 93.33
C PRO E 22 -15.06 20.11 92.47
N VAL E 23 -13.94 20.63 92.96
CA VAL E 23 -12.67 20.58 92.25
C VAL E 23 -11.68 19.75 93.08
N ASP E 24 -10.60 19.34 92.41
CA ASP E 24 -9.54 18.56 93.03
C ASP E 24 -8.20 19.22 92.77
N VAL E 25 -7.50 19.56 93.86
CA VAL E 25 -6.18 20.19 93.77
C VAL E 25 -5.15 19.14 94.17
N GLY E 26 -4.38 18.67 93.19
CA GLY E 26 -3.42 17.61 93.42
C GLY E 26 -2.07 18.09 93.94
N ARG E 27 -2.00 18.46 95.21
CA ARG E 27 -0.77 18.92 95.83
C ARG E 27 -0.49 18.12 97.09
N ALA E 28 0.80 17.87 97.35
CA ALA E 28 1.23 17.18 98.55
C ALA E 28 2.22 18.00 99.37
N LYS E 29 2.67 19.14 98.86
CA LYS E 29 3.57 20.03 99.58
C LYS E 29 2.98 21.42 99.79
N SER E 30 1.69 21.59 99.51
CA SER E 30 0.97 22.84 99.76
C SER E 30 0.25 22.83 101.09
N LYS E 31 0.81 22.15 102.10
CA LYS E 31 0.12 22.00 103.39
C LYS E 31 0.09 23.31 104.17
N ARG E 32 0.96 24.26 103.83
CA ARG E 32 0.92 25.56 104.49
C ARG E 32 -0.33 26.35 104.12
N ALA E 33 -0.78 26.26 102.87
CA ALA E 33 -2.04 26.88 102.48
C ALA E 33 -3.23 26.16 103.11
N VAL E 34 -3.10 24.85 103.35
CA VAL E 34 -4.12 24.10 104.06
C VAL E 34 -4.22 24.55 105.52
N GLU E 35 -3.07 24.80 106.14
CA GLU E 35 -3.06 25.28 107.53
C GLU E 35 -3.58 26.72 107.63
N GLU E 36 -3.22 27.56 106.68
CA GLU E 36 -3.63 28.97 106.70
C GLU E 36 -5.04 29.18 106.15
N ALA E 37 -5.65 28.17 105.53
CA ALA E 37 -7.00 28.31 105.02
C ALA E 37 -8.08 28.11 106.08
N MET E 38 -7.79 27.30 107.11
CA MET E 38 -8.77 27.04 108.16
C MET E 38 -8.92 28.20 109.14
N GLY E 39 -7.87 28.99 109.33
CA GLY E 39 -7.88 30.07 110.29
C GLY E 39 -8.33 31.42 109.75
N ALA E 40 -8.73 31.49 108.49
CA ALA E 40 -9.18 32.74 107.89
C ALA E 40 -10.69 32.94 107.96
N ASP E 41 -11.37 32.21 108.86
CA ASP E 41 -12.82 32.25 109.05
C ASP E 41 -13.60 31.92 107.78
N ARG E 42 -13.07 30.97 106.99
CA ARG E 42 -13.75 30.35 105.85
C ARG E 42 -14.08 31.36 104.75
N LEU E 43 -13.26 32.41 104.63
CA LEU E 43 -13.38 33.42 103.59
C LEU E 43 -11.99 33.70 103.04
N ILE E 44 -11.70 33.14 101.85
CA ILE E 44 -10.41 33.33 101.20
C ILE E 44 -10.65 33.77 99.76
N PHE E 45 -9.64 34.39 99.15
CA PHE E 45 -9.67 34.62 97.70
C PHE E 45 -9.17 33.39 96.97
N LEU E 46 -9.52 33.31 95.69
CA LEU E 46 -9.06 32.24 94.80
C LEU E 46 -8.47 32.84 93.54
N VAL E 47 -7.17 32.64 93.34
CA VAL E 47 -6.47 33.07 92.14
C VAL E 47 -5.99 31.81 91.43
N ALA E 48 -6.44 31.62 90.19
CA ALA E 48 -6.17 30.39 89.47
C ALA E 48 -4.75 30.37 88.91
N GLN E 49 -4.37 29.22 88.36
CA GLN E 49 -3.10 29.05 87.68
C GLN E 49 -3.36 28.62 86.24
N ARG E 50 -2.27 28.38 85.52
CA ARG E 50 -2.36 28.03 84.10
C ARG E 50 -2.81 26.58 83.89
N ASP E 51 -2.89 26.17 82.63
CA ASP E 51 -3.16 24.78 82.31
C ASP E 51 -1.99 23.90 82.77
N PRO E 52 -2.23 22.64 83.13
CA PRO E 52 -1.15 21.84 83.75
C PRO E 52 -0.08 21.39 82.75
N GLU E 53 0.83 20.55 83.26
CA GLU E 53 2.03 20.05 82.59
C GLU E 53 2.97 21.20 82.21
N VAL E 54 2.95 22.26 83.00
CA VAL E 54 3.91 23.36 82.93
C VAL E 54 4.52 23.51 84.31
N ASP E 55 5.84 23.33 84.41
CA ASP E 55 6.48 23.28 85.72
C ASP E 55 7.74 24.14 85.82
N ASP E 56 7.72 25.32 85.21
CA ASP E 56 8.90 26.16 85.44
C ASP E 56 8.67 27.07 86.64
N PRO E 57 9.67 27.24 87.50
CA PRO E 57 9.53 28.12 88.66
C PRO E 57 9.49 29.58 88.25
N ALA E 58 8.32 30.20 88.37
CA ALA E 58 8.11 31.59 88.02
C ALA E 58 6.95 32.13 88.85
N PRO E 59 7.09 33.34 89.40
CA PRO E 59 5.99 33.94 90.18
C PRO E 59 4.89 34.60 89.36
N ASP E 60 4.99 34.60 88.03
CA ASP E 60 4.00 35.23 87.17
C ASP E 60 3.03 34.24 86.55
N ASP E 61 2.93 33.02 87.08
CA ASP E 61 1.96 32.05 86.61
C ASP E 61 0.55 32.30 87.13
N LEU E 62 0.40 33.03 88.22
CA LEU E 62 -0.93 33.43 88.68
C LEU E 62 -1.50 34.50 87.77
N TYR E 63 -2.82 34.58 87.71
CA TYR E 63 -3.49 35.56 86.87
C TYR E 63 -3.45 36.95 87.52
N THR E 64 -3.79 37.96 86.73
CA THR E 64 -3.95 39.33 87.21
C THR E 64 -5.39 39.61 87.62
N TRP E 65 -6.22 38.58 87.72
CA TRP E 65 -7.63 38.70 88.07
C TRP E 65 -7.95 37.65 89.13
N GLY E 66 -8.65 38.07 90.19
CA GLY E 66 -8.97 37.19 91.28
C GLY E 66 -10.48 37.11 91.50
N VAL E 67 -10.87 36.12 92.31
CA VAL E 67 -12.26 35.92 92.69
C VAL E 67 -12.28 35.53 94.17
N GLN E 68 -13.37 35.87 94.86
CA GLN E 68 -13.57 35.51 96.26
C GLN E 68 -14.62 34.40 96.30
N ALA E 69 -14.21 33.21 96.75
CA ALA E 69 -15.08 32.06 96.79
C ALA E 69 -15.19 31.51 98.20
N VAL E 70 -16.40 31.11 98.58
CA VAL E 70 -16.66 30.51 99.89
C VAL E 70 -16.52 29.00 99.76
N VAL E 71 -15.62 28.43 100.56
CA VAL E 71 -15.34 27.00 100.51
C VAL E 71 -16.48 26.26 101.21
N LYS E 72 -17.15 25.37 100.49
CA LYS E 72 -18.28 24.64 101.03
C LYS E 72 -17.93 23.26 101.55
N GLN E 73 -16.89 22.62 101.02
CA GLN E 73 -16.49 21.29 101.46
C GLN E 73 -15.01 21.29 101.77
N ALA E 74 -14.63 20.65 102.88
CA ALA E 74 -13.22 20.57 103.26
C ALA E 74 -12.99 19.21 103.93
N MET E 75 -12.57 18.23 103.14
CA MET E 75 -12.16 16.93 103.63
C MET E 75 -10.76 16.63 103.12
N ARG E 76 -9.79 16.61 104.04
CA ARG E 76 -8.38 16.57 103.68
C ARG E 76 -7.88 15.14 103.69
N LEU E 77 -7.42 14.66 102.54
CA LEU E 77 -6.82 13.33 102.43
C LEU E 77 -5.31 13.45 102.43
N PRO E 78 -4.61 12.69 103.27
CA PRO E 78 -3.14 12.81 103.32
C PRO E 78 -2.42 11.98 102.27
N ASP E 79 -2.83 12.10 101.00
CA ASP E 79 -2.15 11.39 99.92
C ASP E 79 -1.78 12.30 98.74
N GLY E 80 -2.28 13.53 98.71
CA GLY E 80 -2.04 14.43 97.61
C GLY E 80 -3.29 14.73 96.82
N THR E 81 -4.45 14.55 97.45
CA THR E 81 -5.74 14.79 96.81
C THR E 81 -6.61 15.59 97.77
N LEU E 82 -7.06 16.76 97.32
CA LEU E 82 -7.87 17.65 98.14
C LEU E 82 -9.32 17.58 97.68
N GLN E 83 -10.21 17.14 98.57
CA GLN E 83 -11.64 17.09 98.29
C GLN E 83 -12.26 18.41 98.72
N VAL E 84 -12.56 19.28 97.75
CA VAL E 84 -12.99 20.64 98.05
C VAL E 84 -14.04 21.05 97.02
N MET E 85 -15.04 21.79 97.49
CA MET E 85 -16.09 22.34 96.62
C MET E 85 -16.27 23.81 96.99
N VAL E 86 -16.01 24.70 96.05
CA VAL E 86 -16.06 26.14 96.31
C VAL E 86 -17.18 26.77 95.50
N GLU E 87 -17.61 27.95 95.95
CA GLU E 87 -18.67 28.72 95.31
C GLU E 87 -18.29 30.20 95.37
N ALA E 88 -18.18 30.84 94.22
CA ALA E 88 -17.77 32.23 94.16
C ALA E 88 -18.90 33.17 94.52
N ARG E 89 -18.53 34.31 95.11
CA ARG E 89 -19.48 35.35 95.47
C ARG E 89 -19.31 36.62 94.64
N ALA E 90 -18.10 37.15 94.59
CA ALA E 90 -17.80 38.32 93.77
C ALA E 90 -16.32 38.29 93.42
N ARG E 91 -15.90 39.25 92.60
CA ARG E 91 -14.54 39.29 92.10
C ARG E 91 -13.79 40.47 92.71
N ALA E 92 -12.47 40.47 92.53
CA ALA E 92 -11.60 41.50 93.07
C ALA E 92 -10.48 41.77 92.08
N GLN E 93 -9.45 42.47 92.53
CA GLN E 93 -8.30 42.82 91.69
C GLN E 93 -7.02 42.35 92.37
N VAL E 94 -5.93 42.38 91.63
CA VAL E 94 -4.60 42.02 92.14
C VAL E 94 -3.77 43.29 92.28
N THR E 95 -3.37 43.60 93.51
CA THR E 95 -2.55 44.78 93.78
C THR E 95 -1.18 44.44 94.37
N ASP E 96 -0.87 43.17 94.59
CA ASP E 96 0.40 42.80 95.20
C ASP E 96 0.75 41.38 94.78
N TYR E 97 2.05 41.14 94.60
CA TYR E 97 2.56 39.83 94.25
C TYR E 97 3.59 39.39 95.29
N ILE E 98 3.57 38.10 95.61
CA ILE E 98 4.49 37.52 96.58
C ILE E 98 5.31 36.43 95.90
N PRO E 99 6.63 36.49 95.94
CA PRO E 99 7.45 35.42 95.36
C PRO E 99 7.34 34.14 96.16
N GLY E 100 6.93 33.07 95.50
CA GLY E 100 6.79 31.78 96.14
C GLY E 100 8.12 31.14 96.46
N PRO E 101 8.18 30.34 97.54
CA PRO E 101 7.11 30.06 98.51
C PRO E 101 6.97 31.17 99.57
N TYR E 102 5.76 31.47 100.03
CA TYR E 102 4.52 30.82 99.59
C TYR E 102 3.67 31.76 98.73
N LEU E 103 2.70 31.20 98.03
CA LEU E 103 1.81 31.99 97.19
C LEU E 103 0.80 32.72 98.07
N ARG E 104 0.65 34.02 97.85
CA ARG E 104 -0.26 34.85 98.63
C ARG E 104 -0.54 36.10 97.81
N ALA E 105 -1.78 36.58 97.85
CA ALA E 105 -2.19 37.73 97.06
C ALA E 105 -3.09 38.64 97.88
N ARG E 106 -3.27 39.86 97.36
CA ARG E 106 -4.07 40.90 97.99
C ARG E 106 -5.20 41.31 97.08
N GLY E 107 -6.34 41.67 97.67
CA GLY E 107 -7.49 42.08 96.91
C GLY E 107 -7.67 43.59 96.88
N GLU E 108 -8.86 44.00 96.40
CA GLU E 108 -9.22 45.40 96.35
C GLU E 108 -10.74 45.46 96.49
N VAL E 109 -11.34 46.66 96.39
CA VAL E 109 -12.76 46.85 96.69
C VAL E 109 -13.61 46.30 95.54
N PHE E 110 -14.88 46.05 95.83
CA PHE E 110 -15.79 45.50 94.85
C PHE E 110 -16.35 46.60 93.96
N SER E 111 -16.56 46.28 92.68
CA SER E 111 -17.05 47.26 91.71
C SER E 111 -17.92 46.58 90.68
N GLU E 112 -19.17 47.04 90.57
CA GLU E 112 -20.11 46.56 89.57
C GLU E 112 -21.18 47.62 89.32
N ILE E 113 -21.83 47.60 88.16
CA ILE E 113 -22.86 48.56 87.81
C ILE E 113 -24.15 47.81 87.51
N PHE E 114 -25.28 48.40 87.90
CA PHE E 114 -26.60 47.84 87.67
C PHE E 114 -27.29 48.61 86.55
N PRO E 115 -27.42 48.03 85.36
CA PRO E 115 -28.02 48.79 84.24
C PRO E 115 -29.53 48.92 84.38
N ILE E 116 -30.04 50.09 83.97
CA ILE E 116 -31.48 50.34 83.96
C ILE E 116 -32.13 49.70 82.75
N ASP E 117 -33.47 49.77 82.71
CA ASP E 117 -34.35 49.22 81.68
C ASP E 117 -34.17 47.72 81.58
N GLU E 118 -34.58 47.01 82.63
CA GLU E 118 -34.32 45.58 82.75
C GLU E 118 -35.25 44.74 81.87
N ALA E 119 -36.29 45.34 81.28
CA ALA E 119 -37.24 44.59 80.48
C ALA E 119 -36.62 44.10 79.17
N VAL E 120 -35.91 44.97 78.46
CA VAL E 120 -35.24 44.59 77.22
C VAL E 120 -34.09 43.63 77.51
N VAL E 121 -33.48 43.77 78.70
CA VAL E 121 -32.48 42.81 79.16
C VAL E 121 -33.08 41.43 79.34
N ARG E 122 -34.29 41.35 79.93
CA ARG E 122 -34.97 40.06 80.07
C ARG E 122 -35.42 39.51 78.72
N VAL E 123 -35.75 40.38 77.76
CA VAL E 123 -36.06 39.93 76.41
C VAL E 123 -34.82 39.30 75.76
N LEU E 124 -33.65 39.91 75.96
CA LEU E 124 -32.41 39.34 75.43
C LEU E 124 -32.05 38.04 76.14
N VAL E 125 -32.35 37.95 77.45
CA VAL E 125 -32.17 36.70 78.19
C VAL E 125 -33.05 35.60 77.62
N GLU E 126 -34.32 35.93 77.31
CA GLU E 126 -35.22 34.95 76.68
C GLU E 126 -34.76 34.55 75.29
N GLU E 127 -34.15 35.49 74.54
CA GLU E 127 -33.58 35.14 73.24
C GLU E 127 -32.41 34.17 73.36
N LEU E 128 -31.50 34.42 74.30
CA LEU E 128 -30.37 33.53 74.50
C LEU E 128 -30.81 32.18 75.09
N LYS E 129 -31.87 32.18 75.89
CA LYS E 129 -32.39 30.93 76.42
C LYS E 129 -33.11 30.13 75.34
N GLU E 130 -33.76 30.80 74.39
CA GLU E 130 -34.34 30.08 73.25
C GLU E 130 -33.26 29.51 72.35
N ALA E 131 -32.15 30.25 72.18
CA ALA E 131 -31.01 29.72 71.44
C ALA E 131 -30.39 28.51 72.14
N PHE E 132 -30.27 28.56 73.46
CA PHE E 132 -29.77 27.40 74.20
C PHE E 132 -30.75 26.24 74.17
N GLU E 133 -32.05 26.54 74.16
CA GLU E 133 -33.08 25.49 74.11
C GLU E 133 -33.05 24.78 72.76
N LYS E 134 -32.83 25.52 71.68
CA LYS E 134 -32.62 24.88 70.39
C LYS E 134 -31.25 24.20 70.31
N TYR E 135 -30.30 24.64 71.15
CA TYR E 135 -28.99 24.00 71.16
C TYR E 135 -29.03 22.66 71.89
N VAL E 136 -29.93 22.50 72.86
CA VAL E 136 -30.02 21.26 73.63
C VAL E 136 -30.44 20.08 72.76
N ALA E 137 -31.48 20.25 71.93
CA ALA E 137 -31.94 19.18 71.06
C ALA E 137 -31.03 18.95 69.85
N ASN E 138 -30.04 19.80 69.63
CA ASN E 138 -29.17 19.71 68.46
C ASN E 138 -27.82 19.07 68.80
N HIS E 139 -27.71 18.34 69.90
CA HIS E 139 -26.51 17.59 70.22
C HIS E 139 -26.55 16.30 69.41
N LYS E 140 -25.95 16.34 68.21
CA LYS E 140 -25.88 15.19 67.32
C LYS E 140 -24.52 14.52 67.34
N SER E 141 -23.50 15.14 67.94
CA SER E 141 -22.15 14.58 67.85
C SER E 141 -21.48 14.38 69.19
N LEU E 142 -22.04 14.88 70.29
CA LEU E 142 -21.51 14.64 71.62
C LEU E 142 -22.51 14.00 72.57
N ARG E 143 -23.77 13.86 72.14
CA ARG E 143 -24.82 13.09 72.81
C ARG E 143 -25.12 13.58 74.23
N LEU E 144 -25.56 14.82 74.36
CA LEU E 144 -25.89 15.36 75.68
C LEU E 144 -27.36 15.11 75.95
N ASP E 145 -27.69 14.82 77.21
CA ASP E 145 -29.05 14.45 77.58
C ASP E 145 -29.99 15.65 77.49
N ARG E 146 -31.29 15.36 77.51
CA ARG E 146 -32.33 16.38 77.46
C ARG E 146 -32.79 16.81 78.85
N TYR E 147 -31.94 16.66 79.87
CA TYR E 147 -32.26 17.05 81.23
C TYR E 147 -31.84 18.49 81.55
N GLN E 148 -31.65 19.33 80.53
CA GLN E 148 -31.22 20.69 80.72
C GLN E 148 -32.37 21.69 80.85
N LEU E 149 -33.62 21.21 80.84
CA LEU E 149 -34.76 22.10 80.99
C LEU E 149 -35.04 22.47 82.45
N GLU E 150 -34.44 21.76 83.40
CA GLU E 150 -34.64 22.08 84.81
C GLU E 150 -33.77 23.25 85.26
N ALA E 151 -32.56 23.37 84.73
CA ALA E 151 -31.62 24.38 85.20
C ALA E 151 -31.97 25.78 84.70
N VAL E 152 -32.72 25.90 83.60
CA VAL E 152 -33.02 27.21 83.05
C VAL E 152 -34.11 27.95 83.82
N LYS E 153 -34.88 27.25 84.65
CA LYS E 153 -35.91 27.92 85.45
C LYS E 153 -35.32 28.55 86.71
N GLY E 154 -34.18 28.05 87.18
CA GLY E 154 -33.51 28.60 88.34
C GLY E 154 -32.64 29.81 88.07
N THR E 155 -32.54 30.26 86.83
CA THR E 155 -31.74 31.41 86.46
C THR E 155 -32.62 32.46 85.79
N SER E 156 -32.32 33.74 86.05
CA SER E 156 -33.08 34.85 85.48
C SER E 156 -32.21 35.97 84.94
N ASP E 157 -30.98 36.11 85.40
CA ASP E 157 -30.01 37.17 85.07
C ASP E 157 -29.16 36.76 83.87
N PRO E 158 -28.71 37.72 83.06
CA PRO E 158 -27.82 37.37 81.93
C PRO E 158 -26.44 36.93 82.39
N ALA E 159 -25.95 37.47 83.51
CA ALA E 159 -24.69 37.00 84.07
C ALA E 159 -24.84 35.58 84.60
N MET E 160 -25.98 35.28 85.24
CA MET E 160 -26.22 33.93 85.73
C MET E 160 -26.45 32.96 84.58
N LEU E 161 -27.05 33.43 83.48
CA LEU E 161 -27.21 32.60 82.29
C LEU E 161 -25.87 32.30 81.63
N ALA E 162 -25.00 33.31 81.56
CA ALA E 162 -23.65 33.09 81.03
C ALA E 162 -22.84 32.16 81.93
N ASP E 163 -23.06 32.25 83.25
CA ASP E 163 -22.43 31.32 84.17
C ASP E 163 -22.95 29.90 84.00
N THR E 164 -24.25 29.75 83.73
CA THR E 164 -24.84 28.44 83.50
C THR E 164 -24.30 27.81 82.21
N ILE E 165 -24.17 28.62 81.14
CA ILE E 165 -23.63 28.12 79.88
C ILE E 165 -22.14 27.82 80.01
N ALA E 166 -21.40 28.63 80.76
CA ALA E 166 -19.96 28.40 80.93
C ALA E 166 -19.66 27.24 81.86
N TYR E 167 -20.55 26.92 82.81
CA TYR E 167 -20.30 25.80 83.70
C TYR E 167 -20.82 24.48 83.14
N HIS E 168 -21.96 24.52 82.44
CA HIS E 168 -22.50 23.29 81.87
C HIS E 168 -21.75 22.85 80.61
N ALA E 169 -20.97 23.74 80.01
CA ALA E 169 -20.12 23.42 78.86
C ALA E 169 -18.69 23.82 79.21
N THR E 170 -17.83 22.83 79.38
CA THR E 170 -16.47 23.08 79.85
C THR E 170 -15.59 23.61 78.73
N TRP E 171 -14.98 24.78 78.97
CA TRP E 171 -14.03 25.39 78.05
C TRP E 171 -12.73 25.70 78.79
N THR E 172 -11.83 26.40 78.11
CA THR E 172 -10.57 26.78 78.73
C THR E 172 -10.76 28.02 79.61
N VAL E 173 -9.69 28.35 80.35
CA VAL E 173 -9.76 29.43 81.34
C VAL E 173 -9.57 30.79 80.68
N ALA E 174 -8.57 30.92 79.80
CA ALA E 174 -8.21 32.21 79.23
C ALA E 174 -9.27 32.72 78.27
N GLU E 175 -9.98 31.81 77.58
CA GLU E 175 -11.08 32.23 76.73
C GLU E 175 -12.25 32.79 77.52
N LYS E 176 -12.58 32.17 78.66
CA LYS E 176 -13.65 32.71 79.51
C LYS E 176 -13.24 34.03 80.16
N GLN E 177 -11.95 34.18 80.49
CA GLN E 177 -11.48 35.47 80.99
C GLN E 177 -11.52 36.55 79.91
N GLU E 178 -11.20 36.19 78.67
CA GLU E 178 -11.30 37.12 77.55
C GLU E 178 -12.73 37.50 77.25
N ILE E 179 -13.68 36.57 77.47
CA ILE E 179 -15.10 36.90 77.39
C ILE E 179 -15.48 37.86 78.52
N LEU E 180 -14.94 37.63 79.72
CA LEU E 180 -15.26 38.48 80.87
C LEU E 180 -14.67 39.88 80.75
N GLU E 181 -13.63 40.07 79.93
CA GLU E 181 -13.04 41.40 79.76
C GLU E 181 -13.97 42.37 79.06
N LEU E 182 -14.91 41.89 78.24
CA LEU E 182 -15.89 42.73 77.57
C LEU E 182 -16.89 43.19 78.63
N THR E 183 -16.77 44.47 79.02
CA THR E 183 -17.57 45.02 80.12
C THR E 183 -19.04 45.10 79.74
N ASP E 184 -19.32 45.40 78.48
CA ASP E 184 -20.70 45.54 78.01
C ASP E 184 -21.36 44.17 77.93
N LEU E 185 -22.59 44.08 78.44
CA LEU E 185 -23.26 42.79 78.56
C LEU E 185 -23.76 42.26 77.22
N GLU E 186 -24.20 43.17 76.33
CA GLU E 186 -24.65 42.74 75.01
C GLU E 186 -23.53 42.13 74.18
N ALA E 187 -22.32 42.66 74.33
CA ALA E 187 -21.16 42.13 73.60
C ALA E 187 -20.82 40.72 74.06
N ARG E 188 -20.82 40.47 75.37
CA ARG E 188 -20.50 39.13 75.85
C ARG E 188 -21.65 38.16 75.59
N LEU E 189 -22.90 38.63 75.54
CA LEU E 189 -23.99 37.72 75.19
C LEU E 189 -23.99 37.36 73.72
N LYS E 190 -23.62 38.30 72.85
CA LYS E 190 -23.48 37.96 71.43
C LYS E 190 -22.25 37.09 71.21
N LYS E 191 -21.24 37.19 72.09
CA LYS E 191 -20.13 36.26 71.97
C LYS E 191 -20.49 34.87 72.50
N VAL E 192 -21.44 34.79 73.45
CA VAL E 192 -22.00 33.49 73.81
C VAL E 192 -22.80 32.90 72.64
N LEU E 193 -23.55 33.74 71.91
CA LEU E 193 -24.19 33.30 70.69
C LEU E 193 -23.17 32.87 69.63
N GLY E 194 -22.02 33.53 69.60
CA GLY E 194 -20.94 33.10 68.72
C GLY E 194 -20.32 31.78 69.13
N LEU E 195 -20.26 31.52 70.45
CA LEU E 195 -19.85 30.21 70.94
C LEU E 195 -20.81 29.12 70.50
N LEU E 196 -22.13 29.43 70.54
CA LEU E 196 -23.13 28.50 70.01
C LEU E 196 -22.96 28.28 68.51
N SER E 197 -22.62 29.35 67.77
CA SER E 197 -22.40 29.22 66.33
C SER E 197 -21.14 28.40 66.03
N ARG E 198 -20.10 28.54 66.85
CA ARG E 198 -18.89 27.76 66.62
C ARG E 198 -19.08 26.30 67.02
N ASP E 199 -19.94 26.05 68.01
CA ASP E 199 -20.35 24.67 68.28
C ASP E 199 -21.14 24.09 67.11
N LEU E 200 -21.97 24.91 66.46
CA LEU E 200 -22.64 24.48 65.24
C LEU E 200 -21.65 24.28 64.09
N GLU E 201 -20.53 25.02 64.10
CA GLU E 201 -19.52 24.83 63.07
C GLU E 201 -18.76 23.53 63.26
N ARG E 202 -18.48 23.16 64.53
CA ARG E 202 -17.95 21.83 64.82
C ARG E 202 -18.95 20.74 64.44
N PHE E 203 -20.25 21.02 64.62
CA PHE E 203 -21.29 20.11 64.16
C PHE E 203 -21.29 19.99 62.64
N GLU E 204 -21.01 21.09 61.94
CA GLU E 204 -20.87 21.06 60.48
C GLU E 204 -19.67 20.22 60.05
N LEU E 205 -18.56 20.33 60.75
CA LEU E 205 -17.37 19.55 60.41
C LEU E 205 -17.61 18.06 60.64
N ASP E 206 -18.25 17.71 61.77
CA ASP E 206 -18.54 16.30 62.01
C ASP E 206 -19.63 15.79 61.06
N LYS E 207 -20.54 16.68 60.64
CA LYS E 207 -21.53 16.34 59.62
C LYS E 207 -20.85 16.05 58.28
N ARG E 208 -19.81 16.82 57.96
CA ARG E 208 -19.10 16.60 56.69
C ARG E 208 -18.31 15.29 56.72
N VAL E 209 -17.64 14.99 57.83
CA VAL E 209 -16.87 13.76 57.87
C VAL E 209 -17.80 12.54 58.01
N ALA E 210 -18.95 12.73 58.67
CA ALA E 210 -19.95 11.67 58.72
C ALA E 210 -20.58 11.47 57.35
N GLN E 211 -20.71 12.55 56.58
CA GLN E 211 -21.15 12.47 55.19
C GLN E 211 -20.18 11.70 54.34
N ARG E 212 -18.87 11.91 54.51
CA ARG E 212 -17.94 11.22 53.63
C ARG E 212 -17.75 9.76 54.06
N VAL E 213 -17.87 9.46 55.36
CA VAL E 213 -17.83 8.05 55.72
C VAL E 213 -19.13 7.36 55.34
N LYS E 214 -20.25 8.10 55.32
CA LYS E 214 -21.51 7.55 54.88
C LYS E 214 -21.47 7.25 53.39
N GLU E 215 -20.88 8.14 52.61
CA GLU E 215 -20.72 7.90 51.18
C GLU E 215 -19.72 6.80 50.87
N GLN E 216 -18.64 6.68 51.66
CA GLN E 216 -17.74 5.54 51.58
C GLN E 216 -18.50 4.23 51.74
N MET E 217 -19.27 4.12 52.83
CA MET E 217 -20.08 2.93 53.07
C MET E 217 -21.12 2.71 51.97
N ASP E 218 -21.86 3.76 51.57
CA ASP E 218 -22.91 3.64 50.55
C ASP E 218 -22.38 3.17 49.21
N THR E 219 -21.24 3.74 48.77
CA THR E 219 -20.58 3.26 47.55
C THR E 219 -20.15 1.81 47.70
N ASN E 220 -19.64 1.44 48.87
CA ASN E 220 -19.21 0.06 49.09
C ASN E 220 -20.39 -0.90 49.02
N GLN E 221 -21.50 -0.52 49.66
CA GLN E 221 -22.69 -1.38 49.68
C GLN E 221 -23.29 -1.53 48.30
N ARG E 222 -23.49 -0.42 47.57
CA ARG E 222 -24.10 -0.54 46.25
C ARG E 222 -23.17 -1.25 45.28
N GLU E 223 -21.84 -1.09 45.50
CA GLU E 223 -20.83 -1.81 44.74
C GLU E 223 -21.00 -3.32 44.87
N TYR E 224 -20.93 -3.85 46.10
CA TYR E 224 -20.97 -5.30 46.18
C TYR E 224 -22.40 -5.85 46.23
N TYR E 225 -23.42 -4.98 46.33
CA TYR E 225 -24.78 -5.42 46.04
C TYR E 225 -24.99 -5.68 44.55
N LEU E 226 -24.64 -4.70 43.72
CA LEU E 226 -24.83 -4.88 42.28
C LEU E 226 -23.87 -5.94 41.74
N ARG E 227 -22.69 -6.06 42.35
CA ARG E 227 -21.79 -7.13 41.93
C ARG E 227 -22.21 -8.45 42.54
N GLU E 228 -22.97 -8.42 43.64
CA GLU E 228 -23.57 -9.64 44.15
C GLU E 228 -24.61 -10.16 43.19
N GLN E 229 -25.34 -9.24 42.56
CA GLN E 229 -26.23 -9.62 41.48
C GLN E 229 -25.47 -10.11 40.25
N MET E 230 -24.33 -9.49 39.95
CA MET E 230 -23.43 -9.99 38.89
C MET E 230 -23.01 -11.43 39.17
N LYS E 231 -22.64 -11.70 40.42
CA LYS E 231 -22.23 -13.04 40.83
C LYS E 231 -23.40 -14.00 40.74
N ALA E 232 -24.57 -13.58 41.22
CA ALA E 232 -25.73 -14.47 41.31
C ALA E 232 -26.32 -14.76 39.94
N ILE E 233 -26.05 -13.91 38.95
CA ILE E 233 -26.43 -14.27 37.59
C ILE E 233 -25.32 -15.10 36.94
N GLN E 234 -24.06 -14.77 37.23
CA GLN E 234 -22.98 -15.45 36.51
C GLN E 234 -22.69 -16.81 37.12
N LYS E 235 -23.26 -17.12 38.28
CA LYS E 235 -23.00 -18.38 38.96
C LYS E 235 -23.53 -19.60 38.21
N GLU E 236 -24.61 -19.48 37.46
CA GLU E 236 -25.14 -20.66 36.80
C GLU E 236 -24.81 -20.64 35.31
N LEU E 237 -24.80 -19.44 34.73
CA LEU E 237 -24.32 -19.35 33.32
C LEU E 237 -22.84 -19.00 33.43
N GLY E 238 -22.06 -19.85 34.10
CA GLY E 238 -20.66 -19.49 34.33
C GLY E 238 -20.04 -20.22 35.51
N GLY E 239 -20.84 -20.98 36.27
CA GLY E 239 -20.26 -21.79 37.36
C GLY E 239 -19.46 -20.97 38.37
N GLU E 240 -20.08 -19.94 38.96
CA GLU E 240 -19.40 -19.08 39.97
C GLU E 240 -18.48 -18.09 39.24
N ASP E 241 -17.56 -17.42 39.95
CA ASP E 241 -16.77 -16.34 39.31
C ASP E 241 -16.20 -16.84 38.00
N GLY E 242 -16.39 -16.07 36.92
CA GLY E 242 -15.95 -16.54 35.60
C GLY E 242 -14.72 -15.81 35.13
N LEU E 243 -13.72 -16.55 34.67
CA LEU E 243 -12.49 -15.94 34.11
C LEU E 243 -11.61 -15.32 35.20
N SER E 244 -11.99 -15.37 36.49
CA SER E 244 -11.20 -14.72 37.52
C SER E 244 -10.99 -13.25 37.23
N ASP E 245 -11.56 -12.71 36.16
CA ASP E 245 -11.39 -11.32 35.82
C ASP E 245 -12.28 -10.48 36.72
N LEU E 246 -12.39 -9.21 36.36
CA LEU E 246 -13.53 -8.33 36.57
C LEU E 246 -13.79 -7.93 38.02
N GLU E 247 -13.09 -8.45 39.02
CA GLU E 247 -13.22 -7.86 40.34
C GLU E 247 -11.90 -7.61 41.03
N ALA E 248 -10.87 -8.37 40.65
CA ALA E 248 -9.60 -8.43 41.36
C ALA E 248 -8.42 -7.96 40.54
N LEU E 249 -8.52 -8.00 39.21
CA LEU E 249 -7.65 -7.17 38.38
C LEU E 249 -7.99 -5.70 38.55
N ARG E 250 -9.23 -5.42 38.97
CA ARG E 250 -9.59 -4.14 39.55
C ARG E 250 -8.74 -3.82 40.79
N LYS E 251 -8.39 -4.86 41.56
CA LYS E 251 -7.51 -4.66 42.72
C LYS E 251 -6.03 -4.76 42.39
N LYS E 252 -5.66 -5.27 41.20
CA LYS E 252 -4.24 -5.33 40.87
C LYS E 252 -3.69 -3.96 40.46
N ILE E 253 -4.58 -3.02 40.13
CA ILE E 253 -4.16 -1.69 39.72
C ILE E 253 -3.60 -0.91 40.91
N GLU E 254 -4.23 -1.05 42.08
CA GLU E 254 -3.81 -0.26 43.25
C GLU E 254 -2.54 -0.79 43.90
N GLU E 255 -2.02 -1.94 43.48
CA GLU E 255 -0.85 -2.54 44.10
C GLU E 255 0.42 -2.38 43.27
N VAL E 256 0.38 -1.62 42.18
CA VAL E 256 1.57 -1.32 41.39
C VAL E 256 1.51 0.13 40.95
N GLY E 257 2.60 0.87 41.18
CA GLY E 257 2.66 2.29 40.95
C GLY E 257 1.65 3.04 41.80
N MET E 258 0.93 4.03 41.26
CA MET E 258 1.10 4.63 39.93
C MET E 258 0.65 6.08 40.09
N PRO E 259 0.90 6.96 39.11
CA PRO E 259 0.28 8.28 39.15
C PRO E 259 -1.24 8.20 39.10
N GLU E 260 -1.89 9.18 39.73
CA GLU E 260 -3.34 9.14 39.87
C GLU E 260 -4.05 9.39 38.55
N ALA E 261 -3.45 10.15 37.64
CA ALA E 261 -4.02 10.33 36.32
C ALA E 261 -3.98 9.02 35.54
N VAL E 262 -2.87 8.28 35.65
CA VAL E 262 -2.77 6.94 35.07
C VAL E 262 -3.77 6.00 35.73
N LYS E 263 -3.98 6.17 37.04
CA LYS E 263 -4.89 5.29 37.77
C LYS E 263 -6.35 5.51 37.35
N THR E 264 -6.75 6.77 37.17
CA THR E 264 -8.12 7.04 36.73
C THR E 264 -8.33 6.68 35.26
N LYS E 265 -7.30 6.87 34.42
CA LYS E 265 -7.38 6.41 33.04
C LYS E 265 -7.48 4.89 32.98
N ALA E 266 -6.73 4.20 33.84
CA ALA E 266 -6.81 2.74 33.90
C ALA E 266 -8.16 2.26 34.39
N LEU E 267 -8.75 2.97 35.35
CA LEU E 267 -10.11 2.62 35.80
C LEU E 267 -11.15 2.88 34.71
N LYS E 268 -10.94 3.92 33.90
CA LYS E 268 -11.90 4.21 32.83
C LYS E 268 -11.83 3.19 31.70
N GLU E 269 -10.63 2.80 31.27
CA GLU E 269 -10.54 1.73 30.28
C GLU E 269 -10.70 0.34 30.90
N LEU E 270 -10.74 0.26 32.23
CA LEU E 270 -11.11 -0.98 32.88
C LEU E 270 -12.62 -1.19 32.88
N ASP E 271 -13.37 -0.14 33.19
CA ASP E 271 -14.81 -0.25 33.35
C ASP E 271 -15.55 -0.30 32.02
N ARG E 272 -14.85 -0.23 30.87
CA ARG E 272 -15.47 -0.41 29.57
C ARG E 272 -15.43 -1.85 29.10
N LEU E 273 -14.67 -2.70 29.78
CA LEU E 273 -14.64 -4.14 29.54
C LEU E 273 -15.73 -4.87 30.33
N GLU E 274 -16.41 -4.17 31.24
CA GLU E 274 -17.43 -4.73 32.11
C GLU E 274 -18.60 -5.36 31.38
N ARG E 275 -19.28 -4.62 30.50
CA ARG E 275 -20.45 -5.12 29.82
C ARG E 275 -20.22 -5.47 28.36
N MET E 276 -19.01 -5.29 27.84
CA MET E 276 -18.74 -5.51 26.43
C MET E 276 -18.58 -7.00 26.17
N GLN E 277 -18.92 -7.43 24.95
CA GLN E 277 -19.11 -8.83 24.63
C GLN E 277 -17.79 -9.59 24.66
N GLN E 278 -17.84 -10.83 25.18
CA GLN E 278 -16.67 -11.69 25.26
C GLN E 278 -16.64 -12.59 24.03
N GLY E 279 -15.66 -12.35 23.15
CA GLY E 279 -15.56 -13.06 21.90
C GLY E 279 -15.47 -12.10 20.73
N SER E 280 -15.47 -10.82 21.02
CA SER E 280 -15.43 -9.65 20.16
C SER E 280 -13.99 -9.15 19.99
N PRO E 281 -13.65 -8.55 18.84
CA PRO E 281 -12.26 -8.11 18.63
C PRO E 281 -11.86 -6.88 19.43
N GLU E 282 -12.77 -5.92 19.65
CA GLU E 282 -12.44 -4.70 20.36
C GLU E 282 -12.14 -4.94 21.84
N ALA E 283 -12.84 -5.90 22.46
CA ALA E 283 -12.56 -6.30 23.83
C ALA E 283 -11.15 -6.84 24.00
N THR E 284 -10.65 -7.64 23.05
CA THR E 284 -9.29 -8.16 23.15
C THR E 284 -8.25 -7.05 23.02
N VAL E 285 -8.53 -6.03 22.21
CA VAL E 285 -7.66 -4.86 22.14
C VAL E 285 -7.63 -4.15 23.49
N ALA E 286 -8.81 -3.89 24.06
CA ALA E 286 -8.87 -3.32 25.41
C ALA E 286 -8.31 -4.25 26.47
N ARG E 287 -8.47 -5.57 26.31
CA ARG E 287 -7.94 -6.53 27.27
C ARG E 287 -6.41 -6.50 27.31
N THR E 288 -5.77 -6.61 26.14
CA THR E 288 -4.32 -6.55 26.09
C THR E 288 -3.79 -5.18 26.47
N TYR E 289 -4.55 -4.11 26.20
CA TYR E 289 -4.15 -2.77 26.60
C TYR E 289 -4.09 -2.62 28.11
N LEU E 290 -5.17 -3.00 28.81
CA LEU E 290 -5.14 -2.84 30.27
C LEU E 290 -4.28 -3.90 30.94
N ASP E 291 -4.01 -5.02 30.27
CA ASP E 291 -3.06 -5.98 30.86
C ASP E 291 -1.62 -5.54 30.68
N TRP E 292 -1.29 -4.87 29.57
CA TRP E 292 0.09 -4.44 29.38
C TRP E 292 0.37 -3.12 30.11
N LEU E 293 -0.67 -2.31 30.34
CA LEU E 293 -0.51 -1.10 31.15
C LEU E 293 -0.41 -1.40 32.64
N THR E 294 -0.80 -2.60 33.05
CA THR E 294 -0.80 -2.97 34.47
C THR E 294 0.61 -3.27 34.99
N GLU E 295 1.29 -4.24 34.40
CA GLU E 295 2.46 -4.86 34.99
C GLU E 295 3.78 -4.19 34.63
N VAL E 296 3.75 -2.96 34.11
CA VAL E 296 4.99 -2.20 33.91
C VAL E 296 5.23 -1.37 35.16
N PRO E 297 6.48 -1.17 35.58
CA PRO E 297 6.74 -0.57 36.90
C PRO E 297 6.61 0.94 36.91
N TRP E 298 6.15 1.44 38.05
CA TRP E 298 6.22 2.87 38.38
C TRP E 298 6.70 3.00 39.81
N SER E 299 7.67 3.90 40.01
CA SER E 299 8.14 4.35 41.33
C SER E 299 8.69 3.20 42.18
N LYS E 300 9.25 2.19 41.52
CA LYS E 300 9.89 1.08 42.21
C LYS E 300 11.31 0.95 41.71
N ALA E 301 12.24 0.73 42.63
CA ALA E 301 13.65 0.88 42.32
C ALA E 301 14.48 -0.13 43.12
N ASP E 302 15.75 -0.23 42.74
CA ASP E 302 16.76 -1.03 43.42
C ASP E 302 17.86 -0.11 43.92
N PRO E 303 18.53 -0.49 45.02
CA PRO E 303 19.61 0.35 45.54
C PRO E 303 20.84 0.37 44.65
N GLU E 304 21.41 1.56 44.45
CA GLU E 304 22.58 1.73 43.59
C GLU E 304 23.72 2.30 44.42
N VAL E 305 24.95 2.03 43.99
CA VAL E 305 26.16 2.49 44.67
C VAL E 305 27.05 3.16 43.64
N LEU E 306 27.48 4.39 43.92
CA LEU E 306 28.53 5.06 43.14
C LEU E 306 29.82 5.03 43.93
N ASP E 307 30.79 4.28 43.43
CA ASP E 307 32.11 4.21 44.04
C ASP E 307 33.13 4.11 42.92
N ILE E 308 34.04 5.07 42.86
CA ILE E 308 35.10 5.04 41.87
C ILE E 308 36.05 3.89 42.14
N ASN E 309 36.32 3.62 43.41
CA ASN E 309 37.25 2.56 43.77
C ASN E 309 36.67 1.17 43.48
N HIS E 310 35.38 0.98 43.75
CA HIS E 310 34.77 -0.32 43.49
C HIS E 310 34.59 -0.56 42.00
N THR E 311 34.24 0.48 41.23
CA THR E 311 34.14 0.33 39.78
C THR E 311 35.51 0.10 39.16
N ARG E 312 36.55 0.72 39.73
CA ARG E 312 37.91 0.47 39.27
C ARG E 312 38.34 -0.97 39.53
N GLN E 313 38.00 -1.51 40.70
CA GLN E 313 38.39 -2.89 40.99
C GLN E 313 37.42 -3.91 40.41
N VAL E 314 36.33 -3.48 39.79
CA VAL E 314 35.48 -4.38 39.02
C VAL E 314 35.88 -4.42 37.55
N LEU E 315 36.17 -3.27 36.94
CA LEU E 315 36.44 -3.21 35.50
C LEU E 315 37.74 -3.92 35.12
N ASP E 316 38.69 -4.04 36.04
CA ASP E 316 39.89 -4.82 35.73
C ASP E 316 39.75 -6.30 36.03
N GLU E 317 38.53 -6.77 36.31
CA GLU E 317 38.27 -8.19 36.51
C GLU E 317 37.51 -8.83 35.36
N ASP E 318 37.02 -8.05 34.41
CA ASP E 318 36.27 -8.58 33.27
C ASP E 318 36.82 -8.14 31.93
N HIS E 319 37.88 -7.36 31.90
CA HIS E 319 38.41 -6.83 30.66
C HIS E 319 39.93 -6.75 30.76
N TYR E 320 40.60 -6.97 29.64
CA TYR E 320 42.05 -6.91 29.63
C TYR E 320 42.51 -5.63 28.96
N GLY E 321 43.53 -5.00 29.55
CA GLY E 321 44.08 -3.77 28.99
C GLY E 321 43.13 -2.60 29.11
N LEU E 322 43.12 -1.79 28.05
CA LEU E 322 42.19 -0.66 27.85
C LEU E 322 42.34 0.39 28.96
N LYS E 323 43.58 0.79 29.23
CA LYS E 323 43.85 1.64 30.39
C LYS E 323 43.26 3.03 30.23
N ASP E 324 43.48 3.66 29.06
CA ASP E 324 42.97 5.00 28.82
C ASP E 324 41.45 5.01 28.75
N VAL E 325 40.85 3.95 28.19
CA VAL E 325 39.40 3.86 28.10
C VAL E 325 38.78 3.70 29.48
N LYS E 326 39.42 2.89 30.34
CA LYS E 326 38.96 2.75 31.72
C LYS E 326 39.08 4.05 32.49
N GLU E 327 40.16 4.81 32.27
CA GLU E 327 40.33 6.06 32.99
C GLU E 327 39.31 7.11 32.55
N ARG E 328 39.04 7.23 31.25
CA ARG E 328 38.06 8.22 30.85
C ARG E 328 36.63 7.69 30.85
N ILE E 329 36.43 6.45 31.32
CA ILE E 329 35.11 6.07 31.83
C ILE E 329 34.97 6.50 33.28
N LEU E 330 36.02 6.31 34.08
CA LEU E 330 35.96 6.73 35.47
C LEU E 330 35.89 8.25 35.63
N GLU E 331 36.37 9.02 34.64
CA GLU E 331 36.17 10.47 34.66
C GLU E 331 34.69 10.83 34.60
N TYR E 332 33.96 10.22 33.66
CA TYR E 332 32.53 10.43 33.52
C TYR E 332 31.78 9.96 34.77
N LEU E 333 32.22 8.86 35.36
CA LEU E 333 31.56 8.39 36.58
C LEU E 333 31.84 9.30 37.76
N ALA E 334 33.04 9.88 37.84
CA ALA E 334 33.36 10.81 38.92
C ALA E 334 32.61 12.12 38.76
N VAL E 335 32.32 12.51 37.52
CA VAL E 335 31.46 13.68 37.32
C VAL E 335 30.03 13.36 37.74
N ARG E 336 29.56 12.14 37.45
CA ARG E 336 28.21 11.77 37.88
C ARG E 336 28.08 11.64 39.38
N GLN E 337 29.17 11.30 40.08
CA GLN E 337 29.06 11.09 41.52
C GLN E 337 28.85 12.40 42.26
N LEU E 338 29.47 13.49 41.80
CA LEU E 338 29.27 14.79 42.44
C LEU E 338 27.92 15.43 42.13
N THR E 339 27.20 14.94 41.11
CA THR E 339 25.90 15.50 40.76
C THR E 339 24.78 14.47 40.86
N GLN E 340 24.73 13.71 41.95
CA GLN E 340 23.75 12.66 42.12
C GLN E 340 22.53 13.14 42.93
N GLY E 341 22.14 14.39 42.72
CA GLY E 341 21.01 14.98 43.43
C GLY E 341 21.39 16.10 44.36
N LEU E 342 22.65 16.13 44.82
CA LEU E 342 23.17 17.21 45.65
C LEU E 342 23.54 18.44 44.86
N ASP E 343 23.38 18.41 43.54
CA ASP E 343 23.48 19.58 42.70
C ASP E 343 22.21 19.67 41.87
N VAL E 344 21.85 20.90 41.50
CA VAL E 344 20.56 21.12 40.85
C VAL E 344 20.59 20.70 39.39
N ARG E 345 21.77 20.72 38.76
CA ARG E 345 21.85 20.34 37.35
C ARG E 345 22.03 18.84 37.25
N ASN E 346 21.30 18.23 36.32
CA ASN E 346 21.46 16.83 35.97
C ASN E 346 21.64 16.64 34.48
N LYS E 347 21.76 17.73 33.72
CA LYS E 347 22.02 17.65 32.30
C LYS E 347 23.46 17.22 32.07
N ALA E 348 23.64 16.14 31.33
CA ALA E 348 24.95 15.54 31.19
C ALA E 348 25.06 14.91 29.80
N PRO E 349 26.26 14.87 29.21
CA PRO E 349 26.41 14.25 27.89
C PRO E 349 26.20 12.74 27.95
N ILE E 350 25.68 12.20 26.87
CA ILE E 350 25.45 10.76 26.80
C ILE E 350 26.76 10.06 26.47
N LEU E 351 27.05 8.98 27.20
CA LEU E 351 28.27 8.22 26.96
C LEU E 351 28.16 7.43 25.68
N VAL E 352 29.11 7.61 24.77
CA VAL E 352 29.15 6.87 23.52
C VAL E 352 30.50 6.17 23.41
N LEU E 353 30.48 4.94 22.91
CA LEU E 353 31.68 4.12 22.77
C LEU E 353 31.94 3.92 21.29
N VAL E 354 33.16 4.21 20.85
CA VAL E 354 33.53 4.12 19.45
C VAL E 354 34.66 3.11 19.32
N GLY E 355 34.46 2.12 18.45
CA GLY E 355 35.48 1.16 18.13
C GLY E 355 35.08 0.34 16.93
N PRO E 356 36.02 -0.40 16.36
CA PRO E 356 35.68 -1.36 15.32
C PRO E 356 34.92 -2.54 15.90
N PRO E 357 34.17 -3.29 15.08
CA PRO E 357 33.42 -4.43 15.61
C PRO E 357 34.29 -5.56 16.14
N GLY E 358 33.85 -6.18 17.22
CA GLY E 358 34.62 -7.21 17.87
C GLY E 358 35.28 -6.79 19.17
N VAL E 359 35.68 -5.54 19.29
CA VAL E 359 36.22 -5.04 20.55
C VAL E 359 35.07 -4.94 21.55
N GLY E 360 35.32 -5.35 22.79
CA GLY E 360 34.30 -5.46 23.80
C GLY E 360 33.62 -4.16 24.18
N LYS E 361 32.37 -4.00 23.74
CA LYS E 361 31.59 -2.81 24.06
C LYS E 361 30.34 -3.10 24.86
N THR E 362 29.59 -4.16 24.56
CA THR E 362 28.49 -4.52 25.43
C THR E 362 28.97 -5.17 26.71
N SER E 363 30.20 -5.71 26.71
CA SER E 363 30.75 -6.28 27.92
C SER E 363 31.16 -5.18 28.90
N LEU E 364 31.60 -4.04 28.39
CA LEU E 364 31.83 -2.88 29.25
C LEU E 364 30.53 -2.39 29.86
N GLY E 365 29.43 -2.46 29.10
CA GLY E 365 28.14 -2.09 29.65
C GLY E 365 27.69 -3.03 30.75
N ARG E 366 27.92 -4.34 30.56
CA ARG E 366 27.61 -5.32 31.59
C ARG E 366 28.45 -5.09 32.84
N SER E 367 29.73 -4.77 32.67
CA SER E 367 30.60 -4.59 33.84
C SER E 367 30.32 -3.27 34.55
N ILE E 368 29.84 -2.25 33.83
CA ILE E 368 29.40 -1.04 34.50
C ILE E 368 28.10 -1.31 35.27
N ALA E 369 27.21 -2.11 34.69
CA ALA E 369 25.98 -2.48 35.38
C ALA E 369 26.25 -3.33 36.62
N ARG E 370 27.32 -4.12 36.62
CA ARG E 370 27.67 -4.90 37.80
C ARG E 370 28.14 -4.01 38.95
N SER E 371 28.95 -3.00 38.65
CA SER E 371 29.55 -2.17 39.69
C SER E 371 28.58 -1.12 40.23
N MET E 372 27.35 -1.08 39.73
CA MET E 372 26.34 -0.17 40.26
C MET E 372 25.13 -0.90 40.82
N ASN E 373 25.16 -2.25 40.90
CA ASN E 373 24.06 -3.10 41.39
C ASN E 373 22.76 -2.87 40.62
N ARG E 374 22.91 -2.56 39.33
CA ARG E 374 21.78 -2.39 38.42
C ARG E 374 21.48 -3.71 37.74
N LYS E 375 20.50 -3.67 36.86
CA LYS E 375 20.25 -4.75 35.93
C LYS E 375 20.61 -4.28 34.52
N PHE E 376 20.68 -5.23 33.59
CA PHE E 376 21.22 -4.98 32.27
C PHE E 376 20.18 -5.32 31.21
N HIS E 377 20.17 -4.55 30.13
CA HIS E 377 19.37 -4.88 28.96
C HIS E 377 20.04 -4.28 27.73
N ARG E 378 19.72 -4.81 26.54
CA ARG E 378 20.30 -4.29 25.26
C ARG E 378 19.19 -4.00 24.24
N ILE E 379 19.37 -3.03 23.32
CA ILE E 379 18.27 -2.64 22.39
C ILE E 379 18.60 -2.81 20.90
N SER E 380 19.58 -2.07 20.34
CA SER E 380 20.02 -2.20 18.92
C SER E 380 19.24 -1.31 17.95
N LEU E 381 19.89 -0.27 17.42
CA LEU E 381 19.20 0.72 16.54
C LEU E 381 19.64 0.58 15.07
N GLY E 382 20.40 -0.45 14.71
CA GLY E 382 20.90 -0.51 13.32
C GLY E 382 19.77 -0.64 12.34
N GLY E 383 18.76 -1.47 12.65
CA GLY E 383 17.62 -1.69 11.75
C GLY E 383 16.71 -0.49 11.53
N VAL E 384 16.41 0.29 12.57
CA VAL E 384 15.40 1.39 12.45
C VAL E 384 15.46 2.11 11.10
N ARG E 385 14.38 2.03 10.31
CA ARG E 385 14.32 2.81 9.09
C ARG E 385 13.29 3.93 9.21
N ASP E 386 12.43 3.86 10.22
CA ASP E 386 11.31 4.78 10.35
C ASP E 386 11.18 5.26 11.80
N GLU E 387 10.31 6.25 11.99
CA GLU E 387 10.04 6.79 13.30
C GLU E 387 9.04 5.95 14.08
N ALA E 388 8.19 5.19 13.40
CA ALA E 388 7.11 4.44 14.02
C ALA E 388 7.56 3.13 14.67
N GLU E 389 8.87 2.86 14.69
CA GLU E 389 9.40 1.69 15.39
C GLU E 389 9.89 2.07 16.79
N ILE E 390 10.18 3.35 17.02
CA ILE E 390 10.52 3.83 18.35
C ILE E 390 9.31 4.14 19.20
N ARG E 391 8.27 4.77 18.66
CA ARG E 391 6.98 4.91 19.33
C ARG E 391 5.93 4.16 18.53
N GLY E 392 5.03 3.47 19.24
CA GLY E 392 4.15 2.51 18.61
C GLY E 392 2.93 3.06 17.91
N HIS E 393 1.82 2.33 18.03
CA HIS E 393 0.58 2.66 17.33
C HIS E 393 -0.58 2.55 18.31
N ARG E 394 -1.63 3.33 18.07
CA ARG E 394 -2.74 3.45 19.02
C ARG E 394 -3.69 2.25 18.89
N ARG E 395 -4.79 2.29 19.65
CA ARG E 395 -5.72 1.18 19.77
C ARG E 395 -6.79 1.17 18.69
N THR E 396 -6.75 2.12 17.75
CA THR E 396 -7.72 2.13 16.66
C THR E 396 -7.49 0.96 15.71
N TYR E 397 -6.23 0.69 15.37
CA TYR E 397 -5.86 -0.49 14.60
C TYR E 397 -6.10 -1.75 15.42
N ILE E 398 -6.46 -2.84 14.71
CA ILE E 398 -6.84 -4.09 15.36
C ILE E 398 -5.67 -4.76 16.06
N GLY E 399 -4.48 -4.72 15.49
CA GLY E 399 -3.30 -5.22 16.16
C GLY E 399 -2.75 -4.19 17.12
N ALA E 400 -1.73 -4.60 17.86
CA ALA E 400 -1.11 -3.70 18.82
C ALA E 400 0.38 -3.93 18.91
N MET E 401 1.17 -2.90 18.63
CA MET E 401 2.61 -3.00 18.72
C MET E 401 3.17 -1.68 19.23
N PRO E 402 3.41 -1.52 20.57
CA PRO E 402 4.02 -0.29 21.11
C PRO E 402 5.46 -0.05 20.67
N GLY E 403 6.05 1.04 21.17
CA GLY E 403 7.42 1.42 20.75
C GLY E 403 8.50 0.52 21.33
N LYS E 404 9.69 0.53 20.72
CA LYS E 404 10.83 -0.29 21.20
C LYS E 404 11.60 0.50 22.27
N LEU E 405 11.05 0.64 23.46
CA LEU E 405 11.73 1.31 24.59
C LEU E 405 10.95 0.82 25.79
N ILE E 406 9.75 1.35 25.98
CA ILE E 406 8.88 0.72 26.96
C ILE E 406 8.71 -0.78 26.73
N HIS E 407 8.84 -1.24 25.49
CA HIS E 407 8.79 -2.68 25.22
C HIS E 407 10.02 -3.38 25.80
N ALA E 408 11.15 -2.67 25.83
CA ALA E 408 12.32 -3.16 26.54
C ALA E 408 12.14 -3.07 28.05
N MET E 409 11.47 -2.03 28.53
CA MET E 409 11.32 -1.86 29.98
C MET E 409 10.22 -2.73 30.56
N LYS E 410 9.44 -3.40 29.72
CA LYS E 410 8.55 -4.44 30.24
C LYS E 410 9.35 -5.63 30.72
N GLN E 411 10.48 -5.92 30.07
CA GLN E 411 11.26 -7.11 30.37
C GLN E 411 12.11 -6.94 31.63
N VAL E 412 12.37 -5.72 32.07
CA VAL E 412 13.14 -5.46 33.27
C VAL E 412 12.17 -5.02 34.37
N GLY E 413 12.52 -5.31 35.62
CA GLY E 413 11.61 -5.12 36.71
C GLY E 413 11.51 -3.72 37.27
N VAL E 414 12.58 -2.92 37.16
CA VAL E 414 12.66 -1.63 37.83
C VAL E 414 12.83 -0.52 36.80
N ILE E 415 12.93 0.71 37.30
CA ILE E 415 13.16 1.88 36.47
C ILE E 415 14.58 2.42 36.63
N ASN E 416 15.46 1.65 37.29
CA ASN E 416 16.89 1.94 37.34
C ASN E 416 17.74 1.59 36.10
N PRO E 417 17.50 0.45 35.35
CA PRO E 417 18.64 -0.26 34.74
C PRO E 417 19.33 0.46 33.61
N VAL E 418 20.49 -0.04 33.21
CA VAL E 418 21.20 0.55 32.08
C VAL E 418 20.61 -0.01 30.79
N ILE E 419 20.60 0.82 29.76
CA ILE E 419 20.07 0.44 28.45
C ILE E 419 21.14 0.70 27.42
N LEU E 420 21.54 -0.33 26.69
CA LEU E 420 22.54 -0.19 25.65
C LEU E 420 21.88 0.15 24.32
N LEU E 421 22.43 1.15 23.64
CA LEU E 421 21.93 1.61 22.36
C LEU E 421 23.02 1.33 21.33
N ASP E 422 22.76 0.39 20.42
CA ASP E 422 23.80 -0.15 19.56
C ASP E 422 23.63 0.33 18.12
N GLU E 423 24.75 0.81 17.55
CA GLU E 423 24.86 1.32 16.18
C GLU E 423 23.88 2.44 15.88
N ILE E 424 23.99 3.56 16.60
CA ILE E 424 23.36 4.82 16.22
C ILE E 424 23.82 5.27 14.85
N ASP E 425 25.10 5.08 14.52
CA ASP E 425 25.68 5.50 13.26
C ASP E 425 25.18 4.73 12.04
N LYS E 426 24.31 3.74 12.22
CA LYS E 426 23.73 3.00 11.11
C LYS E 426 22.22 3.12 11.16
N MET E 427 21.68 4.22 10.65
CA MET E 427 20.25 4.38 10.51
C MET E 427 19.97 5.45 9.47
N SER E 428 18.81 5.34 8.84
CA SER E 428 18.41 6.27 7.78
C SER E 428 16.90 6.39 7.79
N SER E 429 16.39 7.21 6.88
CA SER E 429 14.96 7.47 6.80
C SER E 429 14.55 7.55 5.34
N ASP E 430 13.33 7.09 5.06
CA ASP E 430 12.74 7.22 3.73
C ASP E 430 11.24 7.47 3.84
N TRP E 431 10.86 8.75 3.67
CA TRP E 431 9.47 9.25 3.66
C TRP E 431 8.64 8.79 4.87
N ARG E 432 9.30 8.49 5.99
CA ARG E 432 8.57 8.03 7.17
C ARG E 432 9.09 8.65 8.48
N GLY E 433 9.66 9.85 8.45
CA GLY E 433 10.08 10.48 9.69
C GLY E 433 11.52 10.18 10.08
N ASP E 434 12.13 11.08 10.84
CA ASP E 434 13.51 10.92 11.25
C ASP E 434 13.58 10.28 12.62
N PRO E 435 14.25 9.14 12.79
CA PRO E 435 14.42 8.56 14.13
C PRO E 435 15.35 9.35 15.03
N ALA E 436 16.17 10.25 14.47
CA ALA E 436 17.09 11.04 15.28
C ALA E 436 16.34 12.03 16.16
N SER E 437 15.17 12.51 15.72
CA SER E 437 14.35 13.36 16.57
C SER E 437 13.80 12.61 17.77
N ALA E 438 13.37 11.36 17.55
CA ALA E 438 12.92 10.52 18.66
C ALA E 438 14.07 10.17 19.60
N MET E 439 15.29 10.04 19.07
CA MET E 439 16.43 9.78 19.92
C MET E 439 16.80 11.02 20.75
N LEU E 440 16.68 12.21 20.15
CA LEU E 440 16.79 13.45 20.90
C LEU E 440 15.73 13.54 22.00
N GLU E 441 14.54 13.02 21.73
CA GLU E 441 13.48 13.03 22.74
C GLU E 441 13.79 12.07 23.88
N VAL E 442 14.27 10.86 23.56
CA VAL E 442 14.47 9.87 24.60
C VAL E 442 15.78 10.04 25.37
N LEU E 443 16.74 10.80 24.83
CA LEU E 443 18.03 10.91 25.50
C LEU E 443 18.19 12.19 26.33
N ASP E 444 17.53 13.28 25.94
CA ASP E 444 17.69 14.53 26.67
C ASP E 444 16.94 14.45 28.00
N PRO E 445 17.59 14.74 29.12
CA PRO E 445 17.03 14.44 30.44
C PRO E 445 15.91 15.37 30.92
N GLU E 446 15.45 16.31 30.09
CA GLU E 446 14.31 17.14 30.48
C GLU E 446 13.15 17.00 29.51
N GLN E 447 13.35 16.32 28.38
CA GLN E 447 12.25 15.96 27.49
C GLN E 447 11.75 14.54 27.69
N ASN E 448 12.54 13.68 28.34
CA ASN E 448 12.16 12.29 28.56
C ASN E 448 11.31 12.08 29.81
N ASN E 449 11.20 13.08 30.67
CA ASN E 449 10.28 13.00 31.81
C ASN E 449 8.83 13.04 31.38
N THR E 450 8.52 13.73 30.29
CA THR E 450 7.19 13.72 29.69
C THR E 450 7.18 12.95 28.38
N PHE E 451 8.06 11.95 28.24
CA PHE E 451 8.08 11.14 27.03
C PHE E 451 6.83 10.26 26.96
N THR E 452 6.15 10.32 25.82
CA THR E 452 4.87 9.64 25.65
C THR E 452 5.02 8.54 24.61
N ASP E 453 3.92 7.83 24.42
CA ASP E 453 3.78 6.82 23.37
C ASP E 453 2.56 7.15 22.52
N HIS E 454 2.43 6.42 21.42
CA HIS E 454 1.17 6.44 20.70
C HIS E 454 0.24 5.33 21.15
N TYR E 455 0.79 4.28 21.76
CA TYR E 455 0.00 3.19 22.31
C TYR E 455 -0.41 3.41 23.77
N LEU E 456 0.44 4.06 24.56
CA LEU E 456 0.20 4.16 25.99
C LEU E 456 -0.53 5.47 26.30
N ASP E 457 -0.24 6.50 25.50
CA ASP E 457 -0.89 7.82 25.53
C ASP E 457 -0.80 8.50 26.89
N VAL E 458 0.31 8.34 27.59
CA VAL E 458 0.53 9.01 28.86
C VAL E 458 2.03 9.31 28.97
N PRO E 459 2.45 10.42 29.58
CA PRO E 459 3.88 10.62 29.84
C PRO E 459 4.49 9.60 30.78
N TYR E 460 5.65 9.06 30.42
CA TYR E 460 6.31 8.02 31.19
C TYR E 460 7.60 8.59 31.78
N ASP E 461 7.95 8.11 32.97
CA ASP E 461 9.10 8.64 33.70
C ASP E 461 10.38 7.95 33.24
N LEU E 462 11.26 8.71 32.59
CA LEU E 462 12.60 8.26 32.24
C LEU E 462 13.61 9.20 32.89
N SER E 463 13.95 8.91 34.14
CA SER E 463 14.79 9.84 34.88
C SER E 463 15.93 9.12 35.60
N LYS E 464 15.82 7.80 35.74
CA LYS E 464 16.83 7.06 36.46
C LYS E 464 17.44 5.91 35.67
N VAL E 465 16.98 5.67 34.45
CA VAL E 465 17.70 4.75 33.57
C VAL E 465 18.97 5.42 33.09
N PHE E 466 20.00 4.61 32.89
CA PHE E 466 21.34 5.09 32.55
C PHE E 466 21.67 4.63 31.14
N PHE E 467 21.41 5.50 30.15
CA PHE E 467 21.61 5.12 28.76
C PHE E 467 23.09 5.08 28.41
N ILE E 468 23.50 4.00 27.74
CA ILE E 468 24.83 3.87 27.18
C ILE E 468 24.69 3.65 25.69
N THR E 469 25.39 4.44 24.90
CA THR E 469 25.31 4.36 23.45
C THR E 469 26.60 3.80 22.86
N THR E 470 26.46 3.19 21.69
CA THR E 470 27.51 2.38 21.09
C THR E 470 27.48 2.56 19.59
N ALA E 471 28.64 2.87 19.00
CA ALA E 471 28.74 3.07 17.56
C ALA E 471 30.11 2.60 17.08
N ASN E 472 30.28 2.64 15.75
CA ASN E 472 31.56 2.33 15.11
C ASN E 472 32.15 3.46 14.30
N THR E 473 31.34 4.44 13.88
CA THR E 473 31.76 5.46 12.92
C THR E 473 31.18 6.80 13.37
N LEU E 474 31.91 7.88 13.08
CA LEU E 474 31.54 9.21 13.57
C LEU E 474 30.74 10.04 12.57
N GLN E 475 31.03 9.94 11.28
CA GLN E 475 30.47 10.89 10.32
C GLN E 475 29.05 10.55 9.88
N THR E 476 28.50 9.42 10.35
CA THR E 476 27.11 9.10 10.04
C THR E 476 26.22 9.21 11.27
N ILE E 477 26.71 9.77 12.38
CA ILE E 477 25.88 10.08 13.53
C ILE E 477 25.20 11.41 13.22
N PRO E 478 23.92 11.57 13.52
CA PRO E 478 23.26 12.86 13.24
C PRO E 478 23.83 14.00 14.06
N ARG E 479 23.78 15.20 13.48
CA ARG E 479 24.36 16.43 14.01
C ARG E 479 23.83 16.91 15.37
N PRO E 480 22.52 16.85 15.68
CA PRO E 480 22.13 17.22 17.06
C PRO E 480 22.53 16.19 18.10
N LEU E 481 22.59 14.91 17.74
CA LEU E 481 22.97 13.88 18.69
C LEU E 481 24.46 13.93 19.03
N LEU E 482 25.28 14.51 18.15
CA LEU E 482 26.70 14.66 18.45
C LEU E 482 26.94 15.66 19.57
N ASP E 483 26.06 16.65 19.73
CA ASP E 483 26.26 17.64 20.77
C ASP E 483 25.92 17.11 22.16
N ARG E 484 25.08 16.09 22.24
CA ARG E 484 24.69 15.51 23.52
C ARG E 484 25.58 14.35 23.95
N MET E 485 26.77 14.23 23.36
CA MET E 485 27.64 13.08 23.60
C MET E 485 29.09 13.52 23.79
N GLU E 486 29.79 12.81 24.67
CA GLU E 486 31.25 12.85 24.70
C GLU E 486 31.76 11.50 24.22
N VAL E 487 32.83 11.52 23.42
CA VAL E 487 33.24 10.38 22.61
C VAL E 487 34.35 9.64 23.34
N ILE E 488 34.26 8.32 23.39
CA ILE E 488 35.31 7.46 23.88
C ILE E 488 35.75 6.58 22.71
N GLU E 489 37.02 6.67 22.35
CA GLU E 489 37.54 5.84 21.27
C GLU E 489 38.27 4.63 21.83
N ILE E 490 38.01 3.48 21.21
CA ILE E 490 38.62 2.24 21.67
C ILE E 490 39.55 1.74 20.58
N PRO E 491 40.86 1.74 20.79
CA PRO E 491 41.80 1.65 19.66
C PRO E 491 42.21 0.25 19.23
N GLY E 492 41.26 -0.67 19.05
CA GLY E 492 41.62 -2.00 18.59
C GLY E 492 42.43 -2.78 19.61
N TYR E 493 43.22 -3.72 19.10
CA TYR E 493 44.07 -4.54 19.96
C TYR E 493 45.38 -4.87 19.26
N THR E 494 46.34 -5.34 20.05
CA THR E 494 47.62 -5.84 19.58
C THR E 494 47.60 -7.37 19.65
N ASN E 495 48.70 -8.02 19.29
CA ASN E 495 48.69 -9.47 19.24
C ASN E 495 48.88 -10.13 20.59
N MET E 496 49.72 -9.56 21.46
CA MET E 496 49.94 -10.21 22.75
C MET E 496 48.74 -10.02 23.67
N GLU E 497 47.99 -8.93 23.49
CA GLU E 497 46.81 -8.77 24.34
C GLU E 497 45.62 -9.53 23.77
N LYS E 498 45.57 -9.73 22.46
CA LYS E 498 44.60 -10.70 21.92
C LYS E 498 44.93 -12.11 22.37
N GLN E 499 46.21 -12.43 22.51
CA GLN E 499 46.62 -13.71 23.07
C GLN E 499 46.18 -13.84 24.52
N ALA E 500 46.30 -12.76 25.29
CA ALA E 500 45.88 -12.79 26.69
C ALA E 500 44.36 -12.91 26.83
N ILE E 501 43.61 -12.23 25.95
CA ILE E 501 42.14 -12.35 25.98
C ILE E 501 41.72 -13.75 25.59
N ALA E 502 42.37 -14.34 24.58
CA ALA E 502 42.04 -15.70 24.18
C ALA E 502 42.41 -16.71 25.26
N ARG E 503 43.46 -16.46 26.03
CA ARG E 503 43.79 -17.37 27.11
C ARG E 503 42.82 -17.24 28.27
N GLN E 504 42.44 -16.02 28.64
CA GLN E 504 41.66 -15.84 29.86
C GLN E 504 40.18 -16.07 29.64
N TYR E 505 39.63 -15.60 28.52
CA TYR E 505 38.18 -15.51 28.43
C TYR E 505 37.55 -16.39 27.36
N LEU E 506 38.09 -16.41 26.14
CA LEU E 506 37.36 -17.02 25.02
C LEU E 506 37.49 -18.53 24.98
N TRP E 507 38.71 -19.03 25.12
CA TRP E 507 38.93 -20.48 25.06
C TRP E 507 38.27 -21.29 26.18
N PRO E 508 38.23 -20.85 27.46
CA PRO E 508 37.42 -21.61 28.42
C PRO E 508 35.93 -21.63 28.11
N LYS E 509 35.38 -20.55 27.56
CA LYS E 509 33.98 -20.56 27.14
C LYS E 509 33.75 -21.57 26.03
N GLN E 510 34.57 -21.51 24.97
CA GLN E 510 34.38 -22.43 23.86
C GLN E 510 34.67 -23.88 24.23
N VAL E 511 35.46 -24.12 25.27
CA VAL E 511 35.62 -25.46 25.80
C VAL E 511 34.36 -25.91 26.53
N ARG E 512 33.74 -25.00 27.30
CA ARG E 512 32.56 -25.40 28.08
C ARG E 512 31.35 -25.71 27.21
N GLU E 513 31.03 -24.87 26.23
CA GLU E 513 29.86 -25.14 25.41
C GLU E 513 30.09 -26.18 24.31
N SER E 514 31.13 -27.00 24.39
CA SER E 514 31.28 -28.11 23.48
C SER E 514 31.27 -29.46 24.17
N GLY E 515 31.10 -29.51 25.48
CA GLY E 515 31.11 -30.79 26.17
C GLY E 515 32.47 -31.35 26.48
N MET E 516 33.53 -30.65 26.08
CA MET E 516 34.86 -31.04 26.47
C MET E 516 35.18 -30.40 27.80
N GLU E 517 35.72 -31.18 28.73
CA GLU E 517 35.88 -30.72 30.10
C GLU E 517 37.34 -30.61 30.52
N GLY E 518 38.26 -30.55 29.57
CA GLY E 518 39.65 -30.67 29.92
C GLY E 518 40.26 -31.87 29.25
N ARG E 519 39.76 -32.20 28.07
CA ARG E 519 40.32 -33.24 27.23
C ARG E 519 41.05 -32.68 26.02
N ILE E 520 40.93 -31.38 25.76
CA ILE E 520 41.70 -30.69 24.74
C ILE E 520 42.24 -29.39 25.33
N GLU E 521 43.39 -28.96 24.82
CA GLU E 521 44.06 -27.76 25.33
C GLU E 521 44.99 -27.23 24.27
N VAL E 522 44.93 -25.93 24.02
CA VAL E 522 45.81 -25.29 23.06
C VAL E 522 46.98 -24.66 23.80
N THR E 523 48.08 -24.50 23.09
CA THR E 523 49.24 -23.80 23.66
C THR E 523 49.21 -22.33 23.27
N ASP E 524 50.29 -21.65 23.57
CA ASP E 524 50.37 -20.21 23.28
C ASP E 524 50.80 -19.96 21.84
N ALA E 525 51.73 -20.79 21.34
CA ALA E 525 52.16 -20.68 19.96
C ALA E 525 51.04 -21.01 18.99
N ALA E 526 50.12 -21.90 19.39
CA ALA E 526 48.96 -22.19 18.55
C ALA E 526 48.03 -21.01 18.45
N ILE E 527 47.86 -20.27 19.55
CA ILE E 527 47.01 -19.08 19.53
C ILE E 527 47.64 -17.99 18.69
N LEU E 528 48.97 -17.86 18.77
CA LEU E 528 49.69 -16.93 17.88
C LEU E 528 49.54 -17.31 16.42
N ARG E 529 49.62 -18.61 16.13
CA ARG E 529 49.42 -19.12 14.77
C ARG E 529 48.03 -18.78 14.24
N VAL E 530 47.00 -18.98 15.06
CA VAL E 530 45.63 -18.70 14.66
C VAL E 530 45.43 -17.22 14.41
N ILE E 531 45.94 -16.37 15.31
CA ILE E 531 45.77 -14.93 15.19
C ILE E 531 46.50 -14.40 13.95
N SER E 532 47.73 -14.86 13.74
CA SER E 532 48.52 -14.30 12.66
C SER E 532 48.12 -14.84 11.28
N GLU E 533 47.63 -16.08 11.18
CA GLU E 533 47.42 -16.66 9.87
C GLU E 533 45.97 -16.95 9.51
N TYR E 534 45.02 -16.82 10.43
CA TYR E 534 43.66 -17.19 10.10
C TYR E 534 42.66 -16.06 10.29
N THR E 535 43.06 -14.94 10.89
CA THR E 535 42.22 -13.77 11.02
C THR E 535 43.04 -12.54 10.73
N ARG E 536 42.43 -11.56 10.07
CA ARG E 536 42.89 -10.18 10.16
C ARG E 536 41.68 -9.29 10.39
N GLU E 537 41.75 -8.52 11.48
CA GLU E 537 40.71 -7.65 12.00
C GLU E 537 41.31 -6.93 13.19
N ALA E 538 40.57 -5.95 13.70
CA ALA E 538 40.94 -5.31 14.95
C ALA E 538 40.12 -5.85 16.12
N GLY E 539 38.99 -6.47 15.84
CA GLY E 539 38.16 -7.07 16.87
C GLY E 539 38.65 -8.44 17.30
N VAL E 540 37.72 -9.23 17.83
CA VAL E 540 38.10 -10.54 18.35
C VAL E 540 37.08 -11.61 17.93
N ARG E 541 36.12 -11.24 17.08
CA ARG E 541 35.05 -12.15 16.69
C ARG E 541 35.56 -13.33 15.88
N GLY E 542 36.47 -13.09 14.95
CA GLY E 542 37.03 -14.16 14.15
C GLY E 542 37.83 -15.14 14.98
N LEU E 543 38.49 -14.65 16.03
CA LEU E 543 39.29 -15.51 16.89
C LEU E 543 38.42 -16.50 17.65
N GLU E 544 37.31 -16.03 18.21
CA GLU E 544 36.43 -16.96 18.92
C GLU E 544 35.65 -17.85 17.96
N ARG E 545 35.45 -17.39 16.72
CA ARG E 545 34.89 -18.28 15.70
C ARG E 545 35.82 -19.46 15.40
N GLU E 546 37.11 -19.18 15.24
CA GLU E 546 38.06 -20.26 14.98
C GLU E 546 38.24 -21.17 16.18
N LEU E 547 38.14 -20.62 17.40
CA LEU E 547 38.22 -21.47 18.57
C LEU E 547 36.99 -22.36 18.72
N GLY E 548 35.82 -21.87 18.30
CA GLY E 548 34.65 -22.74 18.24
C GLY E 548 34.79 -23.86 17.23
N LYS E 549 35.42 -23.56 16.07
CA LYS E 549 35.79 -24.60 15.10
C LYS E 549 36.65 -25.68 15.73
N ILE E 550 37.68 -25.27 16.47
CA ILE E 550 38.61 -26.21 17.10
C ILE E 550 37.88 -27.08 18.13
N ALA E 551 36.98 -26.47 18.90
CA ALA E 551 36.26 -27.24 19.93
C ALA E 551 35.30 -28.25 19.32
N ARG E 552 34.60 -27.87 18.24
CA ARG E 552 33.67 -28.80 17.60
C ARG E 552 34.40 -29.98 16.97
N LYS E 553 35.54 -29.71 16.31
CA LYS E 553 36.28 -30.83 15.74
C LYS E 553 36.89 -31.70 16.82
N GLY E 554 37.24 -31.12 17.97
CA GLY E 554 37.69 -31.93 19.08
C GLY E 554 36.60 -32.86 19.61
N ALA E 555 35.36 -32.38 19.65
CA ALA E 555 34.25 -33.24 20.07
C ALA E 555 34.00 -34.37 19.08
N LYS E 556 34.12 -34.07 17.79
CA LYS E 556 33.90 -35.12 16.78
C LYS E 556 35.02 -36.16 16.80
N PHE E 557 36.27 -35.73 17.00
CA PHE E 557 37.33 -36.73 17.16
C PHE E 557 37.23 -37.47 18.48
N TRP E 558 36.60 -36.89 19.50
CA TRP E 558 36.37 -37.66 20.72
C TRP E 558 35.35 -38.76 20.51
N LEU E 559 34.25 -38.48 19.81
CA LEU E 559 33.31 -39.56 19.59
C LEU E 559 33.74 -40.54 18.52
N GLU E 560 34.67 -40.17 17.64
CA GLU E 560 35.17 -41.18 16.70
C GLU E 560 36.21 -42.08 17.38
N GLY E 561 37.32 -41.51 17.83
CA GLY E 561 38.37 -42.28 18.45
C GLY E 561 38.30 -42.24 19.96
N ALA E 562 39.46 -42.31 20.63
CA ALA E 562 39.55 -42.18 22.08
C ALA E 562 40.96 -41.80 22.50
N TRP E 563 41.07 -41.06 23.60
CA TRP E 563 42.36 -40.78 24.21
C TRP E 563 42.17 -40.65 25.71
N GLU E 564 43.28 -40.77 26.43
CA GLU E 564 43.23 -40.62 27.88
C GLU E 564 43.91 -39.31 28.27
N GLY E 565 43.44 -38.71 29.35
CA GLY E 565 44.06 -37.51 29.87
C GLY E 565 43.73 -36.25 29.11
N LEU E 566 44.76 -35.60 28.57
CA LEU E 566 44.61 -34.30 27.92
C LEU E 566 45.37 -34.31 26.60
N ARG E 567 44.65 -34.05 25.51
CA ARG E 567 45.25 -33.85 24.21
C ARG E 567 45.68 -32.40 24.08
N THR E 568 46.91 -32.18 23.63
CA THR E 568 47.48 -30.84 23.55
C THR E 568 47.69 -30.45 22.10
N ILE E 569 47.10 -29.33 21.70
CA ILE E 569 47.15 -28.85 20.33
C ILE E 569 48.26 -27.82 20.24
N ASP E 570 49.34 -28.16 19.54
CA ASP E 570 50.42 -27.22 19.34
C ASP E 570 50.22 -26.51 18.00
N ALA E 571 51.14 -25.62 17.64
CA ALA E 571 51.03 -24.83 16.43
C ALA E 571 51.17 -25.64 15.15
N SER E 572 51.74 -26.83 15.22
CA SER E 572 51.85 -27.71 14.06
C SER E 572 50.55 -28.43 13.75
N ASP E 573 49.62 -28.48 14.70
CA ASP E 573 48.37 -29.20 14.54
C ASP E 573 47.22 -28.28 14.15
N ILE E 574 47.48 -26.99 13.98
CA ILE E 574 46.42 -26.05 13.63
C ILE E 574 45.81 -26.28 12.25
N PRO E 575 46.58 -26.54 11.17
CA PRO E 575 45.90 -26.84 9.89
C PRO E 575 45.16 -28.16 9.85
N THR E 576 45.36 -29.05 10.81
CA THR E 576 44.50 -30.23 10.93
C THR E 576 43.08 -29.83 11.27
N TYR E 577 42.92 -28.82 12.13
CA TYR E 577 41.61 -28.38 12.58
C TYR E 577 41.03 -27.26 11.74
N LEU E 578 41.86 -26.43 11.11
CA LEU E 578 41.35 -25.27 10.41
C LEU E 578 41.60 -25.26 8.91
N GLY E 579 42.50 -26.10 8.42
CA GLY E 579 42.73 -26.16 6.98
C GLY E 579 43.87 -25.28 6.50
N ILE E 580 43.76 -24.83 5.26
CA ILE E 580 44.80 -24.02 4.61
C ILE E 580 44.80 -22.64 5.25
N PRO E 581 45.97 -22.09 5.60
CA PRO E 581 46.02 -20.73 6.16
C PRO E 581 45.56 -19.68 5.18
N ARG E 582 44.91 -18.63 5.68
CA ARG E 582 44.26 -17.68 4.80
C ARG E 582 45.04 -16.39 4.56
N TYR E 583 45.93 -15.98 5.46
CA TYR E 583 46.53 -14.68 5.36
C TYR E 583 48.04 -14.82 5.53
N ARG E 584 48.75 -13.77 5.13
CA ARG E 584 50.19 -13.76 5.24
C ARG E 584 50.62 -12.72 6.26
N PRO E 585 51.48 -13.08 7.21
CA PRO E 585 52.04 -12.07 8.10
C PRO E 585 53.08 -11.24 7.36
N ASP E 586 53.05 -9.94 7.60
CA ASP E 586 54.04 -9.03 7.04
C ASP E 586 55.38 -9.28 7.70
N LYS E 587 56.44 -9.30 6.90
CA LYS E 587 57.78 -9.50 7.45
C LYS E 587 58.71 -8.47 6.83
N ALA E 588 59.83 -8.25 7.50
CA ALA E 588 60.75 -7.19 7.14
C ALA E 588 62.03 -7.80 6.55
N GLU E 589 62.61 -7.09 5.61
CA GLU E 589 63.90 -7.50 5.07
C GLU E 589 65.01 -7.21 6.07
N THR E 590 66.20 -7.73 5.77
CA THR E 590 67.34 -7.58 6.65
C THR E 590 68.61 -7.21 5.91
N GLU E 591 68.52 -6.94 4.61
CA GLU E 591 69.68 -6.65 3.80
C GLU E 591 69.49 -5.26 3.20
N PRO E 592 70.53 -4.43 3.15
CA PRO E 592 70.41 -3.15 2.45
C PRO E 592 70.25 -3.36 0.95
N GLN E 593 69.24 -2.71 0.38
CA GLN E 593 68.91 -2.88 -1.03
C GLN E 593 68.95 -1.53 -1.70
N VAL E 594 69.68 -1.45 -2.80
CA VAL E 594 69.76 -0.20 -3.55
C VAL E 594 68.49 -0.01 -4.36
N GLY E 595 67.81 1.10 -4.10
CA GLY E 595 66.64 1.46 -4.87
C GLY E 595 65.31 1.25 -4.20
N THR E 596 65.28 0.94 -2.90
CA THR E 596 64.00 0.74 -2.23
C THR E 596 64.11 1.20 -0.79
N ALA E 597 62.94 1.38 -0.16
CA ALA E 597 62.89 1.86 1.21
C ALA E 597 61.59 1.39 1.84
N GLN E 598 61.62 1.21 3.16
CA GLN E 598 60.51 0.63 3.90
C GLN E 598 59.64 1.74 4.46
N GLY E 599 58.34 1.66 4.18
CA GLY E 599 57.38 2.65 4.64
C GLY E 599 56.22 1.99 5.37
N LEU E 600 55.30 2.83 5.81
CA LEU E 600 54.17 2.41 6.63
C LEU E 600 52.87 2.90 6.00
N ALA E 601 51.79 2.18 6.28
CA ALA E 601 50.49 2.56 5.77
C ALA E 601 49.42 2.32 6.82
N TRP E 602 48.26 2.92 6.59
CA TRP E 602 47.14 2.84 7.51
C TRP E 602 45.93 2.32 6.77
N THR E 603 45.37 1.23 7.27
CA THR E 603 44.13 0.64 6.80
C THR E 603 43.15 0.68 7.95
N PRO E 604 41.84 0.58 7.69
CA PRO E 604 40.89 0.51 8.81
C PRO E 604 40.99 -0.75 9.67
N VAL E 605 41.62 -1.83 9.18
CA VAL E 605 41.80 -3.00 10.01
C VAL E 605 43.15 -3.02 10.70
N GLY E 606 43.92 -1.95 10.62
CA GLY E 606 45.21 -1.87 11.27
C GLY E 606 46.23 -1.29 10.32
N GLY E 607 47.49 -1.32 10.73
CA GLY E 607 48.54 -0.84 9.86
C GLY E 607 49.09 -1.95 8.99
N THR E 608 49.73 -1.56 7.90
CA THR E 608 50.39 -2.50 7.02
C THR E 608 51.81 -1.99 6.78
N LEU E 609 52.51 -2.61 5.84
CA LEU E 609 53.83 -2.18 5.43
C LEU E 609 53.83 -1.87 3.94
N LEU E 610 54.21 -0.66 3.57
CA LEU E 610 54.48 -0.35 2.18
C LEU E 610 55.96 -0.56 1.89
N THR E 611 56.24 -0.96 0.66
CA THR E 611 57.60 -0.98 0.15
C THR E 611 57.59 -0.21 -1.17
N ILE E 612 58.42 0.80 -1.28
CA ILE E 612 58.50 1.63 -2.47
C ILE E 612 59.69 1.15 -3.28
N GLU E 613 59.47 0.83 -4.56
CA GLU E 613 60.52 0.39 -5.45
C GLU E 613 60.73 1.42 -6.55
N VAL E 614 61.98 1.78 -6.79
CA VAL E 614 62.34 2.76 -7.80
C VAL E 614 63.45 2.17 -8.65
N ALA E 615 63.31 2.26 -9.97
CA ALA E 615 64.37 1.91 -10.90
C ALA E 615 64.76 3.13 -11.72
N ALA E 616 66.05 3.25 -12.01
CA ALA E 616 66.57 4.36 -12.80
C ALA E 616 67.31 3.77 -14.00
N VAL E 617 66.72 3.88 -15.18
CA VAL E 617 67.24 3.27 -16.39
C VAL E 617 67.64 4.37 -17.37
N PRO E 618 68.51 4.12 -18.34
CA PRO E 618 68.81 5.14 -19.36
C PRO E 618 67.60 5.47 -20.21
N GLY E 619 67.35 6.75 -20.41
CA GLY E 619 66.21 7.19 -21.18
C GLY E 619 66.28 8.65 -21.57
N SER E 620 65.14 9.34 -21.55
CA SER E 620 65.15 10.76 -21.95
C SER E 620 64.51 11.66 -20.91
N GLY E 621 64.12 11.15 -19.75
CA GLY E 621 63.53 11.94 -18.70
C GLY E 621 62.03 11.76 -18.70
N LYS E 622 61.55 10.84 -17.88
CA LYS E 622 60.14 10.52 -17.77
C LYS E 622 59.89 10.09 -16.34
N LEU E 623 58.63 9.93 -15.99
CA LEU E 623 58.28 9.52 -14.64
C LEU E 623 57.02 8.68 -14.74
N SER E 624 57.18 7.37 -14.63
CA SER E 624 56.06 6.44 -14.62
C SER E 624 55.76 6.07 -13.17
N LEU E 625 54.48 5.96 -12.85
CA LEU E 625 54.03 5.77 -11.47
C LEU E 625 52.98 4.67 -11.46
N THR E 626 53.40 3.43 -11.19
CA THR E 626 52.50 2.29 -11.23
C THR E 626 52.27 1.72 -9.85
N GLY E 627 51.16 1.00 -9.70
CA GLY E 627 50.82 0.38 -8.44
C GLY E 627 49.46 0.78 -7.92
N GLN E 628 48.60 1.26 -8.83
CA GLN E 628 47.26 1.78 -8.52
C GLN E 628 47.32 2.95 -7.53
N LEU E 629 48.17 3.92 -7.83
CA LEU E 629 48.39 5.03 -6.92
C LEU E 629 47.30 6.09 -7.09
N GLY E 630 46.95 6.74 -5.99
CA GLY E 630 46.07 7.88 -6.05
C GLY E 630 46.77 9.12 -6.52
N GLU E 631 46.01 10.21 -6.62
CA GLU E 631 46.55 11.44 -7.21
C GLU E 631 47.47 12.17 -6.24
N VAL E 632 47.13 12.17 -4.95
CA VAL E 632 47.93 12.87 -3.95
C VAL E 632 49.28 12.20 -3.78
N MET E 633 49.34 10.89 -3.94
CA MET E 633 50.60 10.18 -3.81
C MET E 633 51.50 10.42 -5.02
N LYS E 634 50.89 10.57 -6.21
CA LYS E 634 51.65 10.99 -7.39
C LYS E 634 52.22 12.38 -7.22
N GLU E 635 51.43 13.31 -6.66
CA GLU E 635 51.95 14.65 -6.42
C GLU E 635 53.04 14.67 -5.37
N SER E 636 52.96 13.77 -4.39
CA SER E 636 54.03 13.64 -3.40
C SER E 636 55.32 13.15 -4.04
N ALA E 637 55.22 12.20 -4.98
CA ALA E 637 56.39 11.74 -5.72
C ALA E 637 57.01 12.85 -6.57
N GLN E 638 56.16 13.66 -7.20
CA GLN E 638 56.68 14.76 -8.03
C GLN E 638 57.34 15.83 -7.17
N ALA E 639 56.80 16.07 -5.97
CA ALA E 639 57.41 17.04 -5.06
C ALA E 639 58.77 16.55 -4.57
N ALA E 640 58.89 15.26 -4.26
CA ALA E 640 60.18 14.72 -3.83
C ALA E 640 61.21 14.78 -4.95
N LEU E 641 60.79 14.49 -6.18
CA LEU E 641 61.71 14.54 -7.31
C LEU E 641 62.16 15.97 -7.61
N THR E 642 61.24 16.93 -7.50
CA THR E 642 61.61 18.33 -7.74
C THR E 642 62.54 18.84 -6.65
N TYR E 643 62.36 18.37 -5.40
CA TYR E 643 63.34 18.68 -4.37
C TYR E 643 64.72 18.13 -4.70
N LEU E 644 64.77 16.90 -5.22
CA LEU E 644 66.08 16.34 -5.53
C LEU E 644 66.72 16.95 -6.77
N ARG E 645 65.94 17.51 -7.69
CA ARG E 645 66.54 18.16 -8.85
C ARG E 645 67.23 19.48 -8.52
N ALA E 646 66.92 20.08 -7.38
CA ALA E 646 67.49 21.35 -6.99
C ALA E 646 68.71 21.21 -6.10
N HIS E 647 69.05 20.01 -5.66
CA HIS E 647 70.13 19.80 -4.72
C HIS E 647 71.02 18.65 -5.19
N THR E 648 71.43 18.72 -6.46
CA THR E 648 72.23 17.67 -7.07
C THR E 648 73.59 17.53 -6.39
N GLN E 649 74.29 18.64 -6.18
CA GLN E 649 75.64 18.58 -5.63
C GLN E 649 75.65 18.24 -4.16
N ASP E 650 74.52 18.35 -3.46
CA ASP E 650 74.49 18.02 -2.05
C ASP E 650 74.53 16.52 -1.81
N TYR E 651 74.11 15.71 -2.78
CA TYR E 651 73.98 14.28 -2.53
C TYR E 651 74.76 13.42 -3.50
N GLY E 652 75.57 14.01 -4.38
CA GLY E 652 76.35 13.20 -5.31
C GLY E 652 75.53 12.59 -6.41
N LEU E 653 74.41 13.22 -6.75
CA LEU E 653 73.58 12.78 -7.85
C LEU E 653 74.27 13.10 -9.17
N PRO E 654 73.89 12.43 -10.26
CA PRO E 654 74.38 12.85 -11.59
C PRO E 654 73.91 14.24 -11.94
N GLU E 655 74.69 14.97 -12.74
CA GLU E 655 74.44 16.40 -12.92
C GLU E 655 73.20 16.65 -13.75
N ASP E 656 72.95 15.83 -14.76
CA ASP E 656 71.76 15.99 -15.58
C ASP E 656 71.03 14.66 -15.70
N PHE E 657 70.18 14.37 -14.72
CA PHE E 657 69.33 13.19 -14.82
C PHE E 657 67.93 13.58 -15.28
N TYR E 658 67.67 14.88 -15.42
CA TYR E 658 66.35 15.35 -15.81
C TYR E 658 66.07 15.10 -17.28
N ASN E 659 67.10 14.82 -18.08
CA ASN E 659 66.82 14.44 -19.48
C ASN E 659 67.62 13.24 -19.95
N LYS E 660 68.26 12.48 -19.06
CA LYS E 660 69.05 11.34 -19.48
C LYS E 660 68.55 10.04 -18.87
N VAL E 661 67.73 10.14 -17.83
CA VAL E 661 67.35 9.00 -17.00
C VAL E 661 65.84 8.96 -16.90
N ASP E 662 65.25 7.79 -17.20
CA ASP E 662 63.84 7.55 -16.92
C ASP E 662 63.69 6.92 -15.54
N LEU E 663 62.67 7.35 -14.80
CA LEU E 663 62.40 6.84 -13.48
C LEU E 663 61.07 6.13 -13.46
N HIS E 664 61.05 4.96 -12.82
CA HIS E 664 59.83 4.18 -12.65
C HIS E 664 59.65 3.93 -11.17
N VAL E 665 58.51 4.32 -10.62
CA VAL E 665 58.20 4.14 -9.21
C VAL E 665 57.05 3.16 -9.12
N HIS E 666 57.27 2.05 -8.43
CA HIS E 666 56.28 0.98 -8.34
C HIS E 666 56.04 0.62 -6.89
N VAL E 667 54.76 0.49 -6.52
CA VAL E 667 54.40 0.17 -5.14
C VAL E 667 53.70 -1.18 -5.14
N PRO E 668 54.39 -2.27 -4.86
CA PRO E 668 53.73 -3.58 -4.78
C PRO E 668 52.83 -3.67 -3.56
N ASP E 669 51.71 -4.39 -3.70
CA ASP E 669 51.33 -5.15 -4.89
C ASP E 669 50.48 -4.34 -5.86
N GLY E 670 50.22 -4.93 -7.03
CA GLY E 670 49.61 -4.17 -8.11
C GLY E 670 48.10 -4.10 -8.07
N ALA E 671 47.46 -4.94 -7.25
CA ALA E 671 46.01 -5.02 -7.25
C ALA E 671 45.36 -4.16 -6.18
N THR E 672 46.11 -3.75 -5.15
CA THR E 672 45.54 -2.97 -4.06
C THR E 672 45.64 -1.48 -4.38
N PRO E 673 44.55 -0.69 -4.26
CA PRO E 673 44.65 0.77 -4.41
C PRO E 673 45.36 1.47 -3.23
N LYS E 674 46.09 2.57 -3.49
CA LYS E 674 46.89 3.27 -2.45
C LYS E 674 46.75 4.79 -2.56
N ASP E 675 46.82 5.55 -1.46
CA ASP E 675 46.71 7.04 -1.44
C ASP E 675 47.25 7.58 -0.12
N GLY E 676 47.22 8.95 -0.35
CA GLY E 676 47.46 9.98 0.69
C GLY E 676 48.86 10.53 0.66
N PRO E 677 49.19 11.57 1.45
CA PRO E 677 50.50 12.18 1.35
C PRO E 677 51.56 11.64 2.30
N SER E 678 51.26 10.62 3.07
CA SER E 678 52.18 10.16 4.13
C SER E 678 53.45 9.49 3.65
N ALA E 679 53.66 9.34 2.36
CA ALA E 679 54.81 8.54 1.92
C ALA E 679 55.91 9.36 1.30
N GLY E 680 55.90 10.66 1.47
CA GLY E 680 56.89 11.51 0.79
C GLY E 680 58.30 11.21 1.18
N ILE E 681 58.58 10.91 2.42
CA ILE E 681 59.99 10.71 2.85
C ILE E 681 60.50 9.39 2.29
N THR E 682 59.65 8.39 2.13
CA THR E 682 60.01 7.08 1.58
C THR E 682 60.27 7.20 0.09
N MET E 683 59.46 8.01 -0.61
CA MET E 683 59.69 8.32 -2.01
C MET E 683 61.06 8.94 -2.23
N ALA E 684 61.41 9.94 -1.42
CA ALA E 684 62.66 10.65 -1.64
C ALA E 684 63.86 9.77 -1.30
N THR E 685 63.74 8.92 -0.29
CA THR E 685 64.82 8.00 0.04
C THR E 685 65.03 6.98 -1.06
N ALA E 686 63.95 6.43 -1.61
CA ALA E 686 64.06 5.47 -2.69
C ALA E 686 64.64 6.09 -3.95
N ILE E 687 64.20 7.30 -4.30
CA ILE E 687 64.69 7.96 -5.51
C ILE E 687 66.16 8.37 -5.35
N ALA E 688 66.54 8.85 -4.16
CA ALA E 688 67.92 9.25 -3.95
C ALA E 688 68.86 8.05 -3.94
N SER E 689 68.41 6.91 -3.40
CA SER E 689 69.24 5.72 -3.43
C SER E 689 69.34 5.16 -4.83
N ALA E 690 68.26 5.25 -5.62
CA ALA E 690 68.30 4.73 -6.98
C ALA E 690 69.19 5.59 -7.88
N LEU E 691 69.15 6.91 -7.71
CA LEU E 691 69.98 7.77 -8.56
C LEU E 691 71.43 7.74 -8.14
N SER E 692 71.71 7.77 -6.85
CA SER E 692 73.10 7.84 -6.39
C SER E 692 73.79 6.49 -6.36
N ARG E 693 73.05 5.40 -6.56
CA ARG E 693 73.57 4.03 -6.59
C ARG E 693 74.27 3.65 -5.28
N ARG E 694 73.68 4.07 -4.16
CA ARG E 694 74.13 3.62 -2.86
C ARG E 694 72.94 3.00 -2.16
N PRO E 695 73.16 1.94 -1.38
CA PRO E 695 72.03 1.20 -0.81
C PRO E 695 71.33 1.97 0.30
N ALA E 696 70.16 1.47 0.66
CA ALA E 696 69.36 2.04 1.75
C ALA E 696 69.07 0.96 2.77
N ARG E 697 69.05 1.36 4.04
CA ARG E 697 68.79 0.41 5.11
C ARG E 697 67.32 0.04 5.16
N MET E 698 67.03 -1.26 5.25
CA MET E 698 65.66 -1.75 5.20
C MET E 698 65.10 -2.08 6.58
N ASP E 699 65.92 -1.96 7.63
CA ASP E 699 65.46 -2.21 8.99
C ASP E 699 64.83 -0.98 9.64
N ILE E 700 64.60 0.10 8.88
CA ILE E 700 64.11 1.35 9.44
C ILE E 700 62.84 1.76 8.72
N ALA E 701 61.70 1.72 9.40
CA ALA E 701 60.49 2.26 8.82
C ALA E 701 60.48 3.78 8.94
N MET E 702 59.64 4.43 8.15
CA MET E 702 59.61 5.88 8.12
C MET E 702 58.27 6.33 7.56
N THR E 703 57.89 7.57 7.89
CA THR E 703 56.65 8.14 7.43
C THR E 703 56.72 9.65 7.57
N GLY E 704 55.89 10.35 6.81
CA GLY E 704 55.81 11.79 6.88
C GLY E 704 55.69 12.41 5.50
N GLU E 705 55.11 13.62 5.47
CA GLU E 705 54.86 14.35 4.25
C GLU E 705 56.01 15.30 3.97
N VAL E 706 56.42 15.39 2.71
CA VAL E 706 57.53 16.24 2.30
C VAL E 706 56.96 17.47 1.59
N SER E 707 57.68 18.58 1.71
CA SER E 707 57.35 19.80 0.98
C SER E 707 58.45 20.07 -0.03
N LEU E 708 58.30 21.17 -0.76
CA LEU E 708 59.20 21.47 -1.87
C LEU E 708 60.51 22.10 -1.41
N ARG E 709 60.55 22.67 -0.21
CA ARG E 709 61.78 23.17 0.37
C ARG E 709 62.55 22.12 1.16
N GLY E 710 61.99 20.93 1.32
CA GLY E 710 62.62 19.91 2.13
C GLY E 710 62.17 19.88 3.57
N LYS E 711 60.96 20.33 3.86
CA LYS E 711 60.44 20.30 5.21
C LYS E 711 59.53 19.10 5.40
N VAL E 712 59.59 18.50 6.58
CA VAL E 712 58.81 17.31 6.90
C VAL E 712 57.59 17.74 7.68
N MET E 713 56.48 17.47 7.18
CA MET E 713 55.21 17.90 7.73
C MET E 713 54.51 16.73 8.42
N PRO E 714 53.69 16.98 9.46
CA PRO E 714 53.12 15.86 10.22
C PRO E 714 52.01 15.10 9.51
N ILE E 715 51.79 13.87 9.96
CA ILE E 715 50.84 12.94 9.35
C ILE E 715 49.88 12.41 10.40
N GLY E 716 48.96 11.55 9.96
CA GLY E 716 47.93 11.01 10.80
C GLY E 716 47.94 9.48 10.82
N GLY E 717 47.17 8.93 11.75
CA GLY E 717 47.10 7.49 11.92
C GLY E 717 48.36 6.86 12.42
N VAL E 718 49.04 7.50 13.38
CA VAL E 718 50.41 7.13 13.72
C VAL E 718 50.50 5.85 14.58
N LYS E 719 49.55 5.61 15.48
CA LYS E 719 49.75 4.52 16.42
C LYS E 719 49.46 3.15 15.79
N GLU E 720 48.56 3.11 14.81
CA GLU E 720 48.36 1.88 14.04
C GLU E 720 49.61 1.52 13.24
N LYS E 721 50.25 2.54 12.67
CA LYS E 721 51.48 2.32 11.92
C LYS E 721 52.61 1.87 12.84
N LEU E 722 52.66 2.40 14.05
CA LEU E 722 53.72 1.97 14.96
C LEU E 722 53.47 0.57 15.51
N LEU E 723 52.20 0.20 15.70
CA LEU E 723 51.89 -1.18 16.07
C LEU E 723 52.28 -2.14 14.97
N ALA E 724 51.96 -1.80 13.71
CA ALA E 724 52.33 -2.68 12.60
C ALA E 724 53.83 -2.74 12.40
N ALA E 725 54.55 -1.67 12.69
CA ALA E 725 56.00 -1.71 12.59
C ALA E 725 56.60 -2.55 13.71
N HIS E 726 55.96 -2.56 14.88
CA HIS E 726 56.50 -3.34 15.98
C HIS E 726 56.23 -4.83 15.82
N GLN E 727 55.04 -5.18 15.33
CA GLN E 727 54.65 -6.59 15.21
C GLN E 727 55.36 -7.32 14.09
N ALA E 728 56.12 -6.63 13.25
CA ALA E 728 56.83 -7.28 12.16
C ALA E 728 58.33 -7.34 12.38
N GLY E 729 58.81 -6.86 13.52
CA GLY E 729 60.22 -6.99 13.84
C GLY E 729 61.08 -5.82 13.41
N ILE E 730 60.51 -4.63 13.32
CA ILE E 730 61.26 -3.42 12.98
C ILE E 730 61.44 -2.60 14.26
N HIS E 731 62.68 -2.22 14.54
CA HIS E 731 62.97 -1.52 15.79
C HIS E 731 63.55 -0.13 15.61
N LYS E 732 63.35 0.51 14.46
CA LYS E 732 63.77 1.88 14.23
C LYS E 732 62.61 2.60 13.56
N ILE E 733 62.32 3.82 14.00
CA ILE E 733 61.27 4.64 13.40
C ILE E 733 61.85 6.01 13.11
N VAL E 734 61.55 6.54 11.92
CA VAL E 734 61.79 7.93 11.59
C VAL E 734 60.43 8.61 11.47
N LEU E 735 60.25 9.71 12.20
CA LEU E 735 58.94 10.30 12.39
C LEU E 735 59.09 11.81 12.38
N PRO E 736 58.05 12.55 11.95
CA PRO E 736 58.10 14.01 12.02
C PRO E 736 58.12 14.50 13.46
N LYS E 737 58.75 15.67 13.65
CA LYS E 737 58.90 16.22 14.98
C LYS E 737 57.58 16.73 15.53
N ASP E 738 56.63 17.06 14.67
CA ASP E 738 55.33 17.52 15.11
C ASP E 738 54.39 16.39 15.50
N ASN E 739 54.85 15.15 15.51
CA ASN E 739 54.05 14.02 15.95
C ASN E 739 54.49 13.45 17.28
N GLU E 740 55.40 14.12 18.00
CA GLU E 740 55.84 13.60 19.30
C GLU E 740 54.76 13.76 20.35
N ALA E 741 53.76 14.60 20.09
CA ALA E 741 52.57 14.70 20.90
C ALA E 741 51.58 13.57 20.64
N GLN E 742 51.93 12.62 19.79
CA GLN E 742 51.05 11.54 19.40
C GLN E 742 51.48 10.21 19.97
N LEU E 743 52.65 10.15 20.61
CA LEU E 743 53.21 8.92 21.13
C LEU E 743 52.60 8.50 22.45
N GLU E 744 51.75 9.33 23.03
CA GLU E 744 51.12 9.01 24.30
C GLU E 744 50.03 7.95 24.15
N GLU E 745 49.48 7.79 22.96
CA GLU E 745 48.39 6.85 22.75
C GLU E 745 48.88 5.41 22.60
N LEU E 746 50.18 5.19 22.52
CA LEU E 746 50.70 3.85 22.41
C LEU E 746 50.63 3.12 23.74
N PRO E 747 50.55 1.79 23.72
CA PRO E 747 50.79 1.02 24.94
C PRO E 747 52.24 1.16 25.37
N LYS E 748 52.44 1.07 26.69
CA LYS E 748 53.77 1.29 27.27
C LYS E 748 54.77 0.23 26.84
N GLU E 749 54.31 -1.02 26.67
CA GLU E 749 55.19 -2.10 26.28
C GLU E 749 55.65 -1.98 24.83
N VAL E 750 54.89 -1.29 23.99
CA VAL E 750 55.27 -1.09 22.59
C VAL E 750 56.47 -0.17 22.49
N LEU E 751 56.38 1.02 23.08
CA LEU E 751 57.41 2.03 22.86
C LEU E 751 58.64 1.82 23.73
N GLU E 752 58.73 0.70 24.46
CA GLU E 752 60.01 0.34 25.07
C GLU E 752 60.97 -0.21 24.02
N GLY E 753 60.45 -1.01 23.10
CA GLY E 753 61.32 -1.64 22.12
C GLY E 753 61.74 -0.71 21.01
N LEU E 754 60.86 0.19 20.59
CA LEU E 754 61.16 1.10 19.50
C LEU E 754 62.12 2.19 19.95
N GLU E 755 62.88 2.73 18.99
CA GLU E 755 63.62 3.97 19.23
C GLU E 755 63.29 4.94 18.09
N ILE E 756 62.64 6.03 18.45
CA ILE E 756 62.09 6.97 17.48
C ILE E 756 63.07 8.11 17.29
N LYS E 757 63.43 8.37 16.05
CA LYS E 757 64.20 9.55 15.67
C LYS E 757 63.25 10.58 15.10
N LEU E 758 63.30 11.80 15.62
CA LEU E 758 62.42 12.88 15.17
C LEU E 758 63.20 13.80 14.24
N VAL E 759 62.58 14.19 13.13
CA VAL E 759 63.25 14.95 12.09
C VAL E 759 62.41 16.16 11.71
N GLU E 760 63.06 17.11 11.04
CA GLU E 760 62.39 18.27 10.47
C GLU E 760 62.84 18.52 9.04
N ASP E 761 63.95 17.89 8.64
CA ASP E 761 64.59 18.18 7.36
C ASP E 761 64.86 16.86 6.65
N VAL E 762 64.77 16.89 5.32
CA VAL E 762 64.97 15.67 4.53
C VAL E 762 66.45 15.28 4.49
N GLY E 763 67.34 16.26 4.62
CA GLY E 763 68.76 15.96 4.62
C GLY E 763 69.21 15.14 5.82
N GLU E 764 68.53 15.30 6.96
CA GLU E 764 68.74 14.43 8.11
C GLU E 764 68.41 12.99 7.78
N VAL E 765 67.28 12.78 7.11
CA VAL E 765 66.81 11.45 6.75
C VAL E 765 67.74 10.80 5.76
N LEU E 766 68.19 11.55 4.75
CA LEU E 766 69.09 10.98 3.75
C LEU E 766 70.49 10.75 4.32
N GLU E 767 70.88 11.50 5.35
CA GLU E 767 72.14 11.20 6.00
C GLU E 767 72.02 9.96 6.89
N TYR E 768 70.84 9.72 7.44
CA TYR E 768 70.69 8.63 8.39
C TYR E 768 70.39 7.29 7.71
N LEU E 769 69.81 7.29 6.51
CA LEU E 769 69.41 6.03 5.88
C LEU E 769 70.39 5.48 4.88
N LEU E 770 71.06 6.31 4.10
CA LEU E 770 71.88 5.82 3.01
C LEU E 770 73.23 5.34 3.53
N LEU E 771 73.73 4.27 2.94
CA LEU E 771 75.08 3.81 3.23
C LEU E 771 76.08 4.66 2.46
N PRO E 772 77.23 5.01 3.04
CA PRO E 772 78.00 6.16 2.54
C PRO E 772 78.72 5.96 1.22
N GLU E 773 78.96 4.74 0.74
CA GLU E 773 79.72 4.59 -0.49
C GLU E 773 78.96 3.76 -1.50
N PRO E 774 79.11 4.01 -2.80
CA PRO E 774 78.27 3.30 -3.79
C PRO E 774 78.71 1.86 -4.00
N THR E 775 77.79 1.06 -4.53
CA THR E 775 78.05 -0.35 -4.83
C THR E 775 77.84 -0.68 -6.30
N MET E 776 77.23 0.20 -7.08
CA MET E 776 76.89 -0.10 -8.47
C MET E 776 77.55 0.93 -9.38
N PRO E 777 77.74 0.61 -10.65
CA PRO E 777 78.19 1.62 -11.61
C PRO E 777 77.12 2.69 -11.83
N PRO E 778 77.49 3.86 -12.35
CA PRO E 778 76.49 4.89 -12.63
C PRO E 778 75.54 4.51 -13.75
N VAL E 779 74.45 5.26 -13.87
CA VAL E 779 73.44 4.99 -14.88
C VAL E 779 73.97 5.30 -16.27
N VAL E 780 74.39 6.54 -16.49
CA VAL E 780 74.92 6.95 -17.78
C VAL E 780 76.37 7.38 -17.64
N ARG F 2 -69.12 52.17 7.61
CA ARG F 2 -68.40 50.91 7.71
C ARG F 2 -67.87 50.68 9.12
N LEU F 3 -68.11 49.48 9.64
CA LEU F 3 -67.57 49.12 10.95
C LEU F 3 -66.08 48.81 10.83
N GLU F 4 -65.35 49.10 11.90
CA GLU F 4 -63.93 48.81 11.97
C GLU F 4 -63.67 47.88 13.14
N LEU F 5 -62.96 46.79 12.87
CA LEU F 5 -62.78 45.74 13.87
C LEU F 5 -61.29 45.44 14.05
N PRO F 6 -60.86 45.20 15.29
CA PRO F 6 -59.52 44.61 15.50
C PRO F 6 -59.47 43.21 14.93
N VAL F 7 -58.25 42.79 14.57
CA VAL F 7 -58.03 41.50 13.94
C VAL F 7 -57.53 40.52 14.99
N ILE F 8 -58.34 39.52 15.30
CA ILE F 8 -57.99 38.47 16.24
C ILE F 8 -57.92 37.16 15.48
N PRO F 9 -56.79 36.44 15.50
CA PRO F 9 -56.68 35.21 14.71
C PRO F 9 -57.41 34.05 15.37
N LEU F 10 -58.00 33.20 14.53
CA LEU F 10 -58.81 32.08 14.99
C LEU F 10 -57.94 30.83 15.02
N ARG F 11 -58.50 29.62 15.18
CA ARG F 11 -57.75 28.39 15.45
C ARG F 11 -57.02 27.91 14.21
N ASN F 12 -55.84 27.32 14.41
CA ASN F 12 -55.04 26.75 13.35
C ASN F 12 -55.72 25.56 12.68
N THR F 13 -56.28 24.64 13.46
CA THR F 13 -57.05 23.53 12.94
C THR F 13 -58.44 24.05 12.64
N VAL F 14 -58.83 24.02 11.37
CA VAL F 14 -60.01 24.77 10.93
C VAL F 14 -61.27 24.08 11.41
N ILE F 15 -61.96 24.72 12.36
CA ILE F 15 -63.26 24.25 12.82
C ILE F 15 -64.33 24.75 11.85
N LEU F 16 -65.45 24.04 11.80
CA LEU F 16 -66.48 24.27 10.82
C LEU F 16 -67.85 24.46 11.48
N PRO F 17 -68.78 25.17 10.82
CA PRO F 17 -70.15 25.32 11.37
C PRO F 17 -70.95 24.03 11.40
N HIS F 18 -72.20 24.14 11.91
CA HIS F 18 -73.12 23.03 12.17
C HIS F 18 -72.51 21.98 13.10
N THR F 19 -71.69 22.43 14.04
CA THR F 19 -71.07 21.55 15.02
C THR F 19 -70.96 22.34 16.33
N THR F 20 -71.59 21.82 17.38
CA THR F 20 -71.68 22.50 18.66
C THR F 20 -70.32 22.36 19.36
N THR F 21 -69.41 23.26 19.02
CA THR F 21 -68.09 23.33 19.63
C THR F 21 -67.80 24.77 20.00
N PRO F 22 -67.31 25.01 21.22
CA PRO F 22 -67.05 26.38 21.66
C PRO F 22 -65.79 26.96 21.04
N VAL F 23 -65.95 28.16 20.48
CA VAL F 23 -64.82 28.91 19.96
C VAL F 23 -64.13 29.58 21.15
N ASP F 24 -62.95 29.07 21.50
CA ASP F 24 -62.30 29.40 22.76
C ASP F 24 -61.13 30.34 22.53
N VAL F 25 -61.01 31.33 23.41
CA VAL F 25 -59.82 32.16 23.51
C VAL F 25 -59.11 31.81 24.80
N GLY F 26 -57.78 31.82 24.76
CA GLY F 26 -57.01 31.37 25.91
C GLY F 26 -56.85 32.41 27.00
N ARG F 27 -56.71 33.68 26.64
CA ARG F 27 -56.38 34.75 27.58
C ARG F 27 -57.42 35.85 27.44
N ALA F 28 -57.90 36.36 28.58
CA ALA F 28 -58.95 37.38 28.61
C ALA F 28 -58.50 38.70 29.22
N LYS F 29 -57.23 38.86 29.57
CA LYS F 29 -56.72 40.10 30.15
C LYS F 29 -56.30 41.11 29.09
N SER F 30 -56.46 40.78 27.81
CA SER F 30 -56.21 41.67 26.69
C SER F 30 -57.52 42.07 26.04
N LYS F 31 -58.51 42.40 26.89
CA LYS F 31 -59.92 42.38 26.50
C LYS F 31 -60.35 43.52 25.60
N ARG F 32 -59.46 44.48 25.29
CA ARG F 32 -59.86 45.63 24.48
C ARG F 32 -60.12 45.23 23.02
N ALA F 33 -59.27 44.38 22.44
CA ALA F 33 -59.49 43.94 21.07
C ALA F 33 -60.62 42.94 20.97
N VAL F 34 -60.84 42.15 22.02
CA VAL F 34 -61.96 41.21 22.03
C VAL F 34 -63.28 41.95 22.13
N GLU F 35 -63.33 43.01 22.95
CA GLU F 35 -64.54 43.81 23.06
C GLU F 35 -64.80 44.64 21.80
N GLU F 36 -63.76 45.19 21.17
CA GLU F 36 -63.99 46.00 19.98
C GLU F 36 -64.21 45.15 18.73
N ALA F 37 -63.68 43.92 18.70
CA ALA F 37 -63.81 43.07 17.52
C ALA F 37 -65.14 42.35 17.45
N MET F 38 -65.84 42.23 18.57
CA MET F 38 -67.07 41.45 18.64
C MET F 38 -68.32 42.32 18.51
N GLY F 39 -68.25 43.58 18.90
CA GLY F 39 -69.37 44.51 18.84
C GLY F 39 -69.55 45.09 17.45
N ALA F 40 -69.75 46.41 17.40
CA ALA F 40 -69.94 47.18 16.16
C ALA F 40 -71.14 46.68 15.35
N ASP F 41 -72.34 46.85 15.92
CA ASP F 41 -73.63 46.46 15.35
C ASP F 41 -73.71 44.94 15.16
N ARG F 42 -73.08 44.21 16.09
CA ARG F 42 -73.19 42.75 16.25
C ARG F 42 -72.75 41.98 15.01
N LEU F 43 -71.81 42.55 14.26
CA LEU F 43 -71.35 41.96 13.02
C LEU F 43 -69.87 41.62 13.12
N ILE F 44 -69.54 40.35 12.86
CA ILE F 44 -68.17 39.88 12.88
C ILE F 44 -67.84 39.24 11.53
N PHE F 45 -66.77 39.73 10.92
CA PHE F 45 -66.15 39.02 9.82
C PHE F 45 -64.71 38.73 10.20
N LEU F 46 -64.50 37.71 11.01
CA LEU F 46 -63.16 37.32 11.48
C LEU F 46 -62.91 35.89 11.02
N VAL F 47 -61.65 35.58 10.75
CA VAL F 47 -61.24 34.44 9.94
C VAL F 47 -60.06 33.73 10.59
N ALA F 48 -59.66 32.61 9.98
CA ALA F 48 -58.80 31.64 10.63
C ALA F 48 -57.45 31.54 9.91
N GLN F 49 -56.67 30.54 10.29
CA GLN F 49 -55.29 30.37 9.84
C GLN F 49 -55.15 29.12 8.96
N ARG F 50 -54.32 29.24 7.92
CA ARG F 50 -53.90 28.11 7.10
C ARG F 50 -52.46 27.70 7.38
N ASP F 51 -51.71 28.54 8.09
CA ASP F 51 -50.31 28.37 8.46
C ASP F 51 -50.23 28.00 9.94
N PRO F 52 -49.12 27.39 10.38
CA PRO F 52 -48.91 27.25 11.83
C PRO F 52 -48.67 28.60 12.49
N GLU F 53 -48.75 28.61 13.82
CA GLU F 53 -48.85 29.85 14.59
C GLU F 53 -47.58 30.68 14.49
N VAL F 54 -47.70 31.81 13.83
CA VAL F 54 -46.71 32.87 13.85
C VAL F 54 -47.38 34.11 14.44
N ASP F 55 -46.62 35.18 14.57
CA ASP F 55 -47.15 36.43 15.09
C ASP F 55 -47.29 37.43 13.94
N ASP F 56 -48.50 37.55 13.42
CA ASP F 56 -48.84 38.57 12.44
C ASP F 56 -50.09 39.28 12.91
N PRO F 57 -50.09 40.61 12.93
CA PRO F 57 -51.31 41.34 13.32
C PRO F 57 -52.43 41.20 12.31
N ALA F 58 -52.10 41.12 11.01
CA ALA F 58 -53.09 41.05 9.95
C ALA F 58 -52.80 39.87 9.03
N PRO F 59 -53.82 39.22 8.47
CA PRO F 59 -53.58 37.99 7.70
C PRO F 59 -52.94 38.27 6.34
N ASP F 60 -51.83 37.58 6.08
CA ASP F 60 -51.15 37.69 4.78
C ASP F 60 -51.68 36.71 3.74
N ASP F 61 -52.15 35.53 4.15
CA ASP F 61 -52.75 34.56 3.24
C ASP F 61 -54.11 34.15 3.76
N LEU F 62 -55.16 34.74 3.20
CA LEU F 62 -56.47 34.73 3.81
C LEU F 62 -57.50 34.08 2.88
N TYR F 63 -58.61 33.63 3.44
CA TYR F 63 -59.64 32.91 2.68
C TYR F 63 -60.36 33.81 1.70
N THR F 64 -60.92 33.20 0.66
CA THR F 64 -62.03 33.79 -0.07
C THR F 64 -63.32 33.48 0.67
N TRP F 65 -63.27 32.43 1.50
CA TRP F 65 -64.43 31.92 2.23
C TRP F 65 -64.81 32.86 3.37
N GLY F 66 -66.11 32.97 3.64
CA GLY F 66 -66.60 33.60 4.84
C GLY F 66 -66.73 32.60 5.97
N VAL F 67 -66.59 33.12 7.19
CA VAL F 67 -66.66 32.32 8.41
C VAL F 67 -67.78 32.87 9.27
N GLN F 68 -68.76 32.02 9.59
CA GLN F 68 -70.01 32.47 10.18
C GLN F 68 -70.30 31.75 11.48
N ALA F 69 -70.59 32.53 12.53
CA ALA F 69 -70.96 32.04 13.84
C ALA F 69 -71.79 33.12 14.52
N VAL F 70 -72.60 32.72 15.51
CA VAL F 70 -73.48 33.67 16.16
C VAL F 70 -72.69 34.56 17.12
N VAL F 71 -73.17 35.77 17.34
CA VAL F 71 -72.45 36.75 18.14
C VAL F 71 -73.29 37.08 19.37
N LYS F 72 -73.09 36.33 20.45
CA LYS F 72 -73.75 36.70 21.71
C LYS F 72 -72.75 37.01 22.82
N GLN F 73 -71.91 36.03 23.17
CA GLN F 73 -71.03 36.12 24.32
C GLN F 73 -69.76 35.35 24.07
N ALA F 74 -68.68 35.78 24.74
CA ALA F 74 -67.40 35.08 24.67
C ALA F 74 -66.70 35.09 26.03
N MET F 75 -67.48 35.16 27.10
CA MET F 75 -66.97 35.30 28.46
C MET F 75 -66.34 34.01 28.94
N ARG F 76 -65.23 34.13 29.66
CA ARG F 76 -64.42 33.00 30.06
C ARG F 76 -64.88 32.45 31.41
N LEU F 77 -65.64 31.36 31.35
CA LEU F 77 -65.98 30.55 32.50
C LEU F 77 -65.67 29.10 32.16
N PRO F 78 -65.17 28.31 33.12
CA PRO F 78 -64.79 26.92 32.81
C PRO F 78 -65.98 25.97 32.62
N ASP F 79 -67.20 26.43 32.85
CA ASP F 79 -68.39 25.62 32.66
C ASP F 79 -69.25 26.25 31.57
N GLY F 80 -70.43 25.66 31.36
CA GLY F 80 -71.45 26.27 30.53
C GLY F 80 -71.17 26.27 29.04
N THR F 81 -72.19 26.65 28.26
CA THR F 81 -72.04 26.73 26.82
C THR F 81 -71.33 28.03 26.42
N LEU F 82 -70.55 27.97 25.35
CA LEU F 82 -69.80 29.12 24.87
C LEU F 82 -70.04 29.26 23.37
N GLN F 83 -70.78 30.32 22.99
CA GLN F 83 -71.15 30.64 21.60
C GLN F 83 -71.83 29.43 20.94
N VAL F 84 -72.98 29.05 21.49
CA VAL F 84 -73.55 27.74 21.24
C VAL F 84 -74.50 27.83 20.06
N MET F 85 -74.76 26.68 19.41
CA MET F 85 -75.60 26.54 18.23
C MET F 85 -75.24 27.47 17.08
N VAL F 86 -74.05 27.27 16.49
CA VAL F 86 -73.65 28.00 15.29
C VAL F 86 -74.30 27.33 14.09
N GLU F 87 -74.54 28.12 13.04
CA GLU F 87 -75.19 27.60 11.85
C GLU F 87 -74.78 28.42 10.64
N ALA F 88 -75.29 28.03 9.46
CA ALA F 88 -74.96 28.72 8.21
C ALA F 88 -75.59 30.11 8.19
N ARG F 89 -74.77 31.12 7.89
CA ARG F 89 -75.25 32.49 7.75
C ARG F 89 -74.84 33.11 6.42
N ALA F 90 -75.01 32.36 5.32
CA ALA F 90 -74.93 32.85 3.94
C ALA F 90 -73.60 33.48 3.60
N ARG F 91 -72.53 32.66 3.56
CA ARG F 91 -71.19 33.14 3.28
C ARG F 91 -71.09 33.64 1.85
N ALA F 92 -70.11 34.49 1.62
CA ALA F 92 -69.86 35.13 0.34
C ALA F 92 -68.38 35.02 -0.01
N GLN F 93 -68.05 35.48 -1.22
CA GLN F 93 -66.66 35.50 -1.63
C GLN F 93 -65.98 36.77 -1.15
N VAL F 94 -64.69 36.66 -0.86
CA VAL F 94 -63.88 37.83 -0.54
C VAL F 94 -63.21 38.31 -1.82
N THR F 95 -63.51 39.55 -2.20
CA THR F 95 -62.89 40.14 -3.38
C THR F 95 -61.69 40.99 -2.97
N ASP F 96 -61.87 41.92 -2.04
CA ASP F 96 -60.81 42.82 -1.60
C ASP F 96 -60.61 42.70 -0.09
N TYR F 97 -59.34 42.72 0.30
CA TYR F 97 -58.93 42.75 1.69
C TYR F 97 -57.46 43.14 1.72
N ILE F 98 -57.06 43.89 2.73
CA ILE F 98 -55.67 44.31 2.84
C ILE F 98 -55.16 43.96 4.24
N PRO F 99 -54.02 43.30 4.35
CA PRO F 99 -53.27 43.31 5.62
C PRO F 99 -52.53 44.62 5.81
N GLY F 100 -52.37 44.99 7.07
CA GLY F 100 -51.79 46.28 7.40
C GLY F 100 -50.48 46.20 8.18
N PRO F 101 -50.40 46.90 9.31
CA PRO F 101 -51.41 47.77 9.97
C PRO F 101 -51.63 49.11 9.25
N TYR F 102 -52.86 49.63 9.22
CA TYR F 102 -54.04 48.99 9.82
C TYR F 102 -55.13 48.55 8.83
N LEU F 103 -56.26 48.13 9.43
CA LEU F 103 -57.44 47.67 8.72
C LEU F 103 -58.09 48.82 7.94
N ARG F 104 -57.94 48.79 6.61
CA ARG F 104 -58.57 49.75 5.72
C ARG F 104 -59.30 48.99 4.63
N ALA F 105 -59.78 47.80 4.96
CA ALA F 105 -60.31 46.89 3.96
C ALA F 105 -61.70 47.31 3.50
N ARG F 106 -62.09 46.80 2.33
CA ARG F 106 -63.41 46.99 1.74
C ARG F 106 -63.90 45.63 1.28
N GLY F 107 -65.06 45.21 1.78
CA GLY F 107 -65.55 43.86 1.55
C GLY F 107 -66.99 43.80 1.04
N GLU F 108 -67.44 42.56 0.86
CA GLU F 108 -68.83 42.26 0.54
C GLU F 108 -69.39 41.30 1.57
N VAL F 109 -70.59 41.58 2.04
CA VAL F 109 -71.27 40.79 3.06
C VAL F 109 -72.70 40.57 2.62
N PHE F 110 -73.49 39.98 3.52
CA PHE F 110 -74.94 39.90 3.46
C PHE F 110 -75.50 39.13 2.27
N SER F 111 -75.26 37.82 2.25
CA SER F 111 -76.04 36.85 1.47
C SER F 111 -76.03 37.06 -0.04
N GLU F 112 -74.90 36.80 -0.70
CA GLU F 112 -74.80 36.86 -2.14
C GLU F 112 -75.57 35.70 -2.81
N ILE F 113 -75.46 35.62 -4.14
CA ILE F 113 -76.23 34.65 -4.91
C ILE F 113 -75.70 33.23 -4.66
N PHE F 114 -76.60 32.25 -4.79
CA PHE F 114 -76.34 30.83 -4.55
C PHE F 114 -76.75 30.07 -5.80
N PRO F 115 -76.20 28.83 -6.06
CA PRO F 115 -76.43 28.17 -7.36
C PRO F 115 -77.87 27.86 -7.75
N ILE F 116 -78.05 27.47 -9.03
CA ILE F 116 -79.37 27.35 -9.64
C ILE F 116 -79.81 25.91 -9.84
N ASP F 117 -78.90 24.94 -9.72
CA ASP F 117 -79.24 23.54 -9.89
C ASP F 117 -79.50 22.91 -8.53
N GLU F 118 -80.59 22.14 -8.43
CA GLU F 118 -80.92 21.50 -7.16
C GLU F 118 -81.21 20.02 -7.29
N ALA F 119 -81.88 19.60 -8.37
CA ALA F 119 -82.40 18.23 -8.45
C ALA F 119 -81.33 17.22 -8.81
N VAL F 120 -80.53 17.51 -9.84
CA VAL F 120 -79.35 16.68 -10.11
C VAL F 120 -78.33 16.85 -8.99
N VAL F 121 -78.30 18.02 -8.34
CA VAL F 121 -77.54 18.21 -7.12
C VAL F 121 -78.10 17.33 -6.00
N ARG F 122 -79.43 17.15 -5.96
CA ARG F 122 -80.02 16.25 -4.97
C ARG F 122 -79.64 14.80 -5.22
N VAL F 123 -79.54 14.40 -6.49
CA VAL F 123 -79.14 13.02 -6.81
C VAL F 123 -77.66 12.80 -6.44
N LEU F 124 -76.81 13.79 -6.69
CA LEU F 124 -75.41 13.64 -6.29
C LEU F 124 -75.23 13.75 -4.78
N VAL F 125 -76.12 14.47 -4.09
CA VAL F 125 -76.14 14.47 -2.63
C VAL F 125 -76.58 13.11 -2.11
N GLU F 126 -77.48 12.43 -2.82
CA GLU F 126 -77.85 11.06 -2.47
C GLU F 126 -76.67 10.10 -2.63
N GLU F 127 -75.90 10.25 -3.71
CA GLU F 127 -74.70 9.42 -3.89
C GLU F 127 -73.65 9.72 -2.83
N LEU F 128 -73.48 11.00 -2.49
CA LEU F 128 -72.61 11.41 -1.38
C LEU F 128 -73.09 10.83 -0.05
N LYS F 129 -74.41 10.77 0.15
CA LYS F 129 -74.98 10.22 1.37
C LYS F 129 -74.70 8.72 1.47
N GLU F 130 -74.83 8.01 0.35
CA GLU F 130 -74.51 6.58 0.31
C GLU F 130 -73.04 6.32 0.59
N ALA F 131 -72.14 7.07 -0.06
CA ALA F 131 -70.71 6.87 0.14
C ALA F 131 -70.28 7.27 1.55
N PHE F 132 -70.86 8.35 2.08
CA PHE F 132 -70.51 8.82 3.42
C PHE F 132 -71.00 7.86 4.50
N GLU F 133 -72.22 7.34 4.35
CA GLU F 133 -72.70 6.34 5.30
C GLU F 133 -71.93 5.04 5.21
N LYS F 134 -71.52 4.66 3.98
CA LYS F 134 -70.76 3.43 3.84
C LYS F 134 -69.35 3.57 4.41
N TYR F 135 -68.79 4.78 4.39
CA TYR F 135 -67.45 4.91 4.97
C TYR F 135 -67.49 5.22 6.47
N VAL F 136 -68.59 5.82 6.97
CA VAL F 136 -68.80 5.86 8.41
C VAL F 136 -68.99 4.45 8.95
N ALA F 137 -69.59 3.56 8.15
CA ALA F 137 -69.58 2.14 8.48
C ALA F 137 -68.16 1.56 8.46
N ASN F 138 -67.30 2.07 7.56
CA ASN F 138 -65.90 1.67 7.58
C ASN F 138 -65.07 2.52 8.51
N HIS F 139 -65.68 3.49 9.20
CA HIS F 139 -65.00 4.29 10.21
C HIS F 139 -65.09 3.63 11.59
N LYS F 140 -64.17 2.72 11.86
CA LYS F 140 -64.17 1.95 13.10
C LYS F 140 -62.81 1.88 13.78
N SER F 141 -61.80 2.58 13.26
CA SER F 141 -60.47 2.42 13.82
C SER F 141 -59.87 3.75 14.27
N LEU F 142 -60.56 4.86 14.06
CA LEU F 142 -60.08 6.14 14.55
C LEU F 142 -61.10 6.86 15.43
N ARG F 143 -62.40 6.60 15.22
CA ARG F 143 -63.49 6.90 16.14
C ARG F 143 -63.62 8.37 16.53
N LEU F 144 -64.11 9.21 15.62
CA LEU F 144 -64.67 10.49 16.01
C LEU F 144 -66.18 10.35 16.10
N ASP F 145 -66.83 11.49 16.37
CA ASP F 145 -68.27 11.50 16.56
C ASP F 145 -68.99 11.39 15.21
N ARG F 146 -70.11 10.67 15.21
CA ARG F 146 -70.87 10.42 13.99
C ARG F 146 -72.38 10.47 14.23
N TYR F 147 -72.81 10.69 15.47
CA TYR F 147 -74.17 10.36 15.89
C TYR F 147 -75.21 11.35 15.37
N GLN F 148 -74.81 12.54 14.93
CA GLN F 148 -75.77 13.47 14.34
C GLN F 148 -75.93 13.29 12.84
N LEU F 149 -75.43 12.19 12.27
CA LEU F 149 -75.75 11.82 10.90
C LEU F 149 -77.20 11.40 10.76
N GLU F 150 -77.80 10.90 11.83
CA GLU F 150 -79.20 10.44 11.86
C GLU F 150 -80.17 11.60 11.97
N ALA F 151 -79.69 12.84 12.07
CA ALA F 151 -80.52 14.03 12.07
C ALA F 151 -80.52 14.76 10.74
N VAL F 152 -79.45 14.69 9.97
CA VAL F 152 -79.39 15.31 8.65
C VAL F 152 -79.55 14.25 7.56
N LYS F 153 -80.70 14.28 6.87
CA LYS F 153 -81.05 13.25 5.90
C LYS F 153 -81.49 13.80 4.56
N GLY F 154 -81.61 15.12 4.41
CA GLY F 154 -82.17 15.66 3.20
C GLY F 154 -81.54 16.93 2.67
N THR F 155 -80.50 17.41 3.34
CA THR F 155 -79.89 18.68 2.97
C THR F 155 -79.02 18.53 1.73
N SER F 156 -79.38 19.29 0.68
CA SER F 156 -78.62 19.29 -0.57
C SER F 156 -77.91 20.60 -0.82
N ASP F 157 -77.63 21.39 0.22
CA ASP F 157 -76.97 22.67 0.07
C ASP F 157 -75.47 22.50 0.18
N PRO F 158 -74.68 23.31 -0.52
CA PRO F 158 -73.21 23.18 -0.44
C PRO F 158 -72.64 23.59 0.92
N ALA F 159 -73.36 24.39 1.70
CA ALA F 159 -72.91 24.69 3.06
C ALA F 159 -72.99 23.46 3.95
N MET F 160 -74.13 22.75 3.91
CA MET F 160 -74.27 21.49 4.63
C MET F 160 -73.34 20.43 4.09
N LEU F 161 -73.09 20.45 2.77
CA LEU F 161 -72.16 19.51 2.14
C LEU F 161 -70.72 19.73 2.61
N ALA F 162 -70.30 20.99 2.68
CA ALA F 162 -68.96 21.31 3.16
C ALA F 162 -68.82 21.07 4.66
N ASP F 163 -69.91 21.26 5.42
CA ASP F 163 -69.87 20.94 6.85
C ASP F 163 -69.84 19.44 7.09
N THR F 164 -70.45 18.66 6.20
CA THR F 164 -70.50 17.21 6.40
C THR F 164 -69.20 16.55 5.98
N ILE F 165 -68.65 16.94 4.82
CA ILE F 165 -67.50 16.24 4.27
C ILE F 165 -66.22 16.60 5.03
N ALA F 166 -65.92 17.90 5.11
CA ALA F 166 -64.59 18.33 5.54
C ALA F 166 -64.39 18.21 7.05
N TYR F 167 -65.45 18.23 7.84
CA TYR F 167 -65.29 18.07 9.28
C TYR F 167 -65.00 16.63 9.68
N HIS F 168 -65.73 15.68 9.14
CA HIS F 168 -65.56 14.27 9.47
C HIS F 168 -64.44 13.66 8.64
N ALA F 169 -63.20 14.02 8.95
CA ALA F 169 -62.10 13.73 8.05
C ALA F 169 -60.80 13.66 8.84
N THR F 170 -59.90 12.80 8.39
CA THR F 170 -58.54 12.79 8.89
C THR F 170 -57.61 13.08 7.73
N TRP F 171 -57.44 14.38 7.45
CA TRP F 171 -56.42 14.87 6.52
C TRP F 171 -56.15 16.33 6.86
N THR F 172 -55.24 16.93 6.10
CA THR F 172 -54.98 18.36 6.25
C THR F 172 -56.11 19.16 5.62
N VAL F 173 -56.68 20.05 6.41
CA VAL F 173 -57.88 20.77 5.99
C VAL F 173 -57.55 22.19 5.52
N ALA F 174 -56.35 22.69 5.83
CA ALA F 174 -55.99 24.08 5.50
C ALA F 174 -55.91 24.29 4.00
N GLU F 175 -55.38 23.32 3.25
CA GLU F 175 -55.39 23.42 1.80
C GLU F 175 -56.71 22.94 1.21
N LYS F 176 -57.58 22.33 2.04
CA LYS F 176 -58.86 21.91 1.52
C LYS F 176 -59.82 23.07 1.32
N GLN F 177 -59.63 24.18 2.03
CA GLN F 177 -60.47 25.35 1.79
C GLN F 177 -60.17 26.00 0.45
N GLU F 178 -58.94 25.83 -0.06
CA GLU F 178 -58.62 26.35 -1.39
C GLU F 178 -58.87 25.30 -2.46
N ILE F 179 -58.86 24.01 -2.11
CA ILE F 179 -59.23 23.04 -3.13
C ILE F 179 -60.76 22.98 -3.28
N LEU F 180 -61.49 23.48 -2.27
CA LEU F 180 -62.95 23.58 -2.39
C LEU F 180 -63.36 24.98 -2.79
N GLU F 181 -62.38 25.88 -2.98
CA GLU F 181 -62.63 27.29 -3.25
C GLU F 181 -63.35 27.50 -4.58
N LEU F 182 -63.20 26.56 -5.51
CA LEU F 182 -63.89 26.56 -6.79
C LEU F 182 -65.40 26.51 -6.59
N THR F 183 -66.12 27.19 -7.48
CA THR F 183 -67.58 27.22 -7.44
C THR F 183 -68.18 26.12 -8.31
N ASP F 184 -67.39 25.11 -8.65
CA ASP F 184 -67.91 23.93 -9.32
C ASP F 184 -68.43 22.95 -8.27
N LEU F 185 -69.45 22.19 -8.64
CA LEU F 185 -70.10 21.31 -7.68
C LEU F 185 -69.95 19.84 -7.99
N GLU F 186 -69.43 19.49 -9.17
CA GLU F 186 -69.23 18.07 -9.48
C GLU F 186 -67.76 17.65 -9.33
N ALA F 187 -66.83 18.59 -9.57
CA ALA F 187 -65.41 18.25 -9.38
C ALA F 187 -65.08 18.13 -7.91
N ARG F 188 -65.83 18.81 -7.04
CA ARG F 188 -65.62 18.67 -5.60
C ARG F 188 -65.98 17.26 -5.14
N LEU F 189 -67.09 16.71 -5.64
CA LEU F 189 -67.45 15.34 -5.31
C LEU F 189 -66.53 14.36 -6.00
N LYS F 190 -65.97 14.76 -7.17
CA LYS F 190 -64.97 13.95 -7.86
C LYS F 190 -63.72 13.74 -7.00
N LYS F 191 -63.12 14.81 -6.47
CA LYS F 191 -61.89 14.58 -5.73
C LYS F 191 -62.17 14.10 -4.30
N VAL F 192 -63.39 14.33 -3.76
CA VAL F 192 -63.75 13.69 -2.50
C VAL F 192 -63.92 12.19 -2.68
N LEU F 193 -64.49 11.77 -3.82
CA LEU F 193 -64.54 10.36 -4.18
C LEU F 193 -63.14 9.79 -4.33
N GLY F 194 -62.23 10.56 -4.92
CA GLY F 194 -60.84 10.16 -4.96
C GLY F 194 -60.21 10.03 -3.57
N LEU F 195 -60.60 10.89 -2.63
CA LEU F 195 -60.10 10.83 -1.27
C LEU F 195 -60.52 9.55 -0.56
N LEU F 196 -61.79 9.17 -0.67
CA LEU F 196 -62.14 7.90 -0.02
C LEU F 196 -61.65 6.71 -0.84
N SER F 197 -61.36 6.91 -2.13
CA SER F 197 -60.78 5.82 -2.91
C SER F 197 -59.34 5.53 -2.52
N ARG F 198 -58.50 6.58 -2.40
CA ARG F 198 -57.14 6.39 -1.90
C ARG F 198 -57.15 5.89 -0.47
N ASP F 199 -58.13 6.33 0.34
CA ASP F 199 -58.22 5.87 1.72
C ASP F 199 -58.57 4.38 1.79
N LEU F 200 -59.46 3.92 0.91
CA LEU F 200 -59.84 2.51 0.90
C LEU F 200 -58.68 1.64 0.44
N GLU F 201 -57.97 2.04 -0.62
CA GLU F 201 -56.89 1.20 -1.11
C GLU F 201 -55.71 1.18 -0.14
N ARG F 202 -55.46 2.29 0.56
CA ARG F 202 -54.38 2.25 1.55
C ARG F 202 -54.81 1.51 2.82
N PHE F 203 -56.11 1.52 3.15
CA PHE F 203 -56.56 0.78 4.33
C PHE F 203 -56.50 -0.72 4.09
N GLU F 204 -56.91 -1.15 2.89
CA GLU F 204 -56.74 -2.53 2.47
C GLU F 204 -55.28 -2.93 2.45
N LEU F 205 -54.39 -2.04 2.00
CA LEU F 205 -52.95 -2.27 2.09
C LEU F 205 -52.49 -2.42 3.53
N ASP F 206 -53.10 -1.65 4.45
CA ASP F 206 -52.72 -1.70 5.87
C ASP F 206 -53.01 -3.06 6.48
N LYS F 207 -54.26 -3.53 6.38
CA LYS F 207 -54.51 -4.81 7.02
C LYS F 207 -54.00 -5.98 6.17
N ARG F 208 -53.70 -5.74 4.88
CA ARG F 208 -53.01 -6.72 4.07
C ARG F 208 -51.58 -6.97 4.54
N VAL F 209 -50.80 -5.91 4.74
CA VAL F 209 -49.44 -6.11 5.24
C VAL F 209 -49.46 -6.53 6.71
N ALA F 210 -50.54 -6.21 7.44
CA ALA F 210 -50.67 -6.74 8.80
C ALA F 210 -50.86 -8.25 8.80
N GLN F 211 -51.73 -8.76 7.92
CA GLN F 211 -51.91 -10.21 7.78
C GLN F 211 -50.63 -10.90 7.32
N ARG F 212 -49.85 -10.25 6.44
CA ARG F 212 -48.60 -10.85 6.01
C ARG F 212 -47.57 -10.88 7.14
N VAL F 213 -47.54 -9.84 7.97
CA VAL F 213 -46.65 -9.83 9.15
C VAL F 213 -47.07 -10.91 10.13
N LYS F 214 -48.37 -11.11 10.30
CA LYS F 214 -48.84 -12.17 11.20
C LYS F 214 -48.47 -13.55 10.65
N GLU F 215 -48.49 -13.70 9.33
CA GLU F 215 -48.09 -14.97 8.72
C GLU F 215 -46.60 -15.24 8.88
N GLN F 216 -45.72 -14.26 8.64
CA GLN F 216 -44.30 -14.55 8.84
C GLN F 216 -43.94 -14.60 10.33
N MET F 217 -44.79 -14.03 11.19
CA MET F 217 -44.63 -14.26 12.63
C MET F 217 -44.88 -15.72 12.98
N ASP F 218 -45.97 -16.28 12.44
CA ASP F 218 -46.19 -17.72 12.53
C ASP F 218 -45.00 -18.50 11.96
N THR F 219 -44.44 -18.01 10.85
CA THR F 219 -43.36 -18.74 10.17
C THR F 219 -42.07 -18.74 10.97
N ASN F 220 -41.70 -17.62 11.58
CA ASN F 220 -40.41 -17.59 12.27
C ASN F 220 -40.50 -18.17 13.68
N GLN F 221 -41.66 -18.05 14.35
CA GLN F 221 -41.77 -18.80 15.60
C GLN F 221 -41.93 -20.30 15.32
N ARG F 222 -42.52 -20.64 14.17
CA ARG F 222 -42.59 -21.99 13.67
C ARG F 222 -41.20 -22.57 13.45
N GLU F 223 -40.30 -21.81 12.81
CA GLU F 223 -38.97 -22.35 12.52
C GLU F 223 -38.13 -22.42 13.79
N TYR F 224 -38.37 -21.52 14.76
CA TYR F 224 -37.74 -21.66 16.06
C TYR F 224 -38.17 -22.97 16.72
N TYR F 225 -39.48 -23.21 16.74
CA TYR F 225 -40.04 -24.45 17.27
C TYR F 225 -39.47 -25.68 16.58
N LEU F 226 -39.30 -25.60 15.25
CA LEU F 226 -38.87 -26.75 14.47
C LEU F 226 -37.40 -27.08 14.70
N ARG F 227 -36.49 -26.10 14.65
CA ARG F 227 -35.14 -26.54 14.98
C ARG F 227 -34.91 -26.59 16.48
N GLU F 228 -35.89 -26.18 17.28
CA GLU F 228 -35.87 -26.54 18.69
C GLU F 228 -36.09 -28.04 18.84
N GLN F 229 -37.03 -28.60 18.08
CA GLN F 229 -37.18 -30.06 18.07
C GLN F 229 -35.97 -30.74 17.42
N MET F 230 -35.34 -30.08 16.45
CA MET F 230 -34.11 -30.64 15.87
C MET F 230 -32.98 -30.71 16.89
N LYS F 231 -32.82 -29.69 17.72
CA LYS F 231 -31.75 -29.77 18.71
C LYS F 231 -32.12 -30.69 19.88
N ALA F 232 -33.42 -30.87 20.16
CA ALA F 232 -33.82 -31.93 21.07
C ALA F 232 -33.54 -33.31 20.49
N ILE F 233 -33.64 -33.45 19.17
CA ILE F 233 -33.20 -34.67 18.50
C ILE F 233 -31.69 -34.82 18.62
N GLN F 234 -30.98 -33.69 18.59
CA GLN F 234 -29.53 -33.70 18.74
C GLN F 234 -29.13 -34.05 20.18
N LYS F 235 -30.06 -33.94 21.13
CA LYS F 235 -29.85 -34.53 22.45
C LYS F 235 -29.94 -36.06 22.44
N GLU F 236 -30.38 -36.61 21.31
CA GLU F 236 -30.55 -38.07 21.24
C GLU F 236 -30.00 -38.54 19.90
N LEU F 237 -28.89 -37.94 19.47
CA LEU F 237 -28.22 -38.45 18.24
C LEU F 237 -27.99 -39.94 18.48
N GLY F 238 -27.26 -40.29 19.55
CA GLY F 238 -27.06 -41.71 19.93
C GLY F 238 -27.65 -41.90 21.31
N GLY F 239 -28.75 -41.21 21.61
CA GLY F 239 -29.31 -41.20 22.97
C GLY F 239 -28.78 -39.96 23.64
N GLU F 240 -27.71 -39.38 23.08
CA GLU F 240 -27.15 -38.09 23.57
C GLU F 240 -26.15 -37.60 22.52
N ASP F 241 -25.75 -36.32 22.58
CA ASP F 241 -24.67 -35.83 21.68
C ASP F 241 -23.37 -35.79 22.49
N GLY F 242 -23.41 -36.29 23.73
CA GLY F 242 -22.24 -36.19 24.61
C GLY F 242 -21.03 -36.91 24.06
N LEU F 243 -21.22 -38.10 23.50
CA LEU F 243 -20.07 -38.92 23.05
C LEU F 243 -19.33 -38.15 21.97
N SER F 244 -20.02 -37.24 21.28
CA SER F 244 -19.39 -36.49 20.16
C SER F 244 -18.75 -35.23 20.70
N ASP F 245 -18.85 -34.97 22.01
CA ASP F 245 -18.34 -33.68 22.50
C ASP F 245 -17.75 -33.85 23.88
N LEU F 246 -18.58 -33.68 24.88
CA LEU F 246 -18.11 -33.73 26.28
C LEU F 246 -17.52 -35.11 26.47
N GLU F 247 -17.87 -36.03 25.58
CA GLU F 247 -17.20 -37.30 25.71
C GLU F 247 -16.37 -37.68 24.50
N ALA F 248 -16.55 -37.04 23.36
CA ALA F 248 -15.44 -37.01 22.42
C ALA F 248 -14.20 -36.31 23.00
N LEU F 249 -14.31 -35.01 23.31
CA LEU F 249 -13.10 -34.21 23.52
C LEU F 249 -12.54 -34.32 24.94
N ARG F 250 -13.37 -34.59 25.95
CA ARG F 250 -12.82 -34.83 27.28
C ARG F 250 -11.98 -36.09 27.33
N LYS F 251 -12.29 -37.07 26.48
CA LYS F 251 -11.39 -38.20 26.32
C LYS F 251 -10.16 -37.81 25.53
N LYS F 252 -10.33 -37.03 24.45
CA LYS F 252 -9.19 -36.69 23.60
C LYS F 252 -8.20 -35.74 24.27
N ILE F 253 -8.60 -34.98 25.29
CA ILE F 253 -7.67 -33.99 25.83
C ILE F 253 -6.61 -34.59 26.75
N GLU F 254 -6.93 -35.62 27.52
CA GLU F 254 -5.91 -36.31 28.30
C GLU F 254 -5.51 -37.65 27.71
N GLU F 255 -6.12 -38.05 26.59
CA GLU F 255 -5.51 -39.09 25.77
C GLU F 255 -4.19 -38.63 25.16
N VAL F 256 -4.04 -37.33 24.91
CA VAL F 256 -2.81 -36.81 24.30
C VAL F 256 -1.71 -36.66 25.33
N GLY F 257 -1.93 -35.84 26.35
CA GLY F 257 -0.87 -35.45 27.24
C GLY F 257 -0.41 -34.04 26.93
N MET F 258 -0.87 -33.09 27.73
CA MET F 258 -0.85 -31.67 27.39
C MET F 258 -0.55 -30.87 28.65
N PRO F 259 0.20 -29.74 28.54
CA PRO F 259 0.53 -28.94 29.72
C PRO F 259 -0.64 -28.34 30.49
N GLU F 260 -0.38 -27.73 31.64
CA GLU F 260 -1.45 -27.47 32.61
C GLU F 260 -2.19 -26.18 32.32
N ALA F 261 -1.51 -25.13 31.83
CA ALA F 261 -2.21 -23.88 31.56
C ALA F 261 -3.06 -23.98 30.31
N VAL F 262 -2.57 -24.70 29.30
CA VAL F 262 -3.38 -24.94 28.12
C VAL F 262 -4.50 -25.92 28.43
N LYS F 263 -4.31 -26.79 29.44
CA LYS F 263 -5.40 -27.63 29.93
C LYS F 263 -6.47 -26.78 30.62
N THR F 264 -6.05 -25.79 31.40
CA THR F 264 -6.95 -24.85 32.04
C THR F 264 -7.78 -24.10 31.01
N LYS F 265 -7.12 -23.57 29.97
CA LYS F 265 -7.85 -22.82 28.95
C LYS F 265 -8.75 -23.73 28.11
N ALA F 266 -8.32 -24.98 27.86
CA ALA F 266 -9.16 -25.91 27.11
C ALA F 266 -10.39 -26.34 27.89
N LEU F 267 -10.23 -26.61 29.20
CA LEU F 267 -11.38 -27.00 30.01
C LEU F 267 -12.35 -25.83 30.19
N LYS F 268 -11.83 -24.63 30.48
CA LYS F 268 -12.69 -23.48 30.60
C LYS F 268 -12.88 -22.74 29.29
N GLU F 269 -12.79 -23.44 28.15
CA GLU F 269 -13.58 -23.13 26.96
C GLU F 269 -14.53 -24.25 26.53
N LEU F 270 -14.26 -25.49 26.93
CA LEU F 270 -15.27 -26.54 26.78
C LEU F 270 -16.45 -26.35 27.74
N ASP F 271 -16.24 -25.57 28.82
CA ASP F 271 -17.31 -25.27 29.78
C ASP F 271 -18.46 -24.49 29.14
N ARG F 272 -18.15 -23.63 28.18
CA ARG F 272 -19.19 -22.96 27.42
C ARG F 272 -19.42 -23.56 26.04
N LEU F 273 -18.52 -24.43 25.56
CA LEU F 273 -18.94 -25.30 24.46
C LEU F 273 -19.95 -26.33 24.94
N GLU F 274 -19.95 -26.61 26.26
CA GLU F 274 -21.00 -27.39 26.89
C GLU F 274 -22.37 -26.77 26.71
N ARG F 275 -22.51 -25.51 27.16
CA ARG F 275 -23.81 -24.91 27.41
C ARG F 275 -24.57 -24.53 26.14
N MET F 276 -23.87 -24.11 25.10
CA MET F 276 -24.51 -23.62 23.89
C MET F 276 -25.14 -24.75 23.09
N GLN F 277 -25.92 -24.36 22.10
CA GLN F 277 -26.60 -25.29 21.21
C GLN F 277 -25.73 -25.55 20.00
N GLN F 278 -25.93 -26.71 19.37
CA GLN F 278 -25.20 -27.03 18.15
C GLN F 278 -25.79 -26.25 16.99
N GLY F 279 -24.95 -25.92 16.02
CA GLY F 279 -25.44 -25.28 14.80
C GLY F 279 -25.26 -23.79 14.76
N SER F 280 -25.48 -23.08 15.85
CA SER F 280 -25.32 -21.65 15.99
C SER F 280 -23.84 -21.26 15.84
N PRO F 281 -23.54 -20.12 15.23
CA PRO F 281 -22.15 -19.84 14.81
C PRO F 281 -21.17 -19.49 15.91
N GLU F 282 -21.50 -19.69 17.18
CA GLU F 282 -20.53 -19.54 18.26
C GLU F 282 -19.99 -20.87 18.75
N ALA F 283 -20.64 -21.99 18.41
CA ALA F 283 -20.15 -23.30 18.81
C ALA F 283 -19.18 -23.89 17.82
N THR F 284 -19.29 -23.54 16.53
CA THR F 284 -18.39 -24.09 15.53
C THR F 284 -16.99 -23.51 15.67
N VAL F 285 -16.90 -22.23 16.04
CA VAL F 285 -15.60 -21.58 16.26
C VAL F 285 -14.87 -22.23 17.44
N ALA F 286 -15.58 -22.41 18.56
CA ALA F 286 -14.96 -23.02 19.74
C ALA F 286 -14.65 -24.50 19.50
N ARG F 287 -15.48 -25.19 18.72
CA ARG F 287 -15.22 -26.60 18.48
C ARG F 287 -14.04 -26.80 17.53
N THR F 288 -13.90 -25.95 16.51
CA THR F 288 -12.71 -26.04 15.67
C THR F 288 -11.46 -25.59 16.40
N TYR F 289 -11.56 -24.63 17.32
CA TYR F 289 -10.39 -24.25 18.10
C TYR F 289 -9.99 -25.35 19.08
N LEU F 290 -10.96 -26.11 19.60
CA LEU F 290 -10.63 -27.28 20.41
C LEU F 290 -10.09 -28.44 19.59
N ASP F 291 -10.58 -28.63 18.36
CA ASP F 291 -10.06 -29.71 17.52
C ASP F 291 -8.64 -29.40 17.06
N TRP F 292 -8.34 -28.13 16.79
CA TRP F 292 -6.98 -27.79 16.38
C TRP F 292 -6.02 -27.85 17.56
N LEU F 293 -6.53 -27.67 18.77
CA LEU F 293 -5.67 -27.68 19.95
C LEU F 293 -5.39 -29.10 20.43
N THR F 294 -6.19 -30.06 19.99
CA THR F 294 -6.02 -31.47 20.37
C THR F 294 -5.00 -32.19 19.52
N GLU F 295 -4.86 -31.82 18.25
CA GLU F 295 -4.06 -32.57 17.29
C GLU F 295 -2.70 -31.94 16.99
N VAL F 296 -2.32 -30.92 17.76
CA VAL F 296 -0.96 -30.39 17.75
C VAL F 296 -0.13 -31.25 18.69
N PRO F 297 1.07 -31.70 18.31
CA PRO F 297 1.84 -32.58 19.18
C PRO F 297 2.43 -31.89 20.40
N TRP F 298 2.17 -32.48 21.56
CA TRP F 298 2.70 -32.01 22.84
C TRP F 298 3.53 -33.13 23.44
N SER F 299 4.84 -32.91 23.56
CA SER F 299 5.79 -33.83 24.23
C SER F 299 5.78 -35.22 23.60
N LYS F 300 6.20 -35.29 22.34
CA LYS F 300 6.31 -36.55 21.62
C LYS F 300 7.42 -36.41 20.59
N ALA F 301 8.48 -37.20 20.74
CA ALA F 301 9.68 -37.02 19.94
C ALA F 301 10.19 -38.36 19.42
N ASP F 302 10.90 -38.30 18.30
CA ASP F 302 11.60 -39.47 17.78
C ASP F 302 12.89 -39.69 18.57
N PRO F 303 13.36 -40.93 18.67
CA PRO F 303 14.60 -41.20 19.40
C PRO F 303 15.82 -40.61 18.70
N GLU F 304 16.85 -40.34 19.49
CA GLU F 304 18.09 -39.77 18.99
C GLU F 304 19.05 -40.88 18.58
N VAL F 305 19.87 -40.55 17.58
CA VAL F 305 20.84 -41.49 17.03
C VAL F 305 22.09 -41.44 17.90
N LEU F 306 22.72 -42.59 18.10
CA LEU F 306 23.94 -42.67 18.91
C LEU F 306 25.13 -43.18 18.12
N ASP F 307 24.94 -43.62 16.88
CA ASP F 307 26.03 -44.06 16.03
C ASP F 307 26.17 -43.09 14.87
N ILE F 308 27.24 -42.29 14.90
CA ILE F 308 27.46 -41.35 13.80
C ILE F 308 28.08 -41.99 12.59
N ASN F 309 28.55 -43.23 12.70
CA ASN F 309 29.01 -43.95 11.52
C ASN F 309 27.86 -44.30 10.59
N HIS F 310 26.70 -44.60 11.17
CA HIS F 310 25.50 -44.84 10.37
C HIS F 310 25.04 -43.55 9.67
N THR F 311 25.17 -42.42 10.35
CA THR F 311 24.82 -41.14 9.74
C THR F 311 25.79 -40.79 8.61
N ARG F 312 27.08 -41.09 8.79
CA ARG F 312 28.05 -40.88 7.72
C ARG F 312 27.78 -41.79 6.52
N GLN F 313 27.38 -43.04 6.78
CA GLN F 313 27.10 -43.94 5.67
C GLN F 313 25.82 -43.56 4.94
N VAL F 314 24.84 -42.99 5.65
CA VAL F 314 23.62 -42.59 4.96
C VAL F 314 23.86 -41.32 4.15
N LEU F 315 24.66 -40.38 4.67
CA LEU F 315 24.90 -39.14 3.93
C LEU F 315 25.74 -39.36 2.68
N ASP F 316 26.52 -40.44 2.61
CA ASP F 316 27.32 -40.70 1.44
C ASP F 316 26.59 -41.50 0.36
N GLU F 317 25.33 -41.88 0.60
CA GLU F 317 24.58 -42.59 -0.42
C GLU F 317 23.77 -41.65 -1.29
N ASP F 318 23.45 -40.46 -0.80
CA ASP F 318 22.59 -39.54 -1.52
C ASP F 318 23.34 -38.50 -2.33
N HIS F 319 24.56 -38.16 -1.93
CA HIS F 319 25.31 -37.16 -2.65
C HIS F 319 26.77 -37.56 -2.70
N TYR F 320 27.49 -36.97 -3.64
CA TYR F 320 28.93 -37.14 -3.78
C TYR F 320 29.60 -35.82 -3.47
N GLY F 321 30.78 -35.89 -2.86
CA GLY F 321 31.47 -34.69 -2.47
C GLY F 321 30.81 -34.04 -1.28
N LEU F 322 30.83 -32.69 -1.29
CA LEU F 322 30.18 -31.84 -0.30
C LEU F 322 30.66 -32.14 1.12
N LYS F 323 31.98 -32.25 1.27
CA LYS F 323 32.56 -32.82 2.48
C LYS F 323 32.38 -31.94 3.70
N ASP F 324 32.46 -30.62 3.53
CA ASP F 324 32.41 -29.73 4.68
C ASP F 324 31.01 -29.64 5.27
N VAL F 325 29.97 -29.71 4.42
CA VAL F 325 28.60 -29.68 4.91
C VAL F 325 28.29 -30.95 5.71
N LYS F 326 28.70 -32.10 5.18
CA LYS F 326 28.49 -33.38 5.85
C LYS F 326 29.23 -33.44 7.17
N GLU F 327 30.47 -32.95 7.20
CA GLU F 327 31.19 -33.01 8.46
C GLU F 327 30.73 -31.95 9.44
N ARG F 328 30.11 -30.86 8.97
CA ARG F 328 29.48 -29.93 9.92
C ARG F 328 28.25 -30.57 10.59
N ILE F 329 27.48 -31.34 9.82
CA ILE F 329 26.36 -32.08 10.41
C ILE F 329 26.85 -33.09 11.43
N LEU F 330 27.94 -33.79 11.11
CA LEU F 330 28.51 -34.74 12.06
C LEU F 330 29.07 -34.05 13.31
N GLU F 331 29.61 -32.83 13.15
CA GLU F 331 30.06 -32.07 14.32
C GLU F 331 28.90 -31.68 15.22
N TYR F 332 27.76 -31.29 14.63
CA TYR F 332 26.58 -30.99 15.43
C TYR F 332 26.10 -32.20 16.21
N LEU F 333 26.03 -33.36 15.55
CA LEU F 333 25.59 -34.57 16.24
C LEU F 333 26.56 -34.99 17.33
N ALA F 334 27.87 -34.82 17.11
CA ALA F 334 28.84 -35.18 18.14
C ALA F 334 28.76 -34.26 19.33
N VAL F 335 28.55 -32.95 19.10
CA VAL F 335 28.41 -32.00 20.19
C VAL F 335 27.17 -32.31 21.02
N ARG F 336 26.05 -32.64 20.36
CA ARG F 336 24.84 -32.89 21.14
C ARG F 336 24.89 -34.24 21.85
N GLN F 337 25.63 -35.21 21.32
CA GLN F 337 25.72 -36.49 22.02
C GLN F 337 26.69 -36.43 23.18
N LEU F 338 27.73 -35.60 23.12
CA LEU F 338 28.62 -35.48 24.26
C LEU F 338 28.10 -34.58 25.35
N THR F 339 27.02 -33.84 25.12
CA THR F 339 26.60 -32.81 26.04
C THR F 339 25.11 -32.94 26.26
N GLN F 340 24.73 -33.54 27.39
CA GLN F 340 23.31 -33.64 27.73
C GLN F 340 23.09 -33.34 29.20
N GLY F 341 24.07 -32.72 29.87
CA GLY F 341 23.94 -32.48 31.29
C GLY F 341 24.13 -31.07 31.80
N LEU F 342 24.69 -30.16 31.00
CA LEU F 342 24.96 -28.82 31.49
C LEU F 342 23.89 -27.79 31.14
N ASP F 343 23.08 -28.06 30.13
CA ASP F 343 21.83 -27.36 29.83
C ASP F 343 22.05 -25.90 29.42
N VAL F 344 23.15 -25.66 28.71
CA VAL F 344 23.31 -24.47 27.88
C VAL F 344 23.38 -24.87 26.42
N ARG F 345 23.73 -26.12 26.14
CA ARG F 345 23.89 -26.73 24.84
C ARG F 345 22.54 -26.98 24.17
N ASN F 346 22.60 -27.69 23.05
CA ASN F 346 21.46 -28.24 22.30
C ASN F 346 20.60 -27.13 21.75
N LYS F 347 21.20 -25.99 21.47
CA LYS F 347 20.65 -25.02 20.53
C LYS F 347 21.18 -25.38 19.15
N ALA F 348 20.27 -25.84 18.29
CA ALA F 348 20.66 -26.29 16.97
C ALA F 348 21.08 -25.08 16.12
N PRO F 349 22.09 -25.23 15.25
CA PRO F 349 22.54 -24.08 14.47
C PRO F 349 21.59 -23.74 13.35
N ILE F 350 21.35 -22.44 13.13
CA ILE F 350 20.52 -22.02 12.01
C ILE F 350 21.43 -22.04 10.78
N LEU F 351 21.39 -23.14 10.04
CA LEU F 351 22.29 -23.30 8.92
C LEU F 351 21.76 -22.59 7.68
N VAL F 352 22.65 -21.98 6.92
CA VAL F 352 22.32 -21.34 5.67
C VAL F 352 23.22 -21.91 4.59
N LEU F 353 22.61 -22.53 3.60
CA LEU F 353 23.37 -23.05 2.47
C LEU F 353 23.39 -21.99 1.38
N VAL F 354 24.58 -21.55 0.99
CA VAL F 354 24.74 -20.48 0.01
C VAL F 354 25.57 -21.02 -1.15
N GLY F 355 25.08 -20.82 -2.37
CA GLY F 355 25.83 -21.22 -3.53
C GLY F 355 25.10 -20.91 -4.82
N PRO F 356 25.75 -21.18 -5.94
CA PRO F 356 25.12 -20.97 -7.25
C PRO F 356 23.99 -21.97 -7.48
N PRO F 357 23.12 -21.73 -8.46
CA PRO F 357 22.00 -22.66 -8.67
C PRO F 357 22.46 -23.98 -9.26
N GLY F 358 21.88 -25.06 -8.75
CA GLY F 358 22.12 -26.36 -9.33
C GLY F 358 22.92 -27.30 -8.47
N VAL F 359 23.61 -26.76 -7.47
CA VAL F 359 24.30 -27.57 -6.47
C VAL F 359 23.24 -28.06 -5.51
N GLY F 360 23.55 -29.12 -4.78
CA GLY F 360 22.49 -29.81 -4.08
C GLY F 360 21.99 -29.21 -2.79
N LYS F 361 21.46 -27.99 -2.81
CA LYS F 361 20.99 -27.39 -1.56
C LYS F 361 19.69 -28.02 -1.09
N THR F 362 18.69 -28.10 -1.96
CA THR F 362 17.36 -28.53 -1.57
C THR F 362 17.31 -30.04 -1.30
N SER F 363 18.15 -30.82 -1.98
CA SER F 363 18.15 -32.26 -1.78
C SER F 363 18.80 -32.66 -0.47
N LEU F 364 19.72 -31.83 0.03
CA LEU F 364 20.38 -32.14 1.29
C LEU F 364 19.41 -32.07 2.47
N GLY F 365 18.32 -31.34 2.36
CA GLY F 365 17.32 -31.31 3.41
C GLY F 365 16.73 -32.67 3.70
N ARG F 366 16.20 -33.30 2.66
CA ARG F 366 15.65 -34.65 2.80
C ARG F 366 16.75 -35.66 3.08
N SER F 367 17.97 -35.45 2.57
CA SER F 367 19.04 -36.39 2.86
C SER F 367 19.49 -36.34 4.31
N ILE F 368 19.54 -35.14 4.91
CA ILE F 368 19.89 -35.00 6.32
C ILE F 368 18.79 -35.55 7.21
N ALA F 369 17.53 -35.30 6.84
CA ALA F 369 16.41 -35.80 7.62
C ALA F 369 16.33 -37.32 7.58
N ARG F 370 16.73 -37.94 6.47
CA ARG F 370 16.80 -39.39 6.45
C ARG F 370 17.99 -39.92 7.25
N SER F 371 19.06 -39.13 7.37
CA SER F 371 20.24 -39.54 8.11
C SER F 371 20.03 -39.53 9.61
N MET F 372 19.32 -38.54 10.14
CA MET F 372 19.09 -38.47 11.58
C MET F 372 17.87 -39.24 12.04
N ASN F 373 17.20 -39.96 11.13
CA ASN F 373 15.95 -40.69 11.38
C ASN F 373 14.86 -39.78 11.95
N ARG F 374 14.72 -38.61 11.34
CA ARG F 374 13.67 -37.67 11.73
C ARG F 374 12.69 -37.48 10.59
N LYS F 375 11.64 -36.72 10.85
CA LYS F 375 10.65 -36.42 9.85
C LYS F 375 10.94 -35.07 9.20
N PHE F 376 10.50 -34.93 7.96
CA PHE F 376 10.88 -33.81 7.11
C PHE F 376 9.64 -33.08 6.62
N HIS F 377 9.75 -31.76 6.50
CA HIS F 377 8.70 -30.95 5.91
C HIS F 377 9.34 -29.69 5.33
N ARG F 378 8.97 -29.35 4.10
CA ARG F 378 9.57 -28.24 3.39
C ARG F 378 8.56 -27.12 3.23
N ILE F 379 8.99 -25.89 3.50
CA ILE F 379 8.16 -24.70 3.38
C ILE F 379 8.85 -23.75 2.41
N SER F 380 8.16 -23.37 1.35
CA SER F 380 8.72 -22.49 0.35
C SER F 380 8.34 -21.05 0.65
N LEU F 381 9.34 -20.18 0.72
CA LEU F 381 9.15 -18.79 1.08
C LEU F 381 9.48 -17.85 -0.07
N GLY F 382 9.39 -18.32 -1.30
CA GLY F 382 9.87 -17.62 -2.47
C GLY F 382 9.18 -16.33 -2.82
N GLY F 383 7.89 -16.21 -2.58
CA GLY F 383 7.22 -14.98 -2.92
C GLY F 383 6.20 -14.59 -1.87
N VAL F 384 6.43 -15.01 -0.64
CA VAL F 384 5.49 -14.78 0.46
C VAL F 384 5.54 -13.30 0.80
N ARG F 385 4.37 -12.65 0.76
CA ARG F 385 4.25 -11.23 0.98
C ARG F 385 3.51 -10.90 2.27
N ASP F 386 2.51 -11.69 2.63
CA ASP F 386 1.68 -11.41 3.79
C ASP F 386 2.38 -11.96 5.03
N GLU F 387 2.16 -11.30 6.17
CA GLU F 387 2.67 -11.82 7.42
C GLU F 387 1.73 -12.85 8.02
N ALA F 388 0.54 -13.01 7.44
CA ALA F 388 -0.46 -13.91 7.98
C ALA F 388 -0.21 -15.35 7.57
N GLU F 389 0.87 -15.62 6.84
CA GLU F 389 1.27 -16.98 6.52
C GLU F 389 2.13 -17.56 7.62
N ILE F 390 2.94 -16.75 8.27
CA ILE F 390 3.80 -17.19 9.36
C ILE F 390 3.05 -17.31 10.66
N ARG F 391 2.47 -16.21 11.12
CA ARG F 391 1.61 -16.13 12.29
C ARG F 391 0.21 -15.74 11.86
N GLY F 392 -0.78 -16.53 12.27
CA GLY F 392 -2.09 -16.50 11.65
C GLY F 392 -2.98 -15.35 12.07
N HIS F 393 -4.29 -15.60 12.02
CA HIS F 393 -5.29 -14.61 12.38
C HIS F 393 -5.97 -15.01 13.68
N ARG F 394 -6.56 -14.04 14.36
CA ARG F 394 -7.31 -14.33 15.57
C ARG F 394 -8.57 -15.09 15.23
N ARG F 395 -9.03 -15.92 16.17
CA ARG F 395 -10.15 -16.82 15.94
C ARG F 395 -11.50 -16.14 16.14
N THR F 396 -11.52 -14.81 16.26
CA THR F 396 -12.75 -14.05 16.31
C THR F 396 -13.25 -13.64 14.94
N TYR F 397 -12.50 -13.96 13.89
CA TYR F 397 -12.88 -13.66 12.52
C TYR F 397 -13.79 -14.75 11.96
N ILE F 398 -14.42 -14.44 10.83
CA ILE F 398 -15.44 -15.34 10.28
C ILE F 398 -14.77 -16.53 9.60
N GLY F 399 -13.52 -16.36 9.17
CA GLY F 399 -12.66 -17.43 8.79
C GLY F 399 -11.33 -17.36 9.51
N ALA F 400 -10.85 -18.51 9.94
CA ALA F 400 -9.69 -18.49 10.82
C ALA F 400 -8.84 -19.72 10.66
N MET F 401 -7.57 -19.52 10.29
CA MET F 401 -6.64 -20.60 10.13
C MET F 401 -5.35 -20.18 10.82
N PRO F 402 -4.57 -21.13 11.31
CA PRO F 402 -3.28 -20.76 11.91
C PRO F 402 -2.22 -20.53 10.86
N GLY F 403 -1.00 -20.31 11.32
CA GLY F 403 0.11 -20.05 10.41
C GLY F 403 0.59 -21.32 9.71
N LYS F 404 1.62 -21.14 8.88
CA LYS F 404 2.17 -22.28 8.16
C LYS F 404 3.08 -23.12 9.04
N LEU F 405 3.69 -22.52 10.07
CA LEU F 405 4.62 -23.24 10.91
C LEU F 405 3.91 -24.24 11.81
N ILE F 406 2.84 -23.83 12.47
CA ILE F 406 2.07 -24.73 13.32
C ILE F 406 1.26 -25.71 12.47
N HIS F 407 0.92 -25.34 11.24
CA HIS F 407 0.34 -26.31 10.31
C HIS F 407 1.36 -27.37 9.93
N ALA F 408 2.63 -26.99 9.74
CA ALA F 408 3.68 -27.96 9.46
C ALA F 408 3.95 -28.85 10.68
N MET F 409 3.85 -28.28 11.88
CA MET F 409 3.96 -29.07 13.09
C MET F 409 2.78 -30.01 13.27
N LYS F 410 1.63 -29.69 12.68
CA LYS F 410 0.54 -30.65 12.67
C LYS F 410 0.79 -31.73 11.62
N GLN F 411 1.50 -31.39 10.53
CA GLN F 411 1.78 -32.36 9.47
C GLN F 411 2.69 -33.48 9.95
N VAL F 412 3.87 -33.14 10.46
CA VAL F 412 4.69 -34.14 11.14
C VAL F 412 4.04 -34.47 12.48
N GLY F 413 4.35 -35.64 13.01
CA GLY F 413 3.71 -36.03 14.26
C GLY F 413 4.52 -35.78 15.50
N VAL F 414 5.74 -35.26 15.35
CA VAL F 414 6.67 -35.17 16.47
C VAL F 414 6.97 -33.72 16.76
N ILE F 415 7.73 -33.49 17.83
CA ILE F 415 8.11 -32.15 18.24
C ILE F 415 9.48 -31.76 17.74
N ASN F 416 10.24 -32.71 17.17
CA ASN F 416 11.57 -32.43 16.62
C ASN F 416 11.72 -32.87 15.16
N PRO F 417 11.07 -32.16 14.22
CA PRO F 417 11.29 -32.51 12.81
C PRO F 417 12.46 -31.76 12.24
N VAL F 418 12.71 -31.93 10.95
CA VAL F 418 13.64 -31.09 10.19
C VAL F 418 12.79 -30.26 9.25
N ILE F 419 12.74 -28.95 9.49
CA ILE F 419 11.98 -28.02 8.66
C ILE F 419 12.95 -27.30 7.74
N LEU F 420 12.70 -27.39 6.44
CA LEU F 420 13.50 -26.72 5.42
C LEU F 420 12.77 -25.45 4.99
N LEU F 421 13.31 -24.29 5.34
CA LEU F 421 12.76 -23.02 4.91
C LEU F 421 13.50 -22.59 3.65
N ASP F 422 12.85 -22.73 2.51
CA ASP F 422 13.54 -22.60 1.24
C ASP F 422 13.41 -21.17 0.73
N GLU F 423 14.52 -20.63 0.22
CA GLU F 423 14.64 -19.28 -0.34
C GLU F 423 14.23 -18.19 0.63
N ILE F 424 14.97 -18.05 1.74
CA ILE F 424 14.68 -17.01 2.72
C ILE F 424 15.18 -15.65 2.23
N ASP F 425 16.03 -15.63 1.21
CA ASP F 425 16.56 -14.38 0.69
C ASP F 425 15.61 -13.72 -0.30
N LYS F 426 14.43 -14.28 -0.54
CA LYS F 426 13.53 -13.78 -1.55
C LYS F 426 12.13 -13.47 -1.02
N MET F 427 11.99 -13.23 0.27
CA MET F 427 10.70 -12.82 0.80
C MET F 427 10.40 -11.39 0.40
N SER F 428 9.13 -11.12 0.11
CA SER F 428 8.72 -9.80 -0.33
C SER F 428 8.07 -9.03 0.82
N SER F 429 8.23 -7.72 0.78
CA SER F 429 7.66 -6.84 1.78
C SER F 429 6.36 -6.24 1.28
N ASP F 430 5.63 -5.60 2.19
CA ASP F 430 4.35 -5.00 1.89
C ASP F 430 4.10 -3.92 2.93
N TRP F 431 2.97 -3.22 2.81
CA TRP F 431 2.43 -2.53 3.97
C TRP F 431 1.80 -3.56 4.89
N ARG F 432 1.50 -3.14 6.13
CA ARG F 432 1.33 -3.98 7.31
C ARG F 432 2.57 -4.84 7.54
N GLY F 433 3.75 -4.30 7.24
CA GLY F 433 5.02 -4.91 7.59
C GLY F 433 5.49 -5.93 6.58
N ASP F 434 6.57 -6.60 6.95
CA ASP F 434 7.22 -7.64 6.16
C ASP F 434 7.35 -8.90 6.99
N PRO F 435 7.26 -10.08 6.37
CA PRO F 435 7.31 -11.33 7.13
C PRO F 435 8.68 -11.68 7.70
N ALA F 436 9.71 -10.89 7.41
CA ALA F 436 11.00 -11.07 8.07
C ALA F 436 10.92 -10.76 9.55
N SER F 437 10.07 -9.80 9.94
CA SER F 437 9.90 -9.47 11.35
C SER F 437 9.23 -10.62 12.11
N ALA F 438 8.24 -11.26 11.49
CA ALA F 438 7.63 -12.42 12.12
C ALA F 438 8.52 -13.65 12.02
N MET F 439 9.40 -13.69 11.03
CA MET F 439 10.33 -14.82 10.89
C MET F 439 11.45 -14.73 11.91
N LEU F 440 11.81 -13.52 12.34
CA LEU F 440 12.86 -13.35 13.34
C LEU F 440 12.44 -13.91 14.70
N GLU F 441 11.14 -14.01 14.97
CA GLU F 441 10.70 -14.54 16.25
C GLU F 441 10.91 -16.04 16.33
N VAL F 442 10.56 -16.77 15.27
CA VAL F 442 10.64 -18.22 15.31
C VAL F 442 12.08 -18.72 15.11
N LEU F 443 12.95 -17.90 14.54
CA LEU F 443 14.26 -18.37 14.12
C LEU F 443 15.36 -17.89 15.07
N ASP F 444 14.98 -17.23 16.16
CA ASP F 444 15.92 -16.76 17.19
C ASP F 444 15.89 -17.75 18.33
N PRO F 445 17.01 -18.42 18.67
CA PRO F 445 16.96 -19.50 19.67
C PRO F 445 17.07 -19.00 21.11
N GLU F 446 16.39 -17.90 21.40
CA GLU F 446 16.28 -17.40 22.77
C GLU F 446 14.88 -16.87 23.03
N GLN F 447 14.00 -16.97 22.01
CA GLN F 447 12.63 -16.53 22.17
C GLN F 447 11.66 -17.43 21.41
N ASN F 448 12.16 -18.48 20.77
CA ASN F 448 11.31 -19.42 20.06
C ASN F 448 10.77 -20.54 20.94
N ASN F 449 11.18 -20.59 22.20
CA ASN F 449 10.58 -21.53 23.14
C ASN F 449 9.19 -21.12 23.60
N THR F 450 8.82 -19.86 23.41
CA THR F 450 7.49 -19.35 23.71
C THR F 450 6.90 -18.66 22.49
N PHE F 451 6.97 -19.32 21.34
CA PHE F 451 6.45 -18.78 20.09
C PHE F 451 4.93 -18.68 20.15
N THR F 452 4.41 -17.50 19.81
CA THR F 452 2.98 -17.22 19.86
C THR F 452 2.45 -16.88 18.47
N ASP F 453 1.55 -17.70 17.97
CA ASP F 453 0.67 -17.34 16.86
C ASP F 453 -0.57 -16.64 17.41
N HIS F 454 -1.40 -16.14 16.51
CA HIS F 454 -2.63 -15.47 16.92
C HIS F 454 -3.84 -16.38 16.94
N TYR F 455 -3.81 -17.51 16.23
CA TYR F 455 -4.95 -18.40 16.28
C TYR F 455 -4.96 -19.10 17.64
N LEU F 456 -3.88 -19.78 17.98
CA LEU F 456 -3.73 -20.32 19.33
C LEU F 456 -3.34 -19.18 20.25
N ASP F 457 -4.08 -18.98 21.33
CA ASP F 457 -3.77 -17.90 22.27
C ASP F 457 -2.74 -18.29 23.31
N VAL F 458 -1.93 -19.30 23.05
CA VAL F 458 -1.00 -19.86 24.03
C VAL F 458 0.40 -19.90 23.41
N PRO F 459 1.47 -19.86 24.21
CA PRO F 459 2.81 -20.01 23.63
C PRO F 459 3.11 -21.47 23.32
N TYR F 460 3.88 -21.67 22.25
CA TYR F 460 4.21 -23.01 21.76
C TYR F 460 5.73 -23.13 21.61
N ASP F 461 6.25 -24.29 21.96
CA ASP F 461 7.70 -24.50 21.99
C ASP F 461 8.19 -24.99 20.63
N LEU F 462 9.11 -24.22 20.03
CA LEU F 462 9.71 -24.60 18.76
C LEU F 462 11.23 -24.59 18.85
N SER F 463 11.77 -24.99 19.99
CA SER F 463 13.21 -24.97 20.22
C SER F 463 13.89 -26.27 19.84
N LYS F 464 13.15 -27.37 19.73
CA LYS F 464 13.72 -28.66 19.38
C LYS F 464 13.67 -28.94 17.89
N VAL F 465 13.29 -27.95 17.09
CA VAL F 465 13.18 -28.12 15.64
C VAL F 465 14.51 -27.73 15.00
N PHE F 466 15.01 -28.59 14.13
CA PHE F 466 16.25 -28.34 13.41
C PHE F 466 15.89 -27.64 12.09
N PHE F 467 16.23 -26.36 11.99
CA PHE F 467 15.90 -25.55 10.82
C PHE F 467 17.07 -25.52 9.85
N ILE F 468 16.79 -25.72 8.57
CA ILE F 468 17.76 -25.57 7.51
C ILE F 468 17.20 -24.56 6.51
N THR F 469 18.00 -23.58 6.14
CA THR F 469 17.59 -22.57 5.18
C THR F 469 18.56 -22.54 4.01
N THR F 470 18.06 -22.13 2.84
CA THR F 470 18.85 -22.06 1.63
C THR F 470 18.77 -20.65 1.03
N ALA F 471 19.82 -20.26 0.32
CA ALA F 471 19.87 -18.95 -0.31
C ALA F 471 20.89 -18.99 -1.44
N ASN F 472 20.73 -18.08 -2.40
CA ASN F 472 21.69 -17.92 -3.47
C ASN F 472 22.72 -16.85 -3.20
N THR F 473 22.40 -15.83 -2.42
CA THR F 473 23.35 -14.79 -2.08
C THR F 473 22.99 -14.23 -0.71
N LEU F 474 23.93 -13.51 -0.12
CA LEU F 474 23.77 -13.01 1.25
C LEU F 474 23.30 -11.57 1.30
N GLN F 475 23.41 -10.82 0.20
CA GLN F 475 23.20 -9.37 0.22
C GLN F 475 21.74 -8.97 0.36
N THR F 476 20.82 -9.91 0.29
CA THR F 476 19.41 -9.56 0.37
C THR F 476 18.70 -10.30 1.50
N ILE F 477 19.49 -10.88 2.41
CA ILE F 477 18.97 -11.42 3.66
C ILE F 477 18.96 -10.28 4.66
N PRO F 478 17.87 -10.09 5.44
CA PRO F 478 17.86 -9.03 6.46
C PRO F 478 18.91 -9.20 7.54
N ARG F 479 19.58 -8.11 7.89
CA ARG F 479 20.63 -8.02 8.90
C ARG F 479 20.29 -8.61 10.28
N PRO F 480 19.06 -8.44 10.86
CA PRO F 480 18.79 -9.15 12.13
C PRO F 480 18.64 -10.65 11.98
N LEU F 481 18.51 -11.15 10.75
CA LEU F 481 18.57 -12.59 10.54
C LEU F 481 19.97 -13.13 10.33
N LEU F 482 20.86 -12.43 9.63
CA LEU F 482 22.23 -12.88 9.43
C LEU F 482 23.05 -12.93 10.71
N ASP F 483 22.64 -12.24 11.76
CA ASP F 483 23.39 -12.24 13.01
C ASP F 483 23.11 -13.47 13.85
N ARG F 484 22.14 -14.29 13.45
CA ARG F 484 21.78 -15.48 14.17
C ARG F 484 22.00 -16.74 13.35
N MET F 485 22.74 -16.64 12.25
CA MET F 485 22.90 -17.72 11.29
C MET F 485 24.36 -18.09 11.17
N GLU F 486 24.62 -19.34 10.78
CA GLU F 486 25.96 -19.84 10.49
C GLU F 486 26.00 -20.23 9.02
N VAL F 487 26.69 -19.43 8.21
CA VAL F 487 26.69 -19.67 6.78
C VAL F 487 27.62 -20.85 6.45
N ILE F 488 27.19 -21.64 5.48
CA ILE F 488 28.00 -22.71 4.91
C ILE F 488 27.90 -22.54 3.40
N GLU F 489 29.04 -22.29 2.76
CA GLU F 489 29.01 -22.00 1.34
C GLU F 489 29.35 -23.26 0.55
N ILE F 490 28.59 -23.50 -0.52
CA ILE F 490 28.86 -24.59 -1.46
C ILE F 490 29.49 -23.96 -2.70
N PRO F 491 30.73 -24.30 -3.05
CA PRO F 491 31.48 -23.53 -4.05
C PRO F 491 31.11 -23.82 -5.50
N GLY F 492 30.64 -25.01 -5.83
CA GLY F 492 30.55 -25.40 -7.22
C GLY F 492 31.52 -26.51 -7.55
N TYR F 493 31.23 -27.25 -8.60
CA TYR F 493 31.85 -28.53 -8.86
C TYR F 493 32.92 -28.41 -9.93
N THR F 494 33.99 -29.19 -9.77
CA THR F 494 35.01 -29.27 -10.80
C THR F 494 34.65 -30.40 -11.76
N ASN F 495 35.49 -30.63 -12.78
CA ASN F 495 35.10 -31.56 -13.85
C ASN F 495 35.17 -33.01 -13.41
N MET F 496 36.12 -33.34 -12.53
CA MET F 496 36.22 -34.71 -12.02
C MET F 496 35.03 -35.05 -11.14
N GLU F 497 34.61 -34.09 -10.31
CA GLU F 497 33.41 -34.25 -9.50
C GLU F 497 32.17 -34.40 -10.35
N LYS F 498 32.09 -33.63 -11.45
CA LYS F 498 30.94 -33.72 -12.33
C LYS F 498 30.87 -35.05 -13.04
N GLN F 499 32.01 -35.59 -13.48
CA GLN F 499 31.88 -36.90 -14.12
C GLN F 499 31.68 -38.02 -13.11
N ALA F 500 32.10 -37.84 -11.86
CA ALA F 500 31.78 -38.83 -10.85
C ALA F 500 30.30 -38.86 -10.55
N ILE F 501 29.68 -37.69 -10.39
CA ILE F 501 28.25 -37.70 -10.11
C ILE F 501 27.42 -37.94 -11.37
N ALA F 502 28.03 -37.88 -12.55
CA ALA F 502 27.32 -38.35 -13.73
C ALA F 502 27.42 -39.86 -13.90
N ARG F 503 28.51 -40.48 -13.46
CA ARG F 503 28.54 -41.94 -13.46
C ARG F 503 27.59 -42.51 -12.42
N GLN F 504 27.53 -41.91 -11.24
CA GLN F 504 26.82 -42.56 -10.16
C GLN F 504 25.37 -42.17 -10.05
N TYR F 505 24.99 -40.97 -10.47
CA TYR F 505 23.64 -40.49 -10.18
C TYR F 505 22.83 -40.13 -11.41
N LEU F 506 23.38 -39.32 -12.32
CA LEU F 506 22.53 -38.69 -13.33
C LEU F 506 22.23 -39.62 -14.50
N TRP F 507 23.24 -40.35 -14.96
CA TRP F 507 23.05 -41.22 -16.11
C TRP F 507 22.14 -42.42 -15.85
N PRO F 508 22.21 -43.13 -14.70
CA PRO F 508 21.20 -44.19 -14.49
C PRO F 508 19.77 -43.68 -14.39
N LYS F 509 19.53 -42.52 -13.78
CA LYS F 509 18.16 -42.06 -13.74
C LYS F 509 17.70 -41.46 -15.05
N GLN F 510 18.61 -41.00 -15.91
CA GLN F 510 18.14 -40.58 -17.22
C GLN F 510 17.96 -41.75 -18.17
N VAL F 511 18.56 -42.90 -17.88
CA VAL F 511 18.35 -44.04 -18.75
C VAL F 511 17.14 -44.86 -18.31
N ARG F 512 16.84 -44.90 -17.01
CA ARG F 512 15.63 -45.58 -16.56
C ARG F 512 14.37 -44.88 -17.07
N GLU F 513 14.37 -43.56 -17.09
CA GLU F 513 13.18 -42.82 -17.47
C GLU F 513 12.96 -42.79 -18.97
N SER F 514 13.93 -43.22 -19.77
CA SER F 514 13.76 -43.34 -21.20
C SER F 514 13.40 -44.76 -21.62
N GLY F 515 13.46 -45.72 -20.71
CA GLY F 515 13.17 -47.09 -21.06
C GLY F 515 14.25 -47.73 -21.89
N MET F 516 15.48 -47.24 -21.81
CA MET F 516 16.57 -47.71 -22.65
C MET F 516 17.67 -48.40 -21.85
N GLU F 517 17.35 -48.98 -20.70
CA GLU F 517 18.40 -49.58 -19.89
C GLU F 517 18.74 -50.97 -20.39
N GLY F 518 20.03 -51.28 -20.41
CA GLY F 518 20.50 -52.49 -21.04
C GLY F 518 20.64 -52.39 -22.53
N ARG F 519 20.41 -51.21 -23.10
CA ARG F 519 20.44 -51.02 -24.54
C ARG F 519 21.44 -49.98 -25.00
N ILE F 520 21.89 -49.08 -24.12
CA ILE F 520 22.81 -48.03 -24.51
C ILE F 520 23.67 -47.67 -23.31
N GLU F 521 24.95 -47.42 -23.57
CA GLU F 521 25.90 -47.06 -22.52
C GLU F 521 26.80 -45.96 -23.02
N VAL F 522 27.59 -45.40 -22.11
CA VAL F 522 28.43 -44.26 -22.40
C VAL F 522 29.74 -44.43 -21.65
N THR F 523 30.84 -43.96 -22.24
CA THR F 523 32.15 -44.13 -21.62
C THR F 523 32.49 -42.92 -20.76
N ASP F 524 33.68 -42.97 -20.17
CA ASP F 524 34.14 -41.87 -19.32
C ASP F 524 34.64 -40.71 -20.16
N ALA F 525 35.33 -41.00 -21.27
CA ALA F 525 35.80 -39.95 -22.15
C ALA F 525 34.65 -39.22 -22.82
N ALA F 526 33.55 -39.93 -23.08
CA ALA F 526 32.39 -39.28 -23.67
C ALA F 526 31.72 -38.34 -22.69
N ILE F 527 31.65 -38.73 -21.41
CA ILE F 527 31.08 -37.85 -20.39
C ILE F 527 31.99 -36.64 -20.18
N LEU F 528 33.30 -36.83 -20.31
CA LEU F 528 34.21 -35.69 -20.19
C LEU F 528 34.07 -34.74 -21.37
N ARG F 529 33.82 -35.29 -22.57
CA ARG F 529 33.46 -34.48 -23.74
C ARG F 529 32.21 -33.66 -23.50
N VAL F 530 31.16 -34.30 -22.97
CA VAL F 530 29.89 -33.63 -22.73
C VAL F 530 30.04 -32.51 -21.71
N ILE F 531 30.85 -32.74 -20.67
CA ILE F 531 31.06 -31.71 -19.66
C ILE F 531 31.87 -30.55 -20.24
N SER F 532 32.93 -30.85 -20.99
CA SER F 532 33.84 -29.78 -21.40
C SER F 532 33.30 -28.98 -22.58
N GLU F 533 32.70 -29.62 -23.58
CA GLU F 533 32.39 -28.95 -24.83
C GLU F 533 30.92 -28.58 -24.99
N TYR F 534 30.08 -28.82 -24.00
CA TYR F 534 28.66 -28.53 -24.15
C TYR F 534 28.03 -27.84 -22.95
N THR F 535 28.79 -27.59 -21.88
CA THR F 535 28.25 -26.94 -20.69
C THR F 535 29.24 -25.89 -20.19
N ARG F 536 28.71 -24.79 -19.67
CA ARG F 536 29.49 -23.81 -18.90
C ARG F 536 28.61 -23.39 -17.73
N GLU F 537 28.86 -23.98 -16.57
CA GLU F 537 27.99 -23.79 -15.42
C GLU F 537 28.73 -24.18 -14.16
N ALA F 538 28.07 -24.00 -13.02
CA ALA F 538 28.59 -24.47 -11.74
C ALA F 538 27.78 -25.62 -11.18
N GLY F 539 26.47 -25.65 -11.43
CA GLY F 539 25.62 -26.75 -11.04
C GLY F 539 25.62 -27.86 -12.07
N VAL F 540 24.62 -28.74 -11.95
CA VAL F 540 24.55 -29.90 -12.83
C VAL F 540 23.18 -30.12 -13.44
N ARG F 541 22.37 -29.07 -13.58
CA ARG F 541 21.10 -29.29 -14.28
C ARG F 541 21.31 -29.36 -15.79
N GLY F 542 22.25 -28.57 -16.32
CA GLY F 542 22.54 -28.62 -17.74
C GLY F 542 23.17 -29.93 -18.17
N LEU F 543 24.01 -30.51 -17.30
CA LEU F 543 24.62 -31.79 -17.60
C LEU F 543 23.59 -32.91 -17.69
N GLU F 544 22.61 -32.93 -16.78
CA GLU F 544 21.60 -33.97 -16.90
C GLU F 544 20.62 -33.70 -18.03
N ARG F 545 20.45 -32.43 -18.43
CA ARG F 545 19.68 -32.19 -19.65
C ARG F 545 20.40 -32.73 -20.89
N GLU F 546 21.74 -32.64 -20.91
CA GLU F 546 22.47 -33.20 -22.05
C GLU F 546 22.42 -34.74 -22.05
N LEU F 547 22.51 -35.34 -20.87
CA LEU F 547 22.44 -36.81 -20.80
C LEU F 547 21.04 -37.32 -21.15
N GLY F 548 20.00 -36.58 -20.75
CA GLY F 548 18.66 -36.92 -21.18
C GLY F 548 18.45 -36.73 -22.67
N LYS F 549 19.15 -35.78 -23.28
CA LYS F 549 19.07 -35.62 -24.73
C LYS F 549 19.69 -36.82 -25.44
N ILE F 550 20.80 -37.33 -24.91
CA ILE F 550 21.41 -38.53 -25.49
C ILE F 550 20.47 -39.73 -25.36
N ALA F 551 19.80 -39.85 -24.22
CA ALA F 551 18.87 -40.98 -24.02
C ALA F 551 17.65 -40.87 -24.93
N ARG F 552 17.13 -39.66 -25.14
CA ARG F 552 16.02 -39.46 -26.08
C ARG F 552 16.41 -39.83 -27.50
N LYS F 553 17.59 -39.37 -27.96
CA LYS F 553 18.02 -39.70 -29.31
C LYS F 553 18.21 -41.21 -29.48
N GLY F 554 18.69 -41.88 -28.44
CA GLY F 554 18.78 -43.34 -28.50
C GLY F 554 17.41 -44.00 -28.57
N ALA F 555 16.44 -43.47 -27.82
CA ALA F 555 15.10 -44.02 -27.85
C ALA F 555 14.42 -43.82 -29.20
N LYS F 556 14.75 -42.72 -29.89
CA LYS F 556 14.19 -42.52 -31.22
C LYS F 556 14.90 -43.40 -32.24
N PHE F 557 16.21 -43.60 -32.09
CA PHE F 557 16.93 -44.50 -32.99
C PHE F 557 16.51 -45.95 -32.83
N TRP F 558 16.02 -46.31 -31.64
CA TRP F 558 15.57 -47.69 -31.41
C TRP F 558 14.35 -48.03 -32.24
N LEU F 559 13.42 -47.08 -32.42
CA LEU F 559 12.17 -47.39 -33.08
C LEU F 559 12.29 -47.51 -34.58
N GLU F 560 13.30 -46.88 -35.18
CA GLU F 560 13.50 -46.95 -36.62
C GLU F 560 14.46 -48.06 -37.02
N GLY F 561 14.55 -49.11 -36.24
CA GLY F 561 15.40 -50.26 -36.47
C GLY F 561 16.23 -50.56 -35.23
N ALA F 562 16.05 -51.75 -34.69
CA ALA F 562 16.63 -52.13 -33.42
C ALA F 562 17.97 -52.80 -33.63
N TRP F 563 18.70 -52.97 -32.52
CA TRP F 563 19.94 -53.71 -32.49
C TRP F 563 19.88 -54.69 -31.34
N GLU F 564 20.81 -55.64 -31.32
CA GLU F 564 20.92 -56.55 -30.20
C GLU F 564 22.15 -56.20 -29.37
N GLY F 565 22.13 -56.60 -28.11
CA GLY F 565 23.20 -56.17 -27.23
C GLY F 565 23.00 -54.72 -26.84
N LEU F 566 24.11 -54.04 -26.56
CA LEU F 566 24.10 -52.63 -26.24
C LEU F 566 25.20 -51.94 -27.02
N ARG F 567 24.87 -50.80 -27.62
CA ARG F 567 25.90 -50.00 -28.24
C ARG F 567 26.48 -49.03 -27.22
N THR F 568 27.77 -48.77 -27.36
CA THR F 568 28.50 -47.94 -26.42
C THR F 568 28.86 -46.65 -27.10
N ILE F 569 28.45 -45.54 -26.52
CA ILE F 569 28.68 -44.24 -27.12
C ILE F 569 30.09 -43.79 -26.78
N ASP F 570 30.91 -43.61 -27.80
CA ASP F 570 32.28 -43.16 -27.59
C ASP F 570 32.36 -41.64 -27.62
N ALA F 571 33.57 -41.12 -27.43
CA ALA F 571 33.77 -39.68 -27.47
C ALA F 571 33.75 -39.13 -28.89
N SER F 572 33.86 -40.00 -29.89
CA SER F 572 33.78 -39.60 -31.27
C SER F 572 32.38 -39.76 -31.83
N ASP F 573 31.43 -40.23 -31.04
CA ASP F 573 30.04 -40.37 -31.45
C ASP F 573 29.14 -39.33 -30.83
N ILE F 574 29.69 -38.45 -30.00
CA ILE F 574 28.88 -37.42 -29.34
C ILE F 574 28.22 -36.43 -30.31
N PRO F 575 28.91 -35.90 -31.35
CA PRO F 575 28.19 -34.98 -32.25
C PRO F 575 27.09 -35.61 -33.09
N THR F 576 26.97 -36.93 -33.14
CA THR F 576 25.80 -37.55 -33.75
C THR F 576 24.57 -37.28 -32.90
N TYR F 577 24.73 -37.26 -31.58
CA TYR F 577 23.63 -37.14 -30.64
C TYR F 577 23.37 -35.72 -30.18
N LEU F 578 24.40 -34.90 -30.04
CA LEU F 578 24.23 -33.58 -29.48
C LEU F 578 24.43 -32.45 -30.48
N GLY F 579 24.93 -32.72 -31.67
CA GLY F 579 25.09 -31.68 -32.65
C GLY F 579 26.51 -31.11 -32.68
N ILE F 580 26.60 -29.89 -33.18
CA ILE F 580 27.87 -29.17 -33.28
C ILE F 580 28.27 -28.74 -31.88
N PRO F 581 29.55 -28.89 -31.49
CA PRO F 581 29.99 -28.40 -30.17
C PRO F 581 29.88 -26.90 -30.04
N ARG F 582 29.46 -26.41 -28.88
CA ARG F 582 29.25 -24.99 -28.71
C ARG F 582 30.32 -24.30 -27.90
N TYR F 583 31.35 -25.03 -27.47
CA TYR F 583 32.53 -24.43 -26.86
C TYR F 583 33.74 -25.17 -27.38
N ARG F 584 34.82 -24.45 -27.58
CA ARG F 584 36.01 -25.10 -28.12
C ARG F 584 36.98 -25.42 -27.00
N PRO F 585 37.56 -26.61 -26.99
CA PRO F 585 38.50 -26.96 -25.94
C PRO F 585 39.84 -26.27 -26.13
N ASP F 586 40.52 -26.04 -25.01
CA ASP F 586 41.84 -25.47 -25.04
C ASP F 586 42.86 -26.50 -25.51
N LYS F 587 43.89 -26.02 -26.21
CA LYS F 587 44.94 -26.89 -26.68
C LYS F 587 46.29 -26.32 -26.32
N ALA F 588 47.22 -27.20 -26.01
CA ALA F 588 48.59 -26.82 -25.73
C ALA F 588 49.42 -27.00 -27.00
N GLU F 589 50.26 -26.02 -27.28
CA GLU F 589 51.14 -26.08 -28.44
C GLU F 589 52.33 -26.97 -28.11
N THR F 590 53.03 -27.40 -29.15
CA THR F 590 54.10 -28.37 -28.97
C THR F 590 55.48 -27.82 -29.30
N GLU F 591 55.59 -26.86 -30.21
CA GLU F 591 56.89 -26.40 -30.62
C GLU F 591 57.27 -25.13 -29.88
N PRO F 592 58.55 -24.94 -29.58
CA PRO F 592 58.98 -23.67 -28.99
C PRO F 592 58.88 -22.53 -29.99
N GLN F 593 58.31 -21.42 -29.54
CA GLN F 593 58.02 -20.28 -30.38
C GLN F 593 58.85 -19.09 -29.94
N VAL F 594 59.08 -18.15 -30.86
CA VAL F 594 59.78 -16.92 -30.50
C VAL F 594 58.77 -15.88 -30.06
N GLY F 595 58.93 -15.38 -28.85
CA GLY F 595 58.09 -14.30 -28.37
C GLY F 595 56.71 -14.73 -27.93
N THR F 596 56.58 -15.92 -27.35
CA THR F 596 55.29 -16.45 -26.97
C THR F 596 55.46 -17.29 -25.72
N ALA F 597 54.59 -17.11 -24.74
CA ALA F 597 54.64 -17.88 -23.52
C ALA F 597 53.25 -18.33 -23.12
N GLN F 598 53.17 -19.48 -22.48
CA GLN F 598 51.91 -20.11 -22.09
C GLN F 598 51.56 -19.68 -20.67
N GLY F 599 50.39 -19.05 -20.51
CA GLY F 599 49.94 -18.58 -19.22
C GLY F 599 48.66 -19.27 -18.79
N LEU F 600 48.21 -18.88 -17.60
CA LEU F 600 47.02 -19.46 -16.99
C LEU F 600 46.10 -18.36 -16.51
N ALA F 601 44.80 -18.62 -16.55
CA ALA F 601 43.81 -17.61 -16.18
C ALA F 601 42.75 -18.24 -15.29
N TRP F 602 42.05 -17.38 -14.57
CA TRP F 602 41.01 -17.80 -13.63
C TRP F 602 39.69 -17.13 -13.99
N THR F 603 38.66 -17.93 -14.21
CA THR F 603 37.31 -17.47 -14.44
C THR F 603 36.42 -18.10 -13.37
N PRO F 604 35.23 -17.55 -13.12
CA PRO F 604 34.36 -18.16 -12.09
C PRO F 604 33.64 -19.42 -12.54
N VAL F 605 33.95 -19.96 -13.72
CA VAL F 605 33.40 -21.24 -14.15
C VAL F 605 34.53 -22.23 -14.38
N GLY F 606 35.74 -21.86 -13.97
CA GLY F 606 36.89 -22.72 -14.13
C GLY F 606 38.11 -21.96 -14.62
N GLY F 607 39.18 -22.65 -14.92
CA GLY F 607 40.35 -21.99 -15.45
C GLY F 607 40.46 -22.14 -16.95
N THR F 608 41.26 -21.29 -17.56
CA THR F 608 41.53 -21.34 -18.99
C THR F 608 43.03 -21.21 -19.20
N LEU F 609 43.44 -21.16 -20.46
CA LEU F 609 44.82 -20.90 -20.81
C LEU F 609 44.94 -19.52 -21.45
N LEU F 610 45.91 -18.74 -21.02
CA LEU F 610 46.29 -17.53 -21.71
C LEU F 610 47.51 -17.77 -22.56
N THR F 611 47.52 -17.16 -23.74
CA THR F 611 48.70 -17.10 -24.58
C THR F 611 49.05 -15.63 -24.74
N ILE F 612 50.30 -15.28 -24.54
CA ILE F 612 50.76 -13.91 -24.68
C ILE F 612 51.74 -13.86 -25.83
N GLU F 613 51.44 -13.05 -26.84
CA GLU F 613 52.27 -12.87 -28.01
C GLU F 613 52.85 -11.46 -27.99
N VAL F 614 54.13 -11.36 -28.34
CA VAL F 614 54.80 -10.06 -28.44
C VAL F 614 55.59 -10.03 -29.73
N ALA F 615 55.83 -8.82 -30.23
CA ALA F 615 56.58 -8.62 -31.45
C ALA F 615 57.51 -7.43 -31.26
N ALA F 616 58.75 -7.58 -31.70
CA ALA F 616 59.74 -6.51 -31.63
C ALA F 616 60.08 -6.09 -33.06
N VAL F 617 59.63 -4.92 -33.45
CA VAL F 617 59.84 -4.39 -34.79
C VAL F 617 60.68 -3.14 -34.65
N PRO F 618 61.44 -2.75 -35.69
CA PRO F 618 62.23 -1.52 -35.58
C PRO F 618 61.35 -0.29 -35.55
N GLY F 619 61.58 0.56 -34.56
CA GLY F 619 60.77 1.76 -34.36
C GLY F 619 61.53 2.83 -33.60
N SER F 620 60.85 3.49 -32.67
CA SER F 620 61.47 4.59 -31.94
C SER F 620 61.32 4.42 -30.44
N GLY F 621 60.65 3.36 -30.04
CA GLY F 621 60.52 3.00 -28.64
C GLY F 621 59.20 3.42 -28.06
N LYS F 622 58.25 2.50 -28.04
CA LYS F 622 56.94 2.72 -27.48
C LYS F 622 56.29 1.36 -27.27
N LEU F 623 55.14 1.37 -26.61
CA LEU F 623 54.58 0.12 -26.11
C LEU F 623 53.08 0.15 -26.35
N SER F 624 52.61 -0.71 -27.25
CA SER F 624 51.20 -0.89 -27.50
C SER F 624 50.74 -2.17 -26.82
N LEU F 625 49.51 -2.15 -26.30
CA LEU F 625 49.01 -3.21 -25.42
C LEU F 625 47.57 -3.50 -25.82
N THR F 626 47.38 -4.47 -26.70
CA THR F 626 46.06 -4.77 -27.23
C THR F 626 45.58 -6.13 -26.77
N GLY F 627 44.27 -6.32 -26.80
CA GLY F 627 43.63 -7.50 -26.28
C GLY F 627 42.57 -7.11 -25.29
N GLN F 628 42.22 -5.81 -25.32
CA GLN F 628 41.42 -5.10 -24.31
C GLN F 628 41.76 -5.51 -22.87
N LEU F 629 43.01 -5.24 -22.50
CA LEU F 629 43.53 -5.58 -21.20
C LEU F 629 43.08 -4.57 -20.16
N GLY F 630 43.02 -5.01 -18.90
CA GLY F 630 42.75 -4.12 -17.80
C GLY F 630 43.96 -3.27 -17.44
N GLU F 631 43.79 -2.46 -16.40
CA GLU F 631 44.84 -1.50 -16.06
C GLU F 631 45.96 -2.15 -15.27
N VAL F 632 45.64 -3.08 -14.37
CA VAL F 632 46.65 -3.79 -13.60
C VAL F 632 47.48 -4.67 -14.51
N MET F 633 46.86 -5.19 -15.57
CA MET F 633 47.54 -5.97 -16.61
C MET F 633 48.62 -5.15 -17.29
N LYS F 634 48.27 -3.93 -17.70
CA LYS F 634 49.21 -3.04 -18.38
C LYS F 634 50.32 -2.58 -17.45
N GLU F 635 50.01 -2.33 -16.19
CA GLU F 635 51.05 -1.98 -15.23
C GLU F 635 52.02 -3.13 -14.98
N SER F 636 51.52 -4.36 -14.99
CA SER F 636 52.39 -5.53 -14.90
C SER F 636 53.31 -5.63 -16.10
N ALA F 637 52.77 -5.30 -17.29
CA ALA F 637 53.58 -5.32 -18.51
C ALA F 637 54.72 -4.33 -18.45
N GLN F 638 54.45 -3.09 -18.04
CA GLN F 638 55.53 -2.11 -18.06
C GLN F 638 56.46 -2.27 -16.86
N ALA F 639 56.01 -2.92 -15.78
CA ALA F 639 56.94 -3.30 -14.72
C ALA F 639 57.93 -4.35 -15.17
N ALA F 640 57.45 -5.35 -15.93
CA ALA F 640 58.33 -6.36 -16.49
C ALA F 640 59.31 -5.74 -17.49
N LEU F 641 58.83 -4.77 -18.28
CA LEU F 641 59.72 -4.13 -19.25
C LEU F 641 60.77 -3.27 -18.55
N THR F 642 60.42 -2.62 -17.43
CA THR F 642 61.41 -1.84 -16.70
C THR F 642 62.47 -2.74 -16.07
N TYR F 643 62.06 -3.92 -15.56
CA TYR F 643 63.05 -4.88 -15.08
C TYR F 643 63.98 -5.35 -16.19
N LEU F 644 63.45 -5.58 -17.39
CA LEU F 644 64.33 -6.00 -18.48
C LEU F 644 65.23 -4.88 -18.98
N ARG F 645 64.79 -3.63 -18.90
CA ARG F 645 65.67 -2.52 -19.27
C ARG F 645 66.77 -2.31 -18.25
N ALA F 646 66.52 -2.63 -16.98
CA ALA F 646 67.55 -2.44 -15.97
C ALA F 646 68.65 -3.48 -16.06
N HIS F 647 68.31 -4.73 -16.38
CA HIS F 647 69.28 -5.82 -16.43
C HIS F 647 69.40 -6.28 -17.87
N THR F 648 70.26 -5.63 -18.64
CA THR F 648 70.37 -5.94 -20.06
C THR F 648 71.65 -6.67 -20.44
N GLN F 649 72.64 -6.78 -19.58
CA GLN F 649 73.82 -7.57 -19.85
C GLN F 649 73.63 -9.04 -19.46
N ASP F 650 72.60 -9.35 -18.69
CA ASP F 650 72.45 -10.69 -18.16
C ASP F 650 71.85 -11.64 -19.17
N TYR F 651 71.02 -11.15 -20.08
CA TYR F 651 70.22 -12.01 -20.92
C TYR F 651 70.54 -11.87 -22.40
N GLY F 652 71.54 -11.08 -22.76
CA GLY F 652 71.87 -10.92 -24.16
C GLY F 652 70.90 -10.04 -24.91
N LEU F 653 70.26 -9.10 -24.25
CA LEU F 653 69.38 -8.18 -24.93
C LEU F 653 70.21 -7.11 -25.63
N PRO F 654 69.68 -6.46 -26.67
CA PRO F 654 70.41 -5.33 -27.26
C PRO F 654 70.54 -4.17 -26.30
N GLU F 655 71.63 -3.42 -26.36
CA GLU F 655 71.91 -2.41 -25.36
C GLU F 655 71.03 -1.18 -25.49
N ASP F 656 70.49 -0.91 -26.67
CA ASP F 656 69.63 0.24 -26.87
C ASP F 656 68.35 -0.17 -27.58
N PHE F 657 67.42 -0.73 -26.82
CA PHE F 657 66.14 -1.06 -27.42
C PHE F 657 65.09 -0.13 -26.88
N TYR F 658 65.48 0.78 -25.99
CA TYR F 658 64.53 1.72 -25.43
C TYR F 658 64.22 2.87 -26.37
N ASN F 659 65.00 3.06 -27.42
CA ASN F 659 64.72 4.11 -28.40
C ASN F 659 64.93 3.63 -29.82
N LYS F 660 64.99 2.31 -30.02
CA LYS F 660 65.14 1.76 -31.35
C LYS F 660 64.09 0.72 -31.71
N VAL F 661 63.34 0.18 -30.75
CA VAL F 661 62.46 -0.95 -30.97
C VAL F 661 61.08 -0.60 -30.45
N ASP F 662 60.06 -0.75 -31.30
CA ASP F 662 58.69 -0.72 -30.84
C ASP F 662 58.26 -2.11 -30.41
N LEU F 663 57.52 -2.18 -29.32
CA LEU F 663 57.02 -3.45 -28.80
C LEU F 663 55.51 -3.43 -28.80
N HIS F 664 54.90 -4.52 -29.25
CA HIS F 664 53.47 -4.68 -29.29
C HIS F 664 53.11 -5.95 -28.55
N VAL F 665 52.29 -5.85 -27.51
CA VAL F 665 51.93 -6.98 -26.67
C VAL F 665 50.46 -7.28 -26.90
N HIS F 666 50.18 -8.45 -27.46
CA HIS F 666 48.83 -8.85 -27.81
C HIS F 666 48.45 -10.09 -27.05
N VAL F 667 47.24 -10.09 -26.49
CA VAL F 667 46.76 -11.25 -25.74
C VAL F 667 45.50 -11.76 -26.43
N PRO F 668 45.59 -12.78 -27.27
CA PRO F 668 44.40 -13.28 -27.96
C PRO F 668 43.50 -14.04 -27.00
N ASP F 669 42.19 -13.95 -27.22
CA ASP F 669 41.55 -13.28 -28.34
C ASP F 669 41.02 -11.90 -28.00
N GLY F 670 40.58 -11.17 -29.02
CA GLY F 670 39.79 -9.96 -28.84
C GLY F 670 38.38 -10.35 -28.46
N ALA F 671 37.59 -9.33 -28.10
CA ALA F 671 36.20 -9.45 -27.63
C ALA F 671 36.08 -10.29 -26.37
N THR F 672 37.12 -10.37 -25.57
CA THR F 672 37.09 -10.97 -24.25
C THR F 672 37.88 -10.07 -23.31
N PRO F 673 37.35 -9.57 -22.17
CA PRO F 673 38.17 -8.74 -21.31
C PRO F 673 39.12 -9.54 -20.40
N LYS F 674 40.31 -9.00 -20.10
CA LYS F 674 41.32 -9.72 -19.27
C LYS F 674 41.92 -8.77 -18.22
N ASP F 675 42.13 -9.21 -16.98
CA ASP F 675 42.79 -8.40 -15.90
C ASP F 675 43.32 -9.34 -14.83
N GLY F 676 44.14 -8.50 -14.08
CA GLY F 676 44.77 -8.89 -12.81
C GLY F 676 46.29 -8.91 -12.88
N PRO F 677 47.01 -9.07 -11.76
CA PRO F 677 48.44 -9.02 -11.80
C PRO F 677 49.18 -10.35 -11.98
N SER F 678 48.48 -11.45 -12.19
CA SER F 678 49.09 -12.79 -12.22
C SER F 678 49.82 -13.14 -13.51
N ALA F 679 49.92 -12.24 -14.46
CA ALA F 679 50.55 -12.67 -15.73
C ALA F 679 51.91 -12.04 -15.90
N GLY F 680 52.50 -11.51 -14.85
CA GLY F 680 53.80 -10.86 -14.95
C GLY F 680 54.92 -11.75 -15.36
N ILE F 681 55.05 -12.96 -14.85
CA ILE F 681 56.25 -13.76 -15.21
C ILE F 681 56.08 -14.25 -16.64
N THR F 682 54.87 -14.28 -17.15
CA THR F 682 54.55 -14.68 -18.52
C THR F 682 54.93 -13.58 -19.50
N MET F 683 54.59 -12.33 -19.17
CA MET F 683 54.97 -11.19 -20.01
C MET F 683 56.47 -10.98 -20.01
N ALA F 684 57.12 -11.25 -18.88
CA ALA F 684 58.58 -11.10 -18.82
C ALA F 684 59.27 -12.12 -19.72
N THR F 685 58.79 -13.36 -19.69
CA THR F 685 59.32 -14.40 -20.57
C THR F 685 59.07 -14.10 -22.03
N ALA F 686 57.87 -13.64 -22.35
CA ALA F 686 57.53 -13.34 -23.74
C ALA F 686 58.37 -12.20 -24.30
N ILE F 687 58.47 -11.09 -23.55
CA ILE F 687 59.23 -9.93 -24.01
C ILE F 687 60.71 -10.23 -24.10
N ALA F 688 61.25 -11.00 -23.14
CA ALA F 688 62.65 -11.37 -23.23
C ALA F 688 62.92 -12.32 -24.38
N SER F 689 61.97 -13.17 -24.73
CA SER F 689 62.13 -14.03 -25.89
C SER F 689 62.05 -13.25 -27.19
N ALA F 690 61.21 -12.22 -27.24
CA ALA F 690 61.10 -11.42 -28.46
C ALA F 690 62.33 -10.56 -28.67
N LEU F 691 62.89 -10.02 -27.60
CA LEU F 691 64.06 -9.17 -27.77
C LEU F 691 65.34 -9.97 -27.97
N SER F 692 65.49 -11.10 -27.30
CA SER F 692 66.74 -11.83 -27.41
C SER F 692 66.74 -12.86 -28.52
N ARG F 693 65.63 -12.99 -29.26
CA ARG F 693 65.47 -13.93 -30.39
C ARG F 693 65.69 -15.38 -30.00
N ARG F 694 65.46 -15.72 -28.74
CA ARG F 694 65.60 -17.08 -28.26
C ARG F 694 64.20 -17.65 -28.08
N PRO F 695 63.93 -18.86 -28.57
CA PRO F 695 62.58 -19.42 -28.43
C PRO F 695 62.22 -19.77 -27.00
N ALA F 696 60.94 -19.70 -26.67
CA ALA F 696 60.45 -20.05 -25.35
C ALA F 696 59.69 -21.36 -25.46
N ARG F 697 59.90 -22.24 -24.47
CA ARG F 697 59.24 -23.53 -24.46
C ARG F 697 57.75 -23.37 -24.19
N MET F 698 56.94 -24.09 -24.96
CA MET F 698 55.50 -23.97 -24.89
C MET F 698 54.83 -25.12 -24.16
N ASP F 699 55.59 -26.07 -23.64
CA ASP F 699 55.02 -27.16 -22.86
C ASP F 699 55.12 -26.91 -21.36
N ILE F 700 55.37 -25.67 -20.96
CA ILE F 700 55.50 -25.29 -19.56
C ILE F 700 54.58 -24.11 -19.31
N ALA F 701 53.65 -24.26 -18.39
CA ALA F 701 52.74 -23.18 -18.06
C ALA F 701 53.25 -22.40 -16.86
N MET F 702 52.87 -21.14 -16.78
CA MET F 702 53.37 -20.24 -15.76
C MET F 702 52.25 -19.41 -15.18
N THR F 703 52.49 -18.93 -13.97
CA THR F 703 51.69 -17.89 -13.34
C THR F 703 52.49 -17.29 -12.20
N GLY F 704 52.24 -16.04 -11.89
CA GLY F 704 52.98 -15.35 -10.85
C GLY F 704 53.17 -13.89 -11.16
N GLU F 705 53.29 -13.10 -10.11
CA GLU F 705 53.37 -11.65 -10.19
C GLU F 705 54.82 -11.19 -10.07
N VAL F 706 55.18 -10.14 -10.80
CA VAL F 706 56.56 -9.67 -10.87
C VAL F 706 56.65 -8.28 -10.25
N SER F 707 57.83 -7.94 -9.72
CA SER F 707 58.11 -6.59 -9.24
C SER F 707 59.35 -6.04 -9.92
N LEU F 708 59.77 -4.83 -9.57
CA LEU F 708 60.92 -4.21 -10.24
C LEU F 708 62.24 -4.79 -9.82
N ARG F 709 62.36 -5.33 -8.61
CA ARG F 709 63.61 -5.96 -8.24
C ARG F 709 63.74 -7.38 -8.78
N GLY F 710 62.69 -7.90 -9.40
CA GLY F 710 62.72 -9.24 -9.93
C GLY F 710 62.34 -10.28 -8.91
N LYS F 711 61.37 -9.97 -8.07
CA LYS F 711 60.85 -10.89 -7.07
C LYS F 711 59.51 -11.41 -7.56
N VAL F 712 59.27 -12.70 -7.37
CA VAL F 712 58.03 -13.33 -7.77
C VAL F 712 57.12 -13.42 -6.57
N MET F 713 55.91 -12.91 -6.71
CA MET F 713 54.99 -12.75 -5.61
C MET F 713 53.80 -13.69 -5.76
N PRO F 714 53.19 -14.13 -4.65
CA PRO F 714 52.12 -15.12 -4.75
C PRO F 714 50.83 -14.58 -5.32
N ILE F 715 49.97 -15.50 -5.73
CA ILE F 715 48.75 -15.20 -6.48
C ILE F 715 47.59 -15.88 -5.80
N GLY F 716 46.43 -15.80 -6.46
CA GLY F 716 45.25 -16.50 -6.01
C GLY F 716 44.60 -17.26 -7.14
N GLY F 717 43.99 -18.39 -6.79
CA GLY F 717 43.31 -19.21 -7.78
C GLY F 717 44.12 -20.38 -8.28
N VAL F 718 44.99 -20.95 -7.44
CA VAL F 718 45.98 -21.92 -7.89
C VAL F 718 45.32 -23.23 -8.29
N LYS F 719 44.28 -23.63 -7.56
CA LYS F 719 43.61 -24.91 -7.79
C LYS F 719 42.91 -24.96 -9.15
N GLU F 720 42.18 -23.91 -9.52
CA GLU F 720 41.49 -23.89 -10.81
C GLU F 720 42.47 -23.82 -11.96
N LYS F 721 43.55 -23.05 -11.81
CA LYS F 721 44.54 -22.91 -12.87
C LYS F 721 45.27 -24.23 -13.10
N LEU F 722 45.64 -24.92 -12.04
CA LEU F 722 46.36 -26.17 -12.22
C LEU F 722 45.44 -27.30 -12.66
N LEU F 723 44.14 -27.23 -12.36
CA LEU F 723 43.24 -28.22 -12.94
C LEU F 723 43.00 -27.95 -14.41
N ALA F 724 42.99 -26.69 -14.82
CA ALA F 724 42.84 -26.36 -16.23
C ALA F 724 44.08 -26.72 -17.03
N ALA F 725 45.26 -26.60 -16.43
CA ALA F 725 46.47 -26.95 -17.15
C ALA F 725 46.63 -28.45 -17.27
N HIS F 726 46.05 -29.22 -16.36
CA HIS F 726 46.21 -30.67 -16.40
C HIS F 726 45.37 -31.30 -17.50
N GLN F 727 44.16 -30.80 -17.72
CA GLN F 727 43.31 -31.43 -18.72
C GLN F 727 43.59 -30.94 -20.13
N ALA F 728 44.45 -29.93 -20.31
CA ALA F 728 44.90 -29.55 -21.63
C ALA F 728 46.20 -30.24 -22.02
N GLY F 729 46.78 -31.03 -21.13
CA GLY F 729 47.93 -31.83 -21.48
C GLY F 729 49.28 -31.27 -21.07
N ILE F 730 49.31 -30.28 -20.20
CA ILE F 730 50.55 -29.68 -19.74
C ILE F 730 50.94 -30.34 -18.42
N HIS F 731 52.19 -30.80 -18.34
CA HIS F 731 52.65 -31.52 -17.16
C HIS F 731 53.82 -30.82 -16.47
N LYS F 732 54.06 -29.55 -16.77
CA LYS F 732 55.14 -28.80 -16.14
C LYS F 732 54.62 -27.42 -15.75
N ILE F 733 54.77 -27.05 -14.49
CA ILE F 733 54.25 -25.79 -13.97
C ILE F 733 55.40 -25.01 -13.35
N VAL F 734 55.41 -23.70 -13.54
CA VAL F 734 56.26 -22.77 -12.79
C VAL F 734 55.35 -21.97 -11.87
N LEU F 735 55.74 -21.84 -10.61
CA LEU F 735 54.86 -21.32 -9.58
C LEU F 735 55.71 -20.62 -8.53
N PRO F 736 55.19 -19.63 -7.82
CA PRO F 736 55.96 -18.99 -6.75
C PRO F 736 56.14 -19.92 -5.57
N LYS F 737 57.19 -19.66 -4.78
CA LYS F 737 57.45 -20.45 -3.57
C LYS F 737 56.40 -20.22 -2.50
N ASP F 738 55.73 -19.10 -2.51
CA ASP F 738 54.74 -18.78 -1.49
C ASP F 738 53.38 -19.37 -1.78
N ASN F 739 53.21 -20.06 -2.90
CA ASN F 739 52.05 -20.91 -3.13
C ASN F 739 52.52 -22.35 -3.15
N GLU F 740 52.71 -22.94 -1.98
CA GLU F 740 52.87 -24.38 -1.91
C GLU F 740 52.02 -24.88 -0.76
N ALA F 741 51.53 -23.95 0.05
CA ALA F 741 50.45 -24.21 0.98
C ALA F 741 49.12 -24.34 0.25
N GLN F 742 49.07 -23.90 -1.00
CA GLN F 742 47.87 -24.01 -1.82
C GLN F 742 47.78 -25.34 -2.55
N LEU F 743 48.80 -26.19 -2.45
CA LEU F 743 48.84 -27.42 -3.21
C LEU F 743 48.16 -28.58 -2.51
N GLU F 744 47.71 -28.41 -1.28
CA GLU F 744 47.05 -29.48 -0.55
C GLU F 744 45.55 -29.54 -0.83
N GLU F 745 45.00 -28.51 -1.47
CA GLU F 745 43.60 -28.55 -1.87
C GLU F 745 43.40 -29.16 -3.25
N LEU F 746 44.34 -29.94 -3.73
CA LEU F 746 44.35 -30.47 -5.07
C LEU F 746 44.31 -31.98 -4.99
N PRO F 747 43.63 -32.67 -5.93
CA PRO F 747 43.57 -34.14 -5.88
C PRO F 747 44.92 -34.82 -6.03
N LYS F 748 45.00 -36.08 -5.59
CA LYS F 748 46.29 -36.75 -5.49
C LYS F 748 46.80 -37.19 -6.86
N GLU F 749 45.93 -37.75 -7.70
CA GLU F 749 46.36 -38.22 -9.01
C GLU F 749 46.66 -37.07 -9.96
N VAL F 750 46.08 -35.88 -9.73
CA VAL F 750 46.49 -34.71 -10.49
C VAL F 750 47.88 -34.26 -10.05
N LEU F 751 48.13 -34.28 -8.75
CA LEU F 751 49.37 -33.75 -8.21
C LEU F 751 50.55 -34.66 -8.50
N GLU F 752 50.32 -35.95 -8.70
CA GLU F 752 51.41 -36.86 -9.03
C GLU F 752 51.79 -36.81 -10.50
N GLY F 753 50.92 -36.29 -11.36
CA GLY F 753 51.21 -36.24 -12.77
C GLY F 753 51.91 -34.97 -13.19
N LEU F 754 51.87 -33.95 -12.34
CA LEU F 754 52.52 -32.69 -12.58
C LEU F 754 53.89 -32.68 -11.90
N GLU F 755 54.79 -31.84 -12.42
CA GLU F 755 56.03 -31.53 -11.72
C GLU F 755 56.13 -30.02 -11.57
N ILE F 756 56.16 -29.58 -10.32
CA ILE F 756 56.12 -28.17 -9.99
C ILE F 756 57.55 -27.69 -9.77
N LYS F 757 57.87 -26.53 -10.32
CA LYS F 757 59.10 -25.83 -10.00
C LYS F 757 58.74 -24.56 -9.27
N LEU F 758 59.32 -24.37 -8.09
CA LEU F 758 59.00 -23.23 -7.23
C LEU F 758 60.11 -22.21 -7.31
N VAL F 759 59.76 -20.99 -7.70
CA VAL F 759 60.74 -19.95 -7.98
C VAL F 759 60.46 -18.74 -7.09
N GLU F 760 61.48 -17.89 -6.98
CA GLU F 760 61.29 -16.59 -6.37
C GLU F 760 62.05 -15.47 -7.05
N ASP F 761 62.74 -15.74 -8.15
CA ASP F 761 63.38 -14.71 -8.96
C ASP F 761 62.95 -14.88 -10.41
N VAL F 762 63.13 -13.85 -11.21
CA VAL F 762 62.79 -13.92 -12.62
C VAL F 762 63.92 -14.56 -13.43
N GLY F 763 65.15 -14.47 -12.94
CA GLY F 763 66.27 -15.09 -13.62
C GLY F 763 66.18 -16.61 -13.65
N GLU F 764 65.58 -17.20 -12.62
CA GLU F 764 65.32 -18.64 -12.63
C GLU F 764 64.34 -19.03 -13.71
N VAL F 765 63.28 -18.24 -13.89
CA VAL F 765 62.28 -18.52 -14.92
C VAL F 765 62.88 -18.37 -16.30
N LEU F 766 63.65 -17.31 -16.52
CA LEU F 766 64.25 -17.09 -17.83
C LEU F 766 65.36 -18.10 -18.12
N GLU F 767 65.98 -18.65 -17.09
CA GLU F 767 66.94 -19.72 -17.33
C GLU F 767 66.22 -21.03 -17.65
N TYR F 768 65.05 -21.24 -17.06
CA TYR F 768 64.38 -22.52 -17.24
C TYR F 768 63.58 -22.59 -18.54
N LEU F 769 63.13 -21.45 -19.08
CA LEU F 769 62.25 -21.48 -20.24
C LEU F 769 62.92 -21.20 -21.57
N LEU F 770 63.91 -20.33 -21.62
CA LEU F 770 64.46 -19.95 -22.91
C LEU F 770 65.45 -20.98 -23.41
N LEU F 771 65.41 -21.25 -24.70
CA LEU F 771 66.38 -22.14 -25.33
C LEU F 771 67.74 -21.44 -25.40
N PRO F 772 68.85 -22.18 -25.32
CA PRO F 772 70.17 -21.54 -25.22
C PRO F 772 70.62 -20.79 -26.46
N GLU F 773 70.22 -21.25 -27.64
CA GLU F 773 70.77 -20.51 -28.77
C GLU F 773 69.68 -19.77 -29.52
N PRO F 774 69.98 -18.56 -30.00
CA PRO F 774 69.02 -17.82 -30.82
C PRO F 774 68.91 -18.40 -32.22
N THR F 775 67.71 -18.24 -32.81
CA THR F 775 67.41 -18.82 -34.10
C THR F 775 67.06 -17.79 -35.17
N MET F 776 66.86 -16.53 -34.80
CA MET F 776 66.44 -15.50 -35.73
C MET F 776 67.50 -14.40 -35.77
N PRO F 777 67.54 -13.60 -36.84
CA PRO F 777 68.39 -12.40 -36.84
C PRO F 777 67.91 -11.38 -35.83
N PRO F 778 68.78 -10.45 -35.40
CA PRO F 778 68.38 -9.45 -34.41
C PRO F 778 67.35 -8.47 -34.97
N VAL F 779 66.79 -7.68 -34.06
CA VAL F 779 65.75 -6.72 -34.42
C VAL F 779 66.35 -5.53 -35.15
N VAL F 780 67.38 -4.93 -34.56
CA VAL F 780 68.03 -3.75 -35.15
C VAL F 780 69.36 -4.17 -35.77
N UNK G 1 -36.97 -12.46 22.03
CA UNK G 1 -36.83 -13.89 21.76
C UNK G 1 -36.00 -14.11 20.51
N UNK G 2 -35.44 -13.02 19.97
CA UNK G 2 -34.65 -13.07 18.74
C UNK G 2 -33.18 -12.89 19.09
N UNK G 3 -32.30 -13.42 18.25
CA UNK G 3 -30.86 -13.32 18.46
C UNK G 3 -30.32 -12.17 17.62
N UNK G 4 -29.17 -11.65 18.06
CA UNK G 4 -28.61 -10.44 17.47
C UNK G 4 -27.11 -10.58 17.20
N UNK G 5 -26.72 -11.68 16.55
CA UNK G 5 -25.31 -12.02 16.40
C UNK G 5 -24.56 -11.03 15.50
N UNK G 6 -23.27 -10.88 15.77
CA UNK G 6 -22.41 -9.97 15.02
C UNK G 6 -21.15 -10.72 14.60
N UNK G 7 -20.66 -10.37 13.41
CA UNK G 7 -19.51 -11.04 12.82
C UNK G 7 -18.47 -10.02 12.38
N UNK G 8 -17.23 -10.48 12.23
CA UNK G 8 -16.13 -9.65 11.74
C UNK G 8 -15.48 -10.35 10.55
N UNK G 9 -14.93 -9.55 9.64
CA UNK G 9 -14.36 -10.06 8.39
C UNK G 9 -13.11 -9.27 8.05
N UNK G 10 -12.06 -9.98 7.61
CA UNK G 10 -10.78 -9.39 7.29
C UNK G 10 -10.63 -9.27 5.77
N UNK G 11 -10.36 -8.06 5.29
CA UNK G 11 -10.37 -7.77 3.87
C UNK G 11 -8.99 -7.33 3.41
N UNK G 12 -8.63 -7.73 2.19
CA UNK G 12 -7.37 -7.34 1.60
C UNK G 12 -7.52 -6.03 0.86
N UNK G 13 -6.47 -5.21 0.90
CA UNK G 13 -6.50 -3.88 0.28
C UNK G 13 -5.16 -3.58 -0.36
N UNK G 14 -5.19 -2.92 -1.50
CA UNK G 14 -3.95 -2.48 -2.14
C UNK G 14 -3.58 -1.09 -1.63
N UNK G 15 -2.28 -0.82 -1.61
CA UNK G 15 -1.77 0.49 -1.23
C UNK G 15 -0.73 0.92 -2.24
N UNK G 16 -0.64 2.23 -2.44
CA UNK G 16 0.22 2.80 -3.47
C UNK G 16 1.67 2.71 -3.05
N UNK G 17 2.51 2.22 -3.95
CA UNK G 17 3.93 2.09 -3.66
C UNK G 17 4.65 3.40 -3.95
N UNK G 18 5.35 3.92 -2.93
CA UNK G 18 6.14 5.16 -3.11
C UNK G 18 7.46 4.79 -3.76
N UNK G 19 7.81 5.47 -4.85
CA UNK G 19 9.03 5.12 -5.61
C UNK G 19 10.27 5.34 -4.73
N UNK G 20 11.27 4.45 -4.83
CA UNK G 20 12.47 4.52 -3.98
C UNK G 20 13.71 4.16 -4.80
N UNK G 21 14.89 4.14 -4.17
CA UNK G 21 16.16 3.83 -4.85
C UNK G 21 16.13 2.47 -5.53
N UNK G 22 16.73 2.38 -6.73
CA UNK G 22 16.82 1.08 -7.45
C UNK G 22 17.55 0.04 -6.60
PG AGS H . 6.46 -12.08 -30.16
S1G AGS H . 5.20 -12.52 -28.73
O2G AGS H . 7.83 -12.74 -29.87
O3G AGS H . 6.69 -10.55 -30.26
PB AGS H . 5.98 -14.10 -31.85
O1B AGS H . 5.30 -14.92 -30.85
O2B AGS H . 7.46 -14.39 -31.96
O3B AGS H . 5.92 -12.58 -31.51
PA AGS H . 3.98 -14.97 -33.42
O1A AGS H . 2.94 -14.08 -32.95
O2A AGS H . 4.02 -16.30 -32.70
O3A AGS H . 5.40 -14.37 -33.28
O5' AGS H . 3.78 -15.20 -34.95
C5' AGS H . 3.73 -14.12 -35.87
C4' AGS H . 3.05 -14.60 -37.13
O4' AGS H . 4.03 -15.19 -38.01
C3' AGS H . 1.94 -15.63 -36.94
O3' AGS H . 0.79 -15.28 -37.69
C2' AGS H . 2.55 -16.92 -37.47
O2' AGS H . 1.56 -17.74 -38.08
C1' AGS H . 3.52 -16.40 -38.52
N9 AGS H . 4.63 -17.30 -38.75
C8 AGS H . 5.88 -17.21 -38.20
N7 AGS H . 6.69 -18.16 -38.58
C5 AGS H . 5.92 -18.95 -39.40
C6 AGS H . 6.20 -20.12 -40.11
N6 AGS H . 7.38 -20.74 -40.11
N1 AGS H . 5.21 -20.67 -40.86
C2 AGS H . 4.02 -20.05 -40.88
N3 AGS H . 3.64 -18.93 -40.24
C4 AGS H . 4.65 -18.43 -39.52
PG AGS I . 1.31 16.75 -30.71
S1G AGS I . 2.07 18.14 -29.64
O2G AGS I . 0.30 15.91 -30.03
O3G AGS I . 2.31 15.88 -31.37
PB AGS I . -0.65 16.73 -32.79
O1B AGS I . -1.60 16.08 -31.89
O2B AGS I . 0.11 15.94 -33.74
O3B AGS I . 0.47 17.41 -31.89
PA AGS I . -2.93 18.34 -33.47
O1A AGS I . -3.43 18.18 -32.08
O2A AGS I . -3.65 17.61 -34.54
O3A AGS I . -1.39 17.95 -33.49
O5' AGS I . -2.90 19.89 -33.82
C5' AGS I . -2.77 20.33 -35.18
C4' AGS I . -3.73 21.47 -35.40
O4' AGS I . -3.78 21.76 -36.83
C3' AGS I . -5.18 21.17 -35.01
O3' AGS I . -5.82 22.37 -34.61
C2' AGS I . -5.78 20.75 -36.35
O2' AGS I . -7.18 20.86 -36.37
C1' AGS I . -5.13 21.80 -37.22
N9 AGS I . -5.23 21.52 -38.65
C8 AGS I . -6.21 21.97 -39.50
N7 AGS I . -6.07 21.56 -40.73
C5 AGS I . -4.93 20.78 -40.69
C6 AGS I . -4.26 20.07 -41.68
N6 AGS I . -4.66 20.02 -42.94
N1 AGS I . -3.15 19.40 -41.32
C2 AGS I . -2.75 19.47 -40.05
N3 AGS I . -3.30 20.11 -39.02
C4 AGS I . -4.40 20.76 -39.42
PG AGS J . 8.87 34.63 -9.17
S1G AGS J . 10.79 34.35 -9.00
O2G AGS J . 8.04 34.19 -8.00
O3G AGS J . 8.25 34.11 -10.45
PB AGS J . 9.12 37.32 -10.24
O1B AGS J . 8.17 37.40 -11.38
O2B AGS J . 10.54 37.09 -10.52
O3B AGS J . 8.60 36.19 -9.25
PA AGS J . 7.74 39.09 -8.41
O1A AGS J . 7.43 38.01 -7.44
O2A AGS J . 6.66 39.62 -9.27
O3A AGS J . 8.93 38.61 -9.34
O5' AGS J . 8.43 40.29 -7.61
C5' AGS J . 8.62 41.56 -8.26
C4' AGS J . 8.36 42.65 -7.25
O4' AGS J . 8.30 43.93 -7.92
C3' AGS J . 7.03 42.52 -6.50
O3' AGS J . 7.18 43.05 -5.19
C2' AGS J . 6.14 43.46 -7.31
O2' AGS J . 5.01 43.88 -6.60
C1' AGS J . 7.14 44.59 -7.53
N9 AGS J . 6.72 45.53 -8.55
C8 AGS J . 5.99 46.69 -8.37
N7 AGS J . 5.77 47.35 -9.47
C5 AGS J . 6.39 46.60 -10.43
C6 AGS J . 6.51 46.77 -11.82
N6 AGS J . 5.99 47.80 -12.47
N1 AGS J . 7.19 45.84 -12.50
C2 AGS J . 7.73 44.81 -11.84
N3 AGS J . 7.67 44.54 -10.55
C4 AGS J . 6.98 45.48 -9.89
PB ADP K . 27.33 27.87 17.13
O1B ADP K . 27.34 26.38 16.89
O2B ADP K . 25.98 28.37 17.54
O3B ADP K . 27.89 28.63 15.99
PA ADP K . 27.83 27.77 19.92
O1A ADP K . 27.13 26.45 19.93
O2A ADP K . 27.12 28.95 20.49
O3A ADP K . 28.26 28.09 18.42
O5' ADP K . 29.24 27.60 20.65
C5' ADP K . 29.87 28.80 21.14
C4' ADP K . 30.15 28.65 22.60
O4' ADP K . 30.85 29.84 23.04
C3' ADP K . 28.93 28.59 23.51
O3' ADP K . 29.32 28.12 24.79
C2' ADP K . 28.59 30.08 23.61
O2' ADP K . 27.73 30.39 24.68
C1' ADP K . 30.00 30.64 23.82
N9 ADP K . 30.13 32.02 23.36
C8 ADP K . 30.15 32.44 22.05
N7 ADP K . 30.28 33.74 21.94
C5 ADP K . 30.37 34.19 23.24
C6 ADP K . 30.52 35.48 23.78
N6 ADP K . 30.62 36.58 23.04
N1 ADP K . 30.58 35.59 25.13
C2 ADP K . 30.47 34.47 25.86
N3 ADP K . 30.33 33.21 25.46
C4 ADP K . 30.28 33.14 24.13
PB ADP L . 31.15 -5.73 20.18
O1B ADP L . 29.72 -5.91 19.76
O2B ADP L . 31.28 -4.96 21.45
O3B ADP L . 32.02 -5.21 19.09
PA ADP L . 31.25 -8.08 21.78
O1A ADP L . 29.79 -8.35 21.68
O2A ADP L . 31.80 -7.48 23.03
O3A ADP L . 31.70 -7.17 20.55
O5' ADP L . 32.06 -9.42 21.43
C5' ADP L . 33.43 -9.53 21.87
C4' ADP L . 33.54 -10.75 22.76
O4' ADP L . 34.78 -10.70 23.49
C3' ADP L . 32.43 -10.88 23.82
O3' ADP L . 32.07 -12.24 23.98
C2' ADP L . 33.17 -10.43 25.09
O2' ADP L . 32.58 -10.94 26.27
C1' ADP L . 34.51 -11.06 24.82
N9 ADP L . 35.58 -10.55 25.67
C8 ADP L . 36.01 -11.10 26.85
N7 ADP L . 36.99 -10.44 27.41
C5 ADP L . 37.22 -9.38 26.55
C6 ADP L . 38.14 -8.33 26.58
N6 ADP L . 39.02 -8.16 27.55
N1 ADP L . 38.11 -7.45 25.57
C2 ADP L . 37.22 -7.64 24.58
N3 ADP L . 36.31 -8.58 24.44
C4 ADP L . 36.36 -9.44 25.47
PG AGS M . 18.20 -23.72 -6.66
S1G AGS M . 16.35 -24.07 -6.14
O2G AGS M . 18.89 -22.85 -5.58
O3G AGS M . 18.22 -22.94 -7.99
PB AGS M . 19.30 -26.10 -5.81
O1B AGS M . 18.27 -26.20 -4.77
O2B AGS M . 20.67 -25.72 -5.25
O3B AGS M . 18.98 -25.03 -6.91
PA AGS M . 18.78 -28.76 -6.03
O1A AGS M . 17.36 -28.73 -6.36
O2A AGS M . 19.10 -28.89 -4.54
O3A AGS M . 19.51 -27.48 -6.52
O5' AGS M . 19.42 -29.97 -6.81
C5' AGS M . 19.54 -29.98 -8.23
C4' AGS M . 19.77 -31.39 -8.70
O4' AGS M . 21.18 -31.69 -8.69
C3' AGS M . 19.09 -32.49 -7.87
O3' AGS M . 18.46 -33.44 -8.71
C2' AGS M . 20.25 -33.14 -7.10
O2' AGS M . 20.01 -34.52 -6.90
C1' AGS M . 21.41 -32.94 -8.07
N9 AGS M . 22.71 -32.89 -7.42
C8 AGS M . 23.42 -31.77 -7.11
N7 AGS M . 24.56 -32.00 -6.51
C5 AGS M . 24.60 -33.39 -6.41
C6 AGS M . 25.55 -34.27 -5.88
N6 AGS M . 26.69 -33.88 -5.31
N1 AGS M . 25.27 -35.59 -5.94
C2 AGS M . 24.14 -35.98 -6.51
N3 AGS M . 23.17 -35.25 -7.05
C4 AGS M . 23.45 -33.94 -6.97
#